data_9J8N
#
_entry.id   9J8N
#
_cell.length_a   1.00
_cell.length_b   1.00
_cell.length_c   1.00
_cell.angle_alpha   90.00
_cell.angle_beta   90.00
_cell.angle_gamma   90.00
#
_symmetry.space_group_name_H-M   'P 1'
#
loop_
_entity.id
_entity.type
_entity.pdbx_description
1 polymer 'Histone H3.1'
2 polymer 'Histone H4'
3 polymer 'Histone H2A type 1-B/E'
4 polymer 'Histone H2B type 1-J'
5 polymer 'DNA (193-MER)'
6 polymer 'DNA (193-MER)'
7 polymer 'Barrier-to-autointegration factor'
8 polymer Lamin-A/C
#
loop_
_entity_poly.entity_id
_entity_poly.type
_entity_poly.pdbx_seq_one_letter_code
_entity_poly.pdbx_strand_id
1 'polypeptide(L)'
;GSHMARTKQTARKSTGGKAPRKQLATKAARKSAPATGGVKKPHRYRPGTVALREIRRYQKSTELLIRKLPFQRLVREIAQ
DFKTDLRFQSSAVMALQEACEAYLVGLFEDTNLCAIHAKRVTIMPKDIQLARRIRGERA
;
A,E,a,e
2 'polypeptide(L)'
;GSHMSGRGKGGKGLGKGGAKRHRKVLRDNIQGITKPAIRRLARRGGVKRISGLIYEETRGVLKVFLENVIRDAVTYTEHA
KRKTVTAMDVVYALKRQGRTLYGFGG
;
B,F,b,f
3 'polypeptide(L)'
;GSHMSGRGKQGGKARAKAKTRSSRAGLQFPVGRVHRLLRKGNYSERVGAGAPVYLAAVLEYLTAEILELAGNAARDNKKT
RIIPRHLQLAIRNDEELNKLLGRVTIAQGGVLPNIQAVLLPKKTESHHKAKGK
;
C,G,c,g
4 'polypeptide(L)'
;GSHMPEPAKSAPAPKKGSKKAVTKAQKKDGKKRKRSRKESYSIYVYKVLKQVHPDTGISSKAMGIMNSFVNDIFERIAGE
ASRLAHYNKRSTITSREIQTAVRLLLPGELAKHAVSEGTKAVTKYTSAK
;
D,H,d,h
5 'polydeoxyribonucleotide'
;(DA)(DT)(DC)(DG)(DG)(DA)(DC)(DC)(DC)(DT)(DA)(DT)(DC)(DG)(DC)(DG)(DA)(DG)(DC)(DC)
(DA)(DG)(DG)(DC)(DC)(DT)(DG)(DA)(DG)(DA)(DA)(DT)(DC)(DC)(DG)(DG)(DT)(DG)(DC)(DC)
(DG)(DA)(DG)(DG)(DC)(DC)(DG)(DC)(DT)(DC)(DA)(DA)(DT)(DT)(DG)(DG)(DT)(DC)(DG)(DT)
(DA)(DG)(DA)(DC)(DA)(DG)(DC)(DT)(DC)(DT)(DA)(DG)(DC)(DA)(DC)(DC)(DG)(DC)(DT)(DT)
(DA)(DA)(DA)(DC)(DG)(DC)(DA)(DC)(DG)(DT)(DA)(DC)(DG)(DC)(DG)(DC)(DT)(DG)(DT)(DC)
(DC)(DC)(DC)(DC)(DG)(DC)(DG)(DT)(DT)(DT)(DT)(DA)(DA)(DC)(DC)(DG)(DC)(DC)(DA)(DA)
(DG)(DG)(DG)(DG)(DA)(DT)(DT)(DA)(DC)(DT)(DC)(DC)(DC)(DT)(DA)(DG)(DT)(DC)(DT)(DC)
(DC)(DA)(DG)(DG)(DC)(DA)(DC)(DG)(DT)(DG)(DT)(DC)(DA)(DG)(DA)(DT)(DA)(DT)(DA)(DT)
(DA)(DC)(DA)(DT)(DC)(DC)(DA)(DG)(DG)(DC)(DC)(DT)(DT)(DG)(DT)(DG)(DT)(DC)(DG)(DC)
(DG)(DA)(DA)(DA)(DT)(DT)(DC)(DA)(DT)(DA)(DG)(DA)(DT)
;
I,i
6 'polydeoxyribonucleotide'
;(DA)(DT)(DC)(DT)(DA)(DT)(DG)(DA)(DA)(DT)(DT)(DT)(DC)(DG)(DC)(DG)(DA)(DC)(DA)(DC)
(DA)(DA)(DG)(DG)(DC)(DC)(DT)(DG)(DG)(DA)(DT)(DG)(DT)(DA)(DT)(DA)(DT)(DA)(DT)(DC)
(DT)(DG)(DA)(DC)(DA)(DC)(DG)(DT)(DG)(DC)(DC)(DT)(DG)(DG)(DA)(DG)(DA)(DC)(DT)(DA)
(DG)(DG)(DG)(DA)(DG)(DT)(DA)(DA)(DT)(DC)(DC)(DC)(DC)(DT)(DT)(DG)(DG)(DC)(DG)(DG)
(DT)(DT)(DA)(DA)(DA)(DA)(DC)(DG)(DC)(DG)(DG)(DG)(DG)(DG)(DA)(DC)(DA)(DG)(DC)(DG)
(DC)(DG)(DT)(DA)(DC)(DG)(DT)(DG)(DC)(DG)(DT)(DT)(DT)(DA)(DA)(DG)(DC)(DG)(DG)(DT)
(DG)(DC)(DT)(DA)(DG)(DA)(DG)(DC)(DT)(DG)(DT)(DC)(DT)(DA)(DC)(DG)(DA)(DC)(DC)(DA)
(DA)(DT)(DT)(DG)(DA)(DG)(DC)(DG)(DG)(DC)(DC)(DT)(DC)(DG)(DG)(DC)(DA)(DC)(DC)(DG)
(DG)(DA)(DT)(DT)(DC)(DT)(DC)(DA)(DG)(DG)(DC)(DC)(DT)(DG)(DG)(DC)(DT)(DC)(DG)(DC)
(DG)(DA)(DT)(DA)(DG)(DG)(DG)(DT)(DC)(DC)(DG)(DA)(DT)
;
J,j
7 'polypeptide(L)'
;GSHMMTTSQKHRDFVAEPMGEKPVGSLAGIGEVLGKKLEERGFDKAYVVLGQFLVLKKDEDLFREWLKDTCGANAKQSRD
CFGCLREWCDAFL
;
K,L,N,O,k,l,n,o
8 'polypeptide(L)'
;SHGGGSVTKKRKLESTESRSSFSQHARTSGRVAVEEVDEEGKFVRLRNKSNEDQSMGNWQIKRQNGDDPLLTYRFPPKFT
LKAGQVVTIWAAGAGATHSPPTDLVWKAQNTWGCGNSLRTALINSTGEEVAMRKLVRSVTVVEDDEDEDGDDLLHHHH
;
M,P,m,p
#
# COMPACT_ATOMS: atom_id res chain seq x y z
N PRO A 42 52.93 4.20 -22.52
CA PRO A 42 53.25 3.76 -23.88
C PRO A 42 52.84 4.79 -24.93
N HIS A 43 52.41 4.31 -26.08
CA HIS A 43 51.90 5.20 -27.12
C HIS A 43 50.39 5.30 -27.02
N ARG A 44 49.88 6.45 -26.57
CA ARG A 44 48.45 6.67 -26.44
C ARG A 44 48.15 8.04 -27.02
N TYR A 45 47.26 8.08 -28.02
CA TYR A 45 46.85 9.36 -28.59
C TYR A 45 46.22 10.21 -27.50
N ARG A 46 46.79 11.39 -27.27
CA ARG A 46 46.30 12.26 -26.22
C ARG A 46 44.86 12.68 -26.53
N PRO A 47 44.03 12.81 -25.50
CA PRO A 47 42.59 13.02 -25.74
C PRO A 47 42.32 14.28 -26.54
N GLY A 48 41.30 14.20 -27.37
CA GLY A 48 40.93 15.29 -28.27
C GLY A 48 41.26 14.94 -29.70
N THR A 49 42.45 14.39 -29.92
CA THR A 49 42.79 13.89 -31.25
C THR A 49 41.83 12.80 -31.68
N VAL A 50 41.56 11.85 -30.78
CA VAL A 50 40.53 10.86 -31.01
C VAL A 50 39.19 11.56 -31.22
N ALA A 51 38.91 12.57 -30.41
CA ALA A 51 37.67 13.33 -30.56
C ALA A 51 37.64 14.02 -31.92
N LEU A 52 38.77 14.57 -32.35
CA LEU A 52 38.82 15.22 -33.65
C LEU A 52 38.51 14.23 -34.76
N ARG A 53 39.09 13.03 -34.68
CA ARG A 53 38.82 12.02 -35.69
C ARG A 53 37.35 11.61 -35.69
N GLU A 54 36.78 11.47 -34.50
CA GLU A 54 35.35 11.15 -34.41
C GLU A 54 34.52 12.24 -35.06
N ILE A 55 34.86 13.50 -34.81
CA ILE A 55 34.12 14.61 -35.39
C ILE A 55 34.22 14.57 -36.91
N ARG A 56 35.43 14.35 -37.42
CA ARG A 56 35.61 14.29 -38.87
C ARG A 56 34.78 13.18 -39.48
N ARG A 57 34.83 11.99 -38.88
CA ARG A 57 34.06 10.86 -39.37
C ARG A 57 32.56 11.17 -39.36
N TYR A 58 32.06 11.69 -38.23
CA TYR A 58 30.63 11.88 -38.07
C TYR A 58 30.12 12.98 -39.00
N GLN A 59 30.86 14.08 -39.12
CA GLN A 59 30.45 15.13 -40.04
C GLN A 59 30.49 14.63 -41.47
N LYS A 60 31.51 13.86 -41.84
CA LYS A 60 31.54 13.25 -43.15
C LYS A 60 30.45 12.19 -43.31
N SER A 61 30.11 11.47 -42.25
CA SER A 61 29.07 10.46 -42.30
C SER A 61 27.69 11.09 -42.13
N THR A 62 26.65 10.29 -42.38
CA THR A 62 25.29 10.79 -42.33
C THR A 62 24.30 9.85 -41.65
N GLU A 63 24.73 8.70 -41.14
CA GLU A 63 23.80 7.71 -40.60
C GLU A 63 23.33 8.09 -39.21
N LEU A 64 22.39 7.31 -38.69
CA LEU A 64 21.89 7.49 -37.34
C LEU A 64 22.96 7.15 -36.31
N LEU A 65 22.87 7.77 -35.14
CA LEU A 65 23.82 7.52 -34.06
C LEU A 65 23.18 6.90 -32.84
N ILE A 66 21.96 6.37 -32.97
CA ILE A 66 21.27 5.68 -31.89
C ILE A 66 20.66 4.40 -32.46
N ARG A 67 20.74 3.31 -31.69
CA ARG A 67 20.07 2.09 -32.09
C ARG A 67 18.57 2.32 -32.21
N LYS A 68 18.00 1.84 -33.31
CA LYS A 68 16.62 2.19 -33.62
C LYS A 68 15.63 1.57 -32.64
N LEU A 69 15.91 0.35 -32.20
CA LEU A 69 14.97 -0.34 -31.33
C LEU A 69 14.78 0.35 -29.99
N PRO A 70 15.83 0.76 -29.25
CA PRO A 70 15.58 1.52 -28.02
C PRO A 70 14.83 2.81 -28.26
N PHE A 71 15.12 3.48 -29.37
CA PHE A 71 14.40 4.69 -29.72
C PHE A 71 12.92 4.42 -29.91
N GLN A 72 12.60 3.33 -30.62
CA GLN A 72 11.21 2.97 -30.84
C GLN A 72 10.53 2.59 -29.53
N ARG A 73 11.26 1.90 -28.65
CA ARG A 73 10.70 1.57 -27.34
C ARG A 73 10.34 2.84 -26.58
N LEU A 74 11.24 3.82 -26.56
CA LEU A 74 10.96 5.08 -25.90
C LEU A 74 9.78 5.79 -26.55
N VAL A 75 9.73 5.77 -27.88
CA VAL A 75 8.64 6.42 -28.61
C VAL A 75 7.30 5.83 -28.20
N ARG A 76 7.20 4.49 -28.22
CA ARG A 76 5.93 3.85 -27.89
C ARG A 76 5.61 3.99 -26.42
N GLU A 77 6.64 4.10 -25.57
CA GLU A 77 6.40 4.42 -24.16
C GLU A 77 5.74 5.79 -24.03
N ILE A 78 6.24 6.77 -24.77
CA ILE A 78 5.70 8.13 -24.67
C ILE A 78 4.27 8.19 -25.21
N ALA A 79 4.05 7.64 -26.40
CA ALA A 79 2.74 7.71 -27.01
C ALA A 79 1.72 6.84 -26.29
N GLN A 80 2.19 5.88 -25.48
CA GLN A 80 1.28 5.13 -24.63
C GLN A 80 0.55 6.04 -23.65
N ASP A 81 1.13 7.19 -23.33
CA ASP A 81 0.47 8.17 -22.48
C ASP A 81 -0.58 8.98 -23.24
N PHE A 82 -0.50 9.01 -24.57
CA PHE A 82 -1.52 9.68 -25.37
C PHE A 82 -2.65 8.77 -25.79
N LYS A 83 -2.34 7.56 -26.28
CA LYS A 83 -3.36 6.61 -26.65
C LYS A 83 -2.81 5.21 -26.38
N THR A 84 -3.72 4.30 -26.04
CA THR A 84 -3.32 2.98 -25.58
C THR A 84 -3.01 2.03 -26.75
N ASP A 85 -3.89 1.97 -27.74
CA ASP A 85 -3.82 0.97 -28.79
C ASP A 85 -3.44 1.57 -30.15
N LEU A 86 -2.50 2.51 -30.14
CA LEU A 86 -2.00 3.06 -31.39
C LEU A 86 -0.96 2.14 -32.02
N ARG A 87 -0.91 2.15 -33.34
CA ARG A 87 0.11 1.42 -34.09
C ARG A 87 0.88 2.39 -34.98
N PHE A 88 2.19 2.37 -34.87
CA PHE A 88 3.05 3.35 -35.51
C PHE A 88 3.87 2.69 -36.61
N GLN A 89 3.75 3.21 -37.82
CA GLN A 89 4.55 2.71 -38.93
C GLN A 89 6.03 2.81 -38.60
N SER A 90 6.77 1.76 -38.92
CA SER A 90 8.22 1.82 -38.78
C SER A 90 8.79 2.96 -39.60
N SER A 91 8.14 3.28 -40.73
CA SER A 91 8.52 4.47 -41.48
C SER A 91 8.34 5.72 -40.63
N ALA A 92 7.24 5.81 -39.90
CA ALA A 92 7.02 6.92 -39.00
C ALA A 92 8.09 6.97 -37.92
N VAL A 93 8.44 5.81 -37.35
CA VAL A 93 9.46 5.77 -36.30
C VAL A 93 10.80 6.24 -36.84
N MET A 94 11.15 5.80 -38.06
CA MET A 94 12.41 6.24 -38.66
C MET A 94 12.39 7.74 -38.95
N ALA A 95 11.26 8.26 -39.40
CA ALA A 95 11.13 9.70 -39.60
C ALA A 95 11.33 10.44 -38.30
N LEU A 96 10.75 9.92 -37.22
CA LEU A 96 10.94 10.52 -35.90
C LEU A 96 12.42 10.53 -35.51
N GLN A 97 13.09 9.40 -35.72
CA GLN A 97 14.50 9.32 -35.36
C GLN A 97 15.31 10.31 -36.17
N GLU A 98 15.04 10.41 -37.47
CA GLU A 98 15.74 11.36 -38.33
C GLU A 98 15.53 12.79 -37.85
N ALA A 99 14.29 13.17 -37.59
CA ALA A 99 13.99 14.53 -37.18
C ALA A 99 14.64 14.84 -35.83
N CYS A 100 14.55 13.90 -34.89
CA CYS A 100 15.15 14.11 -33.57
C CYS A 100 16.66 14.30 -33.69
N GLU A 101 17.32 13.43 -34.47
CA GLU A 101 18.76 13.54 -34.62
C GLU A 101 19.14 14.86 -35.28
N ALA A 102 18.43 15.27 -36.33
CA ALA A 102 18.76 16.52 -37.00
C ALA A 102 18.59 17.72 -36.08
N TYR A 103 17.46 17.79 -35.39
CA TYR A 103 17.21 18.90 -34.49
C TYR A 103 18.24 18.92 -33.36
N LEU A 104 18.58 17.76 -32.82
CA LEU A 104 19.55 17.71 -31.73
C LEU A 104 20.94 18.09 -32.22
N VAL A 105 21.27 17.75 -33.47
CA VAL A 105 22.56 18.16 -34.01
C VAL A 105 22.61 19.68 -34.13
N GLY A 106 21.54 20.29 -34.63
CA GLY A 106 21.49 21.75 -34.66
C GLY A 106 21.63 22.34 -33.27
N LEU A 107 20.94 21.75 -32.29
CA LEU A 107 21.03 22.21 -30.92
C LEU A 107 22.45 22.08 -30.37
N PHE A 108 23.12 20.98 -30.69
CA PHE A 108 24.49 20.79 -30.23
C PHE A 108 25.43 21.81 -30.85
N GLU A 109 25.24 22.11 -32.13
CA GLU A 109 26.05 23.17 -32.75
C GLU A 109 25.84 24.49 -32.05
N ASP A 110 24.58 24.83 -31.76
CA ASP A 110 24.29 26.08 -31.08
C ASP A 110 24.90 26.10 -29.69
N THR A 111 24.80 24.98 -28.96
CA THR A 111 25.34 24.91 -27.61
C THR A 111 26.85 25.05 -27.62
N ASN A 112 27.51 24.44 -28.60
CA ASN A 112 28.95 24.62 -28.76
C ASN A 112 29.28 26.08 -29.01
N LEU A 113 28.50 26.74 -29.86
CA LEU A 113 28.67 28.18 -30.05
C LEU A 113 28.55 28.90 -28.72
N CYS A 114 27.59 28.50 -27.89
CA CYS A 114 27.40 29.14 -26.59
C CYS A 114 28.61 28.97 -25.70
N ALA A 115 29.12 27.74 -25.60
CA ALA A 115 30.31 27.50 -24.79
C ALA A 115 31.50 28.25 -25.35
N ILE A 116 31.62 28.31 -26.67
CA ILE A 116 32.72 29.04 -27.30
C ILE A 116 32.65 30.52 -26.97
N HIS A 117 31.48 31.13 -27.09
CA HIS A 117 31.35 32.54 -26.73
C HIS A 117 31.70 32.77 -25.26
N ALA A 118 31.33 31.82 -24.41
CA ALA A 118 31.70 31.88 -23.00
C ALA A 118 33.15 31.51 -22.77
N LYS A 119 33.94 31.43 -23.84
CA LYS A 119 35.38 31.20 -23.76
C LYS A 119 35.71 29.93 -23.00
N ARG A 120 34.93 28.88 -23.21
CA ARG A 120 35.17 27.58 -22.59
C ARG A 120 35.11 26.49 -23.64
N VAL A 121 35.76 25.36 -23.34
CA VAL A 121 35.85 24.25 -24.27
C VAL A 121 34.98 23.06 -23.86
N THR A 122 34.44 23.06 -22.64
CA THR A 122 33.51 22.03 -22.20
C THR A 122 32.13 22.65 -22.09
N ILE A 123 31.14 22.01 -22.73
CA ILE A 123 29.78 22.54 -22.77
C ILE A 123 29.16 22.42 -21.39
N MET A 124 28.19 23.28 -21.11
CA MET A 124 27.48 23.31 -19.85
C MET A 124 25.99 23.36 -20.10
N PRO A 125 25.18 22.81 -19.18
CA PRO A 125 23.73 22.85 -19.40
C PRO A 125 23.18 24.25 -19.49
N LYS A 126 23.81 25.22 -18.83
CA LYS A 126 23.39 26.60 -18.94
C LYS A 126 23.50 27.10 -20.37
N ASP A 127 24.55 26.67 -21.09
CA ASP A 127 24.63 26.96 -22.52
C ASP A 127 23.37 26.49 -23.23
N ILE A 128 22.95 25.26 -22.94
CA ILE A 128 21.78 24.69 -23.61
C ILE A 128 20.54 25.49 -23.29
N GLN A 129 20.33 25.80 -22.00
CA GLN A 129 19.13 26.53 -21.60
C GLN A 129 19.10 27.91 -22.23
N LEU A 130 20.23 28.61 -22.23
CA LEU A 130 20.27 29.94 -22.83
C LEU A 130 20.03 29.88 -24.33
N ALA A 131 20.62 28.89 -25.00
CA ALA A 131 20.41 28.76 -26.44
C ALA A 131 18.95 28.51 -26.76
N ARG A 132 18.31 27.63 -25.99
CA ARG A 132 16.88 27.40 -26.18
C ARG A 132 16.10 28.67 -25.94
N ARG A 133 16.45 29.41 -24.89
CA ARG A 133 15.73 30.64 -24.55
C ARG A 133 15.84 31.65 -25.68
N ILE A 134 17.04 31.84 -26.21
CA ILE A 134 17.24 32.75 -27.35
C ILE A 134 16.54 32.20 -28.58
N ARG A 135 16.53 30.88 -28.74
CA ARG A 135 15.71 30.26 -29.77
C ARG A 135 14.23 30.47 -29.51
N GLY A 136 13.86 30.92 -28.32
CA GLY A 136 12.48 31.05 -27.93
C GLY A 136 11.94 29.92 -27.10
N GLU A 137 12.81 29.08 -26.55
CA GLU A 137 12.37 27.90 -25.81
C GLU A 137 12.72 28.04 -24.33
N ASN B 29 11.67 3.88 -20.32
CA ASN B 29 12.44 3.55 -21.51
C ASN B 29 13.16 4.80 -22.01
N ILE B 30 13.03 5.90 -21.26
CA ILE B 30 13.77 7.11 -21.58
C ILE B 30 15.27 6.87 -21.46
N GLN B 31 15.67 6.03 -20.51
CA GLN B 31 17.07 5.67 -20.37
C GLN B 31 17.56 4.83 -21.54
N GLY B 32 16.67 4.36 -22.41
CA GLY B 32 17.08 3.62 -23.58
C GLY B 32 17.98 4.39 -24.51
N ILE B 33 18.05 5.72 -24.34
CA ILE B 33 19.01 6.54 -25.07
C ILE B 33 20.34 6.50 -24.33
N THR B 34 21.30 5.75 -24.85
CA THR B 34 22.57 5.58 -24.18
C THR B 34 23.39 6.86 -24.21
N LYS B 35 24.17 7.05 -23.15
CA LYS B 35 25.18 8.12 -23.16
C LYS B 35 26.12 8.03 -24.36
N PRO B 36 26.61 6.86 -24.77
CA PRO B 36 27.40 6.82 -26.01
C PRO B 36 26.69 7.38 -27.20
N ALA B 37 25.37 7.21 -27.31
CA ALA B 37 24.63 7.83 -28.40
C ALA B 37 24.73 9.34 -28.34
N ILE B 38 24.57 9.89 -27.13
CA ILE B 38 24.69 11.33 -26.94
C ILE B 38 26.10 11.79 -27.32
N ARG B 39 27.10 11.01 -26.94
CA ARG B 39 28.49 11.34 -27.26
C ARG B 39 28.70 11.37 -28.76
N ARG B 40 28.17 10.36 -29.47
CA ARG B 40 28.30 10.32 -30.92
C ARG B 40 27.64 11.53 -31.55
N LEU B 41 26.45 11.88 -31.07
CA LEU B 41 25.76 13.05 -31.60
C LEU B 41 26.57 14.32 -31.36
N ALA B 42 27.14 14.45 -30.17
CA ALA B 42 27.96 15.62 -29.86
C ALA B 42 29.17 15.69 -30.77
N ARG B 43 29.83 14.56 -30.99
CA ARG B 43 30.99 14.54 -31.88
C ARG B 43 30.58 14.89 -33.30
N ARG B 44 29.39 14.46 -33.72
CA ARG B 44 28.89 14.87 -35.02
C ARG B 44 28.68 16.38 -35.08
N GLY B 45 28.17 16.96 -33.99
CA GLY B 45 28.01 18.38 -33.92
C GLY B 45 29.27 19.18 -33.71
N GLY B 46 30.38 18.51 -33.39
CA GLY B 46 31.65 19.18 -33.16
C GLY B 46 31.98 19.48 -31.72
N VAL B 47 31.24 18.91 -30.76
CA VAL B 47 31.50 19.16 -29.34
C VAL B 47 32.77 18.43 -28.93
N LYS B 48 33.61 19.10 -28.12
CA LYS B 48 34.89 18.54 -27.73
C LYS B 48 34.81 17.77 -26.41
N ARG B 49 34.43 18.45 -25.33
CA ARG B 49 34.29 17.81 -24.03
C ARG B 49 32.86 17.96 -23.52
N ILE B 50 32.46 17.00 -22.70
CA ILE B 50 31.09 16.92 -22.20
C ILE B 50 31.11 16.98 -20.68
N SER B 51 30.15 17.70 -20.12
CA SER B 51 29.93 17.68 -18.68
C SER B 51 29.17 16.40 -18.32
N GLY B 52 28.77 16.28 -17.07
CA GLY B 52 28.06 15.09 -16.63
C GLY B 52 26.55 15.20 -16.76
N LEU B 53 26.02 16.38 -16.46
CA LEU B 53 24.58 16.59 -16.49
C LEU B 53 24.05 16.86 -17.89
N ILE B 54 24.92 16.97 -18.88
CA ILE B 54 24.48 17.24 -20.25
C ILE B 54 23.56 16.14 -20.75
N TYR B 55 23.85 14.89 -20.37
CA TYR B 55 23.08 13.76 -20.89
C TYR B 55 21.63 13.82 -20.42
N GLU B 56 21.40 14.10 -19.14
CA GLU B 56 20.03 14.15 -18.64
C GLU B 56 19.32 15.41 -19.10
N GLU B 57 20.05 16.52 -19.23
CA GLU B 57 19.47 17.72 -19.81
C GLU B 57 18.99 17.45 -21.23
N THR B 58 19.81 16.76 -22.02
CA THR B 58 19.42 16.38 -23.36
C THR B 58 18.23 15.44 -23.34
N ARG B 59 18.21 14.50 -22.38
CA ARG B 59 17.07 13.61 -22.25
C ARG B 59 15.78 14.38 -22.03
N GLY B 60 15.79 15.33 -21.10
CA GLY B 60 14.58 16.10 -20.83
C GLY B 60 14.15 16.95 -22.01
N VAL B 61 15.13 17.62 -22.65
CA VAL B 61 14.79 18.45 -23.80
C VAL B 61 14.21 17.60 -24.94
N LEU B 62 14.82 16.44 -25.18
CA LEU B 62 14.30 15.55 -26.20
C LEU B 62 12.90 15.07 -25.84
N LYS B 63 12.67 14.78 -24.56
CA LYS B 63 11.35 14.37 -24.13
C LYS B 63 10.32 15.46 -24.42
N VAL B 64 10.67 16.71 -24.13
CA VAL B 64 9.75 17.81 -24.39
C VAL B 64 9.47 17.92 -25.88
N PHE B 65 10.52 17.85 -26.70
CA PHE B 65 10.34 17.94 -28.14
C PHE B 65 9.46 16.82 -28.66
N LEU B 66 9.68 15.61 -28.14
CA LEU B 66 8.88 14.46 -28.53
C LEU B 66 7.42 14.65 -28.17
N GLU B 67 7.15 15.15 -26.96
CA GLU B 67 5.78 15.41 -26.57
C GLU B 67 5.14 16.40 -27.52
N ASN B 68 5.86 17.48 -27.83
CA ASN B 68 5.30 18.51 -28.71
C ASN B 68 4.97 17.94 -30.07
N VAL B 69 5.86 17.15 -30.65
CA VAL B 69 5.62 16.61 -31.98
C VAL B 69 4.50 15.58 -31.96
N ILE B 70 4.55 14.68 -30.98
CA ILE B 70 3.61 13.55 -30.94
C ILE B 70 2.19 14.05 -30.68
N ARG B 71 2.03 15.08 -29.86
CA ARG B 71 0.71 15.64 -29.63
C ARG B 71 0.05 16.03 -30.95
N ASP B 72 0.77 16.82 -31.74
CA ASP B 72 0.22 17.28 -33.01
C ASP B 72 0.06 16.15 -34.00
N ALA B 73 1.00 15.20 -34.02
CA ALA B 73 0.87 14.07 -34.93
C ALA B 73 -0.38 13.27 -34.63
N VAL B 74 -0.62 12.99 -33.35
CA VAL B 74 -1.83 12.30 -32.96
C VAL B 74 -3.06 13.11 -33.34
N THR B 75 -3.02 14.42 -33.11
CA THR B 75 -4.15 15.26 -33.47
C THR B 75 -4.45 15.16 -34.96
N TYR B 76 -3.41 15.16 -35.78
CA TYR B 76 -3.60 14.91 -37.20
C TYR B 76 -4.27 13.57 -37.43
N THR B 77 -3.74 12.52 -36.80
CA THR B 77 -4.27 11.18 -37.01
C THR B 77 -5.71 11.08 -36.52
N GLU B 78 -5.99 11.67 -35.37
CA GLU B 78 -7.35 11.62 -34.84
C GLU B 78 -8.32 12.34 -35.77
N HIS B 79 -7.95 13.53 -36.25
CA HIS B 79 -8.83 14.23 -37.18
C HIS B 79 -8.95 13.47 -38.49
N ALA B 80 -7.91 12.73 -38.86
CA ALA B 80 -7.98 11.82 -39.99
C ALA B 80 -8.86 10.61 -39.69
N LYS B 81 -9.28 10.44 -38.43
CA LYS B 81 -10.13 9.33 -38.03
C LYS B 81 -9.49 7.99 -38.36
N ARG B 82 -8.18 7.91 -38.14
CA ARG B 82 -7.42 6.70 -38.42
C ARG B 82 -6.80 6.18 -37.14
N LYS B 83 -6.66 4.85 -37.06
CA LYS B 83 -6.02 4.21 -35.93
C LYS B 83 -4.57 3.84 -36.22
N THR B 84 -4.05 4.23 -37.37
CA THR B 84 -2.69 3.90 -37.78
C THR B 84 -1.90 5.19 -37.91
N VAL B 85 -0.60 5.12 -37.58
CA VAL B 85 0.23 6.32 -37.54
C VAL B 85 1.06 6.40 -38.82
N THR B 86 0.82 7.43 -39.61
CA THR B 86 1.53 7.64 -40.86
C THR B 86 2.53 8.78 -40.72
N ALA B 87 3.50 8.82 -41.64
CA ALA B 87 4.56 9.81 -41.55
C ALA B 87 4.08 11.20 -41.98
N MET B 88 3.05 11.24 -42.83
CA MET B 88 2.59 12.53 -43.35
C MET B 88 2.12 13.46 -42.24
N ASP B 89 1.48 12.90 -41.22
CA ASP B 89 1.06 13.71 -40.08
C ASP B 89 2.26 14.32 -39.38
N VAL B 90 3.33 13.52 -39.23
CA VAL B 90 4.57 14.03 -38.66
C VAL B 90 5.12 15.16 -39.52
N VAL B 91 5.07 14.98 -40.83
CA VAL B 91 5.54 16.01 -41.74
C VAL B 91 4.80 17.31 -41.51
N TYR B 92 3.47 17.22 -41.44
CA TYR B 92 2.66 18.42 -41.26
C TYR B 92 2.95 19.06 -39.91
N ALA B 93 3.09 18.24 -38.86
CA ALA B 93 3.38 18.78 -37.54
C ALA B 93 4.69 19.53 -37.53
N LEU B 94 5.75 18.92 -38.08
CA LEU B 94 7.05 19.58 -38.11
C LEU B 94 7.01 20.84 -38.95
N LYS B 95 6.30 20.80 -40.08
CA LYS B 95 6.18 21.97 -40.92
C LYS B 95 5.49 23.10 -40.19
N ARG B 96 4.42 22.79 -39.47
CA ARG B 96 3.75 23.82 -38.67
C ARG B 96 4.67 24.32 -37.57
N GLN B 97 5.58 23.48 -37.10
CA GLN B 97 6.61 23.91 -36.17
C GLN B 97 7.71 24.70 -36.84
N GLY B 98 7.68 24.85 -38.17
CA GLY B 98 8.67 25.61 -38.89
C GLY B 98 9.89 24.82 -39.32
N ARG B 99 10.00 23.56 -38.91
CA ARG B 99 11.11 22.71 -39.31
C ARG B 99 10.68 21.91 -40.52
N THR B 100 11.21 22.26 -41.69
CA THR B 100 10.84 21.57 -42.90
C THR B 100 11.89 20.52 -43.28
N LEU B 101 11.43 19.29 -43.45
CA LEU B 101 12.31 18.17 -43.77
C LEU B 101 11.94 17.61 -45.14
N TYR B 102 12.96 17.26 -45.92
CA TYR B 102 12.77 16.71 -47.25
C TYR B 102 13.24 15.27 -47.29
N GLY B 103 12.82 14.56 -48.33
CA GLY B 103 13.16 13.17 -48.53
C GLY B 103 12.14 12.20 -47.97
N PHE B 104 11.34 12.62 -46.99
CA PHE B 104 10.29 11.79 -46.45
C PHE B 104 8.95 12.02 -47.11
N GLY B 105 8.88 12.94 -48.07
CA GLY B 105 7.64 13.15 -48.78
C GLY B 105 7.35 12.06 -49.79
N GLY B 106 6.07 11.84 -50.06
CA GLY B 106 5.01 12.58 -49.40
C GLY B 106 4.64 13.88 -50.08
N ARG C 15 -41.01 37.95 -41.42
CA ARG C 15 -41.56 39.16 -40.82
C ARG C 15 -41.58 39.05 -39.30
N ALA C 16 -41.36 37.84 -38.80
CA ALA C 16 -41.40 37.61 -37.36
C ALA C 16 -40.23 38.29 -36.67
N LYS C 17 -40.36 38.49 -35.36
CA LYS C 17 -39.29 39.07 -34.57
C LYS C 17 -38.05 38.17 -34.65
N ALA C 18 -36.99 38.69 -35.25
CA ALA C 18 -35.77 37.93 -35.45
C ALA C 18 -34.74 38.32 -34.38
N LYS C 19 -34.14 37.30 -33.76
CA LYS C 19 -33.12 37.50 -32.76
C LYS C 19 -31.79 37.08 -33.36
N THR C 20 -30.72 37.72 -32.91
CA THR C 20 -29.39 37.39 -33.42
C THR C 20 -29.06 35.94 -33.08
N ARG C 21 -28.29 35.31 -33.98
CA ARG C 21 -27.87 33.95 -33.73
C ARG C 21 -27.09 33.85 -32.43
N SER C 22 -26.39 34.93 -32.06
CA SER C 22 -25.70 34.96 -30.77
C SER C 22 -26.69 34.80 -29.63
N SER C 23 -27.82 35.50 -29.71
CA SER C 23 -28.86 35.34 -28.70
C SER C 23 -29.44 33.93 -28.73
N ARG C 24 -29.65 33.38 -29.93
CA ARG C 24 -30.15 32.02 -30.04
C ARG C 24 -29.19 31.03 -29.39
N ALA C 25 -27.91 31.34 -29.43
CA ALA C 25 -26.90 30.61 -28.67
C ALA C 25 -26.52 31.30 -27.37
N GLY C 26 -27.20 32.39 -27.04
CA GLY C 26 -26.92 33.08 -25.78
C GLY C 26 -25.51 33.62 -25.68
N LEU C 27 -25.03 34.30 -26.72
CA LEU C 27 -23.66 34.77 -26.79
C LEU C 27 -23.61 36.25 -27.10
N GLN C 28 -22.45 36.86 -26.83
CA GLN C 28 -22.25 38.28 -27.09
C GLN C 28 -21.66 38.55 -28.47
N PHE C 29 -20.86 37.62 -28.99
CA PHE C 29 -20.12 37.87 -30.21
C PHE C 29 -21.03 37.79 -31.44
N PRO C 30 -20.77 38.61 -32.44
CA PRO C 30 -21.66 38.65 -33.61
C PRO C 30 -21.49 37.45 -34.52
N VAL C 31 -22.44 36.53 -34.48
CA VAL C 31 -22.36 35.36 -35.35
C VAL C 31 -22.52 35.74 -36.81
N GLY C 32 -23.44 36.65 -37.10
CA GLY C 32 -23.65 37.05 -38.49
C GLY C 32 -22.42 37.70 -39.10
N ARG C 33 -21.80 38.62 -38.37
CA ARG C 33 -20.58 39.25 -38.85
C ARG C 33 -19.46 38.22 -39.03
N VAL C 34 -19.35 37.28 -38.09
CA VAL C 34 -18.33 36.24 -38.19
C VAL C 34 -18.53 35.41 -39.46
N HIS C 35 -19.77 34.98 -39.70
CA HIS C 35 -20.05 34.20 -40.90
C HIS C 35 -19.80 35.00 -42.16
N ARG C 36 -20.16 36.28 -42.15
CA ARG C 36 -19.91 37.12 -43.30
C ARG C 36 -18.42 37.20 -43.60
N LEU C 37 -17.61 37.41 -42.57
CA LEU C 37 -16.17 37.49 -42.78
C LEU C 37 -15.61 36.15 -43.23
N LEU C 38 -16.14 35.06 -42.70
CA LEU C 38 -15.71 33.73 -43.13
C LEU C 38 -15.98 33.53 -44.61
N ARG C 39 -17.17 33.90 -45.06
CA ARG C 39 -17.48 33.82 -46.49
C ARG C 39 -16.54 34.70 -47.29
N LYS C 40 -16.29 35.91 -46.80
CA LYS C 40 -15.32 36.78 -47.44
C LYS C 40 -13.89 36.32 -47.21
N GLY C 41 -13.66 35.49 -46.20
CA GLY C 41 -12.32 35.06 -45.86
C GLY C 41 -11.66 34.11 -46.82
N ASN C 42 -12.44 33.44 -47.66
CA ASN C 42 -11.92 32.55 -48.71
C ASN C 42 -11.04 31.45 -48.12
N TYR C 43 -11.31 31.04 -46.87
CA TYR C 43 -10.56 29.95 -46.29
C TYR C 43 -11.01 28.60 -46.84
N SER C 44 -12.26 28.50 -47.26
CA SER C 44 -12.78 27.31 -47.94
C SER C 44 -14.04 27.72 -48.69
N GLU C 45 -14.48 26.85 -49.60
CA GLU C 45 -15.65 27.16 -50.41
C GLU C 45 -16.95 26.98 -49.63
N ARG C 46 -17.02 25.97 -48.77
CA ARG C 46 -18.23 25.69 -48.03
C ARG C 46 -17.94 25.73 -46.53
N VAL C 47 -18.83 26.38 -45.80
CA VAL C 47 -18.67 26.59 -44.36
C VAL C 47 -19.88 26.01 -43.65
N GLY C 48 -19.62 25.17 -42.65
CA GLY C 48 -20.69 24.73 -41.79
C GLY C 48 -21.29 25.88 -40.99
N ALA C 49 -22.60 25.81 -40.78
CA ALA C 49 -23.29 26.88 -40.07
C ALA C 49 -22.80 27.00 -38.63
N GLY C 50 -22.40 25.88 -38.03
CA GLY C 50 -21.93 25.90 -36.66
C GLY C 50 -20.50 26.34 -36.49
N ALA C 51 -19.72 26.40 -37.57
CA ALA C 51 -18.35 26.88 -37.45
C ALA C 51 -18.26 28.32 -36.98
N PRO C 52 -19.00 29.28 -37.54
CA PRO C 52 -18.94 30.64 -37.00
C PRO C 52 -19.41 30.70 -35.55
N VAL C 53 -20.39 29.89 -35.19
CA VAL C 53 -20.89 29.89 -33.82
C VAL C 53 -19.80 29.41 -32.86
N TYR C 54 -19.16 28.30 -33.21
CA TYR C 54 -18.08 27.77 -32.39
C TYR C 54 -16.95 28.78 -32.27
N LEU C 55 -16.61 29.43 -33.38
CA LEU C 55 -15.57 30.44 -33.37
C LEU C 55 -15.92 31.59 -32.45
N ALA C 56 -17.17 32.08 -32.55
CA ALA C 56 -17.59 33.20 -31.72
C ALA C 56 -17.55 32.81 -30.25
N ALA C 57 -17.98 31.60 -29.91
CA ALA C 57 -17.94 31.17 -28.53
C ALA C 57 -16.51 31.11 -28.01
N VAL C 58 -15.59 30.57 -28.81
CA VAL C 58 -14.20 30.47 -28.39
C VAL C 58 -13.62 31.87 -28.19
N LEU C 59 -13.87 32.76 -29.13
CA LEU C 59 -13.36 34.12 -29.03
C LEU C 59 -13.93 34.81 -27.81
N GLU C 60 -15.22 34.60 -27.53
CA GLU C 60 -15.84 35.18 -26.36
C GLU C 60 -15.16 34.69 -25.09
N TYR C 61 -14.88 33.39 -25.01
CA TYR C 61 -14.20 32.85 -23.84
C TYR C 61 -12.82 33.48 -23.67
N LEU C 62 -12.07 33.56 -24.77
CA LEU C 62 -10.71 34.10 -24.67
C LEU C 62 -10.73 35.57 -24.28
N THR C 63 -11.63 36.34 -24.89
CA THR C 63 -11.74 37.76 -24.56
C THR C 63 -12.15 37.94 -23.10
N ALA C 64 -13.07 37.11 -22.62
CA ALA C 64 -13.45 37.18 -21.22
C ALA C 64 -12.27 36.90 -20.31
N GLU C 65 -11.46 35.89 -20.66
CA GLU C 65 -10.26 35.61 -19.90
C GLU C 65 -9.36 36.83 -19.84
N ILE C 66 -9.11 37.43 -21.01
CA ILE C 66 -8.20 38.58 -21.09
C ILE C 66 -8.73 39.73 -20.26
N LEU C 67 -10.01 40.08 -20.44
CA LEU C 67 -10.56 41.23 -19.75
C LEU C 67 -10.62 41.00 -18.25
N GLU C 68 -10.94 39.77 -17.83
CA GLU C 68 -10.99 39.48 -16.41
C GLU C 68 -9.61 39.62 -15.78
N LEU C 69 -8.58 39.06 -16.42
CA LEU C 69 -7.24 39.20 -15.87
C LEU C 69 -6.80 40.65 -15.86
N ALA C 70 -7.15 41.40 -16.91
CA ALA C 70 -6.80 42.81 -16.95
C ALA C 70 -7.47 43.59 -15.83
N GLY C 71 -8.75 43.30 -15.57
CA GLY C 71 -9.44 43.97 -14.48
C GLY C 71 -8.86 43.61 -13.13
N ASN C 72 -8.47 42.35 -12.96
CA ASN C 72 -7.81 41.94 -11.73
C ASN C 72 -6.50 42.69 -11.54
N ALA C 73 -5.75 42.86 -12.63
CA ALA C 73 -4.52 43.65 -12.57
C ALA C 73 -4.82 45.10 -12.20
N ALA C 74 -5.90 45.65 -12.75
CA ALA C 74 -6.32 46.99 -12.38
C ALA C 74 -6.68 47.05 -10.91
N ARG C 75 -7.34 46.01 -10.40
CA ARG C 75 -7.62 45.92 -8.98
C ARG C 75 -6.33 45.89 -8.16
N ASP C 76 -5.36 45.10 -8.62
CA ASP C 76 -4.13 44.91 -7.84
C ASP C 76 -3.34 46.20 -7.70
N ASN C 77 -3.23 46.99 -8.77
CA ASN C 77 -2.55 48.27 -8.70
C ASN C 77 -3.48 49.38 -8.22
N LYS C 78 -4.63 49.00 -7.66
CA LYS C 78 -5.62 49.95 -7.15
C LYS C 78 -6.06 50.94 -8.22
N LYS C 79 -6.29 50.45 -9.44
CA LYS C 79 -6.75 51.31 -10.50
C LYS C 79 -8.10 50.82 -11.01
N THR C 80 -8.89 51.78 -11.51
CA THR C 80 -10.25 51.52 -11.94
C THR C 80 -10.39 51.22 -13.43
N ARG C 81 -9.45 51.69 -14.24
CA ARG C 81 -9.54 51.54 -15.68
C ARG C 81 -8.44 50.60 -16.17
N ILE C 82 -8.77 49.80 -17.18
CA ILE C 82 -7.85 48.81 -17.73
C ILE C 82 -6.96 49.49 -18.76
N ILE C 83 -5.65 49.24 -18.66
CA ILE C 83 -4.66 49.94 -19.48
C ILE C 83 -3.82 48.91 -20.21
N PRO C 84 -3.20 49.31 -21.32
CA PRO C 84 -2.30 48.38 -22.03
C PRO C 84 -1.21 47.82 -21.15
N ARG C 85 -0.70 48.60 -20.21
CA ARG C 85 0.26 48.07 -19.26
C ARG C 85 -0.34 46.91 -18.47
N HIS C 86 -1.58 47.08 -18.00
CA HIS C 86 -2.28 45.99 -17.33
C HIS C 86 -2.41 44.80 -18.26
N LEU C 87 -2.71 45.05 -19.53
CA LEU C 87 -2.84 43.96 -20.50
C LEU C 87 -1.55 43.16 -20.57
N GLN C 88 -0.43 43.85 -20.77
CA GLN C 88 0.85 43.17 -20.89
C GLN C 88 1.19 42.41 -19.61
N LEU C 89 0.97 43.04 -18.46
CA LEU C 89 1.28 42.38 -17.19
C LEU C 89 0.46 41.12 -17.02
N ALA C 90 -0.83 41.16 -17.35
CA ALA C 90 -1.66 39.97 -17.27
C ALA C 90 -1.18 38.91 -18.24
N ILE C 91 -0.79 39.32 -19.45
CA ILE C 91 -0.38 38.35 -20.46
C ILE C 91 0.87 37.61 -20.02
N ARG C 92 1.89 38.36 -19.58
CA ARG C 92 3.16 37.74 -19.24
C ARG C 92 3.12 36.97 -17.94
N ASN C 93 2.10 37.20 -17.10
CA ASN C 93 1.95 36.47 -15.86
C ASN C 93 1.08 35.23 -16.01
N ASP C 94 0.59 34.96 -17.22
CA ASP C 94 -0.18 33.76 -17.50
C ASP C 94 0.65 32.87 -18.42
N GLU C 95 0.92 31.65 -17.97
CA GLU C 95 1.76 30.74 -18.75
C GLU C 95 1.14 30.45 -20.12
N GLU C 96 -0.13 30.04 -20.14
CA GLU C 96 -0.78 29.72 -21.39
C GLU C 96 -0.91 30.96 -22.28
N LEU C 97 -1.28 32.09 -21.69
CA LEU C 97 -1.45 33.31 -22.48
C LEU C 97 -0.12 33.81 -23.01
N ASN C 98 0.89 33.90 -22.14
CA ASN C 98 2.21 34.31 -22.60
C ASN C 98 2.72 33.37 -23.67
N LYS C 99 2.45 32.07 -23.53
CA LYS C 99 2.82 31.10 -24.54
C LYS C 99 2.13 31.39 -25.86
N LEU C 100 0.82 31.69 -25.82
CA LEU C 100 0.07 31.88 -27.05
C LEU C 100 0.56 33.11 -27.82
N LEU C 101 0.84 34.19 -27.10
CA LEU C 101 1.17 35.47 -27.73
C LEU C 101 2.59 35.91 -27.37
N GLY C 102 3.53 34.96 -27.37
CA GLY C 102 4.91 35.30 -27.08
C GLY C 102 5.50 36.25 -28.11
N ARG C 103 5.26 35.97 -29.39
CA ARG C 103 5.74 36.83 -30.46
C ARG C 103 4.98 38.14 -30.56
N VAL C 104 3.80 38.22 -29.94
CA VAL C 104 3.02 39.45 -29.99
C VAL C 104 3.64 40.48 -29.06
N THR C 105 3.66 41.73 -29.51
CA THR C 105 4.24 42.83 -28.75
C THR C 105 3.11 43.75 -28.29
N ILE C 106 3.14 44.11 -27.01
CA ILE C 106 2.14 44.98 -26.41
C ILE C 106 2.65 46.41 -26.49
N ALA C 107 1.99 47.24 -27.30
CA ALA C 107 2.34 48.64 -27.35
C ALA C 107 2.04 49.29 -26.01
N GLN C 108 3.01 50.04 -25.49
CA GLN C 108 2.89 50.70 -24.19
C GLN C 108 2.55 49.70 -23.09
N GLY C 109 3.13 48.50 -23.18
CA GLY C 109 2.89 47.48 -22.19
C GLY C 109 4.04 47.32 -21.22
N GLY C 110 5.22 47.81 -21.61
CA GLY C 110 6.38 47.68 -20.75
C GLY C 110 6.83 46.23 -20.65
N VAL C 111 7.54 45.94 -19.57
CA VAL C 111 8.08 44.61 -19.29
C VAL C 111 7.75 44.24 -17.85
N LEU C 112 7.90 42.96 -17.53
CA LEU C 112 7.77 42.51 -16.15
C LEU C 112 9.02 42.91 -15.38
N PRO C 113 8.90 43.71 -14.32
CA PRO C 113 10.08 44.03 -13.51
C PRO C 113 10.63 42.80 -12.81
N ASN C 114 11.88 42.45 -13.11
CA ASN C 114 12.46 41.25 -12.56
C ASN C 114 13.93 41.49 -12.25
N ILE C 115 14.38 40.97 -11.11
CA ILE C 115 15.75 41.09 -10.66
C ILE C 115 16.27 39.71 -10.30
N GLN C 116 17.47 39.39 -10.80
CA GLN C 116 18.03 38.06 -10.57
C GLN C 116 18.42 37.88 -9.11
N ALA C 117 18.36 36.62 -8.66
CA ALA C 117 18.76 36.30 -7.30
C ALA C 117 20.24 36.55 -7.09
N VAL C 118 21.07 36.25 -8.09
CA VAL C 118 22.50 36.51 -7.98
C VAL C 118 22.78 38.00 -7.89
N LEU C 119 21.93 38.82 -8.51
CA LEU C 119 22.10 40.27 -8.42
C LEU C 119 21.96 40.75 -6.98
N LEU C 120 21.16 40.05 -6.18
CA LEU C 120 21.01 40.41 -4.79
C LEU C 120 22.33 40.18 -4.04
N PRO C 121 22.73 41.12 -3.18
CA PRO C 121 23.96 40.93 -2.40
C PRO C 121 23.86 39.73 -1.47
N LYS C 122 24.99 39.09 -1.23
CA LYS C 122 25.04 37.92 -0.36
C LYS C 122 25.09 38.33 1.10
N ARG D 35 -18.93 57.84 -45.18
CA ARG D 35 -18.72 57.28 -46.51
C ARG D 35 -18.79 55.76 -46.47
N SER D 36 -17.73 55.13 -45.98
CA SER D 36 -17.62 53.68 -45.97
C SER D 36 -17.81 53.17 -44.55
N ARG D 37 -18.77 52.27 -44.37
CA ARG D 37 -18.97 51.64 -43.07
C ARG D 37 -17.80 50.73 -42.74
N LYS D 38 -17.38 50.77 -41.48
CA LYS D 38 -16.31 49.91 -40.98
C LYS D 38 -16.80 49.18 -39.74
N GLU D 39 -16.52 47.89 -39.66
CA GLU D 39 -16.99 47.07 -38.55
C GLU D 39 -15.86 46.80 -37.57
N SER D 40 -16.16 46.98 -36.29
CA SER D 40 -15.27 46.57 -35.21
C SER D 40 -16.12 45.99 -34.10
N TYR D 41 -15.50 45.17 -33.27
CA TYR D 41 -16.20 44.45 -32.23
C TYR D 41 -16.23 45.24 -30.92
N SER D 42 -16.07 46.55 -31.02
CA SER D 42 -16.02 47.39 -29.84
C SER D 42 -17.26 47.19 -28.98
N ILE D 43 -18.42 47.19 -29.63
CA ILE D 43 -19.66 46.96 -28.90
C ILE D 43 -19.68 45.57 -28.28
N TYR D 44 -19.29 44.56 -29.05
CA TYR D 44 -19.37 43.19 -28.54
C TYR D 44 -18.36 42.96 -27.42
N VAL D 45 -17.15 43.49 -27.57
CA VAL D 45 -16.16 43.38 -26.51
C VAL D 45 -16.64 44.13 -25.27
N TYR D 46 -17.28 45.27 -25.48
CA TYR D 46 -17.82 46.02 -24.36
C TYR D 46 -18.91 45.22 -23.64
N LYS D 47 -19.77 44.55 -24.41
CA LYS D 47 -20.80 43.72 -23.82
C LYS D 47 -20.19 42.56 -23.04
N VAL D 48 -19.12 41.98 -23.58
CA VAL D 48 -18.40 40.94 -22.85
C VAL D 48 -17.84 41.49 -21.55
N LEU D 49 -17.26 42.68 -21.61
CA LEU D 49 -16.76 43.34 -20.40
C LEU D 49 -17.88 43.49 -19.39
N LYS D 50 -19.04 43.96 -19.84
CA LYS D 50 -20.19 44.10 -18.94
C LYS D 50 -20.58 42.76 -18.35
N GLN D 51 -20.48 41.70 -19.15
CA GLN D 51 -20.76 40.36 -18.65
C GLN D 51 -19.79 39.99 -17.54
N VAL D 52 -18.52 40.36 -17.69
CA VAL D 52 -17.52 39.97 -16.71
C VAL D 52 -17.29 41.08 -15.68
N HIS D 53 -17.40 42.34 -16.09
CA HIS D 53 -17.18 43.48 -15.21
C HIS D 53 -18.13 44.59 -15.65
N PRO D 54 -19.37 44.57 -15.18
CA PRO D 54 -20.36 45.56 -15.65
C PRO D 54 -19.98 46.99 -15.33
N ASP D 55 -19.15 47.22 -14.32
CA ASP D 55 -18.83 48.55 -13.85
C ASP D 55 -17.32 48.79 -13.91
N THR D 56 -16.70 48.43 -15.01
CA THR D 56 -15.29 48.68 -15.22
C THR D 56 -15.10 49.55 -16.46
N GLY D 57 -14.37 50.64 -16.28
CA GLY D 57 -14.07 51.55 -17.37
C GLY D 57 -12.83 51.08 -18.10
N ILE D 58 -12.83 51.27 -19.41
CA ILE D 58 -11.80 50.72 -20.29
C ILE D 58 -11.32 51.83 -21.22
N SER D 59 -10.00 51.91 -21.40
CA SER D 59 -9.45 52.82 -22.39
C SER D 59 -9.77 52.31 -23.80
N SER D 60 -9.98 53.27 -24.72
CA SER D 60 -10.30 52.92 -26.09
C SER D 60 -9.14 52.24 -26.78
N LYS D 61 -7.91 52.60 -26.40
CA LYS D 61 -6.73 51.94 -26.96
C LYS D 61 -6.76 50.46 -26.68
N ALA D 62 -7.21 50.08 -25.48
CA ALA D 62 -7.40 48.67 -25.18
C ALA D 62 -8.40 48.04 -26.15
N MET D 63 -9.47 48.78 -26.49
CA MET D 63 -10.46 48.24 -27.41
C MET D 63 -9.87 48.00 -28.79
N GLY D 64 -9.07 48.95 -29.29
CA GLY D 64 -8.42 48.74 -30.57
C GLY D 64 -7.44 47.59 -30.54
N ILE D 65 -6.69 47.46 -29.44
CA ILE D 65 -5.77 46.35 -29.28
C ILE D 65 -6.53 45.02 -29.35
N MET D 66 -7.64 44.94 -28.65
CA MET D 66 -8.43 43.72 -28.65
C MET D 66 -9.00 43.45 -30.03
N ASN D 67 -9.39 44.50 -30.75
CA ASN D 67 -9.85 44.33 -32.13
C ASN D 67 -8.76 43.66 -32.96
N SER D 68 -7.54 44.19 -32.88
CA SER D 68 -6.43 43.62 -33.64
C SER D 68 -6.18 42.18 -33.21
N PHE D 69 -6.21 41.92 -31.91
CA PHE D 69 -5.96 40.59 -31.39
C PHE D 69 -6.99 39.59 -31.92
N VAL D 70 -8.26 39.99 -31.90
CA VAL D 70 -9.33 39.13 -32.37
C VAL D 70 -9.16 38.83 -33.84
N ASN D 71 -8.86 39.86 -34.63
CA ASN D 71 -8.63 39.63 -36.04
C ASN D 71 -7.51 38.63 -36.26
N ASP D 72 -6.40 38.82 -35.56
CA ASP D 72 -5.25 37.93 -35.73
C ASP D 72 -5.60 36.50 -35.36
N ILE D 73 -6.30 36.32 -34.24
CA ILE D 73 -6.64 34.96 -33.80
C ILE D 73 -7.57 34.31 -34.78
N PHE D 74 -8.57 35.05 -35.26
CA PHE D 74 -9.48 34.52 -36.27
C PHE D 74 -8.71 34.05 -37.49
N GLU D 75 -7.77 34.88 -37.95
CA GLU D 75 -6.99 34.51 -39.12
C GLU D 75 -6.14 33.27 -38.86
N ARG D 76 -5.52 33.20 -37.68
CA ARG D 76 -4.73 32.03 -37.31
C ARG D 76 -5.57 30.77 -37.43
N ILE D 77 -6.73 30.77 -36.77
CA ILE D 77 -7.53 29.56 -36.69
C ILE D 77 -8.11 29.22 -38.05
N ALA D 78 -8.50 30.24 -38.81
CA ALA D 78 -9.10 29.97 -40.11
C ALA D 78 -8.07 29.38 -41.08
N GLY D 79 -6.85 29.92 -41.08
CA GLY D 79 -5.82 29.30 -41.89
C GLY D 79 -5.51 27.88 -41.45
N GLU D 80 -5.46 27.67 -40.12
CA GLU D 80 -5.22 26.33 -39.62
C GLU D 80 -6.29 25.36 -40.11
N ALA D 81 -7.55 25.77 -40.03
CA ALA D 81 -8.64 24.89 -40.44
C ALA D 81 -8.62 24.65 -41.94
N SER D 82 -8.26 25.66 -42.73
CA SER D 82 -8.13 25.46 -44.16
C SER D 82 -7.06 24.43 -44.46
N ARG D 83 -5.93 24.52 -43.75
CA ARG D 83 -4.88 23.52 -43.91
C ARG D 83 -5.38 22.14 -43.52
N LEU D 84 -6.15 22.05 -42.43
CA LEU D 84 -6.68 20.76 -42.01
C LEU D 84 -7.58 20.16 -43.08
N ALA D 85 -8.49 20.97 -43.61
CA ALA D 85 -9.39 20.47 -44.63
C ALA D 85 -8.63 20.02 -45.87
N HIS D 86 -7.61 20.79 -46.26
CA HIS D 86 -6.82 20.36 -47.41
C HIS D 86 -6.08 19.07 -47.11
N TYR D 87 -5.62 18.90 -45.87
CA TYR D 87 -4.92 17.67 -45.50
C TYR D 87 -5.81 16.46 -45.66
N ASN D 88 -7.04 16.55 -45.17
CA ASN D 88 -8.01 15.48 -45.36
C ASN D 88 -8.71 15.57 -46.71
N LYS D 89 -8.28 16.50 -47.56
CA LYS D 89 -8.82 16.68 -48.91
C LYS D 89 -10.31 16.96 -48.89
N ARG D 90 -10.79 17.63 -47.86
CA ARG D 90 -12.20 17.96 -47.74
C ARG D 90 -12.48 19.34 -48.31
N SER D 91 -13.73 19.53 -48.76
CA SER D 91 -14.14 20.75 -49.42
C SER D 91 -15.05 21.61 -48.54
N THR D 92 -15.28 21.20 -47.30
CA THR D 92 -16.21 21.88 -46.42
C THR D 92 -15.62 21.93 -45.02
N ILE D 93 -15.98 22.98 -44.28
CA ILE D 93 -15.44 23.17 -42.94
C ILE D 93 -16.53 22.99 -41.89
N THR D 94 -16.32 22.06 -40.97
CA THR D 94 -17.27 21.82 -39.89
C THR D 94 -16.69 22.27 -38.56
N SER D 95 -17.54 22.21 -37.54
CA SER D 95 -17.10 22.53 -36.19
C SER D 95 -16.06 21.53 -35.69
N ARG D 96 -16.02 20.33 -36.26
CA ARG D 96 -14.99 19.37 -35.88
C ARG D 96 -13.61 19.92 -36.20
N GLU D 97 -13.45 20.52 -37.37
CA GLU D 97 -12.20 21.16 -37.74
C GLU D 97 -11.91 22.34 -36.81
N ILE D 98 -12.96 23.06 -36.42
CA ILE D 98 -12.79 24.16 -35.48
C ILE D 98 -12.19 23.65 -34.19
N GLN D 99 -12.78 22.60 -33.63
CA GLN D 99 -12.27 22.03 -32.39
C GLN D 99 -10.86 21.50 -32.57
N THR D 100 -10.58 20.91 -33.73
CA THR D 100 -9.25 20.40 -33.99
C THR D 100 -8.22 21.52 -33.96
N ALA D 101 -8.53 22.63 -34.64
CA ALA D 101 -7.63 23.78 -34.63
C ALA D 101 -7.48 24.34 -33.23
N VAL D 102 -8.57 24.36 -32.46
CA VAL D 102 -8.50 24.83 -31.09
C VAL D 102 -7.54 23.98 -30.27
N ARG D 103 -7.66 22.66 -30.40
CA ARG D 103 -6.76 21.76 -29.70
C ARG D 103 -5.32 22.01 -30.12
N LEU D 104 -5.10 22.23 -31.41
CA LEU D 104 -3.75 22.46 -31.90
C LEU D 104 -3.17 23.74 -31.32
N LEU D 105 -3.95 24.80 -31.26
CA LEU D 105 -3.43 26.11 -30.85
C LEU D 105 -3.52 26.31 -29.35
N LEU D 106 -4.71 26.13 -28.79
CA LEU D 106 -4.90 26.40 -27.37
C LEU D 106 -4.19 25.34 -26.53
N PRO D 107 -3.29 25.73 -25.64
CA PRO D 107 -2.65 24.76 -24.76
C PRO D 107 -3.48 24.49 -23.52
N GLY D 108 -3.46 23.22 -23.11
CA GLY D 108 -4.01 22.85 -21.82
C GLY D 108 -5.47 23.18 -21.66
N GLU D 109 -5.80 23.81 -20.53
CA GLU D 109 -7.19 24.09 -20.19
C GLU D 109 -7.88 24.93 -21.26
N LEU D 110 -7.13 25.84 -21.88
CA LEU D 110 -7.69 26.65 -22.96
C LEU D 110 -8.35 25.76 -24.01
N ALA D 111 -7.65 24.72 -24.45
CA ALA D 111 -8.24 23.77 -25.37
C ALA D 111 -9.50 23.15 -24.77
N LYS D 112 -9.39 22.69 -23.53
CA LYS D 112 -10.56 22.10 -22.87
C LYS D 112 -11.66 23.13 -22.67
N HIS D 113 -11.30 24.32 -22.21
CA HIS D 113 -12.30 25.35 -21.93
C HIS D 113 -13.01 25.78 -23.21
N ALA D 114 -12.26 26.11 -24.25
CA ALA D 114 -12.89 26.56 -25.49
C ALA D 114 -13.64 25.43 -26.16
N VAL D 115 -13.14 24.19 -26.02
CA VAL D 115 -13.87 23.05 -26.54
C VAL D 115 -15.23 22.95 -25.86
N SER D 116 -15.26 23.09 -24.54
CA SER D 116 -16.52 23.07 -23.82
C SER D 116 -17.42 24.21 -24.26
N GLU D 117 -16.84 25.40 -24.43
CA GLU D 117 -17.62 26.57 -24.85
C GLU D 117 -18.29 26.31 -26.19
N GLY D 118 -17.51 25.93 -27.19
CA GLY D 118 -18.05 25.71 -28.51
C GLY D 118 -19.04 24.56 -28.52
N THR D 119 -18.74 23.49 -27.79
CA THR D 119 -19.66 22.37 -27.74
C THR D 119 -21.01 22.76 -27.16
N LYS D 120 -20.98 23.49 -26.03
CA LYS D 120 -22.23 23.89 -25.41
C LYS D 120 -22.99 24.86 -26.30
N ALA D 121 -22.28 25.79 -26.94
CA ALA D 121 -22.95 26.72 -27.83
C ALA D 121 -23.60 25.97 -29.00
N VAL D 122 -22.89 25.00 -29.56
CA VAL D 122 -23.43 24.22 -30.66
C VAL D 122 -24.65 23.44 -30.22
N THR D 123 -24.58 22.81 -29.04
CA THR D 123 -25.70 22.03 -28.54
C THR D 123 -26.92 22.93 -28.30
N LYS D 124 -26.70 24.11 -27.73
CA LYS D 124 -27.80 25.04 -27.52
C LYS D 124 -28.40 25.48 -28.85
N TYR D 125 -27.55 25.80 -29.82
CA TYR D 125 -28.03 26.26 -31.11
C TYR D 125 -28.81 25.17 -31.82
N THR D 126 -28.33 23.93 -31.75
CA THR D 126 -28.99 22.82 -32.42
C THR D 126 -30.26 22.36 -31.72
N SER D 127 -30.31 22.48 -30.39
CA SER D 127 -31.50 22.10 -29.65
C SER D 127 -32.70 22.97 -29.96
N ALA D 128 -32.48 24.17 -30.48
CA ALA D 128 -33.58 25.05 -30.88
C ALA D 128 -33.38 25.51 -32.32
N LYS E 41 30.59 63.34 2.84
CA LYS E 41 29.45 64.14 3.27
C LYS E 41 28.41 64.39 2.17
N PRO E 42 28.83 64.75 0.95
CA PRO E 42 27.85 64.87 -0.14
C PRO E 42 27.16 63.55 -0.40
N HIS E 43 25.86 63.63 -0.73
CA HIS E 43 25.06 62.43 -0.96
C HIS E 43 25.32 61.92 -2.37
N ARG E 44 26.26 60.99 -2.50
CA ARG E 44 26.58 60.35 -3.78
C ARG E 44 26.35 58.86 -3.59
N TYR E 45 25.32 58.33 -4.26
CA TYR E 45 24.93 56.95 -4.05
C TYR E 45 25.92 55.99 -4.69
N ARG E 46 25.86 54.73 -4.25
CA ARG E 46 26.74 53.72 -4.78
C ARG E 46 26.45 53.49 -6.27
N PRO E 47 27.47 53.21 -7.09
CA PRO E 47 27.24 53.03 -8.52
C PRO E 47 26.35 51.84 -8.82
N GLY E 48 25.19 52.10 -9.42
CA GLY E 48 24.24 51.05 -9.74
C GLY E 48 22.88 51.33 -9.17
N THR E 49 22.84 51.90 -7.97
CA THR E 49 21.57 52.28 -7.37
C THR E 49 20.86 53.32 -8.23
N VAL E 50 21.62 54.27 -8.77
CA VAL E 50 21.07 55.17 -9.78
C VAL E 50 20.57 54.38 -10.97
N ALA E 51 21.38 53.43 -11.44
CA ALA E 51 20.94 52.57 -12.53
C ALA E 51 19.74 51.73 -12.12
N LEU E 52 19.69 51.30 -10.87
CA LEU E 52 18.53 50.56 -10.39
C LEU E 52 17.27 51.40 -10.50
N ARG E 53 17.34 52.67 -10.07
CA ARG E 53 16.18 53.54 -10.18
C ARG E 53 15.80 53.78 -11.62
N GLU E 54 16.80 53.96 -12.49
CA GLU E 54 16.51 54.14 -13.92
C GLU E 54 15.79 52.93 -14.48
N ILE E 55 16.26 51.73 -14.13
CA ILE E 55 15.64 50.51 -14.62
C ILE E 55 14.21 50.38 -14.10
N ARG E 56 14.01 50.67 -12.82
CA ARG E 56 12.66 50.57 -12.24
C ARG E 56 11.72 51.55 -12.92
N ARG E 57 12.19 52.79 -13.14
CA ARG E 57 11.37 53.79 -13.80
C ARG E 57 11.03 53.37 -15.22
N TYR E 58 12.02 52.85 -15.95
CA TYR E 58 11.79 52.49 -17.34
C TYR E 58 10.88 51.29 -17.47
N GLN E 59 11.03 50.30 -16.58
CA GLN E 59 10.10 49.18 -16.56
C GLN E 59 8.70 49.62 -16.20
N LYS E 60 8.56 50.51 -15.22
CA LYS E 60 7.25 51.02 -14.83
C LYS E 60 6.66 51.95 -15.88
N SER E 61 7.50 52.66 -16.63
CA SER E 61 7.06 53.54 -17.70
C SER E 61 7.07 52.79 -19.02
N THR E 62 6.50 53.41 -20.05
CA THR E 62 6.43 52.78 -21.36
C THR E 62 6.70 53.74 -22.51
N GLU E 63 7.09 54.98 -22.25
CA GLU E 63 7.24 55.98 -23.29
C GLU E 63 8.48 55.70 -24.15
N LEU E 64 8.56 56.44 -25.25
CA LEU E 64 9.70 56.35 -26.14
C LEU E 64 10.92 57.01 -25.52
N LEU E 65 12.04 56.30 -25.53
CA LEU E 65 13.29 56.83 -25.00
C LEU E 65 14.17 57.48 -26.06
N ILE E 66 13.65 57.67 -27.26
CA ILE E 66 14.39 58.26 -28.37
C ILE E 66 13.66 59.52 -28.81
N ARG E 67 14.41 60.60 -28.99
CA ARG E 67 13.82 61.80 -29.55
C ARG E 67 13.39 61.54 -30.99
N LYS E 68 12.19 62.03 -31.33
CA LYS E 68 11.52 61.55 -32.53
C LYS E 68 12.11 62.16 -33.80
N LEU E 69 12.55 63.41 -33.74
CA LEU E 69 13.10 64.04 -34.94
C LEU E 69 14.32 63.33 -35.49
N PRO E 70 15.35 63.00 -34.70
CA PRO E 70 16.50 62.27 -35.29
C PRO E 70 16.11 60.92 -35.83
N PHE E 71 15.22 60.20 -35.15
CA PHE E 71 14.79 58.91 -35.65
C PHE E 71 14.07 59.05 -36.98
N GLN E 72 13.18 60.03 -37.09
CA GLN E 72 12.47 60.26 -38.33
C GLN E 72 13.42 60.62 -39.46
N ARG E 73 14.39 61.49 -39.18
CA ARG E 73 15.36 61.86 -40.20
C ARG E 73 16.17 60.64 -40.65
N LEU E 74 16.58 59.81 -39.70
CA LEU E 74 17.32 58.60 -40.05
C LEU E 74 16.47 57.67 -40.91
N VAL E 75 15.20 57.51 -40.55
CA VAL E 75 14.31 56.64 -41.31
C VAL E 75 14.14 57.17 -42.72
N ARG E 76 13.96 58.49 -42.86
CA ARG E 76 13.80 59.07 -44.18
C ARG E 76 15.06 58.90 -45.01
N GLU E 77 16.23 59.06 -44.38
CA GLU E 77 17.48 58.83 -45.09
C GLU E 77 17.57 57.38 -45.58
N ILE E 78 17.24 56.44 -44.71
CA ILE E 78 17.29 55.03 -45.10
C ILE E 78 16.33 54.77 -46.24
N ALA E 79 15.11 55.31 -46.16
CA ALA E 79 14.14 55.11 -47.22
C ALA E 79 14.61 55.68 -48.54
N GLN E 80 15.16 56.90 -48.51
CA GLN E 80 15.67 57.49 -49.74
C GLN E 80 16.86 56.71 -50.28
N ASP E 81 17.53 55.95 -49.40
CA ASP E 81 18.56 55.05 -49.89
C ASP E 81 18.00 53.98 -50.83
N PHE E 82 16.70 53.72 -50.76
CA PHE E 82 16.06 52.81 -51.69
C PHE E 82 15.47 53.56 -52.88
N LYS E 83 14.51 54.45 -52.61
CA LYS E 83 13.93 55.30 -53.64
C LYS E 83 13.77 56.70 -53.10
N THR E 84 14.01 57.69 -53.96
CA THR E 84 13.88 59.08 -53.58
C THR E 84 12.42 59.52 -53.63
N ASP E 85 12.14 60.63 -52.95
CA ASP E 85 10.86 61.35 -53.02
C ASP E 85 9.70 60.45 -52.60
N LEU E 86 9.74 60.06 -51.34
CA LEU E 86 8.71 59.24 -50.73
C LEU E 86 8.10 59.98 -49.53
N ARG E 87 6.78 59.91 -49.43
CA ARG E 87 6.05 60.53 -48.33
C ARG E 87 5.78 59.50 -47.24
N PHE E 88 5.72 59.99 -46.00
CA PHE E 88 5.53 59.14 -44.84
C PHE E 88 4.43 59.70 -43.96
N GLN E 89 3.49 58.84 -43.58
CA GLN E 89 2.52 59.23 -42.56
C GLN E 89 3.20 59.27 -41.20
N SER E 90 2.76 60.23 -40.37
CA SER E 90 3.30 60.32 -39.02
C SER E 90 3.04 59.04 -38.24
N SER E 91 1.84 58.48 -38.40
CA SER E 91 1.52 57.20 -37.77
C SER E 91 2.51 56.13 -38.18
N ALA E 92 2.91 56.12 -39.45
CA ALA E 92 3.89 55.14 -39.91
C ALA E 92 5.19 55.27 -39.14
N VAL E 93 5.69 56.50 -39.00
CA VAL E 93 6.95 56.71 -38.29
C VAL E 93 6.81 56.33 -36.83
N MET E 94 5.65 56.62 -36.22
CA MET E 94 5.44 56.24 -34.83
C MET E 94 5.47 54.74 -34.67
N ALA E 95 4.83 54.02 -35.58
CA ALA E 95 4.87 52.57 -35.54
C ALA E 95 6.30 52.07 -35.72
N LEU E 96 7.05 52.72 -36.59
CA LEU E 96 8.45 52.34 -36.78
C LEU E 96 9.23 52.47 -35.47
N GLN E 97 9.07 53.60 -34.80
CA GLN E 97 9.79 53.79 -33.54
C GLN E 97 9.34 52.76 -32.51
N GLU E 98 8.03 52.49 -32.45
CA GLU E 98 7.52 51.48 -31.53
C GLU E 98 8.20 50.13 -31.77
N ALA E 99 8.19 49.69 -33.03
CA ALA E 99 8.74 48.37 -33.34
C ALA E 99 10.23 48.33 -33.05
N CYS E 100 10.96 49.37 -33.47
CA CYS E 100 12.40 49.38 -33.26
C CYS E 100 12.73 49.36 -31.78
N GLU E 101 12.05 50.19 -31.00
CA GLU E 101 12.35 50.26 -29.57
C GLU E 101 12.04 48.94 -28.89
N ALA E 102 10.89 48.34 -29.21
CA ALA E 102 10.54 47.06 -28.59
C ALA E 102 11.54 45.98 -28.97
N TYR E 103 11.91 45.91 -30.24
CA TYR E 103 12.86 44.92 -30.71
C TYR E 103 14.21 45.10 -30.02
N LEU E 104 14.65 46.34 -29.89
CA LEU E 104 15.94 46.60 -29.25
C LEU E 104 15.89 46.31 -27.76
N VAL E 105 14.74 46.56 -27.13
CA VAL E 105 14.62 46.23 -25.71
C VAL E 105 14.72 44.73 -25.51
N GLY E 106 14.03 43.96 -26.36
CA GLY E 106 14.16 42.51 -26.28
C GLY E 106 15.59 42.07 -26.53
N LEU E 107 16.26 42.70 -27.49
CA LEU E 107 17.65 42.39 -27.77
C LEU E 107 18.52 42.68 -26.56
N PHE E 108 18.26 43.81 -25.88
CA PHE E 108 19.00 44.14 -24.68
C PHE E 108 18.79 43.11 -23.58
N GLU E 109 17.54 42.65 -23.41
CA GLU E 109 17.27 41.64 -22.41
C GLU E 109 18.04 40.37 -22.71
N ASP E 110 18.03 39.95 -23.97
CA ASP E 110 18.76 38.74 -24.34
C ASP E 110 20.27 38.93 -24.16
N THR E 111 20.77 40.12 -24.48
CA THR E 111 22.19 40.39 -24.29
C THR E 111 22.56 40.36 -22.81
N ASN E 112 21.67 40.88 -21.96
CA ASN E 112 21.88 40.77 -20.52
C ASN E 112 21.91 39.32 -20.08
N LEU E 113 21.02 38.50 -20.64
CA LEU E 113 21.07 37.08 -20.36
C LEU E 113 22.41 36.49 -20.77
N CYS E 114 22.92 36.89 -21.93
CA CYS E 114 24.22 36.41 -22.39
C CYS E 114 25.33 36.80 -21.43
N ALA E 115 25.35 38.07 -21.01
CA ALA E 115 26.39 38.53 -20.11
C ALA E 115 26.32 37.82 -18.77
N ILE E 116 25.10 37.61 -18.26
CA ILE E 116 24.92 36.90 -16.99
C ILE E 116 25.37 35.45 -17.12
N HIS E 117 25.16 34.84 -18.29
CA HIS E 117 25.68 33.50 -18.51
C HIS E 117 27.18 33.46 -18.35
N ALA E 118 27.88 34.49 -18.85
CA ALA E 118 29.30 34.64 -18.60
C ALA E 118 29.58 35.17 -17.21
N LYS E 119 28.55 35.32 -16.39
CA LYS E 119 28.67 35.81 -15.01
C LYS E 119 29.42 37.14 -14.97
N ARG E 120 29.01 38.05 -15.86
CA ARG E 120 29.51 39.41 -15.90
C ARG E 120 28.32 40.36 -15.78
N VAL E 121 28.61 41.63 -15.52
CA VAL E 121 27.56 42.64 -15.39
C VAL E 121 27.74 43.70 -16.46
N THR E 122 28.97 43.86 -16.95
CA THR E 122 29.22 44.78 -18.05
C THR E 122 29.06 44.06 -19.39
N ILE E 123 28.50 44.78 -20.35
CA ILE E 123 28.11 44.20 -21.64
C ILE E 123 29.27 44.34 -22.63
N MET E 124 29.30 43.47 -23.62
CA MET E 124 30.28 43.48 -24.68
C MET E 124 29.59 43.15 -26.00
N PRO E 125 30.07 43.70 -27.10
CA PRO E 125 29.41 43.46 -28.40
C PRO E 125 29.37 41.98 -28.79
N LYS E 126 30.34 41.20 -28.32
CA LYS E 126 30.34 39.77 -28.60
C LYS E 126 29.06 39.11 -28.12
N ASP E 127 28.53 39.57 -26.98
CA ASP E 127 27.26 39.05 -26.49
C ASP E 127 26.15 39.34 -27.49
N ILE E 128 26.15 40.56 -28.05
CA ILE E 128 25.16 40.92 -29.05
C ILE E 128 25.27 40.01 -30.27
N GLN E 129 26.49 39.79 -30.75
CA GLN E 129 26.68 38.95 -31.92
C GLN E 129 26.21 37.53 -31.67
N LEU E 130 26.56 36.98 -30.50
CA LEU E 130 26.12 35.63 -30.17
C LEU E 130 24.61 35.55 -30.07
N ALA E 131 23.98 36.55 -29.43
CA ALA E 131 22.54 36.55 -29.30
C ALA E 131 21.87 36.56 -30.65
N ARG E 132 22.35 37.40 -31.57
CA ARG E 132 21.76 37.45 -32.90
C ARG E 132 21.96 36.13 -33.62
N ARG E 133 23.15 35.51 -33.47
CA ARG E 133 23.40 34.24 -34.13
C ARG E 133 22.48 33.16 -33.62
N ILE E 134 22.29 33.08 -32.31
CA ILE E 134 21.40 32.06 -31.75
C ILE E 134 19.96 32.34 -32.14
N ARG E 135 19.58 33.61 -32.20
CA ARG E 135 18.28 33.97 -32.75
C ARG E 135 18.18 33.59 -34.22
N GLY E 136 19.32 33.30 -34.85
CA GLY E 136 19.37 33.07 -36.27
C GLY E 136 19.53 34.33 -37.07
N GLU E 137 19.52 35.50 -36.42
CA GLU E 137 19.82 36.74 -37.11
C GLU E 137 21.24 36.74 -37.67
N ARG E 138 22.15 36.00 -37.03
CA ARG E 138 23.49 35.82 -37.57
C ARG E 138 23.79 34.34 -37.71
N LYS F 24 15.67 67.94 -49.67
CA LYS F 24 17.12 67.86 -49.51
C LYS F 24 17.54 66.43 -49.16
N VAL F 25 18.69 66.01 -49.68
CA VAL F 25 19.20 64.67 -49.44
C VAL F 25 19.62 64.54 -47.99
N LEU F 26 19.15 63.48 -47.33
CA LEU F 26 19.45 63.22 -45.93
C LEU F 26 20.58 62.21 -45.83
N ARG F 27 21.62 62.55 -45.09
CA ARG F 27 22.78 61.69 -44.95
C ARG F 27 23.26 61.69 -43.50
N ASP F 28 23.75 60.54 -43.06
CA ASP F 28 24.40 60.38 -41.77
C ASP F 28 23.52 60.89 -40.63
N ASN F 29 22.23 60.60 -40.72
CA ASN F 29 21.32 60.86 -39.61
C ASN F 29 21.37 59.74 -38.58
N ILE F 30 22.11 58.68 -38.84
CA ILE F 30 22.24 57.57 -37.90
C ILE F 30 22.87 58.04 -36.60
N GLN F 31 23.83 58.96 -36.68
CA GLN F 31 24.41 59.53 -35.48
C GLN F 31 23.40 60.35 -34.70
N GLY F 32 22.27 60.71 -35.31
CA GLY F 32 21.20 61.35 -34.57
C GLY F 32 20.66 60.49 -33.46
N ILE F 33 20.90 59.18 -33.53
CA ILE F 33 20.50 58.27 -32.46
C ILE F 33 21.46 58.49 -31.30
N THR F 34 21.02 59.26 -30.31
CA THR F 34 21.90 59.69 -29.25
C THR F 34 22.38 58.51 -28.42
N LYS F 35 23.67 58.52 -28.10
CA LYS F 35 24.18 57.58 -27.10
C LYS F 35 23.40 57.66 -25.80
N PRO F 36 23.02 58.83 -25.28
CA PRO F 36 22.10 58.85 -24.14
C PRO F 36 20.79 58.14 -24.42
N ALA F 37 20.24 58.24 -25.62
CA ALA F 37 19.04 57.47 -25.95
C ALA F 37 19.32 55.98 -25.88
N ILE F 38 20.49 55.57 -26.38
CA ILE F 38 20.89 54.18 -26.29
C ILE F 38 20.98 53.75 -24.83
N ARG F 39 21.54 54.60 -23.99
CA ARG F 39 21.67 54.28 -22.57
C ARG F 39 20.31 54.16 -21.91
N ARG F 40 19.38 55.05 -22.26
CA ARG F 40 18.02 54.95 -21.73
C ARG F 40 17.37 53.64 -22.13
N LEU F 41 17.51 53.26 -23.40
CA LEU F 41 16.96 52.00 -23.87
C LEU F 41 17.60 50.83 -23.14
N ALA F 42 18.91 50.90 -22.92
CA ALA F 42 19.61 49.84 -22.22
C ALA F 42 19.11 49.71 -20.78
N ARG F 43 18.95 50.83 -20.10
CA ARG F 43 18.43 50.79 -18.73
C ARG F 43 17.01 50.25 -18.71
N ARG F 44 16.22 50.57 -19.73
CA ARG F 44 14.91 49.96 -19.86
C ARG F 44 15.03 48.45 -20.04
N GLY F 45 16.04 48.02 -20.79
CA GLY F 45 16.35 46.61 -20.92
C GLY F 45 17.09 46.03 -19.74
N GLY F 46 17.35 46.83 -18.70
CA GLY F 46 17.99 46.37 -17.50
C GLY F 46 19.51 46.41 -17.53
N VAL F 47 20.11 47.00 -18.57
CA VAL F 47 21.55 47.02 -18.67
C VAL F 47 22.14 47.94 -17.60
N LYS F 48 23.30 47.56 -17.08
CA LYS F 48 23.95 48.31 -16.01
C LYS F 48 25.21 49.02 -16.45
N ARG F 49 26.19 48.30 -17.01
CA ARG F 49 27.43 48.90 -17.47
C ARG F 49 27.62 48.60 -18.94
N ILE F 50 28.02 49.62 -19.70
CA ILE F 50 27.97 49.59 -21.15
C ILE F 50 29.39 49.67 -21.70
N SER F 51 29.73 48.77 -22.61
CA SER F 51 30.97 48.90 -23.36
C SER F 51 30.86 50.04 -24.37
N GLY F 52 31.98 50.61 -24.76
CA GLY F 52 31.97 51.75 -25.66
C GLY F 52 31.57 51.38 -27.09
N LEU F 53 31.89 50.16 -27.50
CA LEU F 53 31.56 49.73 -28.85
C LEU F 53 30.13 49.24 -28.98
N ILE F 54 29.39 49.21 -27.88
CA ILE F 54 27.99 48.81 -27.94
C ILE F 54 27.20 49.75 -28.82
N TYR F 55 27.53 51.05 -28.76
CA TYR F 55 26.73 52.05 -29.45
C TYR F 55 26.77 51.87 -30.96
N GLU F 56 27.96 51.70 -31.53
CA GLU F 56 28.06 51.56 -32.98
C GLU F 56 27.59 50.18 -33.43
N GLU F 57 27.85 49.15 -32.62
CA GLU F 57 27.30 47.83 -32.91
C GLU F 57 25.78 47.90 -33.03
N THR F 58 25.13 48.54 -32.05
CA THR F 58 23.69 48.67 -32.08
C THR F 58 23.25 49.55 -33.25
N ARG F 59 24.02 50.59 -33.56
CA ARG F 59 23.67 51.42 -34.71
C ARG F 59 23.63 50.59 -35.98
N GLY F 60 24.65 49.77 -36.21
CA GLY F 60 24.64 48.91 -37.38
C GLY F 60 23.52 47.89 -37.36
N VAL F 61 23.26 47.29 -36.19
CA VAL F 61 22.20 46.30 -36.08
C VAL F 61 20.85 46.91 -36.44
N LEU F 62 20.55 48.07 -35.87
CA LEU F 62 19.31 48.75 -36.18
C LEU F 62 19.28 49.19 -37.62
N LYS F 63 20.43 49.57 -38.17
CA LYS F 63 20.51 49.92 -39.58
C LYS F 63 20.01 48.78 -40.44
N VAL F 64 20.55 47.59 -40.21
CA VAL F 64 20.15 46.41 -40.98
C VAL F 64 18.67 46.10 -40.76
N PHE F 65 18.25 46.17 -39.50
CA PHE F 65 16.87 45.89 -39.16
C PHE F 65 15.92 46.80 -39.93
N LEU F 66 16.21 48.10 -39.93
CA LEU F 66 15.41 49.06 -40.66
C LEU F 66 15.46 48.82 -42.14
N GLU F 67 16.63 48.48 -42.69
CA GLU F 67 16.72 48.17 -44.10
C GLU F 67 15.74 47.06 -44.46
N ASN F 68 15.78 45.97 -43.69
CA ASN F 68 14.89 44.84 -43.95
C ASN F 68 13.44 45.24 -43.85
N VAL F 69 13.07 45.98 -42.80
CA VAL F 69 11.66 46.33 -42.63
C VAL F 69 11.18 47.25 -43.74
N ILE F 70 11.95 48.31 -44.01
CA ILE F 70 11.57 49.30 -45.00
C ILE F 70 11.51 48.72 -46.39
N ARG F 71 12.39 47.78 -46.72
CA ARG F 71 12.31 47.14 -48.03
C ARG F 71 10.92 46.55 -48.25
N ASP F 72 10.46 45.73 -47.30
CA ASP F 72 9.15 45.13 -47.42
C ASP F 72 8.05 46.17 -47.41
N ALA F 73 8.17 47.17 -46.54
CA ALA F 73 7.14 48.19 -46.46
C ALA F 73 6.97 48.91 -47.79
N VAL F 74 8.09 49.29 -48.40
CA VAL F 74 8.05 49.93 -49.70
C VAL F 74 7.47 48.99 -50.74
N THR F 75 7.89 47.73 -50.71
CA THR F 75 7.33 46.74 -51.64
C THR F 75 5.82 46.71 -51.54
N TYR F 76 5.29 46.78 -50.32
CA TYR F 76 3.85 46.94 -50.14
C TYR F 76 3.36 48.21 -50.81
N THR F 77 3.99 49.34 -50.50
CA THR F 77 3.55 50.61 -51.09
C THR F 77 3.74 50.59 -52.60
N GLU F 78 4.85 50.01 -53.06
CA GLU F 78 5.09 49.93 -54.49
C GLU F 78 3.98 49.14 -55.19
N HIS F 79 3.67 47.95 -54.68
CA HIS F 79 2.59 47.18 -55.28
C HIS F 79 1.26 47.88 -55.11
N ALA F 80 1.14 48.72 -54.09
CA ALA F 80 -0.04 49.55 -53.89
C ALA F 80 -0.10 50.70 -54.87
N LYS F 81 0.96 50.94 -55.64
CA LYS F 81 1.02 52.04 -56.59
C LYS F 81 0.79 53.38 -55.89
N ARG F 82 1.31 53.50 -54.68
CA ARG F 82 1.19 54.71 -53.89
C ARG F 82 2.55 55.38 -53.74
N LYS F 83 2.56 56.50 -53.00
CA LYS F 83 3.77 57.26 -52.75
C LYS F 83 3.90 57.69 -51.30
N THR F 84 2.90 57.44 -50.46
CA THR F 84 2.95 57.74 -49.04
C THR F 84 2.84 56.46 -48.26
N VAL F 85 3.54 56.38 -47.13
CA VAL F 85 3.70 55.12 -46.39
C VAL F 85 2.60 55.09 -45.32
N THR F 86 1.65 54.17 -45.50
CA THR F 86 0.67 53.92 -44.45
C THR F 86 1.21 52.93 -43.44
N ALA F 87 0.67 52.98 -42.23
CA ALA F 87 1.13 52.10 -41.17
C ALA F 87 0.78 50.65 -41.46
N MET F 88 -0.31 50.41 -42.21
CA MET F 88 -0.74 49.05 -42.46
C MET F 88 0.30 48.25 -43.21
N ASP F 89 1.01 48.88 -44.15
CA ASP F 89 2.11 48.22 -44.83
C ASP F 89 3.18 47.81 -43.84
N VAL F 90 3.48 48.68 -42.88
CA VAL F 90 4.45 48.37 -41.85
C VAL F 90 4.00 47.17 -41.04
N VAL F 91 2.72 47.14 -40.68
CA VAL F 91 2.21 46.00 -39.91
C VAL F 91 2.32 44.72 -40.73
N TYR F 92 2.03 44.81 -42.02
CA TYR F 92 2.16 43.65 -42.89
C TYR F 92 3.59 43.17 -42.92
N ALA F 93 4.55 44.09 -42.99
CA ALA F 93 5.95 43.69 -42.99
C ALA F 93 6.33 43.02 -41.67
N LEU F 94 5.90 43.61 -40.56
CA LEU F 94 6.22 43.06 -39.24
C LEU F 94 5.62 41.67 -39.06
N LYS F 95 4.37 41.49 -39.46
CA LYS F 95 3.78 40.16 -39.47
C LYS F 95 4.55 39.22 -40.37
N ARG F 96 4.97 39.71 -41.54
CA ARG F 96 5.78 38.90 -42.44
C ARG F 96 7.08 38.51 -41.78
N GLN F 97 7.70 39.44 -41.07
CA GLN F 97 8.90 39.14 -40.31
C GLN F 97 8.60 38.49 -38.97
N GLY F 98 7.38 38.01 -38.78
CA GLY F 98 7.03 37.31 -37.57
C GLY F 98 6.99 38.15 -36.33
N ARG F 99 6.94 39.47 -36.47
CA ARG F 99 6.95 40.39 -35.33
C ARG F 99 5.56 41.00 -35.21
N THR F 100 4.81 40.52 -34.22
CA THR F 100 3.44 40.98 -34.04
C THR F 100 3.38 42.19 -33.11
N LEU F 101 2.67 43.22 -33.55
CA LEU F 101 2.47 44.44 -32.77
C LEU F 101 1.00 44.83 -32.81
N TYR F 102 0.48 45.26 -31.68
CA TYR F 102 -0.89 45.73 -31.58
C TYR F 102 -0.92 47.23 -31.27
N GLY F 103 -2.08 47.83 -31.49
CA GLY F 103 -2.29 49.25 -31.32
C GLY F 103 -2.35 50.00 -32.63
N PHE F 104 -1.49 49.64 -33.58
CA PHE F 104 -1.53 50.21 -34.92
C PHE F 104 -2.36 49.40 -35.88
N GLY F 105 -2.88 48.26 -35.45
CA GLY F 105 -3.73 47.45 -36.30
C GLY F 105 -5.05 48.09 -36.64
N GLY F 106 -5.42 49.15 -35.93
CA GLY F 106 -6.68 49.82 -36.18
C GLY F 106 -7.34 50.28 -34.90
N LYS G 19 3.22 21.03 -78.28
CA LYS G 19 2.09 21.88 -77.92
C LYS G 19 1.93 21.96 -76.40
N THR G 20 3.03 22.28 -75.72
CA THR G 20 3.05 22.43 -74.27
C THR G 20 3.41 23.86 -73.90
N ARG G 21 2.73 24.39 -72.89
CA ARG G 21 2.96 25.77 -72.48
C ARG G 21 4.40 25.98 -72.03
N SER G 22 5.01 24.96 -71.43
CA SER G 22 6.42 25.07 -71.07
C SER G 22 7.27 25.32 -72.31
N SER G 23 6.99 24.58 -73.39
CA SER G 23 7.64 24.88 -74.66
C SER G 23 7.23 26.26 -75.18
N ARG G 24 5.95 26.61 -75.02
CA ARG G 24 5.50 27.94 -75.41
C ARG G 24 6.24 29.02 -74.64
N ALA G 25 6.55 28.75 -73.38
CA ALA G 25 7.35 29.65 -72.57
C ALA G 25 8.83 29.31 -72.61
N GLY G 26 9.22 28.30 -73.37
CA GLY G 26 10.61 27.86 -73.39
C GLY G 26 11.06 27.28 -72.07
N LEU G 27 10.21 26.53 -71.41
CA LEU G 27 10.48 25.97 -70.09
C LEU G 27 10.45 24.46 -70.13
N GLN G 28 10.85 23.87 -69.01
CA GLN G 28 10.79 22.42 -68.83
C GLN G 28 9.75 21.98 -67.80
N PHE G 29 9.40 22.85 -66.86
CA PHE G 29 8.44 22.51 -65.83
C PHE G 29 7.01 22.58 -66.38
N PRO G 30 6.11 21.72 -65.86
CA PRO G 30 4.76 21.61 -66.45
C PRO G 30 3.89 22.80 -66.05
N VAL G 31 3.64 23.68 -67.01
CA VAL G 31 2.75 24.81 -66.74
C VAL G 31 1.35 24.32 -66.43
N GLY G 32 0.88 23.31 -67.16
CA GLY G 32 -0.46 22.79 -66.90
C GLY G 32 -0.59 22.20 -65.51
N ARG G 33 0.37 21.39 -65.10
CA ARG G 33 0.34 20.83 -63.75
C ARG G 33 0.41 21.92 -62.70
N VAL G 34 1.26 22.93 -62.94
CA VAL G 34 1.40 24.03 -61.98
C VAL G 34 0.10 24.78 -61.82
N HIS G 35 -0.55 25.11 -62.94
CA HIS G 35 -1.82 25.83 -62.89
C HIS G 35 -2.90 24.96 -62.22
N ARG G 36 -2.89 23.67 -62.52
CA ARG G 36 -3.83 22.75 -61.88
C ARG G 36 -3.66 22.76 -60.37
N LEU G 37 -2.41 22.69 -59.91
CA LEU G 37 -2.14 22.75 -58.47
C LEU G 37 -2.55 24.10 -57.90
N LEU G 38 -2.31 25.18 -58.65
CA LEU G 38 -2.71 26.51 -58.20
C LEU G 38 -4.20 26.57 -57.94
N ARG G 39 -5.00 26.00 -58.86
CA ARG G 39 -6.43 25.92 -58.62
C ARG G 39 -6.73 25.02 -57.43
N LYS G 40 -6.02 23.90 -57.32
CA LYS G 40 -6.22 22.98 -56.20
C LYS G 40 -5.73 23.57 -54.88
N GLY G 41 -4.82 24.52 -54.93
CA GLY G 41 -4.22 25.07 -53.72
C GLY G 41 -5.09 26.04 -52.97
N ASN G 42 -6.25 26.40 -53.51
CA ASN G 42 -7.22 27.26 -52.83
C ASN G 42 -6.61 28.61 -52.48
N TYR G 43 -5.59 29.01 -53.24
CA TYR G 43 -4.88 30.25 -52.94
C TYR G 43 -5.68 31.48 -53.31
N SER G 44 -6.62 31.37 -54.23
CA SER G 44 -7.47 32.48 -54.62
C SER G 44 -8.63 31.92 -55.43
N GLU G 45 -9.61 32.78 -55.69
CA GLU G 45 -10.75 32.36 -56.51
C GLU G 45 -10.41 32.28 -57.99
N ARG G 46 -9.69 33.27 -58.52
CA ARG G 46 -9.45 33.36 -59.94
C ARG G 46 -7.96 33.25 -60.21
N VAL G 47 -7.61 32.51 -61.26
CA VAL G 47 -6.22 32.23 -61.60
C VAL G 47 -5.89 32.92 -62.91
N GLY G 48 -4.83 33.73 -62.89
CA GLY G 48 -4.40 34.42 -64.10
C GLY G 48 -3.67 33.49 -65.04
N ALA G 49 -3.26 34.05 -66.18
CA ALA G 49 -2.61 33.24 -67.21
C ALA G 49 -1.09 33.27 -67.09
N GLY G 50 -0.50 34.47 -66.99
CA GLY G 50 0.94 34.58 -66.94
C GLY G 50 1.56 34.26 -65.60
N ALA G 51 0.77 34.23 -64.54
CA ALA G 51 1.31 33.92 -63.22
C ALA G 51 1.90 32.53 -63.13
N PRO G 52 1.22 31.45 -63.55
CA PRO G 52 1.87 30.13 -63.49
C PRO G 52 3.12 30.05 -64.34
N VAL G 53 3.13 30.72 -65.49
CA VAL G 53 4.30 30.74 -66.34
C VAL G 53 5.46 31.41 -65.62
N TYR G 54 5.19 32.56 -64.99
CA TYR G 54 6.22 33.27 -64.25
C TYR G 54 6.74 32.41 -63.12
N LEU G 55 5.84 31.76 -62.39
CA LEU G 55 6.25 30.92 -61.28
C LEU G 55 7.10 29.76 -61.75
N ALA G 56 6.71 29.12 -62.86
CA ALA G 56 7.49 28.02 -63.38
C ALA G 56 8.88 28.50 -63.82
N ALA G 57 8.95 29.66 -64.45
CA ALA G 57 10.24 30.20 -64.87
C ALA G 57 11.14 30.45 -63.66
N VAL G 58 10.57 31.06 -62.62
CA VAL G 58 11.35 31.34 -61.43
C VAL G 58 11.82 30.04 -60.77
N LEU G 59 10.92 29.07 -60.67
CA LEU G 59 11.28 27.79 -60.07
C LEU G 59 12.39 27.10 -60.87
N GLU G 60 12.30 27.17 -62.20
CA GLU G 60 13.34 26.59 -63.03
C GLU G 60 14.66 27.29 -62.80
N TYR G 61 14.64 28.62 -62.68
CA TYR G 61 15.87 29.37 -62.42
C TYR G 61 16.49 28.94 -61.10
N LEU G 62 15.68 28.87 -60.04
CA LEU G 62 16.20 28.46 -58.74
C LEU G 62 16.70 27.03 -58.77
N THR G 63 15.96 26.15 -59.44
CA THR G 63 16.37 24.76 -59.54
C THR G 63 17.70 24.63 -60.24
N ALA G 64 17.88 25.38 -61.33
CA ALA G 64 19.16 25.37 -62.04
C ALA G 64 20.27 25.84 -61.13
N GLU G 65 20.02 26.90 -60.37
CA GLU G 65 21.03 27.39 -59.42
C GLU G 65 21.42 26.29 -58.44
N ILE G 66 20.43 25.66 -57.82
CA ILE G 66 20.70 24.68 -56.77
C ILE G 66 21.42 23.47 -57.36
N LEU G 67 20.95 22.98 -58.51
CA LEU G 67 21.57 21.82 -59.12
C LEU G 67 22.99 22.10 -59.57
N GLU G 68 23.24 23.30 -60.10
CA GLU G 68 24.60 23.67 -60.47
C GLU G 68 25.50 23.65 -59.24
N LEU G 69 25.04 24.25 -58.14
CA LEU G 69 25.87 24.26 -56.94
C LEU G 69 26.13 22.85 -56.42
N ALA G 70 25.10 22.02 -56.41
CA ALA G 70 25.25 20.66 -55.90
C ALA G 70 26.19 19.84 -56.78
N GLY G 71 26.05 19.98 -58.10
CA GLY G 71 26.92 19.26 -59.00
C GLY G 71 28.37 19.71 -58.89
N ASN G 72 28.57 21.02 -58.72
CA ASN G 72 29.92 21.51 -58.47
C ASN G 72 30.48 20.93 -57.19
N ALA G 73 29.65 20.84 -56.15
CA ALA G 73 30.07 20.19 -54.92
C ALA G 73 30.44 18.74 -55.16
N ALA G 74 29.74 18.09 -56.08
CA ALA G 74 30.02 16.68 -56.38
C ALA G 74 31.42 16.51 -56.95
N ARG G 75 31.80 17.36 -57.90
CA ARG G 75 33.14 17.27 -58.46
C ARG G 75 34.18 17.69 -57.44
N ASP G 76 33.77 18.45 -56.42
CA ASP G 76 34.70 18.93 -55.40
C ASP G 76 35.25 17.80 -54.54
N ASN G 77 34.48 16.75 -54.31
CA ASN G 77 34.97 15.57 -53.60
C ASN G 77 35.18 14.41 -54.56
N LYS G 78 35.46 14.70 -55.83
CA LYS G 78 35.81 13.69 -56.82
C LYS G 78 34.70 12.68 -57.06
N LYS G 79 33.46 13.16 -57.14
CA LYS G 79 32.31 12.29 -57.37
C LYS G 79 31.41 12.89 -58.44
N THR G 80 30.54 12.03 -58.99
CA THR G 80 29.71 12.43 -60.12
C THR G 80 28.22 12.29 -59.86
N ARG G 81 27.80 11.87 -58.67
CA ARG G 81 26.39 11.80 -58.31
C ARG G 81 26.15 12.71 -57.12
N ILE G 82 25.09 13.52 -57.20
CA ILE G 82 24.80 14.48 -56.14
C ILE G 82 24.20 13.74 -54.95
N ILE G 83 24.64 14.09 -53.75
CA ILE G 83 24.19 13.44 -52.53
C ILE G 83 23.63 14.49 -51.59
N PRO G 84 22.82 14.09 -50.61
CA PRO G 84 22.32 15.06 -49.63
C PRO G 84 23.42 15.84 -48.95
N ARG G 85 24.58 15.21 -48.73
CA ARG G 85 25.73 15.95 -48.23
C ARG G 85 26.14 17.04 -49.21
N HIS G 86 26.17 16.72 -50.51
CA HIS G 86 26.51 17.71 -51.51
C HIS G 86 25.52 18.86 -51.50
N LEU G 87 24.23 18.54 -51.40
CA LEU G 87 23.20 19.58 -51.38
C LEU G 87 23.36 20.47 -50.15
N GLN G 88 23.60 19.86 -48.99
CA GLN G 88 23.79 20.62 -47.76
C GLN G 88 24.97 21.57 -47.89
N LEU G 89 26.08 21.06 -48.43
CA LEU G 89 27.25 21.91 -48.60
C LEU G 89 26.96 23.03 -49.58
N ALA G 90 26.29 22.72 -50.69
CA ALA G 90 26.02 23.71 -51.71
C ALA G 90 25.15 24.84 -51.17
N ILE G 91 24.11 24.49 -50.41
CA ILE G 91 23.20 25.50 -49.89
C ILE G 91 23.86 26.29 -48.76
N ARG G 92 24.45 25.58 -47.80
CA ARG G 92 25.04 26.23 -46.64
C ARG G 92 26.30 27.02 -46.99
N ASN G 93 26.84 26.85 -48.19
CA ASN G 93 27.94 27.67 -48.65
C ASN G 93 27.49 28.76 -49.61
N ASP G 94 26.19 28.98 -49.75
CA ASP G 94 25.64 30.10 -50.50
C ASP G 94 24.91 31.02 -49.54
N GLU G 95 25.24 32.31 -49.58
CA GLU G 95 24.60 33.28 -48.71
C GLU G 95 23.10 33.35 -48.99
N GLU G 96 22.72 33.54 -50.24
CA GLU G 96 21.31 33.67 -50.58
C GLU G 96 20.55 32.38 -50.26
N LEU G 97 21.12 31.23 -50.61
CA LEU G 97 20.44 29.97 -50.35
C LEU G 97 20.31 29.71 -48.86
N ASN G 98 21.43 29.80 -48.13
CA ASN G 98 21.40 29.52 -46.71
C ASN G 98 20.47 30.49 -45.99
N LYS G 99 20.47 31.75 -46.40
CA LYS G 99 19.51 32.71 -45.87
C LYS G 99 18.08 32.28 -46.16
N LEU G 100 17.79 31.92 -47.40
CA LEU G 100 16.42 31.57 -47.77
C LEU G 100 16.03 30.22 -47.19
N LEU G 101 17.00 29.38 -46.88
CA LEU G 101 16.76 28.01 -46.42
C LEU G 101 17.35 27.77 -45.04
N GLY G 102 17.37 28.80 -44.20
CA GLY G 102 17.98 28.65 -42.88
C GLY G 102 17.23 27.68 -41.98
N ARG G 103 15.91 27.74 -41.98
CA ARG G 103 15.10 26.94 -41.08
C ARG G 103 14.59 25.66 -41.74
N VAL G 104 15.36 25.11 -42.66
CA VAL G 104 14.97 23.91 -43.39
C VAL G 104 15.89 22.77 -42.98
N THR G 105 15.32 21.58 -42.86
CA THR G 105 16.03 20.39 -42.42
C THR G 105 16.11 19.40 -43.57
N ILE G 106 17.28 18.80 -43.76
CA ILE G 106 17.49 17.78 -44.78
C ILE G 106 18.27 16.64 -44.16
N ALA G 107 17.75 15.42 -44.31
CA ALA G 107 18.44 14.24 -43.81
C ALA G 107 19.70 13.98 -44.64
N GLN G 108 20.72 13.41 -44.00
CA GLN G 108 21.95 12.97 -44.65
C GLN G 108 22.72 14.13 -45.28
N GLY G 109 22.49 15.36 -44.82
CA GLY G 109 23.23 16.48 -45.37
C GLY G 109 24.54 16.75 -44.66
N GLY G 110 24.63 16.38 -43.38
CA GLY G 110 25.86 16.65 -42.66
C GLY G 110 25.95 18.13 -42.28
N VAL G 111 27.12 18.49 -41.74
CA VAL G 111 27.38 19.85 -41.29
C VAL G 111 28.61 20.38 -42.02
N LEU G 112 28.71 21.69 -42.09
CA LEU G 112 29.93 22.30 -42.59
C LEU G 112 31.04 22.10 -41.57
N PRO G 113 32.15 21.48 -41.94
CA PRO G 113 33.26 21.31 -40.99
C PRO G 113 33.87 22.64 -40.61
N ASN G 114 33.76 23.01 -39.33
CA ASN G 114 34.23 24.32 -38.89
C ASN G 114 34.77 24.21 -37.48
N ILE G 115 35.95 24.75 -37.25
CA ILE G 115 36.56 24.86 -35.93
C ILE G 115 37.05 26.29 -35.76
N GLN G 116 36.66 26.93 -34.67
CA GLN G 116 36.99 28.34 -34.47
C GLN G 116 38.48 28.52 -34.25
N ALA G 117 38.98 29.71 -34.61
CA ALA G 117 40.40 29.99 -34.45
C ALA G 117 40.83 29.96 -32.99
N VAL G 118 39.92 30.27 -32.07
CA VAL G 118 40.23 30.19 -30.66
C VAL G 118 40.53 28.75 -30.24
N LEU G 119 39.99 27.77 -30.98
CA LEU G 119 40.31 26.38 -30.74
C LEU G 119 41.64 25.96 -31.35
N LEU G 120 42.25 26.83 -32.15
CA LEU G 120 43.54 26.52 -32.77
C LEU G 120 44.67 26.91 -31.82
N PRO G 121 45.62 26.01 -31.57
CA PRO G 121 46.72 26.32 -30.65
C PRO G 121 47.56 27.49 -31.15
N LYS G 122 48.05 28.28 -30.20
CA LYS G 122 48.87 29.46 -30.46
C LYS G 122 48.25 30.38 -31.51
N LYS H 38 2.00 10.44 -56.57
CA LYS H 38 1.38 10.21 -57.87
C LYS H 38 2.04 11.07 -58.94
N GLU H 39 2.40 12.30 -58.57
CA GLU H 39 3.05 13.22 -59.49
C GLU H 39 4.15 13.99 -58.76
N SER H 40 5.13 14.43 -59.54
CA SER H 40 6.22 15.25 -59.05
C SER H 40 6.85 15.93 -60.25
N TYR H 41 8.02 16.54 -60.05
CA TYR H 41 8.73 17.23 -61.12
C TYR H 41 9.98 16.49 -61.53
N SER H 42 10.02 15.18 -61.25
CA SER H 42 11.23 14.39 -61.49
C SER H 42 11.67 14.46 -62.94
N ILE H 43 10.72 14.27 -63.86
CA ILE H 43 11.07 14.33 -65.28
C ILE H 43 11.50 15.75 -65.66
N TYR H 44 10.78 16.76 -65.17
CA TYR H 44 11.11 18.14 -65.54
C TYR H 44 12.43 18.55 -64.91
N VAL H 45 12.68 18.14 -63.67
CA VAL H 45 13.98 18.42 -63.05
C VAL H 45 15.09 17.72 -63.82
N TYR H 46 14.83 16.51 -64.30
CA TYR H 46 15.80 15.82 -65.15
C TYR H 46 16.06 16.61 -66.42
N LYS H 47 15.00 17.16 -67.01
CA LYS H 47 15.14 18.00 -68.20
C LYS H 47 16.05 19.19 -67.91
N VAL H 48 15.80 19.86 -66.79
CA VAL H 48 16.60 21.03 -66.43
C VAL H 48 18.05 20.63 -66.21
N LEU H 49 18.27 19.54 -65.48
CA LEU H 49 19.63 19.06 -65.22
C LEU H 49 20.36 18.79 -66.53
N LYS H 50 19.72 18.07 -67.44
CA LYS H 50 20.37 17.76 -68.71
C LYS H 50 20.57 19.03 -69.53
N GLN H 51 19.69 20.01 -69.38
CA GLN H 51 19.87 21.28 -70.07
C GLN H 51 21.10 22.03 -69.55
N VAL H 52 21.37 21.90 -68.25
CA VAL H 52 22.51 22.61 -67.67
C VAL H 52 23.72 21.68 -67.55
N HIS H 53 23.52 20.45 -67.07
CA HIS H 53 24.59 19.47 -66.90
C HIS H 53 24.17 18.19 -67.61
N PRO H 54 24.35 18.12 -68.92
CA PRO H 54 23.95 16.90 -69.64
C PRO H 54 24.72 15.67 -69.21
N ASP H 55 25.90 15.84 -68.61
CA ASP H 55 26.80 14.74 -68.31
C ASP H 55 26.75 14.31 -66.85
N THR H 56 25.78 14.79 -66.08
CA THR H 56 25.73 14.54 -64.65
C THR H 56 24.48 13.74 -64.32
N GLY H 57 24.66 12.66 -63.55
CA GLY H 57 23.55 11.86 -63.08
C GLY H 57 23.05 12.34 -61.72
N ILE H 58 21.84 11.92 -61.39
CA ILE H 58 21.15 12.36 -60.18
C ILE H 58 20.53 11.16 -59.48
N SER H 59 20.65 11.12 -58.16
CA SER H 59 20.01 10.07 -57.37
C SER H 59 18.54 10.40 -57.13
N SER H 60 17.78 9.37 -56.75
CA SER H 60 16.34 9.54 -56.56
C SER H 60 16.02 10.42 -55.36
N LYS H 61 16.77 10.24 -54.26
CA LYS H 61 16.51 11.03 -53.06
C LYS H 61 16.68 12.51 -53.33
N ALA H 62 17.73 12.88 -54.06
CA ALA H 62 17.92 14.26 -54.45
C ALA H 62 16.75 14.75 -55.29
N MET H 63 16.24 13.89 -56.18
CA MET H 63 15.10 14.26 -57.01
C MET H 63 13.88 14.57 -56.15
N GLY H 64 13.61 13.71 -55.17
CA GLY H 64 12.48 13.94 -54.29
C GLY H 64 12.65 15.18 -53.44
N ILE H 65 13.87 15.43 -52.97
CA ILE H 65 14.13 16.62 -52.18
C ILE H 65 13.93 17.88 -53.04
N MET H 66 14.36 17.83 -54.30
CA MET H 66 14.14 18.94 -55.20
C MET H 66 12.64 19.16 -55.44
N ASN H 67 11.89 18.08 -55.60
CA ASN H 67 10.44 18.20 -55.75
C ASN H 67 9.84 18.88 -54.52
N SER H 68 10.29 18.47 -53.34
CA SER H 68 9.79 19.06 -52.10
C SER H 68 10.11 20.55 -52.03
N PHE H 69 11.33 20.92 -52.43
CA PHE H 69 11.70 22.34 -52.45
C PHE H 69 10.83 23.12 -53.41
N VAL H 70 10.57 22.54 -54.59
CA VAL H 70 9.72 23.20 -55.57
C VAL H 70 8.35 23.44 -54.98
N ASN H 71 7.80 22.42 -54.32
CA ASN H 71 6.48 22.57 -53.70
C ASN H 71 6.48 23.63 -52.63
N ASP H 72 7.51 23.65 -51.79
CA ASP H 72 7.58 24.63 -50.71
C ASP H 72 7.62 26.05 -51.26
N ILE H 73 8.47 26.27 -52.26
CA ILE H 73 8.55 27.61 -52.85
C ILE H 73 7.25 27.98 -53.52
N PHE H 74 6.62 27.02 -54.20
CA PHE H 74 5.31 27.24 -54.78
C PHE H 74 4.33 27.73 -53.75
N GLU H 75 4.29 27.04 -52.60
CA GLU H 75 3.38 27.43 -51.54
C GLU H 75 3.69 28.83 -51.04
N ARG H 76 4.97 29.12 -50.79
CA ARG H 76 5.34 30.41 -50.25
C ARG H 76 4.90 31.53 -51.19
N ILE H 77 5.20 31.40 -52.47
CA ILE H 77 4.88 32.46 -53.41
C ILE H 77 3.38 32.58 -53.59
N ALA H 78 2.68 31.45 -53.66
CA ALA H 78 1.23 31.52 -53.83
C ALA H 78 0.57 32.20 -52.64
N GLY H 79 1.01 31.86 -51.43
CA GLY H 79 0.47 32.52 -50.25
C GLY H 79 0.81 34.00 -50.23
N GLU H 80 2.02 34.36 -50.62
CA GLU H 80 2.39 35.76 -50.66
C GLU H 80 1.54 36.52 -51.65
N ALA H 81 1.31 35.95 -52.82
CA ALA H 81 0.47 36.60 -53.82
C ALA H 81 -0.96 36.74 -53.32
N SER H 82 -1.46 35.70 -52.62
CA SER H 82 -2.79 35.80 -52.05
C SER H 82 -2.88 36.92 -51.03
N ARG H 83 -1.88 37.03 -50.16
CA ARG H 83 -1.86 38.09 -49.18
C ARG H 83 -1.82 39.45 -49.85
N LEU H 84 -1.03 39.58 -50.91
CA LEU H 84 -0.95 40.85 -51.63
C LEU H 84 -2.31 41.21 -52.22
N ALA H 85 -2.95 40.25 -52.89
CA ALA H 85 -4.25 40.52 -53.49
C ALA H 85 -5.26 40.91 -52.42
N HIS H 86 -5.25 40.22 -51.29
CA HIS H 86 -6.15 40.55 -50.20
C HIS H 86 -5.88 41.95 -49.67
N TYR H 87 -4.61 42.29 -49.46
CA TYR H 87 -4.25 43.62 -48.99
C TYR H 87 -4.70 44.67 -49.99
N ASN H 88 -4.61 44.37 -51.27
CA ASN H 88 -5.13 45.24 -52.31
C ASN H 88 -6.64 45.07 -52.50
N LYS H 89 -7.25 44.15 -51.74
CA LYS H 89 -8.69 43.89 -51.82
C LYS H 89 -9.09 43.48 -53.23
N ARG H 90 -8.16 42.90 -53.98
CA ARG H 90 -8.42 42.53 -55.36
C ARG H 90 -9.07 41.14 -55.40
N SER H 91 -9.43 40.72 -56.61
CA SER H 91 -10.10 39.43 -56.79
C SER H 91 -9.40 38.55 -57.81
N THR H 92 -8.38 39.05 -58.51
CA THR H 92 -7.66 38.29 -59.51
C THR H 92 -6.18 38.57 -59.38
N ILE H 93 -5.36 37.57 -59.73
CA ILE H 93 -3.92 37.66 -59.52
C ILE H 93 -3.21 37.75 -60.86
N THR H 94 -2.40 38.80 -61.03
CA THR H 94 -1.61 38.99 -62.23
C THR H 94 -0.14 38.68 -61.95
N SER H 95 0.67 38.79 -63.00
CA SER H 95 2.10 38.56 -62.84
C SER H 95 2.76 39.66 -62.01
N ARG H 96 2.11 40.82 -61.89
CA ARG H 96 2.65 41.88 -61.05
C ARG H 96 2.74 41.41 -59.60
N GLU H 97 1.71 40.71 -59.12
CA GLU H 97 1.74 40.16 -57.78
C GLU H 97 2.84 39.13 -57.65
N ILE H 98 3.03 38.31 -58.68
CA ILE H 98 4.09 37.31 -58.66
C ILE H 98 5.44 37.98 -58.50
N GLN H 99 5.68 39.02 -59.30
CA GLN H 99 6.94 39.74 -59.23
C GLN H 99 7.13 40.40 -57.88
N THR H 100 6.04 40.96 -57.33
CA THR H 100 6.14 41.57 -56.00
C THR H 100 6.53 40.53 -54.96
N ALA H 101 5.88 39.36 -55.00
CA ALA H 101 6.22 38.29 -54.06
C ALA H 101 7.67 37.87 -54.24
N VAL H 102 8.13 37.76 -55.48
CA VAL H 102 9.50 37.40 -55.74
C VAL H 102 10.46 38.40 -55.13
N ARG H 103 10.18 39.70 -55.34
CA ARG H 103 10.99 40.74 -54.73
C ARG H 103 10.99 40.59 -53.22
N LEU H 104 9.84 40.27 -52.64
CA LEU H 104 9.74 40.11 -51.20
C LEU H 104 10.60 38.95 -50.71
N LEU H 105 10.65 37.86 -51.47
CA LEU H 105 11.27 36.64 -50.97
C LEU H 105 12.73 36.54 -51.38
N LEU H 106 13.01 36.74 -52.66
CA LEU H 106 14.34 36.43 -53.18
C LEU H 106 15.36 37.46 -52.71
N PRO H 107 16.44 37.03 -52.08
CA PRO H 107 17.49 37.98 -51.66
C PRO H 107 18.43 38.39 -52.78
N GLY H 108 18.55 39.69 -52.97
CA GLY H 108 19.55 40.24 -53.87
C GLY H 108 19.37 39.81 -55.31
N GLU H 109 20.49 39.43 -55.93
CA GLU H 109 20.51 39.22 -57.38
C GLU H 109 19.59 38.09 -57.81
N LEU H 110 19.27 37.18 -56.88
CA LEU H 110 18.30 36.15 -57.19
C LEU H 110 17.01 36.76 -57.70
N ALA H 111 16.55 37.81 -57.03
CA ALA H 111 15.34 38.50 -57.46
C ALA H 111 15.50 39.06 -58.88
N LYS H 112 16.67 39.63 -59.17
CA LYS H 112 16.89 40.24 -60.47
C LYS H 112 16.80 39.21 -61.58
N HIS H 113 17.54 38.10 -61.45
CA HIS H 113 17.57 37.12 -62.52
C HIS H 113 16.24 36.42 -62.69
N ALA H 114 15.59 36.06 -61.58
CA ALA H 114 14.28 35.42 -61.67
C ALA H 114 13.26 36.36 -62.29
N VAL H 115 13.33 37.64 -61.93
CA VAL H 115 12.47 38.64 -62.56
C VAL H 115 12.72 38.68 -64.05
N SER H 116 14.00 38.67 -64.44
CA SER H 116 14.34 38.67 -65.86
C SER H 116 13.75 37.45 -66.55
N GLU H 117 13.88 36.28 -65.93
CA GLU H 117 13.37 35.06 -66.54
C GLU H 117 11.88 35.11 -66.71
N GLY H 118 11.17 35.48 -65.64
CA GLY H 118 9.71 35.52 -65.72
C GLY H 118 9.22 36.54 -66.73
N THR H 119 9.82 37.73 -66.74
CA THR H 119 9.41 38.76 -67.69
C THR H 119 9.68 38.32 -69.12
N LYS H 120 10.84 37.71 -69.37
CA LYS H 120 11.16 37.25 -70.72
C LYS H 120 10.20 36.16 -71.17
N ALA H 121 9.91 35.21 -70.28
CA ALA H 121 8.98 34.14 -70.63
C ALA H 121 7.59 34.70 -70.90
N VAL H 122 7.16 35.66 -70.10
CA VAL H 122 5.86 36.28 -70.30
C VAL H 122 5.81 36.99 -71.65
N THR H 123 6.87 37.73 -71.97
CA THR H 123 6.91 38.43 -73.26
C THR H 123 6.89 37.44 -74.41
N LYS H 124 7.66 36.36 -74.29
CA LYS H 124 7.69 35.35 -75.34
C LYS H 124 6.33 34.71 -75.54
N TYR H 125 5.65 34.35 -74.46
CA TYR H 125 4.33 33.74 -74.58
C TYR H 125 3.32 34.73 -75.14
N THR H 126 3.43 36.00 -74.74
CA THR H 126 2.52 37.03 -75.24
C THR H 126 2.69 37.22 -76.75
N SER H 127 3.93 37.30 -77.21
CA SER H 127 4.18 37.41 -78.65
C SER H 127 3.83 36.12 -79.39
N ALA H 128 3.67 35.02 -78.68
CA ALA H 128 3.29 33.75 -79.30
C ALA H 128 1.89 33.34 -78.86
N THR K 6 67.04 34.77 36.23
CA THR K 6 67.91 34.76 35.06
C THR K 6 68.22 36.18 34.60
N THR K 7 67.19 36.86 34.10
CA THR K 7 67.32 38.21 33.57
C THR K 7 66.33 39.14 34.26
N SER K 8 66.77 40.37 34.50
CA SER K 8 65.87 41.39 34.99
C SER K 8 64.96 41.86 33.87
N GLN K 9 63.74 42.29 34.25
CA GLN K 9 62.81 42.79 33.25
C GLN K 9 63.38 44.00 32.51
N LYS K 10 64.09 44.86 33.23
CA LYS K 10 64.79 45.98 32.60
C LYS K 10 65.76 45.49 31.55
N HIS K 11 66.50 44.43 31.86
CA HIS K 11 67.43 43.83 30.90
C HIS K 11 66.70 43.33 29.66
N ARG K 12 65.58 42.63 29.85
CA ARG K 12 64.83 42.11 28.71
C ARG K 12 64.30 43.23 27.85
N ASP K 13 63.78 44.29 28.47
CA ASP K 13 63.28 45.43 27.71
C ASP K 13 64.40 46.09 26.92
N PHE K 14 65.57 46.26 27.52
CA PHE K 14 66.68 46.84 26.80
C PHE K 14 67.11 45.95 25.64
N VAL K 15 67.13 44.63 25.86
CA VAL K 15 67.55 43.69 24.83
C VAL K 15 66.58 43.63 23.66
N ALA K 16 65.27 43.71 23.94
CA ALA K 16 64.27 43.42 22.91
C ALA K 16 64.38 44.38 21.73
N GLU K 17 64.77 45.61 21.98
CA GLU K 17 64.77 46.65 20.95
C GLU K 17 66.14 47.31 20.88
N PRO K 18 66.46 47.95 19.75
CA PRO K 18 67.70 48.73 19.68
C PRO K 18 67.71 49.86 20.70
N MET K 19 68.89 50.15 21.22
CA MET K 19 69.01 51.16 22.27
C MET K 19 68.62 52.55 21.77
N GLY K 20 69.01 52.88 20.54
CA GLY K 20 68.73 54.21 20.02
C GLY K 20 69.40 55.30 20.82
N GLU K 21 68.61 56.08 21.56
CA GLU K 21 69.12 57.19 22.36
C GLU K 21 68.72 57.02 23.84
N LYS K 22 68.62 55.77 24.30
CA LYS K 22 68.32 55.53 25.70
C LYS K 22 69.43 56.08 26.59
N PRO K 23 69.08 56.66 27.74
CA PRO K 23 70.10 57.10 28.68
C PRO K 23 70.81 55.91 29.29
N VAL K 24 71.94 56.21 29.96
CA VAL K 24 72.68 55.16 30.63
C VAL K 24 71.84 54.51 31.73
N GLY K 25 70.88 55.25 32.28
CA GLY K 25 69.98 54.69 33.27
C GLY K 25 69.12 53.56 32.73
N SER K 26 68.96 53.46 31.41
CA SER K 26 68.21 52.37 30.81
C SER K 26 68.93 51.03 30.92
N LEU K 27 70.21 51.02 31.28
CA LEU K 27 70.95 49.78 31.40
C LEU K 27 70.47 48.98 32.60
N ALA K 28 70.45 47.66 32.45
CA ALA K 28 70.05 46.77 33.55
C ALA K 28 71.03 46.87 34.70
N GLY K 29 70.50 46.96 35.91
CA GLY K 29 71.34 47.15 37.08
C GLY K 29 71.89 48.55 37.23
N ILE K 30 71.57 49.46 36.30
CA ILE K 30 72.02 50.84 36.36
C ILE K 30 70.79 51.68 36.65
N GLY K 31 70.66 52.14 37.89
CA GLY K 31 69.52 52.94 38.29
C GLY K 31 69.82 54.42 38.22
N GLU K 32 69.10 55.16 39.07
CA GLU K 32 69.27 56.60 39.10
C GLU K 32 70.67 56.99 39.60
N VAL K 33 71.11 56.38 40.70
CA VAL K 33 72.38 56.78 41.31
C VAL K 33 73.55 56.42 40.41
N LEU K 34 73.61 55.16 39.98
CA LEU K 34 74.75 54.73 39.17
C LEU K 34 74.73 55.40 37.80
N GLY K 35 73.55 55.50 37.18
CA GLY K 35 73.46 56.18 35.91
C GLY K 35 73.83 57.64 36.00
N LYS K 36 73.41 58.30 37.08
CA LYS K 36 73.78 59.70 37.29
C LYS K 36 75.29 59.84 37.44
N LYS K 37 75.91 58.94 38.21
CA LYS K 37 77.35 58.99 38.36
C LYS K 37 78.06 58.78 37.01
N LEU K 38 77.56 57.85 36.21
CA LEU K 38 78.15 57.61 34.90
C LEU K 38 78.01 58.82 34.00
N GLU K 39 76.85 59.46 34.01
CA GLU K 39 76.66 60.68 33.23
C GLU K 39 77.60 61.78 33.70
N GLU K 40 77.81 61.88 35.02
CA GLU K 40 78.78 62.84 35.55
C GLU K 40 80.18 62.53 35.05
N ARG K 41 80.54 61.25 34.96
CA ARG K 41 81.86 60.88 34.48
C ARG K 41 82.07 61.23 33.01
N GLY K 42 81.00 61.52 32.28
CA GLY K 42 81.07 61.86 30.86
C GLY K 42 80.29 60.93 29.96
N PHE K 43 80.14 59.66 30.35
CA PHE K 43 79.34 58.70 29.59
C PHE K 43 77.88 59.01 29.86
N ASP K 44 77.43 60.14 29.33
CA ASP K 44 76.09 60.66 29.57
C ASP K 44 75.01 59.83 28.87
N LYS K 45 75.40 58.95 27.95
CA LYS K 45 74.43 58.21 27.17
C LYS K 45 74.81 56.73 27.17
N ALA K 46 73.80 55.88 26.98
CA ALA K 46 74.05 54.44 26.98
C ALA K 46 74.93 54.03 25.81
N TYR K 47 74.77 54.66 24.65
CA TYR K 47 75.59 54.29 23.50
C TYR K 47 77.04 54.73 23.68
N VAL K 48 77.28 55.79 24.45
CA VAL K 48 78.66 56.14 24.81
C VAL K 48 79.28 55.03 25.64
N VAL K 49 78.53 54.52 26.61
CA VAL K 49 79.00 53.41 27.44
C VAL K 49 79.25 52.19 26.58
N LEU K 50 78.40 51.95 25.57
CA LEU K 50 78.59 50.80 24.70
C LEU K 50 79.82 50.96 23.82
N GLY K 51 80.05 52.18 23.31
CA GLY K 51 81.28 52.45 22.58
C GLY K 51 82.50 52.19 23.44
N GLN K 52 82.43 52.57 24.71
CA GLN K 52 83.47 52.18 25.66
C GLN K 52 83.57 50.66 25.75
N PHE K 53 82.42 49.98 25.79
CA PHE K 53 82.38 48.52 25.85
C PHE K 53 82.97 47.90 24.59
N LEU K 54 82.65 48.46 23.42
CA LEU K 54 83.22 47.96 22.18
C LEU K 54 84.71 48.25 22.08
N VAL K 55 85.13 49.42 22.57
CA VAL K 55 86.56 49.71 22.64
C VAL K 55 87.27 48.72 23.54
N LEU K 56 86.64 48.32 24.65
CA LEU K 56 87.13 47.24 25.48
C LEU K 56 86.97 45.88 24.82
N LYS K 57 86.57 45.86 23.55
CA LYS K 57 86.41 44.62 22.79
C LYS K 57 85.42 43.68 23.45
N LYS K 58 84.35 44.26 23.99
CA LYS K 58 83.27 43.53 24.67
C LYS K 58 83.75 42.75 25.88
N ASP K 59 84.90 43.11 26.46
CA ASP K 59 85.44 42.35 27.58
C ASP K 59 84.57 42.51 28.81
N GLU K 60 84.22 41.38 29.44
CA GLU K 60 83.42 41.43 30.65
C GLU K 60 84.19 42.04 31.80
N ASP K 61 85.42 41.58 32.03
CA ASP K 61 86.20 42.06 33.16
C ASP K 61 86.54 43.54 33.00
N LEU K 62 87.00 43.92 31.81
CA LEU K 62 87.33 45.33 31.56
C LEU K 62 86.10 46.21 31.79
N PHE K 63 84.98 45.86 31.17
CA PHE K 63 83.79 46.70 31.27
C PHE K 63 83.27 46.76 32.70
N ARG K 64 83.24 45.62 33.39
CA ARG K 64 82.68 45.59 34.73
C ARG K 64 83.58 46.32 35.74
N GLU K 65 84.88 46.09 35.67
CA GLU K 65 85.79 46.80 36.56
C GLU K 65 85.79 48.30 36.28
N TRP K 66 85.76 48.67 34.99
CA TRP K 66 85.69 50.08 34.65
C TRP K 66 84.40 50.71 35.15
N LEU K 67 83.29 49.99 35.03
CA LEU K 67 82.02 50.49 35.55
C LEU K 67 82.07 50.64 37.07
N LYS K 68 82.66 49.65 37.75
CA LYS K 68 82.76 49.70 39.20
C LYS K 68 83.60 50.90 39.64
N ASP K 69 84.71 51.17 38.96
CA ASP K 69 85.54 52.31 39.31
C ASP K 69 84.98 53.63 38.79
N THR K 70 84.01 53.59 37.86
CA THR K 70 83.48 54.84 37.23
C THR K 70 82.19 55.29 37.94
N CYS K 71 81.43 54.38 38.53
CA CYS K 71 80.26 54.76 39.30
C CYS K 71 80.21 54.16 40.70
N GLY K 72 80.79 52.99 40.92
CA GLY K 72 80.71 52.32 42.19
C GLY K 72 79.80 51.12 42.24
N ALA K 73 79.43 50.56 41.08
CA ALA K 73 78.57 49.39 41.06
C ALA K 73 79.30 48.18 41.63
N ASN K 74 78.53 47.34 42.32
CA ASN K 74 79.06 46.11 42.89
C ASN K 74 79.24 45.08 41.77
N ALA K 75 79.55 43.84 42.16
CA ALA K 75 79.65 42.77 41.16
C ALA K 75 78.31 42.52 40.50
N LYS K 76 77.22 42.64 41.27
CA LYS K 76 75.89 42.39 40.73
C LYS K 76 75.54 43.37 39.62
N GLN K 77 75.66 44.67 39.91
CA GLN K 77 75.22 45.69 38.95
C GLN K 77 76.14 45.72 37.73
N SER K 78 77.45 45.62 37.94
CA SER K 78 78.37 45.58 36.82
C SER K 78 78.14 44.34 35.96
N ARG K 79 77.90 43.19 36.60
CA ARG K 79 77.62 41.97 35.85
C ARG K 79 76.35 42.09 35.04
N ASP K 80 75.30 42.66 35.63
CA ASP K 80 74.05 42.85 34.90
C ASP K 80 74.24 43.79 33.72
N CYS K 81 75.00 44.87 33.92
CA CYS K 81 75.23 45.81 32.83
C CYS K 81 76.01 45.16 31.69
N PHE K 82 77.08 44.42 32.03
CA PHE K 82 77.82 43.74 30.98
C PHE K 82 76.95 42.72 30.26
N GLY K 83 76.16 41.96 31.00
CA GLY K 83 75.29 40.98 30.37
C GLY K 83 74.31 41.62 29.42
N CYS K 84 73.72 42.75 29.84
CA CYS K 84 72.79 43.46 28.97
C CYS K 84 73.48 43.93 27.70
N LEU K 85 74.67 44.54 27.83
CA LEU K 85 75.37 45.04 26.65
C LEU K 85 75.76 43.89 25.72
N ARG K 86 76.28 42.81 26.28
CA ARG K 86 76.72 41.68 25.47
C ARG K 86 75.55 41.03 24.75
N GLU K 87 74.42 40.85 25.45
CA GLU K 87 73.25 40.24 24.82
C GLU K 87 72.68 41.14 23.73
N TRP K 88 72.67 42.46 23.96
CA TRP K 88 72.22 43.37 22.91
C TRP K 88 73.14 43.30 21.70
N CYS K 89 74.46 43.23 21.94
CA CYS K 89 75.40 43.09 20.84
C CYS K 89 75.15 41.81 20.06
N ASP K 90 74.86 40.72 20.76
CA ASP K 90 74.54 39.47 20.08
C ASP K 90 73.25 39.61 19.27
N ALA K 91 72.26 40.29 19.82
CA ALA K 91 70.96 40.38 19.16
C ALA K 91 71.00 41.25 17.91
N PHE K 92 71.61 42.42 18.00
CA PHE K 92 71.58 43.38 16.88
C PHE K 92 72.93 43.56 16.21
N LEU K 93 74.00 43.72 16.98
CA LEU K 93 75.33 43.90 16.40
C LEU K 93 75.81 42.62 15.75
N THR L 6 77.12 60.33 -5.34
CA THR L 6 77.19 60.75 -3.94
C THR L 6 77.69 59.61 -3.06
N THR L 7 77.08 58.44 -3.21
CA THR L 7 77.41 57.27 -2.43
C THR L 7 77.95 56.18 -3.34
N SER L 8 79.01 55.50 -2.90
CA SER L 8 79.59 54.42 -3.67
C SER L 8 78.74 53.15 -3.53
N GLN L 9 78.98 52.20 -4.43
CA GLN L 9 78.27 50.93 -4.37
C GLN L 9 78.58 50.19 -3.08
N LYS L 10 79.85 50.26 -2.64
CA LYS L 10 80.22 49.65 -1.38
C LYS L 10 79.44 50.26 -0.21
N HIS L 11 79.23 51.59 -0.26
CA HIS L 11 78.41 52.25 0.74
C HIS L 11 76.99 51.72 0.73
N ARG L 12 76.42 51.56 -0.47
CA ARG L 12 75.06 51.04 -0.56
C ARG L 12 74.98 49.62 -0.02
N ASP L 13 75.98 48.80 -0.31
CA ASP L 13 75.98 47.43 0.21
C ASP L 13 76.07 47.41 1.73
N PHE L 14 76.94 48.24 2.30
CA PHE L 14 77.09 48.24 3.75
C PHE L 14 75.83 48.77 4.44
N VAL L 15 75.29 49.89 3.96
CA VAL L 15 74.18 50.53 4.65
C VAL L 15 72.91 49.71 4.53
N ALA L 16 72.69 49.07 3.37
CA ALA L 16 71.43 48.36 3.13
C ALA L 16 71.20 47.20 4.08
N GLU L 17 72.23 46.72 4.77
CA GLU L 17 72.13 45.58 5.66
C GLU L 17 72.80 45.89 6.96
N PRO L 18 72.45 45.20 8.05
CA PRO L 18 73.20 45.32 9.29
C PRO L 18 74.65 44.90 9.08
N MET L 19 75.55 45.59 9.78
CA MET L 19 76.97 45.33 9.60
C MET L 19 77.35 43.93 10.07
N GLY L 20 76.77 43.47 11.17
CA GLY L 20 77.13 42.18 11.72
C GLY L 20 78.56 42.12 12.17
N GLU L 21 79.37 41.29 11.50
CA GLU L 21 80.79 41.16 11.81
C GLU L 21 81.64 41.44 10.58
N LYS L 22 81.27 42.44 9.80
CA LYS L 22 82.07 42.81 8.64
C LYS L 22 83.43 43.34 9.08
N PRO L 23 84.48 43.05 8.32
CA PRO L 23 85.77 43.67 8.59
C PRO L 23 85.71 45.16 8.28
N VAL L 24 86.72 45.88 8.79
CA VAL L 24 86.76 47.32 8.57
C VAL L 24 86.89 47.64 7.09
N GLY L 25 87.47 46.73 6.31
CA GLY L 25 87.57 46.94 4.88
C GLY L 25 86.23 46.98 4.16
N SER L 26 85.19 46.45 4.78
CA SER L 26 83.86 46.48 4.17
C SER L 26 83.33 47.90 4.03
N LEU L 27 83.86 48.84 4.79
CA LEU L 27 83.41 50.22 4.70
C LEU L 27 83.79 50.82 3.34
N ALA L 28 82.91 51.66 2.82
CA ALA L 28 83.10 52.22 1.49
C ALA L 28 84.31 53.16 1.47
N GLY L 29 84.96 53.23 0.31
CA GLY L 29 86.09 54.11 0.14
C GLY L 29 87.30 53.73 0.95
N ILE L 30 87.28 52.59 1.62
CA ILE L 30 88.39 52.13 2.45
C ILE L 30 89.15 51.06 1.68
N GLY L 31 90.37 51.39 1.27
CA GLY L 31 91.22 50.45 0.57
C GLY L 31 91.72 49.36 1.50
N GLU L 32 92.38 48.38 0.87
CA GLU L 32 92.99 47.30 1.66
C GLU L 32 94.05 47.87 2.58
N VAL L 33 94.78 48.89 2.13
CA VAL L 33 95.81 49.51 2.96
C VAL L 33 95.17 50.19 4.17
N LEU L 34 94.11 50.97 3.95
CA LEU L 34 93.47 51.70 5.04
C LEU L 34 92.83 50.73 6.04
N GLY L 35 92.11 49.73 5.54
CA GLY L 35 91.52 48.74 6.42
C GLY L 35 92.56 47.96 7.18
N LYS L 36 93.67 47.62 6.51
CA LYS L 36 94.74 46.90 7.19
C LYS L 36 95.36 47.73 8.29
N LYS L 37 95.58 49.03 8.03
CA LYS L 37 96.11 49.91 9.06
C LYS L 37 95.15 49.99 10.24
N LEU L 38 93.85 50.14 9.97
CA LEU L 38 92.86 50.21 11.04
C LEU L 38 92.84 48.93 11.86
N GLU L 39 92.97 47.78 11.20
CA GLU L 39 93.06 46.51 11.93
C GLU L 39 94.32 46.46 12.78
N GLU L 40 95.43 46.97 12.26
CA GLU L 40 96.67 47.00 13.03
C GLU L 40 96.52 47.86 14.28
N ARG L 41 95.81 48.99 14.16
CA ARG L 41 95.60 49.85 15.32
C ARG L 41 94.74 49.19 16.39
N GLY L 42 94.04 48.11 16.05
CA GLY L 42 93.15 47.42 16.96
C GLY L 42 91.71 47.35 16.50
N PHE L 43 91.31 48.21 15.55
CA PHE L 43 89.97 48.18 14.99
C PHE L 43 89.96 47.17 13.85
N ASP L 44 89.84 45.89 14.22
CA ASP L 44 89.94 44.78 13.28
C ASP L 44 88.60 44.40 12.68
N LYS L 45 87.53 45.09 13.07
CA LYS L 45 86.20 44.80 12.55
C LYS L 45 85.44 46.11 12.42
N ALA L 46 84.41 46.09 11.59
CA ALA L 46 83.60 47.29 11.39
C ALA L 46 82.86 47.67 12.68
N TYR L 47 82.53 46.68 13.51
CA TYR L 47 81.77 46.98 14.72
C TYR L 47 82.60 47.77 15.71
N VAL L 48 83.89 47.47 15.84
CA VAL L 48 84.75 48.26 16.71
C VAL L 48 84.90 49.67 16.15
N VAL L 49 84.94 49.79 14.83
CA VAL L 49 85.02 51.12 14.20
C VAL L 49 83.78 51.93 14.52
N LEU L 50 82.60 51.31 14.44
CA LEU L 50 81.38 52.03 14.77
C LEU L 50 81.29 52.33 16.26
N GLY L 51 81.86 51.46 17.10
CA GLY L 51 81.93 51.77 18.52
C GLY L 51 82.78 52.99 18.79
N GLN L 52 83.91 53.10 18.10
CA GLN L 52 84.71 54.32 18.17
C GLN L 52 83.94 55.53 17.63
N PHE L 53 83.20 55.33 16.55
CA PHE L 53 82.39 56.39 15.98
C PHE L 53 81.36 56.90 16.98
N LEU L 54 80.74 56.00 17.73
CA LEU L 54 79.83 56.40 18.79
C LEU L 54 80.58 57.05 19.94
N VAL L 55 81.80 56.59 20.23
CA VAL L 55 82.64 57.27 21.22
C VAL L 55 82.91 58.70 20.77
N LEU L 56 83.17 58.88 19.48
CA LEU L 56 83.26 60.22 18.91
C LEU L 56 81.91 60.91 18.81
N LYS L 57 80.84 60.24 19.25
CA LYS L 57 79.49 60.79 19.25
C LYS L 57 79.07 61.26 17.87
N LYS L 58 79.42 60.47 16.85
CA LYS L 58 79.02 60.69 15.47
C LYS L 58 79.55 62.01 14.90
N ASP L 59 80.61 62.56 15.49
CA ASP L 59 81.17 63.81 15.01
C ASP L 59 81.87 63.59 13.67
N GLU L 60 81.52 64.42 12.67
CA GLU L 60 82.13 64.27 11.36
C GLU L 60 83.61 64.65 11.39
N ASP L 61 83.93 65.82 11.93
CA ASP L 61 85.31 66.28 11.94
C ASP L 61 86.18 65.37 12.80
N LEU L 62 85.68 65.00 13.98
CA LEU L 62 86.44 64.10 14.85
C LEU L 62 86.67 62.76 14.17
N PHE L 63 85.63 62.19 13.57
CA PHE L 63 85.77 60.88 12.93
C PHE L 63 86.73 60.95 11.75
N ARG L 64 86.59 61.97 10.91
CA ARG L 64 87.45 62.06 9.73
C ARG L 64 88.90 62.30 10.11
N GLU L 65 89.15 63.19 11.07
CA GLU L 65 90.52 63.41 11.53
C GLU L 65 91.08 62.16 12.17
N TRP L 66 90.29 61.47 12.98
CA TRP L 66 90.75 60.24 13.61
C TRP L 66 91.09 59.18 12.57
N LEU L 67 90.25 59.03 11.55
CA LEU L 67 90.53 58.06 10.50
C LEU L 67 91.79 58.45 9.72
N LYS L 68 91.96 59.74 9.45
CA LYS L 68 93.14 60.20 8.74
C LYS L 68 94.41 59.91 9.54
N ASP L 69 94.36 60.12 10.85
CA ASP L 69 95.52 59.86 11.69
C ASP L 69 95.70 58.39 12.03
N THR L 70 94.67 57.56 11.79
CA THR L 70 94.72 56.12 12.22
C THR L 70 95.06 55.20 11.04
N CYS L 71 94.62 55.52 9.83
CA CYS L 71 94.97 54.72 8.66
C CYS L 71 95.43 55.53 7.47
N GLY L 72 95.76 56.81 7.64
CA GLY L 72 96.17 57.63 6.53
C GLY L 72 95.07 57.94 5.53
N ALA L 73 93.81 57.80 5.94
CA ALA L 73 92.70 58.08 5.04
C ALA L 73 92.66 59.56 4.68
N ASN L 74 92.45 59.83 3.40
CA ASN L 74 92.42 61.20 2.92
C ASN L 74 91.07 61.84 3.25
N ALA L 75 90.85 63.04 2.73
CA ALA L 75 89.57 63.71 2.93
C ALA L 75 88.43 62.90 2.33
N LYS L 76 88.65 62.38 1.11
CA LYS L 76 87.61 61.60 0.43
C LYS L 76 87.28 60.33 1.21
N GLN L 77 88.30 59.55 1.57
CA GLN L 77 88.08 58.28 2.25
C GLN L 77 87.45 58.48 3.63
N SER L 78 87.97 59.45 4.38
CA SER L 78 87.41 59.73 5.71
C SER L 78 85.97 60.20 5.61
N ARG L 79 85.68 61.07 4.63
CA ARG L 79 84.31 61.54 4.43
C ARG L 79 83.38 60.39 4.09
N ASP L 80 83.82 59.50 3.18
CA ASP L 80 82.99 58.36 2.79
C ASP L 80 82.72 57.45 3.98
N CYS L 81 83.75 57.18 4.78
CA CYS L 81 83.58 56.31 5.94
C CYS L 81 82.65 56.93 6.97
N PHE L 82 82.79 58.24 7.22
CA PHE L 82 81.88 58.90 8.15
C PHE L 82 80.45 58.84 7.66
N GLY L 83 80.24 59.11 6.36
CA GLY L 83 78.89 59.03 5.83
C GLY L 83 78.31 57.64 5.95
N CYS L 84 79.11 56.62 5.66
CA CYS L 84 78.64 55.24 5.77
C CYS L 84 78.24 54.92 7.21
N LEU L 85 79.10 55.23 8.16
CA LEU L 85 78.82 54.91 9.55
C LEU L 85 77.61 55.69 10.07
N ARG L 86 77.51 56.97 9.71
CA ARG L 86 76.37 57.77 10.15
C ARG L 86 75.07 57.24 9.56
N GLU L 87 75.07 56.88 8.28
CA GLU L 87 73.87 56.33 7.67
C GLU L 87 73.47 55.01 8.30
N TRP L 88 74.46 54.15 8.59
CA TRP L 88 74.14 52.89 9.24
C TRP L 88 73.55 53.12 10.63
N CYS L 89 74.11 54.08 11.38
CA CYS L 89 73.57 54.40 12.70
C CYS L 89 72.14 54.90 12.57
N ASP L 90 71.89 55.81 11.62
CA ASP L 90 70.55 56.36 11.47
C ASP L 90 69.56 55.32 10.98
N ALA L 91 70.03 54.29 10.28
CA ALA L 91 69.13 53.28 9.76
C ALA L 91 68.84 52.20 10.79
N PHE L 92 69.85 51.76 11.54
CA PHE L 92 69.71 50.64 12.45
C PHE L 92 69.79 51.05 13.92
N LEU L 93 70.75 51.88 14.28
CA LEU L 93 70.84 52.37 15.66
C LEU L 93 69.67 53.30 15.95
N SER M 20 58.60 31.01 28.44
CA SER M 20 58.64 30.34 27.15
C SER M 20 60.06 29.88 26.82
N SER M 21 61.02 30.30 27.64
CA SER M 21 62.44 29.99 27.54
C SER M 21 63.07 30.50 26.24
N PHE M 22 62.36 31.33 25.47
CA PHE M 22 62.86 31.84 24.19
C PHE M 22 62.69 33.35 24.17
N SER M 23 63.79 34.06 24.45
CA SER M 23 63.78 35.51 24.32
C SER M 23 63.62 35.89 22.85
N GLN M 24 62.66 36.78 22.58
CA GLN M 24 62.33 37.16 21.22
C GLN M 24 62.94 38.51 20.91
N HIS M 25 63.72 38.57 19.84
CA HIS M 25 64.43 39.77 19.43
C HIS M 25 64.04 40.10 18.00
N ALA M 26 63.42 41.24 17.80
CA ALA M 26 62.87 41.62 16.50
C ALA M 26 63.41 42.97 16.07
N ARG M 27 63.56 43.11 14.76
CA ARG M 27 63.92 44.39 14.15
C ARG M 27 63.31 44.45 12.77
N THR M 28 62.64 45.57 12.47
CA THR M 28 61.88 45.69 11.24
C THR M 28 62.07 47.08 10.66
N SER M 29 62.33 47.13 9.35
CA SER M 29 62.53 48.40 8.66
C SER M 29 61.47 48.70 7.62
N GLY M 30 60.48 47.82 7.42
CA GLY M 30 59.46 48.05 6.41
C GLY M 30 58.05 48.08 6.96
N ARG M 31 57.06 47.86 6.09
CA ARG M 31 55.67 47.86 6.49
C ARG M 31 55.21 46.54 7.10
N VAL M 32 56.03 45.49 7.02
CA VAL M 32 55.68 44.20 7.57
C VAL M 32 56.73 43.81 8.60
N ALA M 33 56.26 43.46 9.80
CA ALA M 33 57.12 42.98 10.86
C ALA M 33 56.82 41.50 11.09
N VAL M 34 57.81 40.78 11.61
CA VAL M 34 57.64 39.35 11.87
C VAL M 34 56.73 39.19 13.07
N GLU M 35 55.44 38.92 12.80
CA GLU M 35 54.46 38.85 13.89
C GLU M 35 54.73 37.69 14.82
N GLU M 36 54.93 36.49 14.28
CA GLU M 36 55.11 35.31 15.10
C GLU M 36 55.97 34.29 14.37
N VAL M 37 56.84 33.62 15.11
CA VAL M 37 57.64 32.51 14.61
C VAL M 37 57.33 31.30 15.47
N ASP M 38 56.96 30.20 14.83
CA ASP M 38 56.60 28.99 15.56
C ASP M 38 57.85 28.33 16.12
N GLU M 39 57.85 28.09 17.43
CA GLU M 39 59.00 27.44 18.07
C GLU M 39 59.25 26.04 17.54
N GLU M 40 58.19 25.31 17.20
CA GLU M 40 58.31 23.97 16.63
C GLU M 40 58.51 24.01 15.13
N GLY M 41 58.55 25.19 14.53
CA GLY M 41 58.74 25.30 13.10
C GLY M 41 57.54 24.94 12.25
N LYS M 42 56.33 25.01 12.80
CA LYS M 42 55.15 24.70 12.00
C LYS M 42 54.83 25.80 11.01
N PHE M 43 55.08 27.06 11.39
CA PHE M 43 54.66 28.18 10.56
C PHE M 43 55.55 29.38 10.86
N VAL M 44 55.49 30.37 9.97
CA VAL M 44 56.05 31.69 10.19
C VAL M 44 54.95 32.70 9.91
N ARG M 45 54.69 33.58 10.87
CA ARG M 45 53.56 34.50 10.81
C ARG M 45 54.07 35.93 10.75
N LEU M 46 53.55 36.70 9.79
CA LEU M 46 53.93 38.08 9.57
C LEU M 46 52.69 38.95 9.55
N ARG M 47 52.89 40.24 9.87
CA ARG M 47 51.79 41.20 9.90
C ARG M 47 52.20 42.49 9.21
N ASN M 48 51.28 43.06 8.44
CA ASN M 48 51.45 44.40 7.87
C ASN M 48 51.04 45.38 8.95
N LYS M 49 51.99 45.72 9.83
CA LYS M 49 51.71 46.58 10.96
C LYS M 49 51.56 48.05 10.58
N SER M 50 51.56 48.36 9.29
CA SER M 50 51.39 49.71 8.79
C SER M 50 49.93 49.93 8.39
N ASN M 51 49.66 51.11 7.84
CA ASN M 51 48.33 51.46 7.36
C ASN M 51 48.22 51.34 5.84
N GLU M 52 49.19 50.71 5.18
CA GLU M 52 49.16 50.51 3.74
C GLU M 52 49.47 49.06 3.41
N ASP M 53 48.90 48.57 2.31
CA ASP M 53 49.23 47.24 1.83
C ASP M 53 50.69 47.19 1.39
N GLN M 54 51.36 46.10 1.76
CA GLN M 54 52.75 45.89 1.37
C GLN M 54 52.81 44.75 0.35
N SER M 55 53.35 45.06 -0.82
CA SER M 55 53.57 44.04 -1.85
C SER M 55 54.79 43.21 -1.45
N MET M 56 54.57 41.93 -1.20
CA MET M 56 55.63 41.02 -0.81
C MET M 56 56.01 40.10 -1.97
N GLY M 57 55.71 40.53 -3.19
CA GLY M 57 56.02 39.74 -4.36
C GLY M 57 57.49 39.44 -4.53
N ASN M 58 57.83 38.15 -4.71
CA ASN M 58 59.18 37.63 -4.83
C ASN M 58 60.00 37.80 -3.57
N TRP M 59 59.39 38.19 -2.45
CA TRP M 59 60.13 38.32 -1.21
C TRP M 59 60.52 36.95 -0.68
N GLN M 60 61.59 36.90 0.10
CA GLN M 60 62.12 35.66 0.61
C GLN M 60 62.13 35.67 2.14
N ILE M 61 61.81 34.52 2.71
CA ILE M 61 61.90 34.30 4.15
C ILE M 61 63.06 33.34 4.40
N LYS M 62 64.06 33.81 5.12
CA LYS M 62 65.26 33.04 5.40
C LYS M 62 65.25 32.65 6.87
N ARG M 63 65.07 31.36 7.13
CA ARG M 63 64.92 30.85 8.49
C ARG M 63 66.18 30.10 8.90
N GLN M 64 66.83 30.59 9.95
CA GLN M 64 68.01 29.96 10.52
C GLN M 64 67.66 29.41 11.89
N ASN M 65 67.94 28.13 12.10
CA ASN M 65 67.61 27.44 13.34
C ASN M 65 68.93 27.07 14.01
N GLY M 66 69.48 28.01 14.78
CA GLY M 66 70.80 27.78 15.34
C GLY M 66 71.81 27.60 14.23
N ASP M 67 72.50 26.46 14.25
CA ASP M 67 73.47 26.11 13.23
C ASP M 67 72.87 25.34 12.07
N ASP M 68 71.56 25.09 12.10
CA ASP M 68 70.93 24.34 11.02
C ASP M 68 70.97 25.15 9.72
N PRO M 69 70.94 24.47 8.57
CA PRO M 69 70.98 25.18 7.30
C PRO M 69 69.81 26.14 7.14
N LEU M 70 70.08 27.26 6.48
CA LEU M 70 69.06 28.28 6.29
C LEU M 70 67.90 27.74 5.46
N LEU M 71 66.68 28.04 5.89
CA LEU M 71 65.48 27.66 5.17
C LEU M 71 64.94 28.90 4.45
N THR M 72 64.87 28.83 3.13
CA THR M 72 64.49 29.95 2.30
C THR M 72 63.13 29.69 1.67
N TYR M 73 62.16 30.56 1.97
CA TYR M 73 60.84 30.51 1.37
C TYR M 73 60.65 31.77 0.54
N ARG M 74 60.27 31.60 -0.72
CA ARG M 74 60.12 32.70 -1.66
C ARG M 74 58.64 32.95 -1.92
N PHE M 75 58.23 34.20 -1.79
CA PHE M 75 56.85 34.56 -2.02
C PHE M 75 56.54 34.55 -3.52
N PRO M 76 55.27 34.38 -3.88
CA PRO M 76 54.88 34.48 -5.29
C PRO M 76 55.19 35.85 -5.85
N PRO M 77 55.47 35.96 -7.16
CA PRO M 77 55.94 37.24 -7.71
C PRO M 77 54.94 38.38 -7.54
N LYS M 78 53.64 38.11 -7.54
CA LYS M 78 52.63 39.12 -7.28
C LYS M 78 51.91 38.76 -5.99
N PHE M 79 52.48 39.15 -4.86
CA PHE M 79 51.90 38.86 -3.56
C PHE M 79 51.93 40.14 -2.74
N THR M 80 50.77 40.56 -2.26
CA THR M 80 50.65 41.80 -1.50
C THR M 80 49.93 41.53 -0.19
N LEU M 81 50.50 42.00 0.91
CA LEU M 81 49.91 41.84 2.23
C LEU M 81 49.17 43.12 2.60
N LYS M 82 47.87 43.01 2.79
CA LYS M 82 47.05 44.17 3.14
C LYS M 82 47.38 44.65 4.55
N ALA M 83 47.17 45.94 4.78
CA ALA M 83 47.55 46.55 6.04
C ALA M 83 46.78 45.96 7.21
N GLY M 84 47.49 45.71 8.31
CA GLY M 84 46.87 45.18 9.50
C GLY M 84 46.51 43.72 9.44
N GLN M 85 46.78 43.05 8.33
CA GLN M 85 46.39 41.65 8.17
C GLN M 85 47.54 40.75 8.59
N VAL M 86 47.25 39.45 8.65
CA VAL M 86 48.19 38.43 9.11
C VAL M 86 48.43 37.44 7.98
N VAL M 87 49.70 37.23 7.64
CA VAL M 87 50.09 36.19 6.69
C VAL M 87 50.89 35.14 7.46
N THR M 88 50.48 33.88 7.33
CA THR M 88 51.09 32.79 8.07
C THR M 88 51.58 31.75 7.07
N ILE M 89 52.89 31.62 6.95
CA ILE M 89 53.47 30.62 6.06
C ILE M 89 53.68 29.33 6.84
N TRP M 90 52.73 28.41 6.71
CA TRP M 90 52.77 27.13 7.40
C TRP M 90 53.76 26.21 6.70
N ALA M 91 54.35 25.30 7.47
CA ALA M 91 55.23 24.29 6.89
C ALA M 91 54.41 23.13 6.35
N ALA M 92 55.11 22.17 5.73
CA ALA M 92 54.43 20.98 5.23
C ALA M 92 53.80 20.18 6.34
N GLY M 93 54.52 20.00 7.45
CA GLY M 93 54.01 19.24 8.57
C GLY M 93 52.96 19.96 9.39
N ALA M 94 52.76 21.26 9.14
CA ALA M 94 51.72 22.00 9.85
C ALA M 94 50.33 21.46 9.50
N GLY M 95 50.15 21.01 8.28
CA GLY M 95 48.89 20.44 7.84
C GLY M 95 47.83 21.44 7.46
N ALA M 96 48.16 22.73 7.44
CA ALA M 96 47.18 23.77 7.12
C ALA M 96 46.86 23.74 5.62
N THR M 97 45.81 24.47 5.27
CA THR M 97 45.38 24.62 3.88
C THR M 97 45.75 26.02 3.41
N HIS M 98 46.33 26.11 2.21
CA HIS M 98 46.74 27.41 1.69
C HIS M 98 45.52 28.27 1.42
N SER M 99 45.53 29.49 1.96
CA SER M 99 44.44 30.44 1.76
C SER M 99 45.05 31.82 1.53
N PRO M 100 45.56 32.07 0.32
CA PRO M 100 46.26 33.32 0.07
C PRO M 100 45.32 34.50 0.10
N PRO M 101 45.80 35.67 0.56
CA PRO M 101 47.14 35.93 1.09
C PRO M 101 47.25 35.66 2.58
N THR M 102 46.16 35.21 3.21
CA THR M 102 46.14 34.99 4.64
C THR M 102 46.93 33.77 5.09
N ASP M 103 46.82 32.65 4.38
CA ASP M 103 47.49 31.41 4.76
C ASP M 103 48.21 30.83 3.56
N LEU M 104 49.50 30.55 3.73
CA LEU M 104 50.29 29.87 2.72
C LEU M 104 50.97 28.67 3.36
N VAL M 105 50.97 27.55 2.67
CA VAL M 105 51.53 26.30 3.18
C VAL M 105 52.80 26.00 2.41
N TRP M 106 53.93 25.96 3.13
CA TRP M 106 55.21 25.61 2.54
C TRP M 106 55.34 24.10 2.55
N LYS M 107 54.59 23.46 1.64
CA LYS M 107 54.62 22.00 1.56
C LYS M 107 55.98 21.47 1.15
N ALA M 108 56.82 22.32 0.56
CA ALA M 108 58.17 21.92 0.20
C ALA M 108 59.08 21.72 1.40
N GLN M 109 58.79 22.38 2.53
CA GLN M 109 59.61 22.27 3.73
C GLN M 109 58.76 21.66 4.83
N ASN M 110 59.23 20.55 5.40
CA ASN M 110 58.46 19.84 6.41
C ASN M 110 58.25 20.70 7.65
N THR M 111 59.28 21.40 8.10
CA THR M 111 59.18 22.24 9.27
C THR M 111 60.17 23.40 9.17
N TRP M 112 59.80 24.53 9.78
CA TRP M 112 60.71 25.66 9.82
C TRP M 112 61.90 25.43 10.74
N GLY M 113 61.86 24.39 11.56
CA GLY M 113 63.00 24.01 12.38
C GLY M 113 62.81 24.39 13.84
N CYS M 114 63.70 23.82 14.66
CA CYS M 114 63.72 24.05 16.09
C CYS M 114 65.17 24.24 16.54
N GLY M 115 65.33 24.74 17.75
CA GLY M 115 66.65 24.96 18.32
C GLY M 115 66.65 26.19 19.20
N ASN M 116 67.73 26.32 19.98
CA ASN M 116 67.85 27.44 20.92
C ASN M 116 68.02 28.78 20.22
N SER M 117 68.30 28.79 18.92
CA SER M 117 68.47 30.03 18.16
C SER M 117 67.59 29.96 16.91
N LEU M 118 66.35 30.42 17.04
CA LEU M 118 65.40 30.45 15.93
C LEU M 118 65.25 31.88 15.45
N ARG M 119 65.88 32.19 14.31
CA ARG M 119 65.85 33.53 13.73
C ARG M 119 65.14 33.45 12.39
N THR M 120 64.09 34.28 12.24
CA THR M 120 63.36 34.40 10.99
C THR M 120 63.55 35.82 10.46
N ALA M 121 64.27 35.94 9.35
CA ALA M 121 64.55 37.22 8.72
C ALA M 121 63.72 37.34 7.45
N LEU M 122 63.03 38.46 7.31
CA LEU M 122 62.22 38.74 6.12
C LEU M 122 63.07 39.49 5.12
N ILE M 123 63.23 38.92 3.93
CA ILE M 123 64.06 39.49 2.88
C ILE M 123 63.14 39.87 1.73
N ASN M 124 63.22 41.14 1.31
CA ASN M 124 62.36 41.63 0.24
C ASN M 124 62.79 41.07 -1.11
N SER M 125 62.08 41.48 -2.16
CA SER M 125 62.41 41.05 -3.50
C SER M 125 63.74 41.63 -3.97
N THR M 126 64.21 42.70 -3.32
CA THR M 126 65.50 43.30 -3.62
C THR M 126 66.64 42.66 -2.84
N GLY M 127 66.39 41.52 -2.20
CA GLY M 127 67.43 40.84 -1.45
C GLY M 127 67.92 41.61 -0.25
N GLU M 128 67.02 42.28 0.46
CA GLU M 128 67.36 43.06 1.64
C GLU M 128 66.46 42.67 2.79
N GLU M 129 67.06 42.52 3.98
CA GLU M 129 66.28 42.19 5.16
C GLU M 129 65.51 43.41 5.64
N VAL M 130 64.19 43.29 5.71
CA VAL M 130 63.34 44.37 6.18
C VAL M 130 62.67 44.06 7.51
N ALA M 131 62.55 42.78 7.87
CA ALA M 131 62.00 42.39 9.16
C ALA M 131 62.78 41.20 9.68
N MET M 132 62.78 41.03 11.00
CA MET M 132 63.55 39.96 11.62
C MET M 132 62.92 39.63 12.96
N ARG M 133 63.04 38.35 13.35
CA ARG M 133 62.64 37.91 14.67
C ARG M 133 63.50 36.72 15.06
N LYS M 134 64.10 36.79 16.24
CA LYS M 134 65.02 35.77 16.71
C LYS M 134 64.52 35.19 18.03
N LEU M 135 64.48 33.87 18.12
CA LEU M 135 64.12 33.18 19.36
C LEU M 135 65.39 32.58 19.95
N VAL M 136 65.74 33.01 21.15
CA VAL M 136 67.00 32.61 21.78
C VAL M 136 66.70 31.89 23.09
N ARG M 137 67.24 30.69 23.23
CA ARG M 137 67.12 29.91 24.46
C ARG M 137 68.50 29.65 25.04
N SER M 138 68.62 29.85 26.35
CA SER M 138 69.89 29.63 27.05
C SER M 138 70.27 28.15 27.03
N THR N 6 26.36 4.82 57.12
CA THR N 6 26.87 6.18 57.09
C THR N 6 26.42 6.90 55.83
N THR N 7 27.18 6.73 54.76
CA THR N 7 26.88 7.33 53.46
C THR N 7 26.54 6.22 52.48
N SER N 8 25.60 6.50 51.57
CA SER N 8 25.27 5.55 50.54
C SER N 8 26.37 5.49 49.50
N GLN N 9 26.60 4.29 48.95
CA GLN N 9 27.69 4.11 48.01
C GLN N 9 27.48 4.94 46.74
N LYS N 10 26.24 4.97 46.23
CA LYS N 10 25.95 5.78 45.06
C LYS N 10 26.23 7.25 45.34
N HIS N 11 25.98 7.69 46.58
CA HIS N 11 26.33 9.06 46.95
C HIS N 11 27.83 9.29 46.85
N ARG N 12 28.62 8.33 47.35
CA ARG N 12 30.07 8.47 47.26
C ARG N 12 30.53 8.49 45.80
N ASP N 13 29.92 7.65 44.97
CA ASP N 13 30.28 7.62 43.55
C ASP N 13 29.96 8.95 42.89
N PHE N 14 28.81 9.52 43.19
CA PHE N 14 28.43 10.81 42.62
C PHE N 14 29.37 11.91 43.08
N VAL N 15 29.69 11.93 44.38
CA VAL N 15 30.53 12.99 44.93
C VAL N 15 31.97 12.86 44.47
N ALA N 16 32.44 11.65 44.17
CA ALA N 16 33.84 11.45 43.81
C ALA N 16 34.18 12.16 42.50
N GLU N 17 33.22 12.27 41.61
CA GLU N 17 33.44 12.79 40.26
C GLU N 17 32.51 13.95 39.99
N PRO N 18 32.90 14.86 39.09
CA PRO N 18 31.96 15.90 38.66
C PRO N 18 30.73 15.27 38.01
N MET N 19 29.59 15.93 38.22
CA MET N 19 28.33 15.37 37.71
C MET N 19 28.32 15.29 36.19
N GLY N 20 28.93 16.26 35.52
CA GLY N 20 28.99 16.24 34.08
C GLY N 20 27.62 16.29 33.44
N GLU N 21 27.20 15.17 32.85
CA GLU N 21 25.89 15.05 32.24
C GLU N 21 25.06 13.95 32.88
N LYS N 22 25.29 13.69 34.16
CA LYS N 22 24.49 12.71 34.87
C LYS N 22 23.04 13.18 34.98
N PRO N 23 22.09 12.29 34.74
CA PRO N 23 20.68 12.65 34.94
C PRO N 23 20.37 12.86 36.40
N VAL N 24 19.16 13.37 36.66
CA VAL N 24 18.71 13.59 38.02
C VAL N 24 18.73 12.29 38.81
N GLY N 25 18.44 11.16 38.14
CA GLY N 25 18.47 9.87 38.82
C GLY N 25 19.82 9.54 39.42
N SER N 26 20.90 10.06 38.85
CA SER N 26 22.23 9.84 39.40
C SER N 26 22.40 10.47 40.77
N LEU N 27 21.56 11.45 41.12
CA LEU N 27 21.65 12.06 42.44
C LEU N 27 21.32 11.04 43.52
N ALA N 28 22.00 11.15 44.65
CA ALA N 28 21.80 10.22 45.75
C ALA N 28 20.39 10.34 46.30
N GLY N 29 19.81 9.21 46.69
CA GLY N 29 18.46 9.19 47.18
C GLY N 29 17.40 9.39 46.12
N ILE N 30 17.76 9.27 44.84
CA ILE N 30 16.83 9.51 43.75
C ILE N 30 16.62 8.19 43.02
N GLY N 31 15.45 7.59 43.20
CA GLY N 31 15.09 6.41 42.47
C GLY N 31 14.30 6.74 41.22
N GLU N 32 13.83 5.68 40.55
CA GLU N 32 13.09 5.86 39.32
C GLU N 32 11.80 6.64 39.53
N VAL N 33 11.11 6.38 40.64
CA VAL N 33 9.83 7.02 40.89
C VAL N 33 10.01 8.52 41.03
N LEU N 34 10.77 8.94 42.05
CA LEU N 34 10.92 10.36 42.34
C LEU N 34 11.69 11.05 41.22
N GLY N 35 12.68 10.37 40.65
CA GLY N 35 13.41 10.94 39.54
C GLY N 35 12.51 11.23 38.34
N LYS N 36 11.65 10.28 37.98
CA LYS N 36 10.71 10.50 36.89
C LYS N 36 9.72 11.60 37.25
N LYS N 37 9.31 11.65 38.52
CA LYS N 37 8.45 12.74 38.96
C LYS N 37 9.10 14.09 38.68
N LEU N 38 10.36 14.24 39.07
CA LEU N 38 11.06 15.50 38.86
C LEU N 38 11.28 15.78 37.37
N GLU N 39 11.55 14.74 36.60
CA GLU N 39 11.74 14.93 35.16
C GLU N 39 10.46 15.44 34.50
N GLU N 40 9.31 14.87 34.89
CA GLU N 40 8.04 15.40 34.42
C GLU N 40 7.82 16.82 34.93
N ARG N 41 8.28 17.10 36.14
CA ARG N 41 8.31 18.47 36.63
C ARG N 41 9.23 19.36 35.80
N GLY N 42 10.18 18.76 35.09
CA GLY N 42 11.15 19.49 34.28
C GLY N 42 12.59 19.26 34.69
N PHE N 43 12.83 18.58 35.81
CA PHE N 43 14.17 18.35 36.33
C PHE N 43 14.69 17.03 35.77
N ASP N 44 15.13 17.08 34.52
CA ASP N 44 15.62 15.91 33.81
C ASP N 44 17.09 15.61 34.08
N LYS N 45 17.82 16.57 34.65
CA LYS N 45 19.25 16.41 34.80
C LYS N 45 19.66 16.86 36.19
N ALA N 46 20.76 16.27 36.68
CA ALA N 46 21.23 16.57 38.02
C ALA N 46 21.70 18.02 38.14
N TYR N 47 22.33 18.55 37.09
CA TYR N 47 22.93 19.88 37.21
C TYR N 47 21.89 20.98 37.28
N VAL N 48 20.75 20.82 36.60
CA VAL N 48 19.67 21.79 36.77
C VAL N 48 19.16 21.77 38.20
N VAL N 49 19.05 20.57 38.78
CA VAL N 49 18.63 20.44 40.17
C VAL N 49 19.62 21.14 41.09
N LEU N 50 20.91 20.95 40.84
CA LEU N 50 21.92 21.63 41.65
C LEU N 50 21.85 23.13 41.48
N GLY N 51 21.61 23.59 40.24
CA GLY N 51 21.44 25.01 40.02
C GLY N 51 20.28 25.58 40.81
N GLN N 52 19.18 24.83 40.89
CA GLN N 52 18.10 25.18 41.80
C GLN N 52 18.60 25.22 43.23
N PHE N 53 19.42 24.24 43.62
CA PHE N 53 20.04 24.24 44.94
C PHE N 53 20.93 25.47 45.11
N LEU N 54 21.67 25.84 44.06
CA LEU N 54 22.46 27.07 44.12
C LEU N 54 21.57 28.28 44.31
N VAL N 55 20.47 28.35 43.56
CA VAL N 55 19.52 29.44 43.74
C VAL N 55 18.90 29.41 45.13
N LEU N 56 18.57 28.23 45.64
CA LEU N 56 18.06 28.09 46.99
C LEU N 56 19.12 28.36 48.05
N LYS N 57 20.33 28.73 47.63
CA LYS N 57 21.38 29.18 48.54
C LYS N 57 21.71 28.13 49.59
N LYS N 58 21.73 26.87 49.18
CA LYS N 58 22.19 25.74 49.97
C LYS N 58 21.40 25.53 51.25
N ASP N 59 20.25 26.18 51.41
CA ASP N 59 19.45 25.97 52.61
C ASP N 59 18.87 24.55 52.60
N GLU N 60 19.09 23.83 53.70
CA GLU N 60 18.58 22.47 53.79
C GLU N 60 17.06 22.45 53.81
N ASP N 61 16.45 23.28 54.67
CA ASP N 61 15.01 23.27 54.81
C ASP N 61 14.32 23.68 53.51
N LEU N 62 14.76 24.77 52.91
CA LEU N 62 14.12 25.25 51.68
C LEU N 62 14.23 24.23 50.57
N PHE N 63 15.45 23.73 50.33
CA PHE N 63 15.66 22.80 49.23
C PHE N 63 14.88 21.51 49.45
N ARG N 64 14.91 20.97 50.67
CA ARG N 64 14.23 19.71 50.92
C ARG N 64 12.72 19.86 50.87
N GLU N 65 12.19 20.97 51.41
CA GLU N 65 10.76 21.22 51.31
C GLU N 65 10.34 21.37 49.86
N TRP N 66 11.11 22.13 49.07
CA TRP N 66 10.79 22.30 47.66
C TRP N 66 10.83 20.97 46.93
N LEU N 67 11.81 20.13 47.25
CA LEU N 67 11.91 18.82 46.61
C LEU N 67 10.72 17.95 46.97
N LYS N 68 10.30 17.99 48.24
CA LYS N 68 9.13 17.23 48.65
C LYS N 68 7.88 17.72 47.92
N ASP N 69 7.77 19.03 47.73
CA ASP N 69 6.64 19.57 46.99
C ASP N 69 6.72 19.26 45.50
N THR N 70 7.92 18.98 44.99
CA THR N 70 8.11 18.81 43.51
C THR N 70 8.04 17.32 43.12
N CYS N 71 8.47 16.42 43.97
CA CYS N 71 8.30 14.99 43.73
C CYS N 71 7.65 14.24 44.88
N GLY N 72 7.98 14.57 46.12
CA GLY N 72 7.40 13.91 47.27
C GLY N 72 8.35 13.11 48.11
N ALA N 73 9.63 13.47 48.16
CA ALA N 73 10.58 12.73 48.98
C ALA N 73 10.32 13.00 50.46
N ASN N 74 10.63 12.00 51.28
CA ASN N 74 10.53 12.13 52.71
C ASN N 74 11.73 12.91 53.22
N ALA N 75 11.82 13.08 54.54
CA ALA N 75 13.01 13.68 55.11
C ALA N 75 14.24 12.81 54.85
N LYS N 76 14.03 11.50 54.72
CA LYS N 76 15.13 10.58 54.49
C LYS N 76 15.81 10.85 53.15
N GLN N 77 15.07 10.66 52.06
CA GLN N 77 15.66 10.80 50.74
C GLN N 77 16.04 12.25 50.45
N SER N 78 15.24 13.21 50.92
CA SER N 78 15.58 14.60 50.77
C SER N 78 16.88 14.93 51.49
N ARG N 79 17.05 14.38 52.70
CA ARG N 79 18.29 14.58 53.44
C ARG N 79 19.48 13.97 52.71
N ASP N 80 19.28 12.78 52.14
CA ASP N 80 20.36 12.14 51.39
C ASP N 80 20.77 13.00 50.20
N CYS N 81 19.80 13.49 49.44
CA CYS N 81 20.11 14.32 48.29
C CYS N 81 20.76 15.63 48.70
N PHE N 82 20.29 16.23 49.79
CA PHE N 82 20.89 17.47 50.27
C PHE N 82 22.35 17.25 50.66
N GLY N 83 22.63 16.19 51.40
CA GLY N 83 24.01 15.89 51.76
C GLY N 83 24.87 15.64 50.55
N CYS N 84 24.37 14.89 49.58
CA CYS N 84 25.15 14.60 48.38
C CYS N 84 25.46 15.86 47.60
N LEU N 85 24.45 16.72 47.43
CA LEU N 85 24.68 17.97 46.70
C LEU N 85 25.65 18.87 47.44
N ARG N 86 25.52 18.96 48.77
CA ARG N 86 26.42 19.78 49.56
C ARG N 86 27.86 19.29 49.43
N GLU N 87 28.05 17.97 49.52
CA GLU N 87 29.40 17.42 49.40
C GLU N 87 29.96 17.62 47.99
N TRP N 88 29.13 17.46 46.96
CA TRP N 88 29.59 17.70 45.60
C TRP N 88 30.02 19.14 45.42
N CYS N 89 29.22 20.08 45.95
CA CYS N 89 29.59 21.49 45.86
C CYS N 89 30.89 21.77 46.59
N ASP N 90 31.05 21.19 47.79
CA ASP N 90 32.31 21.36 48.50
C ASP N 90 33.47 20.78 47.71
N ALA N 91 33.21 19.72 46.93
CA ALA N 91 34.27 19.05 46.20
C ALA N 91 34.64 19.78 44.92
N PHE N 92 33.65 20.32 44.21
CA PHE N 92 33.91 20.84 42.88
C PHE N 92 33.56 22.31 42.70
N LEU N 93 32.63 22.84 43.51
CA LEU N 93 32.34 24.27 43.44
C LEU N 93 33.37 25.04 44.25
N THR O 6 37.99 38.60 20.30
CA THR O 6 36.72 37.89 20.48
C THR O 6 36.37 37.76 21.95
N THR O 7 37.37 37.46 22.77
CA THR O 7 37.20 37.27 24.21
C THR O 7 38.04 38.30 24.97
N SER O 8 37.51 38.76 26.09
CA SER O 8 38.24 39.70 26.93
C SER O 8 39.20 38.94 27.85
N GLN O 9 40.17 39.68 28.40
CA GLN O 9 41.13 39.05 29.29
C GLN O 9 40.46 38.56 30.57
N LYS O 10 39.56 39.36 31.14
CA LYS O 10 38.84 38.95 32.34
C LYS O 10 38.01 37.70 32.08
N HIS O 11 37.45 37.59 30.87
CA HIS O 11 36.74 36.38 30.48
C HIS O 11 37.65 35.17 30.55
N ARG O 12 38.86 35.29 29.99
CA ARG O 12 39.80 34.17 30.04
C ARG O 12 40.22 33.88 31.47
N ASP O 13 40.37 34.93 32.28
CA ASP O 13 40.71 34.73 33.68
C ASP O 13 39.66 33.90 34.40
N PHE O 14 38.39 34.22 34.17
CA PHE O 14 37.33 33.41 34.76
C PHE O 14 37.32 32.01 34.18
N VAL O 15 37.54 31.89 32.87
CA VAL O 15 37.51 30.58 32.22
C VAL O 15 38.69 29.72 32.65
N ALA O 16 39.88 30.31 32.78
CA ALA O 16 41.08 29.53 33.03
C ALA O 16 41.10 28.86 34.39
N GLU O 17 40.24 29.27 35.32
CA GLU O 17 40.26 28.76 36.67
C GLU O 17 38.83 28.45 37.11
N PRO O 18 38.67 27.54 38.06
CA PRO O 18 37.34 27.33 38.65
C PRO O 18 36.85 28.61 39.32
N MET O 19 35.54 28.82 39.26
CA MET O 19 34.96 30.05 39.81
C MET O 19 35.19 30.14 41.31
N GLY O 20 35.06 29.03 42.02
CA GLY O 20 35.29 29.04 43.46
C GLY O 20 34.30 29.92 44.18
N GLU O 21 34.78 31.06 44.68
CA GLU O 21 33.95 32.02 45.38
C GLU O 21 34.08 33.42 44.79
N LYS O 22 34.22 33.51 43.46
CA LYS O 22 34.34 34.80 42.83
C LYS O 22 33.04 35.59 42.98
N PRO O 23 33.14 36.89 43.25
CA PRO O 23 31.93 37.72 43.33
C PRO O 23 31.26 37.83 41.97
N VAL O 24 30.02 38.33 42.01
CA VAL O 24 29.21 38.40 40.80
C VAL O 24 29.84 39.33 39.77
N GLY O 25 30.51 40.39 40.22
CA GLY O 25 31.16 41.30 39.28
C GLY O 25 32.30 40.66 38.52
N SER O 26 32.84 39.54 39.02
CA SER O 26 33.93 38.86 38.34
C SER O 26 33.52 38.30 36.99
N LEU O 27 32.22 38.15 36.73
CA LEU O 27 31.76 37.63 35.46
C LEU O 27 32.10 38.59 34.34
N ALA O 28 32.42 38.04 33.17
CA ALA O 28 32.79 38.85 32.03
C ALA O 28 31.62 39.75 31.60
N GLY O 29 31.95 40.98 31.22
CA GLY O 29 30.96 41.93 30.81
C GLY O 29 30.18 42.56 31.94
N ILE O 30 30.59 42.34 33.18
CA ILE O 30 29.87 42.84 34.35
C ILE O 30 30.69 43.97 34.96
N GLY O 31 30.15 45.18 34.93
CA GLY O 31 30.73 46.30 35.63
C GLY O 31 30.29 46.31 37.08
N GLU O 32 30.79 47.32 37.81
CA GLU O 32 30.42 47.45 39.21
C GLU O 32 28.93 47.69 39.37
N VAL O 33 28.33 48.47 38.48
CA VAL O 33 26.91 48.76 38.57
C VAL O 33 26.09 47.51 38.35
N LEU O 34 26.45 46.72 37.33
CA LEU O 34 25.69 45.51 37.03
C LEU O 34 25.79 44.50 38.17
N GLY O 35 27.01 44.29 38.66
CA GLY O 35 27.18 43.39 39.80
C GLY O 35 26.45 43.88 41.02
N LYS O 36 26.45 45.19 41.24
CA LYS O 36 25.71 45.76 42.37
C LYS O 36 24.23 45.48 42.24
N LYS O 37 23.67 45.67 41.05
CA LYS O 37 22.25 45.39 40.83
C LYS O 37 21.95 43.92 41.07
N LEU O 38 22.82 43.04 40.58
CA LEU O 38 22.61 41.60 40.78
C LEU O 38 22.67 41.23 42.25
N GLU O 39 23.57 41.87 43.01
CA GLU O 39 23.60 41.68 44.45
C GLU O 39 22.31 42.14 45.09
N GLU O 40 21.78 43.28 44.62
CA GLU O 40 20.49 43.76 45.11
C GLU O 40 19.40 42.73 44.87
N ARG O 41 19.40 42.11 43.69
CA ARG O 41 18.45 41.04 43.40
C ARG O 41 18.70 39.80 44.26
N GLY O 42 19.86 39.70 44.90
CA GLY O 42 20.26 38.52 45.63
C GLY O 42 21.33 37.70 44.94
N PHE O 43 21.55 37.93 43.65
CA PHE O 43 22.63 37.25 42.91
C PHE O 43 23.93 37.95 43.27
N ASP O 44 24.41 37.68 44.48
CA ASP O 44 25.59 38.35 45.03
C ASP O 44 26.87 37.55 44.79
N LYS O 45 26.77 36.42 44.11
CA LYS O 45 27.94 35.60 43.85
C LYS O 45 27.76 34.91 42.51
N ALA O 46 28.90 34.50 41.92
CA ALA O 46 28.88 33.91 40.59
C ALA O 46 28.17 32.56 40.59
N TYR O 47 28.29 31.80 41.68
CA TYR O 47 27.71 30.47 41.69
C TYR O 47 26.19 30.52 41.64
N VAL O 48 25.59 31.53 42.25
CA VAL O 48 24.14 31.70 42.16
C VAL O 48 23.73 31.96 40.71
N VAL O 49 24.49 32.81 40.02
CA VAL O 49 24.20 33.09 38.61
C VAL O 49 24.34 31.83 37.78
N LEU O 50 25.37 31.03 38.05
CA LEU O 50 25.53 29.79 37.31
C LEU O 50 24.41 28.81 37.62
N GLY O 51 23.91 28.81 38.86
CA GLY O 51 22.76 27.98 39.18
C GLY O 51 21.53 28.40 38.41
N GLN O 52 21.31 29.72 38.31
CA GLN O 52 20.22 30.23 37.48
C GLN O 52 20.40 29.81 36.02
N PHE O 53 21.65 29.88 35.53
CA PHE O 53 21.95 29.45 34.17
C PHE O 53 21.61 27.99 33.95
N LEU O 54 21.93 27.15 34.94
CA LEU O 54 21.54 25.74 34.89
C LEU O 54 20.02 25.62 34.85
N VAL O 55 19.34 26.39 35.70
CA VAL O 55 17.88 26.43 35.66
C VAL O 55 17.42 26.98 34.31
N LEU O 56 18.10 28.00 33.82
CA LEU O 56 17.86 28.49 32.46
C LEU O 56 18.28 27.49 31.40
N LYS O 57 19.01 26.43 31.79
CA LYS O 57 19.38 25.35 30.89
C LYS O 57 20.17 25.84 29.70
N LYS O 58 21.07 26.79 29.93
CA LYS O 58 22.05 27.26 28.95
C LYS O 58 21.41 27.89 27.72
N ASP O 59 20.18 28.39 27.83
CA ASP O 59 19.59 29.12 26.73
C ASP O 59 20.18 30.52 26.66
N GLU O 60 20.78 30.86 25.52
CA GLU O 60 21.40 32.17 25.37
C GLU O 60 20.36 33.28 25.48
N ASP O 61 19.25 33.16 24.75
CA ASP O 61 18.23 34.18 24.76
C ASP O 61 17.64 34.34 26.16
N LEU O 62 17.27 33.23 26.79
CA LEU O 62 16.68 33.29 28.12
C LEU O 62 17.64 33.90 29.12
N PHE O 63 18.89 33.45 29.12
CA PHE O 63 19.85 33.94 30.10
C PHE O 63 20.14 35.42 29.89
N ARG O 64 20.35 35.83 28.64
CA ARG O 64 20.66 37.24 28.38
C ARG O 64 19.47 38.13 28.71
N GLU O 65 18.26 37.71 28.35
CA GLU O 65 17.09 38.50 28.70
C GLU O 65 16.93 38.60 30.21
N TRP O 66 17.10 37.48 30.92
CA TRP O 66 16.97 37.50 32.36
C TRP O 66 18.01 38.40 33.00
N LEU O 67 19.25 38.35 32.50
CA LEU O 67 20.29 39.23 33.01
C LEU O 67 19.97 40.69 32.75
N LYS O 68 19.43 41.00 31.57
CA LYS O 68 19.03 42.36 31.27
C LYS O 68 17.93 42.84 32.20
N ASP O 69 17.00 41.94 32.53
CA ASP O 69 15.95 42.30 33.48
C ASP O 69 16.45 42.39 34.91
N THR O 70 17.54 41.66 35.23
CA THR O 70 18.02 41.54 36.64
C THR O 70 19.12 42.58 36.97
N CYS O 71 19.79 43.15 35.98
CA CYS O 71 20.74 44.22 36.21
C CYS O 71 20.85 45.21 35.06
N GLY O 72 19.95 45.16 34.08
CA GLY O 72 20.02 46.10 32.99
C GLY O 72 21.17 45.88 32.05
N ALA O 73 21.73 44.66 32.01
CA ALA O 73 22.85 44.40 31.11
C ALA O 73 22.42 44.53 29.67
N ASN O 74 23.23 45.24 28.89
CA ASN O 74 22.92 45.50 27.50
C ASN O 74 23.21 44.24 26.68
N ALA O 75 23.13 44.37 25.36
CA ALA O 75 23.45 43.25 24.48
C ALA O 75 24.91 42.83 24.66
N LYS O 76 25.81 43.81 24.70
CA LYS O 76 27.23 43.50 24.86
C LYS O 76 27.52 42.81 26.18
N GLN O 77 27.05 43.40 27.28
CA GLN O 77 27.33 42.84 28.60
C GLN O 77 26.67 41.47 28.76
N SER O 78 25.42 41.33 28.31
CA SER O 78 24.74 40.05 28.41
C SER O 78 25.45 38.98 27.59
N ARG O 79 25.88 39.33 26.38
CA ARG O 79 26.59 38.37 25.54
C ARG O 79 27.89 37.93 26.20
N ASP O 80 28.64 38.90 26.74
CA ASP O 80 29.90 38.56 27.40
C ASP O 80 29.68 37.63 28.59
N CYS O 81 28.68 37.96 29.42
CA CYS O 81 28.42 37.14 30.60
C CYS O 81 27.97 35.74 30.21
N PHE O 82 27.08 35.63 29.22
CA PHE O 82 26.61 34.32 28.79
C PHE O 82 27.75 33.49 28.23
N GLY O 83 28.58 34.10 27.38
CA GLY O 83 29.70 33.37 26.82
C GLY O 83 30.67 32.90 27.89
N CYS O 84 30.94 33.75 28.87
CA CYS O 84 31.83 33.38 29.96
C CYS O 84 31.27 32.20 30.75
N LEU O 85 29.98 32.28 31.10
CA LEU O 85 29.37 31.19 31.86
C LEU O 85 29.35 29.90 31.07
N ARG O 86 29.00 29.97 29.78
CA ARG O 86 28.95 28.77 28.95
C ARG O 86 30.33 28.15 28.81
N GLU O 87 31.36 28.97 28.58
CA GLU O 87 32.71 28.42 28.46
C GLU O 87 33.17 27.80 29.77
N TRP O 88 32.87 28.45 30.90
CA TRP O 88 33.24 27.87 32.18
C TRP O 88 32.56 26.53 32.39
N CYS O 89 31.27 26.45 32.07
CA CYS O 89 30.55 25.18 32.23
C CYS O 89 31.13 24.10 31.33
N ASP O 90 31.44 24.47 30.08
CA ASP O 90 32.02 23.49 29.16
C ASP O 90 33.38 23.01 29.64
N ALA O 91 34.17 23.90 30.24
CA ALA O 91 35.50 23.53 30.72
C ALA O 91 35.45 22.69 31.99
N PHE O 92 34.57 23.05 32.93
CA PHE O 92 34.56 22.44 34.25
C PHE O 92 33.37 21.51 34.48
N LEU O 93 32.16 21.97 34.18
CA LEU O 93 30.98 21.13 34.36
C LEU O 93 30.98 20.01 33.33
N SER P 20 40.41 5.43 54.69
CA SER P 20 41.66 6.17 54.64
C SER P 20 41.49 7.56 55.23
N SER P 21 40.24 7.98 55.37
CA SER P 21 39.82 9.28 55.87
C SER P 21 40.24 10.43 54.96
N PHE P 22 40.96 10.15 53.88
CA PHE P 22 41.42 11.17 52.94
C PHE P 22 40.57 11.05 51.68
N SER P 23 39.46 11.77 51.66
CA SER P 23 38.57 11.72 50.51
C SER P 23 39.26 12.30 49.28
N GLN P 24 39.20 11.56 48.17
CA GLN P 24 39.86 11.93 46.93
C GLN P 24 38.81 12.39 45.92
N HIS P 25 39.05 13.55 45.33
CA HIS P 25 38.12 14.15 44.37
C HIS P 25 38.92 14.61 43.16
N ALA P 26 38.64 14.02 42.01
CA ALA P 26 39.42 14.28 40.82
C ALA P 26 38.54 14.83 39.72
N ARG P 27 39.09 15.79 38.97
CA ARG P 27 38.48 16.29 37.75
C ARG P 27 39.56 16.48 36.71
N THR P 28 39.33 15.92 35.52
CA THR P 28 40.31 15.97 34.45
C THR P 28 39.57 16.09 33.12
N SER P 29 40.01 17.04 32.30
CA SER P 29 39.42 17.27 30.99
C SER P 29 40.38 16.99 29.84
N GLY P 30 41.62 16.61 30.12
CA GLY P 30 42.58 16.37 29.06
C GLY P 30 42.96 14.91 28.91
N ARG P 31 44.14 14.65 28.36
CA ARG P 31 44.62 13.30 28.16
C ARG P 31 45.42 12.76 29.34
N VAL P 32 45.80 13.61 30.28
CA VAL P 32 46.57 13.21 31.45
C VAL P 32 45.75 13.50 32.70
N ALA P 33 45.58 12.48 33.53
CA ALA P 33 44.84 12.60 34.78
C ALA P 33 45.80 12.42 35.94
N VAL P 34 45.42 12.97 37.09
CA VAL P 34 46.25 12.87 38.29
C VAL P 34 46.13 11.44 38.82
N GLU P 35 47.13 10.61 38.49
CA GLU P 35 47.03 9.18 38.80
C GLU P 35 47.08 8.93 40.30
N GLU P 36 48.07 9.50 40.98
CA GLU P 36 48.27 9.20 42.39
C GLU P 36 48.99 10.35 43.08
N VAL P 37 48.62 10.59 44.33
CA VAL P 37 49.23 11.62 45.16
C VAL P 37 49.81 10.97 46.40
N ASP P 38 51.07 11.28 46.70
CA ASP P 38 51.73 10.75 47.89
C ASP P 38 51.35 11.62 49.09
N GLU P 39 50.69 11.01 50.07
CA GLU P 39 50.30 11.75 51.27
C GLU P 39 51.50 12.25 52.06
N GLU P 40 52.64 11.57 51.96
CA GLU P 40 53.86 11.98 52.63
C GLU P 40 54.66 12.97 51.80
N GLY P 41 54.18 13.31 50.60
CA GLY P 41 54.89 14.24 49.74
C GLY P 41 56.14 13.70 49.11
N LYS P 42 56.25 12.39 48.94
CA LYS P 42 57.45 11.83 48.31
C LYS P 42 57.39 11.96 46.79
N PHE P 43 56.20 11.82 46.21
CA PHE P 43 56.10 11.84 44.75
C PHE P 43 54.73 12.35 44.34
N VAL P 44 54.64 12.70 43.06
CA VAL P 44 53.36 12.95 42.41
C VAL P 44 53.31 12.06 41.16
N ARG P 45 52.28 11.22 41.07
CA ARG P 45 52.17 10.24 40.01
C ARG P 45 51.02 10.60 39.08
N LEU P 46 51.33 10.71 37.79
CA LEU P 46 50.35 11.07 36.78
C LEU P 46 50.40 10.04 35.65
N ARG P 47 49.31 9.95 34.91
CA ARG P 47 49.21 9.02 33.79
C ARG P 47 48.55 9.71 32.60
N ASN P 48 49.08 9.44 31.41
CA ASN P 48 48.47 9.89 30.16
C ASN P 48 47.33 8.92 29.87
N LYS P 49 46.16 9.23 30.40
CA LYS P 49 45.02 8.32 30.40
C LYS P 49 44.41 8.14 29.02
N SER P 50 45.04 8.66 27.97
CA SER P 50 44.54 8.57 26.61
C SER P 50 45.34 7.53 25.82
N ASN P 51 44.96 7.36 24.56
CA ASN P 51 45.67 6.50 23.63
C ASN P 51 46.54 7.27 22.65
N GLU P 52 46.88 8.51 22.98
CA GLU P 52 47.78 9.33 22.17
C GLU P 52 48.90 9.87 23.05
N ASP P 53 50.05 10.12 22.44
CA ASP P 53 51.16 10.72 23.17
C ASP P 53 50.82 12.15 23.56
N GLN P 54 51.07 12.48 24.83
CA GLN P 54 50.80 13.81 25.36
C GLN P 54 52.12 14.54 25.57
N SER P 55 52.24 15.72 24.98
CA SER P 55 53.42 16.56 25.15
C SER P 55 53.19 17.51 26.31
N MET P 56 54.08 17.48 27.30
CA MET P 56 53.96 18.30 28.50
C MET P 56 55.14 19.25 28.64
N GLY P 57 55.72 19.68 27.53
CA GLY P 57 56.82 20.62 27.56
C GLY P 57 56.44 21.95 28.20
N ASN P 58 57.26 22.39 29.17
CA ASN P 58 57.07 23.61 29.95
C ASN P 58 55.85 23.54 30.86
N TRP P 59 55.20 22.39 31.00
CA TRP P 59 54.02 22.31 31.85
C TRP P 59 54.42 22.44 33.32
N GLN P 60 53.45 22.84 34.14
CA GLN P 60 53.68 23.09 35.54
C GLN P 60 52.73 22.28 36.40
N ILE P 61 53.14 22.03 37.64
CA ILE P 61 52.33 21.34 38.62
C ILE P 61 52.20 22.24 39.84
N LYS P 62 50.97 22.67 40.13
CA LYS P 62 50.71 23.58 41.24
C LYS P 62 50.11 22.77 42.38
N ARG P 63 50.85 22.65 43.48
CA ARG P 63 50.49 21.81 44.61
C ARG P 63 50.13 22.67 45.80
N GLN P 64 48.94 22.44 46.35
CA GLN P 64 48.47 23.15 47.54
C GLN P 64 48.31 22.15 48.67
N ASN P 65 48.81 22.51 49.85
CA ASN P 65 48.77 21.66 51.03
C ASN P 65 48.11 22.44 52.15
N GLY P 66 46.79 22.39 52.22
CA GLY P 66 46.08 23.15 53.23
C GLY P 66 46.32 24.63 53.04
N ASP P 67 46.82 25.29 54.09
CA ASP P 67 47.15 26.70 54.03
C ASP P 67 48.61 26.95 53.67
N ASP P 68 49.37 25.90 53.34
CA ASP P 68 50.76 26.08 52.97
C ASP P 68 50.86 26.76 51.60
N PRO P 69 51.95 27.48 51.34
CA PRO P 69 52.11 28.12 50.03
C PRO P 69 52.16 27.10 48.91
N LEU P 70 51.69 27.53 47.74
CA LEU P 70 51.63 26.65 46.58
C LEU P 70 53.02 26.24 46.12
N LEU P 71 53.16 24.97 45.76
CA LEU P 71 54.39 24.44 45.20
C LEU P 71 54.20 24.24 43.70
N THR P 72 55.09 24.82 42.91
CA THR P 72 55.02 24.75 41.46
C THR P 72 56.28 24.11 40.90
N TYR P 73 56.11 22.94 40.27
CA TYR P 73 57.19 22.27 39.55
C TYR P 73 56.95 22.44 38.06
N ARG P 74 58.01 22.74 37.33
CA ARG P 74 57.93 23.00 35.90
C ARG P 74 58.60 21.89 35.12
N PHE P 75 57.92 21.41 34.08
CA PHE P 75 58.47 20.40 33.21
C PHE P 75 59.51 21.01 32.27
N PRO P 76 60.38 20.19 31.70
CA PRO P 76 61.36 20.69 30.73
C PRO P 76 60.67 21.38 29.56
N PRO P 77 61.41 22.18 28.78
CA PRO P 77 60.76 22.89 27.66
C PRO P 77 60.08 21.98 26.67
N LYS P 78 60.61 20.78 26.45
CA LYS P 78 59.96 19.76 25.65
C LYS P 78 59.91 18.47 26.46
N PHE P 79 58.71 18.05 26.84
CA PHE P 79 58.52 16.83 27.62
C PHE P 79 57.27 16.14 27.10
N THR P 80 57.36 14.82 26.92
CA THR P 80 56.25 14.06 26.36
C THR P 80 55.98 12.84 27.21
N LEU P 81 54.71 12.65 27.58
CA LEU P 81 54.25 11.44 28.24
C LEU P 81 53.38 10.67 27.26
N LYS P 82 53.85 9.49 26.86
CA LYS P 82 53.17 8.72 25.84
C LYS P 82 51.87 8.14 26.37
N ALA P 83 51.06 7.59 25.46
CA ALA P 83 49.76 7.06 25.82
C ALA P 83 49.86 6.00 26.89
N GLY P 84 49.00 6.11 27.91
CA GLY P 84 49.00 5.17 29.02
C GLY P 84 50.22 5.23 29.91
N GLN P 85 51.26 5.97 29.52
CA GLN P 85 52.48 6.02 30.32
C GLN P 85 52.25 6.83 31.59
N VAL P 86 53.05 6.52 32.59
CA VAL P 86 52.97 7.18 33.89
C VAL P 86 54.25 7.98 34.10
N VAL P 87 54.09 9.27 34.38
CA VAL P 87 55.20 10.11 34.81
C VAL P 87 55.00 10.39 36.29
N THR P 88 56.00 10.05 37.09
CA THR P 88 55.93 10.23 38.54
C THR P 88 56.98 11.26 38.92
N ILE P 89 56.53 12.45 39.33
CA ILE P 89 57.44 13.49 39.77
C ILE P 89 57.77 13.26 41.23
N TRP P 90 59.02 12.90 41.49
CA TRP P 90 59.48 12.56 42.83
C TRP P 90 60.03 13.80 43.53
N ALA P 91 59.89 13.82 44.86
CA ALA P 91 60.49 14.88 45.64
C ALA P 91 61.95 14.52 45.98
N ALA P 92 62.70 15.52 46.43
CA ALA P 92 64.08 15.29 46.83
C ALA P 92 64.16 14.33 48.01
N GLY P 93 63.26 14.48 48.97
CA GLY P 93 63.26 13.59 50.12
C GLY P 93 62.83 12.17 49.81
N ALA P 94 62.18 11.95 48.67
CA ALA P 94 61.86 10.58 48.26
C ALA P 94 63.13 9.79 47.98
N GLY P 95 64.19 10.47 47.54
CA GLY P 95 65.44 9.81 47.25
C GLY P 95 65.47 9.02 45.96
N ALA P 96 64.41 9.11 45.15
CA ALA P 96 64.35 8.36 43.91
C ALA P 96 65.32 8.93 42.88
N THR P 97 65.55 8.16 41.83
CA THR P 97 66.38 8.58 40.71
C THR P 97 65.46 8.82 39.52
N HIS P 98 65.65 9.97 38.85
CA HIS P 98 64.78 10.32 37.74
C HIS P 98 64.99 9.35 36.58
N SER P 99 63.89 8.87 36.01
CA SER P 99 63.93 7.99 34.84
C SER P 99 63.00 8.57 33.79
N PRO P 100 63.44 9.63 33.12
CA PRO P 100 62.55 10.34 32.20
C PRO P 100 62.18 9.48 31.00
N PRO P 101 60.97 9.63 30.47
CA PRO P 101 59.90 10.53 30.95
C PRO P 101 59.02 9.82 31.98
N THR P 102 59.41 8.62 32.40
CA THR P 102 58.64 7.85 33.38
C THR P 102 58.80 8.35 34.80
N ASP P 103 60.03 8.66 35.22
CA ASP P 103 60.28 9.12 36.58
C ASP P 103 61.09 10.40 36.54
N LEU P 104 60.58 11.43 37.20
CA LEU P 104 61.31 12.66 37.41
C LEU P 104 61.38 12.90 38.91
N VAL P 105 62.55 13.31 39.39
CA VAL P 105 62.73 13.61 40.80
C VAL P 105 62.96 15.11 40.93
N TRP P 106 62.00 15.81 41.53
CA TRP P 106 62.10 17.24 41.75
C TRP P 106 63.07 17.45 42.90
N LYS P 107 64.37 17.39 42.57
CA LYS P 107 65.40 17.56 43.58
C LYS P 107 65.33 18.94 44.23
N ALA P 108 64.72 19.91 43.54
CA ALA P 108 64.59 21.25 44.08
C ALA P 108 63.58 21.33 45.23
N GLN P 109 62.74 20.32 45.40
CA GLN P 109 61.75 20.29 46.48
C GLN P 109 61.97 19.06 47.33
N ASN P 110 62.17 19.26 48.63
CA ASN P 110 62.40 18.14 49.53
C ASN P 110 61.20 17.20 49.59
N THR P 111 60.01 17.76 49.71
CA THR P 111 58.80 16.95 49.84
C THR P 111 57.61 17.74 49.32
N TRP P 112 56.65 17.01 48.75
CA TRP P 112 55.46 17.66 48.20
C TRP P 112 54.52 18.17 49.29
N GLY P 113 54.73 17.79 50.54
CA GLY P 113 53.98 18.34 51.65
C GLY P 113 52.96 17.36 52.22
N CYS P 114 52.44 17.73 53.39
CA CYS P 114 51.42 16.95 54.08
C CYS P 114 50.39 17.91 54.66
N GLY P 115 49.22 17.38 54.97
CA GLY P 115 48.15 18.16 55.56
C GLY P 115 46.79 17.57 55.19
N ASN P 116 45.77 18.01 55.93
CA ASN P 116 44.42 17.52 55.72
C ASN P 116 43.84 17.95 54.39
N SER P 117 44.36 19.01 53.77
CA SER P 117 43.86 19.53 52.51
C SER P 117 45.00 19.51 51.50
N LEU P 118 45.16 18.36 50.82
CA LEU P 118 46.17 18.19 49.79
C LEU P 118 45.48 18.22 48.44
N ARG P 119 45.72 19.29 47.67
CA ARG P 119 45.15 19.44 46.33
C ARG P 119 46.27 19.64 45.33
N THR P 120 46.21 18.92 44.22
CA THR P 120 47.22 19.01 43.17
C THR P 120 46.51 19.30 41.85
N ALA P 121 47.01 20.30 41.14
CA ALA P 121 46.48 20.68 39.83
C ALA P 121 47.60 20.65 38.80
N LEU P 122 47.33 20.06 37.64
CA LEU P 122 48.27 20.02 36.54
C LEU P 122 48.07 21.24 35.67
N ILE P 123 49.15 21.97 35.40
CA ILE P 123 49.11 23.22 34.64
C ILE P 123 49.91 23.02 33.36
N ASN P 124 49.29 23.33 32.23
CA ASN P 124 49.95 23.12 30.96
C ASN P 124 50.96 24.23 30.68
N SER P 125 51.52 24.21 29.47
CA SER P 125 52.46 25.24 29.07
C SER P 125 51.76 26.59 28.92
N THR P 126 50.45 26.60 28.74
CA THR P 126 49.67 27.83 28.65
C THR P 126 49.14 28.29 29.99
N GLY P 127 49.60 27.68 31.08
CA GLY P 127 49.17 28.09 32.41
C GLY P 127 47.70 27.80 32.69
N GLU P 128 47.20 26.67 32.19
CA GLU P 128 45.80 26.30 32.34
C GLU P 128 45.69 24.98 33.07
N GLU P 129 44.71 24.89 33.97
CA GLU P 129 44.49 23.66 34.72
C GLU P 129 43.56 22.74 33.95
N VAL P 130 44.00 21.51 33.74
CA VAL P 130 43.20 20.50 33.05
C VAL P 130 42.94 19.27 33.90
N ALA P 131 43.76 19.01 34.91
CA ALA P 131 43.58 17.85 35.78
C ALA P 131 43.74 18.30 37.21
N MET P 132 43.06 17.60 38.11
CA MET P 132 43.10 17.95 39.52
C MET P 132 42.71 16.73 40.35
N ARG P 133 43.35 16.60 41.50
CA ARG P 133 42.98 15.62 42.51
C ARG P 133 43.27 16.23 43.87
N LYS P 134 42.29 16.18 44.76
CA LYS P 134 42.44 16.72 46.09
C LYS P 134 42.20 15.64 47.14
N LEU P 135 43.06 15.60 48.15
CA LEU P 135 42.93 14.69 49.27
C LEU P 135 42.47 15.48 50.48
N VAL P 136 41.29 15.14 51.00
CA VAL P 136 40.68 15.87 52.11
C VAL P 136 40.47 14.91 53.27
N ARG P 137 41.01 15.27 54.43
CA ARG P 137 40.93 14.44 55.62
C ARG P 137 40.19 15.16 56.73
N SER P 138 39.37 14.41 57.46
CA SER P 138 38.62 14.95 58.59
C SER P 138 39.55 15.43 59.70
N PRO Q 42 2.61 -57.36 4.02
CA PRO Q 42 3.48 -58.18 4.88
C PRO Q 42 2.97 -58.23 6.32
N HIS Q 43 3.88 -58.47 7.26
CA HIS Q 43 3.51 -58.43 8.66
C HIS Q 43 3.29 -56.98 9.08
N ARG Q 44 2.03 -56.55 9.07
CA ARG Q 44 1.68 -55.17 9.41
C ARG Q 44 0.48 -55.19 10.34
N TYR Q 45 0.66 -54.66 11.55
CA TYR Q 45 -0.45 -54.61 12.51
C TYR Q 45 -1.49 -53.62 12.02
N ARG Q 46 -2.75 -54.06 11.97
CA ARG Q 46 -3.82 -53.24 11.43
C ARG Q 46 -4.07 -52.02 12.32
N PRO Q 47 -4.58 -50.93 11.73
CA PRO Q 47 -4.71 -49.68 12.50
C PRO Q 47 -5.60 -49.85 13.73
N GLY Q 48 -5.19 -49.20 14.81
CA GLY Q 48 -5.93 -49.26 16.06
C GLY Q 48 -5.20 -50.01 17.15
N THR Q 49 -4.61 -51.15 16.79
CA THR Q 49 -3.81 -51.90 17.77
C THR Q 49 -2.58 -51.10 18.18
N VAL Q 50 -1.89 -50.53 17.19
CA VAL Q 50 -0.78 -49.63 17.49
C VAL Q 50 -1.29 -48.41 18.23
N ALA Q 51 -2.48 -47.93 17.86
CA ALA Q 51 -3.11 -46.83 18.59
C ALA Q 51 -3.38 -47.22 20.04
N LEU Q 52 -3.85 -48.45 20.26
CA LEU Q 52 -4.10 -48.92 21.62
C LEU Q 52 -2.80 -48.99 22.42
N ARG Q 53 -1.73 -49.46 21.79
CA ARG Q 53 -0.44 -49.49 22.46
C ARG Q 53 0.03 -48.09 22.81
N GLU Q 54 -0.18 -47.13 21.90
CA GLU Q 54 0.15 -45.75 22.19
C GLU Q 54 -0.66 -45.23 23.38
N ILE Q 55 -1.94 -45.59 23.44
CA ILE Q 55 -2.80 -45.18 24.54
C ILE Q 55 -2.28 -45.74 25.85
N ARG Q 56 -1.94 -47.03 25.86
CA ARG Q 56 -1.44 -47.66 27.06
C ARG Q 56 -0.14 -47.01 27.53
N ARG Q 57 0.75 -46.73 26.58
CA ARG Q 57 2.01 -46.05 26.90
C ARG Q 57 1.74 -44.68 27.51
N TYR Q 58 0.93 -43.87 26.84
CA TYR Q 58 0.71 -42.50 27.28
C TYR Q 58 0.01 -42.46 28.64
N GLN Q 59 -0.97 -43.34 28.86
CA GLN Q 59 -1.60 -43.40 30.17
C GLN Q 59 -0.63 -43.87 31.23
N LYS Q 60 0.19 -44.87 30.93
CA LYS Q 60 1.28 -45.24 31.83
C LYS Q 60 2.32 -44.13 31.96
N SER Q 61 2.63 -43.44 30.86
CA SER Q 61 3.58 -42.34 30.91
C SER Q 61 2.94 -41.11 31.53
N THR Q 62 3.79 -40.16 31.91
CA THR Q 62 3.33 -38.93 32.54
C THR Q 62 4.03 -37.68 32.04
N GLU Q 63 4.99 -37.79 31.13
CA GLU Q 63 5.77 -36.64 30.70
C GLU Q 63 4.97 -35.74 29.76
N LEU Q 64 5.58 -34.62 29.39
CA LEU Q 64 4.97 -33.71 28.44
C LEU Q 64 4.90 -34.36 27.06
N LEU Q 65 3.77 -34.18 26.38
CA LEU Q 65 3.59 -34.64 25.02
C LEU Q 65 3.75 -33.53 23.99
N ILE Q 66 4.21 -32.36 24.41
CA ILE Q 66 4.45 -31.24 23.51
C ILE Q 66 5.86 -30.73 23.74
N ARG Q 67 6.60 -30.51 22.66
CA ARG Q 67 7.96 -29.99 22.80
C ARG Q 67 7.92 -28.61 23.46
N LYS Q 68 8.80 -28.42 24.44
CA LYS Q 68 8.74 -27.24 25.30
C LYS Q 68 9.02 -25.96 24.53
N LEU Q 69 10.02 -25.99 23.64
CA LEU Q 69 10.44 -24.77 22.95
C LEU Q 69 9.37 -24.21 22.02
N PRO Q 70 8.69 -25.00 21.16
CA PRO Q 70 7.58 -24.42 20.40
C PRO Q 70 6.50 -23.84 21.31
N PHE Q 71 6.24 -24.49 22.44
CA PHE Q 71 5.26 -23.99 23.38
C PHE Q 71 5.69 -22.63 23.94
N GLN Q 72 6.96 -22.48 24.28
CA GLN Q 72 7.43 -21.22 24.83
C GLN Q 72 7.43 -20.13 23.77
N ARG Q 73 7.72 -20.50 22.52
CA ARG Q 73 7.58 -19.53 21.43
C ARG Q 73 6.14 -19.04 21.33
N LEU Q 74 5.19 -19.97 21.40
CA LEU Q 74 3.77 -19.59 21.38
C LEU Q 74 3.44 -18.70 22.57
N VAL Q 75 3.97 -19.03 23.75
CA VAL Q 75 3.67 -18.27 24.96
C VAL Q 75 4.18 -16.84 24.84
N ARG Q 76 5.44 -16.68 24.41
CA ARG Q 76 6.00 -15.34 24.29
C ARG Q 76 5.31 -14.55 23.18
N GLU Q 77 4.90 -15.24 22.10
CA GLU Q 77 4.17 -14.57 21.04
C GLU Q 77 2.81 -14.08 21.54
N ILE Q 78 2.12 -14.89 22.34
CA ILE Q 78 0.81 -14.52 22.85
C ILE Q 78 0.93 -13.34 23.80
N ALA Q 79 1.85 -13.43 24.77
CA ALA Q 79 2.00 -12.36 25.75
C ALA Q 79 2.61 -11.11 25.14
N GLN Q 80 3.28 -11.23 23.99
CA GLN Q 80 3.72 -10.05 23.26
C GLN Q 80 2.54 -9.17 22.89
N ASP Q 81 1.36 -9.75 22.70
CA ASP Q 81 0.14 -8.97 22.50
C ASP Q 81 -0.33 -8.28 23.76
N PHE Q 82 0.12 -8.74 24.93
CA PHE Q 82 -0.23 -8.10 26.19
C PHE Q 82 0.86 -7.20 26.74
N LYS Q 83 2.13 -7.58 26.59
CA LYS Q 83 3.24 -6.71 26.98
C LYS Q 83 4.46 -7.14 26.18
N THR Q 84 5.20 -6.14 25.70
CA THR Q 84 6.28 -6.35 24.73
C THR Q 84 7.50 -7.01 25.35
N ASP Q 85 7.93 -6.56 26.53
CA ASP Q 85 9.20 -6.96 27.11
C ASP Q 85 9.00 -7.88 28.32
N LEU Q 86 8.04 -8.79 28.22
CA LEU Q 86 7.82 -9.78 29.27
C LEU Q 86 8.94 -10.81 29.28
N ARG Q 87 9.38 -11.18 30.48
CA ARG Q 87 10.36 -12.25 30.67
C ARG Q 87 9.75 -13.30 31.58
N PHE Q 88 9.68 -14.53 31.08
CA PHE Q 88 9.00 -15.62 31.76
C PHE Q 88 10.01 -16.54 32.41
N GLN Q 89 9.80 -16.86 33.68
CA GLN Q 89 10.58 -17.91 34.31
C GLN Q 89 10.35 -19.22 33.57
N SER Q 90 11.42 -20.00 33.42
CA SER Q 90 11.27 -21.33 32.81
C SER Q 90 10.29 -22.17 33.61
N SER Q 91 10.23 -21.95 34.92
CA SER Q 91 9.20 -22.58 35.73
C SER Q 91 7.81 -22.15 35.27
N ALA Q 92 7.66 -20.86 34.95
CA ALA Q 92 6.36 -20.38 34.49
C ALA Q 92 5.95 -21.03 33.17
N VAL Q 93 6.88 -21.11 32.21
CA VAL Q 93 6.55 -21.70 30.92
C VAL Q 93 6.25 -23.19 31.07
N MET Q 94 7.03 -23.89 31.89
CA MET Q 94 6.78 -25.31 32.09
C MET Q 94 5.46 -25.55 32.81
N ALA Q 95 5.12 -24.70 33.78
CA ALA Q 95 3.82 -24.80 34.43
C ALA Q 95 2.70 -24.55 33.44
N LEU Q 96 2.87 -23.56 32.56
CA LEU Q 96 1.89 -23.31 31.52
C LEU Q 96 1.72 -24.52 30.61
N GLN Q 97 2.83 -25.15 30.23
CA GLN Q 97 2.75 -26.33 29.37
C GLN Q 97 2.06 -27.47 30.07
N GLU Q 98 2.38 -27.69 31.35
CA GLU Q 98 1.71 -28.74 32.12
C GLU Q 98 0.22 -28.50 32.20
N ALA Q 99 -0.18 -27.28 32.54
CA ALA Q 99 -1.60 -26.97 32.65
C ALA Q 99 -2.32 -27.09 31.32
N CYS Q 100 -1.69 -26.61 30.23
CA CYS Q 100 -2.31 -26.71 28.92
C CYS Q 100 -2.49 -28.16 28.50
N GLU Q 101 -1.46 -28.99 28.73
CA GLU Q 101 -1.57 -30.40 28.36
C GLU Q 101 -2.65 -31.09 29.18
N ALA Q 102 -2.71 -30.82 30.49
CA ALA Q 102 -3.74 -31.45 31.31
C ALA Q 102 -5.14 -31.01 30.87
N TYR Q 103 -5.31 -29.72 30.61
CA TYR Q 103 -6.61 -29.20 30.19
C TYR Q 103 -7.03 -29.81 28.85
N LEU Q 104 -6.10 -29.88 27.90
CA LEU Q 104 -6.42 -30.45 26.59
C LEU Q 104 -6.71 -31.94 26.69
N VAL Q 105 -6.00 -32.64 27.58
CA VAL Q 105 -6.26 -34.07 27.75
C VAL Q 105 -7.63 -34.30 28.35
N GLY Q 106 -8.02 -33.49 29.34
CA GLY Q 106 -9.37 -33.58 29.87
C GLY Q 106 -10.42 -33.27 28.81
N LEU Q 107 -10.16 -32.25 27.99
CA LEU Q 107 -11.08 -31.91 26.92
C LEU Q 107 -11.20 -33.05 25.92
N PHE Q 108 -10.08 -33.71 25.59
CA PHE Q 108 -10.12 -34.82 24.65
C PHE Q 108 -10.84 -36.03 25.24
N GLU Q 109 -10.68 -36.26 26.56
CA GLU Q 109 -11.44 -37.30 27.22
C GLU Q 109 -12.94 -37.04 27.11
N ASP Q 110 -13.34 -35.79 27.36
CA ASP Q 110 -14.75 -35.44 27.23
C ASP Q 110 -15.23 -35.59 25.79
N THR Q 111 -14.38 -35.21 24.82
CA THR Q 111 -14.74 -35.36 23.41
C THR Q 111 -14.94 -36.82 23.05
N ASN Q 112 -14.05 -37.70 23.53
CA ASN Q 112 -14.20 -39.12 23.28
C ASN Q 112 -15.48 -39.64 23.92
N LEU Q 113 -15.78 -39.19 25.13
CA LEU Q 113 -17.04 -39.56 25.78
C LEU Q 113 -18.23 -39.15 24.92
N CYS Q 114 -18.16 -37.94 24.35
CA CYS Q 114 -19.25 -37.45 23.49
C CYS Q 114 -19.38 -38.31 22.23
N ALA Q 115 -18.25 -38.68 21.62
CA ALA Q 115 -18.29 -39.47 20.40
C ALA Q 115 -18.92 -40.83 20.65
N ILE Q 116 -18.60 -41.45 21.79
CA ILE Q 116 -19.17 -42.75 22.11
C ILE Q 116 -20.66 -42.64 22.39
N HIS Q 117 -21.09 -41.54 23.00
CA HIS Q 117 -22.52 -41.32 23.22
C HIS Q 117 -23.26 -41.25 21.88
N ALA Q 118 -22.64 -40.63 20.88
CA ALA Q 118 -23.21 -40.55 19.54
C ALA Q 118 -22.98 -41.81 18.72
N LYS Q 119 -22.65 -42.92 19.37
CA LYS Q 119 -22.46 -44.21 18.73
C LYS Q 119 -21.40 -44.15 17.63
N ARG Q 120 -20.30 -43.43 17.88
CA ARG Q 120 -19.21 -43.30 16.94
C ARG Q 120 -17.88 -43.50 17.65
N VAL Q 121 -16.87 -43.90 16.89
CA VAL Q 121 -15.52 -44.10 17.42
C VAL Q 121 -14.54 -43.04 16.94
N THR Q 122 -14.88 -42.27 15.90
CA THR Q 122 -14.04 -41.18 15.43
C THR Q 122 -14.59 -39.86 15.99
N ILE Q 123 -13.76 -39.15 16.73
CA ILE Q 123 -14.17 -37.90 17.36
C ILE Q 123 -14.40 -36.86 16.29
N MET Q 124 -15.24 -35.87 16.59
CA MET Q 124 -15.60 -34.80 15.68
C MET Q 124 -15.55 -33.48 16.43
N PRO Q 125 -15.35 -32.37 15.72
CA PRO Q 125 -15.36 -31.06 16.39
C PRO Q 125 -16.66 -30.76 17.11
N LYS Q 126 -17.79 -31.30 16.61
CA LYS Q 126 -19.06 -31.11 17.29
C LYS Q 126 -19.01 -31.64 18.71
N ASP Q 127 -18.32 -32.77 18.92
CA ASP Q 127 -18.17 -33.31 20.26
C ASP Q 127 -17.44 -32.32 21.16
N ILE Q 128 -16.37 -31.71 20.64
CA ILE Q 128 -15.62 -30.73 21.42
C ILE Q 128 -16.48 -29.54 21.78
N GLN Q 129 -17.22 -29.02 20.79
CA GLN Q 129 -18.05 -27.84 21.02
C GLN Q 129 -19.14 -28.12 22.04
N LEU Q 130 -19.82 -29.26 21.90
CA LEU Q 130 -20.89 -29.60 22.84
C LEU Q 130 -20.33 -29.80 24.24
N ALA Q 131 -19.19 -30.49 24.36
CA ALA Q 131 -18.59 -30.73 25.67
C ALA Q 131 -18.21 -29.40 26.33
N ARG Q 132 -17.62 -28.49 25.57
CA ARG Q 132 -17.30 -27.17 26.12
C ARG Q 132 -18.56 -26.43 26.54
N ARG Q 133 -19.61 -26.49 25.72
CA ARG Q 133 -20.83 -25.77 26.03
C ARG Q 133 -21.47 -26.29 27.31
N ILE Q 134 -21.56 -27.61 27.46
CA ILE Q 134 -22.12 -28.18 28.68
C ILE Q 134 -21.21 -27.89 29.87
N ARG Q 135 -19.90 -27.90 29.64
CA ARG Q 135 -18.97 -27.48 30.68
C ARG Q 135 -19.10 -26.00 31.02
N GLY Q 136 -19.82 -25.25 30.19
CA GLY Q 136 -19.95 -23.82 30.38
C GLY Q 136 -19.06 -22.97 29.50
N GLU Q 137 -18.37 -23.58 28.53
CA GLU Q 137 -17.49 -22.83 27.65
C GLU Q 137 -18.17 -22.58 26.30
N ASN R 29 3.11 -16.95 16.00
CA ASN R 29 3.73 -18.22 16.37
C ASN R 29 2.69 -19.18 16.94
N ILE R 30 1.43 -18.96 16.56
CA ILE R 30 0.35 -19.87 16.96
C ILE R 30 0.51 -21.21 16.27
N GLN R 31 1.07 -21.22 15.06
CA GLN R 31 1.27 -22.46 14.31
C GLN R 31 2.26 -23.40 14.97
N GLY R 32 3.00 -22.93 15.98
CA GLY R 32 3.92 -23.78 16.71
C GLY R 32 3.25 -24.96 17.37
N ILE R 33 1.93 -24.92 17.51
CA ILE R 33 1.17 -26.08 18.00
C ILE R 33 1.01 -27.04 16.84
N THR R 34 1.92 -28.00 16.74
CA THR R 34 1.92 -28.92 15.62
C THR R 34 0.79 -29.93 15.73
N LYS R 35 0.33 -30.41 14.57
CA LYS R 35 -0.65 -31.49 14.52
C LYS R 35 -0.20 -32.75 15.25
N PRO R 36 1.05 -33.22 15.12
CA PRO R 36 1.46 -34.41 15.89
C PRO R 36 1.30 -34.25 17.39
N ALA R 37 1.52 -33.05 17.92
CA ALA R 37 1.30 -32.83 19.35
C ALA R 37 -0.16 -33.06 19.70
N ILE R 38 -1.07 -32.56 18.87
CA ILE R 38 -2.50 -32.78 19.07
C ILE R 38 -2.82 -34.26 18.98
N ARG R 39 -2.22 -34.97 18.02
CA ARG R 39 -2.47 -36.40 17.86
C ARG R 39 -1.99 -37.18 19.08
N ARG R 40 -0.83 -36.82 19.61
CA ARG R 40 -0.30 -37.52 20.78
C ARG R 40 -1.14 -37.24 22.02
N LEU R 41 -1.59 -35.99 22.18
CA LEU R 41 -2.47 -35.68 23.30
C LEU R 41 -3.78 -36.45 23.18
N ALA R 42 -4.30 -36.57 21.95
CA ALA R 42 -5.51 -37.36 21.72
C ALA R 42 -5.27 -38.83 22.03
N ARG R 43 -4.12 -39.36 21.65
CA ARG R 43 -3.78 -40.75 21.95
C ARG R 43 -3.73 -40.97 23.46
N ARG R 44 -3.15 -40.02 24.19
CA ARG R 44 -3.19 -40.10 25.65
C ARG R 44 -4.63 -40.04 26.15
N GLY R 45 -5.46 -39.23 25.50
CA GLY R 45 -6.87 -39.15 25.83
C GLY R 45 -7.70 -40.31 25.32
N GLY R 46 -7.15 -41.16 24.46
CA GLY R 46 -7.85 -42.32 23.96
C GLY R 46 -8.49 -42.20 22.59
N VAL R 47 -8.20 -41.13 21.85
CA VAL R 47 -8.80 -40.94 20.53
C VAL R 47 -8.17 -41.90 19.53
N LYS R 48 -9.02 -42.58 18.75
CA LYS R 48 -8.56 -43.50 17.73
C LYS R 48 -8.26 -42.78 16.41
N ARG R 49 -9.26 -42.09 15.86
CA ARG R 49 -9.12 -41.37 14.62
C ARG R 49 -9.46 -39.90 14.85
N ILE R 50 -8.73 -39.02 14.16
CA ILE R 50 -8.87 -37.58 14.34
C ILE R 50 -9.32 -36.97 13.02
N SER R 51 -10.37 -36.14 13.10
CA SER R 51 -10.89 -35.45 11.93
C SER R 51 -9.91 -34.37 11.51
N GLY R 52 -10.12 -33.79 10.33
CA GLY R 52 -9.25 -32.76 9.82
C GLY R 52 -9.50 -31.40 10.43
N LEU R 53 -10.74 -31.18 10.91
CA LEU R 53 -11.09 -29.91 11.53
C LEU R 53 -10.83 -29.90 13.03
N ILE R 54 -10.36 -31.02 13.59
CA ILE R 54 -10.12 -31.09 15.03
C ILE R 54 -8.98 -30.16 15.45
N TYR R 55 -7.90 -30.13 14.66
CA TYR R 55 -6.69 -29.43 15.10
C TYR R 55 -6.91 -27.93 15.20
N GLU R 56 -7.58 -27.33 14.21
CA GLU R 56 -7.85 -25.90 14.26
C GLU R 56 -8.76 -25.56 15.44
N GLU R 57 -9.79 -26.36 15.67
CA GLU R 57 -10.67 -26.13 16.81
C GLU R 57 -9.91 -26.21 18.12
N THR R 58 -9.03 -27.22 18.24
CA THR R 58 -8.24 -27.36 19.46
C THR R 58 -7.30 -26.19 19.66
N ARG R 59 -6.66 -25.73 18.59
CA ARG R 59 -5.76 -24.59 18.70
C ARG R 59 -6.52 -23.32 19.11
N GLY R 60 -7.71 -23.11 18.53
CA GLY R 60 -8.50 -21.96 18.92
C GLY R 60 -8.95 -22.02 20.36
N VAL R 61 -9.40 -23.20 20.81
CA VAL R 61 -9.83 -23.37 22.19
C VAL R 61 -8.66 -23.14 23.14
N LEU R 62 -7.49 -23.67 22.80
CA LEU R 62 -6.31 -23.44 23.61
C LEU R 62 -5.94 -21.96 23.64
N LYS R 63 -6.09 -21.28 22.50
CA LYS R 63 -5.80 -19.85 22.47
C LYS R 63 -6.74 -19.09 23.39
N VAL R 64 -8.03 -19.42 23.36
CA VAL R 64 -8.99 -18.75 24.23
C VAL R 64 -8.66 -19.00 25.69
N PHE R 65 -8.36 -20.27 26.03
CA PHE R 65 -8.02 -20.61 27.40
C PHE R 65 -6.76 -19.88 27.85
N LEU R 66 -5.76 -19.81 26.98
CA LEU R 66 -4.52 -19.09 27.30
C LEU R 66 -4.79 -17.62 27.50
N GLU R 67 -5.64 -17.02 26.67
CA GLU R 67 -5.99 -15.62 26.89
C GLU R 67 -6.63 -15.44 28.26
N ASN R 68 -7.55 -16.33 28.61
CA ASN R 68 -8.22 -16.23 29.91
C ASN R 68 -7.22 -16.31 31.06
N VAL R 69 -6.30 -17.27 31.00
CA VAL R 69 -5.37 -17.46 32.11
C VAL R 69 -4.36 -16.31 32.15
N ILE R 70 -3.81 -15.94 30.99
CA ILE R 70 -2.73 -14.97 30.95
C ILE R 70 -3.23 -13.57 31.27
N ARG R 71 -4.47 -13.23 30.89
CA ARG R 71 -5.01 -11.93 31.26
C ARG R 71 -5.04 -11.78 32.78
N ASP R 72 -5.56 -12.80 33.47
CA ASP R 72 -5.58 -12.77 34.93
C ASP R 72 -4.18 -12.80 35.51
N ALA R 73 -3.27 -13.56 34.90
CA ALA R 73 -1.90 -13.61 35.39
C ALA R 73 -1.23 -12.24 35.29
N VAL R 74 -1.42 -11.55 34.16
CA VAL R 74 -0.88 -10.21 33.99
C VAL R 74 -1.51 -9.25 34.98
N THR R 75 -2.83 -9.36 35.19
CA THR R 75 -3.49 -8.49 36.16
C THR R 75 -2.92 -8.70 37.55
N TYR R 76 -2.66 -9.96 37.92
CA TYR R 76 -1.98 -10.24 39.17
C TYR R 76 -0.60 -9.59 39.19
N THR R 77 0.14 -9.70 38.08
CA THR R 77 1.47 -9.11 37.99
C THR R 77 1.40 -7.60 38.15
N GLU R 78 0.42 -6.98 37.50
CA GLU R 78 0.26 -5.54 37.62
C GLU R 78 -0.15 -5.17 39.05
N HIS R 79 -0.91 -6.04 39.72
CA HIS R 79 -1.23 -5.80 41.11
C HIS R 79 0.01 -5.86 41.99
N ALA R 80 0.89 -6.82 41.74
CA ALA R 80 2.13 -6.93 42.50
C ALA R 80 3.18 -5.93 42.05
N LYS R 81 2.92 -5.18 40.98
CA LYS R 81 3.83 -4.15 40.46
C LYS R 81 5.20 -4.73 40.12
N ARG R 82 5.20 -5.90 39.50
CA ARG R 82 6.43 -6.54 39.06
C ARG R 82 6.39 -6.75 37.54
N LYS R 83 7.55 -6.63 36.91
CA LYS R 83 7.68 -6.86 35.49
C LYS R 83 8.17 -8.27 35.16
N THR R 84 8.39 -9.11 36.17
CA THR R 84 8.87 -10.47 35.99
C THR R 84 7.76 -11.42 36.40
N VAL R 85 7.52 -12.43 35.56
CA VAL R 85 6.38 -13.32 35.74
C VAL R 85 6.77 -14.49 36.63
N THR R 86 6.04 -14.68 37.72
CA THR R 86 6.24 -15.81 38.62
C THR R 86 5.11 -16.83 38.47
N ALA R 87 5.26 -17.95 39.17
CA ALA R 87 4.29 -19.03 39.03
C ALA R 87 3.00 -18.74 39.78
N MET R 88 3.08 -17.95 40.87
CA MET R 88 1.94 -17.78 41.75
C MET R 88 0.78 -17.07 41.06
N ASP R 89 1.08 -16.12 40.18
CA ASP R 89 0.01 -15.39 39.49
C ASP R 89 -0.82 -16.34 38.63
N VAL R 90 -0.17 -17.17 37.84
CA VAL R 90 -0.89 -18.14 37.02
C VAL R 90 -1.58 -19.17 37.90
N VAL R 91 -0.95 -19.53 39.02
CA VAL R 91 -1.59 -20.44 39.97
C VAL R 91 -2.93 -19.89 40.42
N TYR R 92 -2.94 -18.63 40.84
CA TYR R 92 -4.18 -18.01 41.30
C TYR R 92 -5.16 -17.82 40.15
N ALA R 93 -4.65 -17.54 38.95
CA ALA R 93 -5.53 -17.40 37.79
C ALA R 93 -6.27 -18.70 37.50
N LEU R 94 -5.56 -19.82 37.53
CA LEU R 94 -6.20 -21.11 37.32
C LEU R 94 -7.11 -21.47 38.49
N LYS R 95 -6.72 -21.07 39.70
CA LYS R 95 -7.59 -21.30 40.85
C LYS R 95 -8.93 -20.60 40.69
N ARG R 96 -8.90 -19.35 40.25
CA ARG R 96 -10.14 -18.63 40.00
C ARG R 96 -10.91 -19.26 38.85
N GLN R 97 -10.20 -19.75 37.83
CA GLN R 97 -10.84 -20.43 36.73
C GLN R 97 -11.35 -21.82 37.12
N GLY R 98 -11.03 -22.30 38.32
CA GLY R 98 -11.54 -23.55 38.81
C GLY R 98 -10.72 -24.77 38.47
N ARG R 99 -9.64 -24.62 37.71
CA ARG R 99 -8.78 -25.74 37.34
C ARG R 99 -7.59 -25.76 38.30
N THR R 100 -7.69 -26.61 39.32
CA THR R 100 -6.63 -26.69 40.32
C THR R 100 -5.52 -27.63 39.85
N LEU R 101 -4.29 -27.20 40.07
CA LEU R 101 -3.10 -27.96 39.70
C LEU R 101 -2.15 -27.98 40.88
N TYR R 102 -1.57 -29.14 41.17
CA TYR R 102 -0.70 -29.32 42.32
C TYR R 102 0.75 -29.47 41.86
N GLY R 103 1.67 -29.15 42.77
CA GLY R 103 3.09 -29.28 42.52
C GLY R 103 3.79 -27.98 42.21
N PHE R 104 3.09 -27.00 41.65
CA PHE R 104 3.67 -25.71 41.33
C PHE R 104 3.53 -24.69 42.46
N GLY R 105 2.93 -25.09 43.58
CA GLY R 105 2.85 -24.20 44.72
C GLY R 105 3.93 -24.49 45.75
N GLY R 106 4.17 -23.50 46.61
CA GLY R 106 3.46 -22.24 46.56
C GLY R 106 3.23 -21.63 47.93
N ARG S 15 -21.49 20.82 63.70
CA ARG S 15 -22.76 21.51 63.51
C ARG S 15 -22.93 21.98 62.07
N ALA S 16 -21.83 21.99 61.32
CA ALA S 16 -21.90 22.34 59.90
C ALA S 16 -22.71 21.29 59.15
N LYS S 17 -23.38 21.74 58.09
CA LYS S 17 -24.25 20.85 57.33
C LYS S 17 -23.48 19.65 56.80
N ALA S 18 -23.85 18.47 57.27
CA ALA S 18 -23.19 17.23 56.89
C ALA S 18 -23.96 16.56 55.76
N LYS S 19 -23.25 16.25 54.68
CA LYS S 19 -23.83 15.62 53.50
C LYS S 19 -23.23 14.23 53.35
N THR S 20 -24.02 13.32 52.78
CA THR S 20 -23.55 11.95 52.64
C THR S 20 -22.35 11.88 51.70
N ARG S 21 -21.47 10.92 51.96
CA ARG S 21 -20.32 10.74 51.09
C ARG S 21 -20.74 10.43 49.66
N SER S 22 -21.93 9.85 49.49
CA SER S 22 -22.47 9.67 48.16
C SER S 22 -22.64 11.01 47.47
N SER S 23 -23.17 12.00 48.20
CA SER S 23 -23.28 13.34 47.66
C SER S 23 -21.90 13.95 47.43
N ARG S 24 -20.97 13.72 48.36
CA ARG S 24 -19.63 14.29 48.23
C ARG S 24 -18.93 13.75 46.99
N ALA S 25 -19.24 12.52 46.60
CA ALA S 25 -18.75 11.97 45.35
C ALA S 25 -19.78 12.01 44.23
N GLY S 26 -20.91 12.67 44.44
CA GLY S 26 -21.95 12.74 43.44
C GLY S 26 -22.57 11.39 43.12
N LEU S 27 -22.92 10.62 44.15
CA LEU S 27 -23.41 9.27 43.98
C LEU S 27 -24.76 9.11 44.66
N GLN S 28 -25.49 8.06 44.26
CA GLN S 28 -26.73 7.68 44.92
C GLN S 28 -26.56 6.53 45.88
N PHE S 29 -25.62 5.63 45.60
CA PHE S 29 -25.40 4.48 46.44
C PHE S 29 -24.82 4.89 47.79
N PRO S 30 -25.24 4.27 48.86
CA PRO S 30 -24.80 4.70 50.19
C PRO S 30 -23.37 4.29 50.49
N VAL S 31 -22.45 5.25 50.47
CA VAL S 31 -21.08 4.93 50.88
C VAL S 31 -21.03 4.55 52.35
N GLY S 32 -21.83 5.24 53.18
CA GLY S 32 -21.87 4.89 54.59
C GLY S 32 -22.33 3.46 54.83
N ARG S 33 -23.39 3.05 54.14
CA ARG S 33 -23.89 1.69 54.28
C ARG S 33 -22.88 0.68 53.76
N VAL S 34 -22.21 0.99 52.65
CA VAL S 34 -21.19 0.09 52.12
C VAL S 34 -20.07 -0.10 53.12
N HIS S 35 -19.58 1.00 53.70
CA HIS S 35 -18.51 0.89 54.69
C HIS S 35 -18.99 0.16 55.93
N ARG S 36 -20.24 0.40 56.34
CA ARG S 36 -20.79 -0.29 57.50
C ARG S 36 -20.83 -1.80 57.28
N LEU S 37 -21.27 -2.22 56.09
CA LEU S 37 -21.26 -3.64 55.78
C LEU S 37 -19.84 -4.19 55.74
N LEU S 38 -18.91 -3.44 55.16
CA LEU S 38 -17.53 -3.90 55.09
C LEU S 38 -16.94 -4.11 56.47
N ARG S 39 -17.20 -3.16 57.39
CA ARG S 39 -16.78 -3.33 58.77
C ARG S 39 -17.46 -4.55 59.39
N LYS S 40 -18.75 -4.70 59.11
CA LYS S 40 -19.48 -5.86 59.62
C LYS S 40 -19.32 -7.08 58.73
N GLY S 41 -18.62 -6.94 57.60
CA GLY S 41 -18.39 -8.05 56.70
C GLY S 41 -17.20 -8.93 57.02
N ASN S 42 -16.35 -8.52 57.97
CA ASN S 42 -15.21 -9.31 58.42
C ASN S 42 -14.26 -9.68 57.28
N TYR S 43 -14.35 -8.98 56.16
CA TYR S 43 -13.43 -9.26 55.05
C TYR S 43 -12.00 -8.86 55.40
N SER S 44 -11.84 -7.79 56.17
CA SER S 44 -10.55 -7.39 56.71
C SER S 44 -10.83 -6.49 57.92
N GLU S 45 -9.81 -6.33 58.76
CA GLU S 45 -9.97 -5.50 59.95
C GLU S 45 -9.97 -4.02 59.61
N ARG S 46 -9.14 -3.60 58.67
CA ARG S 46 -9.04 -2.21 58.27
C ARG S 46 -9.46 -2.05 56.82
N VAL S 47 -10.35 -1.08 56.58
CA VAL S 47 -10.88 -0.79 55.26
C VAL S 47 -10.39 0.59 54.86
N GLY S 48 -9.79 0.69 53.67
CA GLY S 48 -9.41 1.98 53.16
C GLY S 48 -10.60 2.92 53.08
N ALA S 49 -10.36 4.19 53.40
CA ALA S 49 -11.46 5.14 53.47
C ALA S 49 -12.13 5.30 52.12
N GLY S 50 -11.35 5.31 51.04
CA GLY S 50 -11.93 5.38 49.72
C GLY S 50 -12.49 4.08 49.18
N ALA S 51 -12.25 2.98 49.89
CA ALA S 51 -12.76 1.69 49.42
C ALA S 51 -14.28 1.64 49.36
N PRO S 52 -15.03 2.03 50.41
CA PRO S 52 -16.50 2.03 50.26
C PRO S 52 -16.98 2.98 49.19
N VAL S 53 -16.26 4.09 49.00
CA VAL S 53 -16.63 5.03 47.94
C VAL S 53 -16.49 4.36 46.58
N TYR S 54 -15.35 3.71 46.36
CA TYR S 54 -15.12 3.00 45.11
C TYR S 54 -16.17 1.92 44.90
N LEU S 55 -16.47 1.17 45.96
CA LEU S 55 -17.44 0.10 45.86
C LEU S 55 -18.83 0.63 45.50
N ALA S 56 -19.25 1.70 46.18
CA ALA S 56 -20.56 2.28 45.88
C ALA S 56 -20.60 2.82 44.47
N ALA S 57 -19.51 3.43 44.01
CA ALA S 57 -19.48 3.96 42.64
C ALA S 57 -19.63 2.84 41.61
N VAL S 58 -18.88 1.76 41.78
CA VAL S 58 -18.98 0.64 40.84
C VAL S 58 -20.38 0.04 40.89
N LEU S 59 -20.92 -0.12 42.10
CA LEU S 59 -22.26 -0.69 42.25
C LEU S 59 -23.30 0.19 41.57
N GLU S 60 -23.18 1.50 41.72
CA GLU S 60 -24.12 2.41 41.07
C GLU S 60 -24.00 2.32 39.55
N TYR S 61 -22.77 2.23 39.05
CA TYR S 61 -22.58 2.10 37.61
C TYR S 61 -23.24 0.82 37.10
N LEU S 62 -23.03 -0.30 37.79
CA LEU S 62 -23.61 -1.56 37.36
C LEU S 62 -25.13 -1.53 37.45
N THR S 63 -25.65 -0.98 38.54
CA THR S 63 -27.11 -0.92 38.71
C THR S 63 -27.74 -0.03 37.67
N ALA S 64 -27.09 1.08 37.33
CA ALA S 64 -27.60 1.94 36.26
C ALA S 64 -27.60 1.20 34.94
N GLU S 65 -26.54 0.43 34.67
CA GLU S 65 -26.51 -0.39 33.46
C GLU S 65 -27.71 -1.35 33.44
N ILE S 66 -27.94 -2.03 34.56
CA ILE S 66 -29.03 -3.00 34.64
C ILE S 66 -30.37 -2.32 34.42
N LEU S 67 -30.59 -1.19 35.08
CA LEU S 67 -31.88 -0.52 34.98
C LEU S 67 -32.11 0.02 33.58
N GLU S 68 -31.07 0.53 32.93
CA GLU S 68 -31.22 0.99 31.56
C GLU S 68 -31.56 -0.17 30.63
N LEU S 69 -30.89 -1.31 30.81
CA LEU S 69 -31.21 -2.48 29.98
C LEU S 69 -32.64 -2.94 30.23
N ALA S 70 -33.07 -2.90 31.49
CA ALA S 70 -34.44 -3.31 31.82
C ALA S 70 -35.45 -2.36 31.20
N GLY S 71 -35.16 -1.06 31.22
CA GLY S 71 -36.04 -0.11 30.57
C GLY S 71 -36.10 -0.31 29.07
N ASN S 72 -34.97 -0.63 28.46
CA ASN S 72 -34.96 -0.95 27.04
C ASN S 72 -35.83 -2.18 26.77
N ALA S 73 -35.71 -3.20 27.62
CA ALA S 73 -36.51 -4.40 27.46
C ALA S 73 -38.00 -4.08 27.60
N ALA S 74 -38.35 -3.23 28.56
CA ALA S 74 -39.74 -2.81 28.73
C ALA S 74 -40.23 -2.06 27.50
N ARG S 75 -39.40 -1.17 26.96
CA ARG S 75 -39.76 -0.46 25.74
C ARG S 75 -39.87 -1.41 24.55
N ASP S 76 -38.96 -2.40 24.50
CA ASP S 76 -38.94 -3.31 23.36
C ASP S 76 -40.23 -4.10 23.22
N ASN S 77 -40.77 -4.60 24.32
CA ASN S 77 -42.03 -5.33 24.30
C ASN S 77 -43.22 -4.40 24.50
N LYS S 78 -43.04 -3.11 24.23
CA LYS S 78 -44.11 -2.11 24.31
C LYS S 78 -44.74 -2.08 25.70
N LYS S 79 -43.92 -2.07 26.74
CA LYS S 79 -44.40 -2.01 28.10
C LYS S 79 -43.73 -0.88 28.86
N THR S 80 -44.41 -0.42 29.92
CA THR S 80 -43.96 0.72 30.69
C THR S 80 -43.34 0.35 32.02
N ARG S 81 -43.55 -0.87 32.50
CA ARG S 81 -43.04 -1.30 33.80
C ARG S 81 -42.09 -2.47 33.62
N ILE S 82 -41.07 -2.50 34.49
CA ILE S 82 -40.01 -3.49 34.41
C ILE S 82 -40.44 -4.73 35.18
N ILE S 83 -40.18 -5.90 34.60
CA ILE S 83 -40.61 -7.17 35.19
C ILE S 83 -39.41 -8.10 35.28
N PRO S 84 -39.48 -9.11 36.14
CA PRO S 84 -38.39 -10.10 36.20
C PRO S 84 -38.12 -10.78 34.86
N ARG S 85 -39.16 -10.97 34.04
CA ARG S 85 -38.95 -11.50 32.70
C ARG S 85 -38.07 -10.57 31.88
N HIS S 86 -38.31 -9.26 31.98
CA HIS S 86 -37.43 -8.30 31.33
C HIS S 86 -36.01 -8.45 31.83
N LEU S 87 -35.84 -8.63 33.13
CA LEU S 87 -34.50 -8.78 33.71
C LEU S 87 -33.80 -9.99 33.11
N GLN S 88 -34.48 -11.13 33.09
CA GLN S 88 -33.87 -12.35 32.56
C GLN S 88 -33.53 -12.19 31.08
N LEU S 89 -34.45 -11.64 30.30
CA LEU S 89 -34.21 -11.48 28.87
C LEU S 89 -33.02 -10.56 28.62
N ALA S 90 -32.94 -9.44 29.35
CA ALA S 90 -31.82 -8.53 29.17
C ALA S 90 -30.51 -9.17 29.57
N ILE S 91 -30.51 -9.91 30.68
CA ILE S 91 -29.28 -10.56 31.15
C ILE S 91 -28.80 -11.55 30.10
N ARG S 92 -29.70 -12.39 29.60
CA ARG S 92 -29.30 -13.40 28.64
C ARG S 92 -29.06 -12.83 27.25
N ASN S 93 -29.43 -11.58 27.00
CA ASN S 93 -29.15 -10.93 25.73
C ASN S 93 -27.85 -10.15 25.75
N ASP S 94 -27.16 -10.08 26.89
CA ASP S 94 -25.87 -9.44 27.00
C ASP S 94 -24.81 -10.51 27.26
N GLU S 95 -23.78 -10.56 26.42
CA GLU S 95 -22.78 -11.61 26.53
C GLU S 95 -22.05 -11.53 27.85
N GLU S 96 -21.50 -10.36 28.18
CA GLU S 96 -20.69 -10.23 29.39
C GLU S 96 -21.53 -10.38 30.64
N LEU S 97 -22.77 -9.87 30.61
CA LEU S 97 -23.63 -9.99 31.78
C LEU S 97 -24.03 -11.44 32.04
N ASN S 98 -24.52 -12.13 31.02
CA ASN S 98 -24.87 -13.53 31.18
C ASN S 98 -23.65 -14.35 31.54
N LYS S 99 -22.49 -13.97 31.00
CA LYS S 99 -21.23 -14.57 31.42
C LYS S 99 -21.01 -14.39 32.91
N LEU S 100 -21.26 -13.18 33.42
CA LEU S 100 -21.16 -12.93 34.84
C LEU S 100 -22.24 -13.70 35.61
N LEU S 101 -23.39 -13.91 34.98
CA LEU S 101 -24.55 -14.48 35.64
C LEU S 101 -24.97 -15.82 35.03
N GLY S 102 -23.97 -16.65 34.70
CA GLY S 102 -24.30 -17.95 34.13
C GLY S 102 -25.05 -18.85 35.09
N ARG S 103 -24.59 -18.95 36.33
CA ARG S 103 -25.28 -19.74 37.34
C ARG S 103 -26.44 -19.00 37.98
N VAL S 104 -26.55 -17.69 37.74
CA VAL S 104 -27.63 -16.91 38.34
C VAL S 104 -28.95 -17.27 37.71
N THR S 105 -29.95 -17.48 38.54
CA THR S 105 -31.29 -17.87 38.10
C THR S 105 -32.28 -16.78 38.45
N ILE S 106 -33.12 -16.42 37.49
CA ILE S 106 -34.11 -15.38 37.66
C ILE S 106 -35.45 -16.04 37.93
N ALA S 107 -35.99 -15.84 39.13
CA ALA S 107 -37.32 -16.34 39.45
C ALA S 107 -38.34 -15.69 38.52
N GLN S 108 -39.23 -16.52 37.96
CA GLN S 108 -40.20 -16.08 36.97
C GLN S 108 -39.51 -15.39 35.79
N GLY S 109 -38.37 -15.94 35.38
CA GLY S 109 -37.62 -15.37 34.29
C GLY S 109 -37.84 -16.08 32.97
N GLY S 110 -38.29 -17.32 33.02
CA GLY S 110 -38.49 -18.08 31.80
C GLY S 110 -37.17 -18.37 31.10
N VAL S 111 -37.24 -18.51 29.77
CA VAL S 111 -36.09 -18.81 28.93
C VAL S 111 -36.09 -17.84 27.76
N LEU S 112 -34.95 -17.78 27.07
CA LEU S 112 -34.86 -17.01 25.83
C LEU S 112 -35.37 -17.86 24.67
N PRO S 113 -36.43 -17.47 23.99
CA PRO S 113 -36.93 -18.26 22.87
C PRO S 113 -35.93 -18.32 21.71
N ASN S 114 -35.60 -19.53 21.27
CA ASN S 114 -34.69 -19.72 20.16
C ASN S 114 -35.03 -21.02 19.46
N ILE S 115 -34.87 -21.04 18.14
CA ILE S 115 -35.17 -22.22 17.33
C ILE S 115 -33.92 -22.62 16.57
N GLN S 116 -33.57 -23.90 16.67
CA GLN S 116 -32.37 -24.39 16.00
C GLN S 116 -32.57 -24.45 14.49
N ALA S 117 -31.45 -24.31 13.77
CA ALA S 117 -31.51 -24.35 12.31
C ALA S 117 -31.87 -25.74 11.79
N VAL S 118 -31.30 -26.78 12.41
CA VAL S 118 -31.53 -28.14 11.94
C VAL S 118 -32.98 -28.54 12.11
N LEU S 119 -33.66 -27.99 13.12
CA LEU S 119 -35.07 -28.32 13.34
C LEU S 119 -35.96 -27.65 12.30
N LEU S 120 -35.50 -26.54 11.72
CA LEU S 120 -36.31 -25.80 10.77
C LEU S 120 -36.46 -26.57 9.46
N PRO S 121 -37.57 -26.38 8.75
CA PRO S 121 -37.72 -27.03 7.44
C PRO S 121 -36.66 -26.57 6.46
N LYS S 122 -36.23 -27.49 5.60
CA LYS S 122 -35.18 -27.20 4.62
C LYS S 122 -35.77 -26.59 3.35
N ARG T 35 -39.37 -4.35 64.93
CA ARG T 35 -38.52 -4.62 66.08
C ARG T 35 -37.06 -4.32 65.77
N SER T 36 -36.44 -5.17 64.96
CA SER T 36 -35.04 -5.01 64.57
C SER T 36 -34.97 -4.31 63.23
N ARG T 37 -34.15 -3.27 63.15
CA ARG T 37 -34.00 -2.53 61.90
C ARG T 37 -33.37 -3.42 60.83
N LYS T 38 -33.93 -3.35 59.62
CA LYS T 38 -33.46 -4.13 58.48
C LYS T 38 -33.22 -3.20 57.31
N GLU T 39 -32.06 -3.32 56.69
CA GLU T 39 -31.61 -2.39 55.66
C GLU T 39 -31.63 -3.06 54.29
N SER T 40 -31.97 -2.27 53.28
CA SER T 40 -31.88 -2.68 51.89
C SER T 40 -31.60 -1.44 51.07
N TYR T 41 -31.11 -1.64 49.85
CA TYR T 41 -30.79 -0.55 48.96
C TYR T 41 -32.00 -0.08 48.17
N SER T 42 -33.19 -0.33 48.70
CA SER T 42 -34.41 -0.09 47.94
C SER T 42 -34.52 1.37 47.53
N ILE T 43 -34.38 2.27 48.49
CA ILE T 43 -34.49 3.70 48.18
C ILE T 43 -33.31 4.16 47.34
N TYR T 44 -32.12 3.63 47.61
CA TYR T 44 -30.95 4.01 46.82
C TYR T 44 -31.10 3.56 45.38
N VAL T 45 -31.57 2.33 45.18
CA VAL T 45 -31.79 1.84 43.82
C VAL T 45 -32.90 2.65 43.16
N TYR T 46 -33.89 3.07 43.94
CA TYR T 46 -34.94 3.91 43.39
C TYR T 46 -34.38 5.25 42.94
N LYS T 47 -33.48 5.83 43.74
CA LYS T 47 -32.83 7.09 43.36
C LYS T 47 -32.01 6.91 42.10
N VAL T 48 -31.28 5.79 42.00
CA VAL T 48 -30.53 5.50 40.79
C VAL T 48 -31.47 5.38 39.59
N LEU T 49 -32.58 4.69 39.78
CA LEU T 49 -33.57 4.55 38.72
C LEU T 49 -34.07 5.91 38.27
N LYS T 50 -34.42 6.77 39.22
CA LYS T 50 -34.88 8.12 38.88
C LYS T 50 -33.79 8.90 38.16
N GLN T 51 -32.53 8.67 38.53
CA GLN T 51 -31.44 9.32 37.82
C GLN T 51 -31.37 8.86 36.38
N VAL T 52 -31.62 7.57 36.14
CA VAL T 52 -31.55 7.07 34.77
C VAL T 52 -32.94 7.04 34.12
N HIS T 53 -33.97 6.64 34.87
CA HIS T 53 -35.34 6.57 34.37
C HIS T 53 -36.21 7.34 35.35
N PRO T 54 -36.25 8.67 35.24
CA PRO T 54 -37.05 9.46 36.19
C PRO T 54 -38.52 9.09 36.20
N ASP T 55 -39.09 8.73 35.06
CA ASP T 55 -40.51 8.44 34.93
C ASP T 55 -40.75 6.95 34.70
N THR T 56 -39.97 6.10 35.38
CA THR T 56 -40.18 4.67 35.34
C THR T 56 -40.29 4.14 36.77
N GLY T 57 -41.35 3.38 37.02
CA GLY T 57 -41.55 2.73 38.30
C GLY T 57 -41.06 1.31 38.25
N ILE T 58 -40.66 0.79 39.41
CA ILE T 58 -39.99 -0.50 39.51
C ILE T 58 -40.84 -1.42 40.37
N SER T 59 -41.02 -2.65 39.91
CA SER T 59 -41.70 -3.67 40.70
C SER T 59 -40.86 -4.05 41.91
N SER T 60 -41.55 -4.37 43.01
CA SER T 60 -40.86 -4.67 44.27
C SER T 60 -40.01 -5.93 44.16
N LYS T 61 -40.50 -6.94 43.42
CA LYS T 61 -39.74 -8.17 43.25
C LYS T 61 -38.41 -7.89 42.55
N ALA T 62 -38.44 -7.04 41.52
CA ALA T 62 -37.20 -6.64 40.87
C ALA T 62 -36.29 -5.92 41.87
N MET T 63 -36.85 -5.16 42.79
CA MET T 63 -36.05 -4.47 43.80
C MET T 63 -35.35 -5.47 44.71
N GLY T 64 -36.08 -6.49 45.16
CA GLY T 64 -35.45 -7.52 45.98
C GLY T 64 -34.38 -8.28 45.22
N ILE T 65 -34.63 -8.55 43.93
CA ILE T 65 -33.64 -9.22 43.09
C ILE T 65 -32.38 -8.37 43.01
N MET T 66 -32.55 -7.06 42.81
CA MET T 66 -31.39 -6.18 42.72
C MET T 66 -30.65 -6.11 44.04
N ASN T 67 -31.38 -6.13 45.16
CA ASN T 67 -30.73 -6.14 46.46
C ASN T 67 -29.88 -7.39 46.65
N SER T 68 -30.43 -8.55 46.29
CA SER T 68 -29.66 -9.78 46.39
C SER T 68 -28.46 -9.76 45.46
N PHE T 69 -28.63 -9.23 44.25
CA PHE T 69 -27.53 -9.11 43.30
C PHE T 69 -26.43 -8.20 43.84
N VAL T 70 -26.83 -7.10 44.47
CA VAL T 70 -25.88 -6.18 45.05
C VAL T 70 -25.08 -6.87 46.16
N ASN T 71 -25.78 -7.58 47.03
CA ASN T 71 -25.09 -8.31 48.09
C ASN T 71 -24.14 -9.35 47.51
N ASP T 72 -24.57 -10.03 46.45
CA ASP T 72 -23.73 -11.04 45.81
C ASP T 72 -22.44 -10.43 45.28
N ILE T 73 -22.56 -9.34 44.51
CA ILE T 73 -21.36 -8.72 43.95
C ILE T 73 -20.49 -8.16 45.05
N PHE T 74 -21.11 -7.61 46.10
CA PHE T 74 -20.39 -7.12 47.26
C PHE T 74 -19.52 -8.21 47.86
N GLU T 75 -20.10 -9.38 48.09
CA GLU T 75 -19.34 -10.50 48.63
C GLU T 75 -18.25 -10.93 47.68
N ARG T 76 -18.56 -11.01 46.38
CA ARG T 76 -17.56 -11.45 45.41
C ARG T 76 -16.33 -10.55 45.46
N ILE T 77 -16.54 -9.25 45.34
CA ILE T 77 -15.41 -8.32 45.28
C ILE T 77 -14.70 -8.26 46.62
N ALA T 78 -15.45 -8.35 47.72
CA ALA T 78 -14.82 -8.30 49.04
C ALA T 78 -13.89 -9.49 49.25
N GLY T 79 -14.36 -10.69 48.90
CA GLY T 79 -13.49 -11.86 48.98
C GLY T 79 -12.30 -11.76 48.06
N GLU T 80 -12.53 -11.26 46.84
CA GLU T 80 -11.42 -11.11 45.90
C GLU T 80 -10.36 -10.18 46.44
N ALA T 81 -10.76 -9.04 46.98
CA ALA T 81 -9.81 -8.07 47.50
C ALA T 81 -9.10 -8.62 48.74
N SER T 82 -9.83 -9.32 49.61
CA SER T 82 -9.19 -9.92 50.77
C SER T 82 -8.11 -10.91 50.35
N ARG T 83 -8.41 -11.74 49.35
CA ARG T 83 -7.43 -12.69 48.85
C ARG T 83 -6.24 -11.96 48.23
N LEU T 84 -6.49 -10.89 47.47
CA LEU T 84 -5.39 -10.17 46.85
C LEU T 84 -4.48 -9.54 47.90
N ALA T 85 -5.06 -8.96 48.94
CA ALA T 85 -4.26 -8.40 50.03
C ALA T 85 -3.47 -9.49 50.73
N HIS T 86 -4.08 -10.67 50.91
CA HIS T 86 -3.36 -11.78 51.51
C HIS T 86 -2.19 -12.22 50.64
N TYR T 87 -2.39 -12.24 49.32
CA TYR T 87 -1.32 -12.65 48.41
C TYR T 87 -0.13 -11.71 48.50
N ASN T 88 -0.39 -10.40 48.59
CA ASN T 88 0.65 -9.41 48.70
C ASN T 88 1.01 -9.11 50.15
N LYS T 89 0.54 -9.93 51.08
CA LYS T 89 0.86 -9.84 52.50
C LYS T 89 0.50 -8.47 53.09
N ARG T 90 -0.61 -7.89 52.64
CA ARG T 90 -1.03 -6.57 53.11
C ARG T 90 -2.03 -6.72 54.24
N SER T 91 -2.11 -5.67 55.07
CA SER T 91 -2.97 -5.67 56.26
C SER T 91 -4.15 -4.71 56.12
N THR T 92 -4.23 -3.96 55.03
CA THR T 92 -5.31 -3.01 54.81
C THR T 92 -5.74 -3.09 53.36
N ILE T 93 -7.04 -2.83 53.13
CA ILE T 93 -7.60 -2.89 51.79
C ILE T 93 -7.89 -1.48 51.30
N THR T 94 -7.03 -0.97 50.42
CA THR T 94 -7.21 0.37 49.86
C THR T 94 -7.99 0.29 48.55
N SER T 95 -8.17 1.46 47.94
CA SER T 95 -8.91 1.54 46.70
C SER T 95 -8.20 0.85 45.54
N ARG T 96 -6.87 0.75 45.62
CA ARG T 96 -6.13 0.07 44.55
C ARG T 96 -6.52 -1.40 44.49
N GLU T 97 -6.65 -2.05 45.64
CA GLU T 97 -7.11 -3.42 45.67
C GLU T 97 -8.53 -3.53 45.14
N ILE T 98 -9.35 -2.52 45.42
CA ILE T 98 -10.71 -2.50 44.87
C ILE T 98 -10.66 -2.47 43.35
N GLN T 99 -9.82 -1.61 42.79
CA GLN T 99 -9.69 -1.53 41.34
C GLN T 99 -9.16 -2.83 40.77
N THR T 100 -8.20 -3.44 41.45
CA THR T 100 -7.65 -4.71 40.97
C THR T 100 -8.70 -5.80 40.96
N ALA T 101 -9.50 -5.89 42.03
CA ALA T 101 -10.57 -6.87 42.07
C ALA T 101 -11.60 -6.59 40.98
N VAL T 102 -11.89 -5.32 40.74
CA VAL T 102 -12.80 -4.94 39.67
C VAL T 102 -12.28 -5.43 38.32
N ARG T 103 -10.98 -5.19 38.08
CA ARG T 103 -10.39 -5.63 36.83
C ARG T 103 -10.45 -7.15 36.69
N LEU T 104 -10.18 -7.86 37.78
CA LEU T 104 -10.22 -9.32 37.72
C LEU T 104 -11.62 -9.84 37.45
N LEU T 105 -12.64 -9.23 38.07
CA LEU T 105 -14.01 -9.73 37.95
C LEU T 105 -14.71 -9.20 36.70
N LEU T 106 -14.62 -7.91 36.47
CA LEU T 106 -15.39 -7.30 35.39
C LEU T 106 -14.70 -7.50 34.04
N PRO T 107 -15.38 -8.07 33.06
CA PRO T 107 -14.77 -8.22 31.73
C PRO T 107 -15.06 -7.04 30.81
N GLY T 108 -14.06 -6.73 29.98
CA GLY T 108 -14.25 -5.77 28.91
C GLY T 108 -14.45 -4.35 29.41
N GLU T 109 -15.28 -3.60 28.67
CA GLU T 109 -15.48 -2.19 28.94
C GLU T 109 -16.03 -1.96 30.34
N LEU T 110 -16.80 -2.92 30.85
CA LEU T 110 -17.33 -2.80 32.20
C LEU T 110 -16.23 -2.52 33.21
N ALA T 111 -15.11 -3.22 33.08
CA ALA T 111 -13.96 -2.93 33.92
C ALA T 111 -13.48 -1.51 33.69
N LYS T 112 -13.38 -1.08 32.44
CA LYS T 112 -12.92 0.27 32.15
C LYS T 112 -13.91 1.31 32.66
N HIS T 113 -15.20 1.09 32.42
CA HIS T 113 -16.20 2.07 32.83
C HIS T 113 -16.29 2.15 34.36
N ALA T 114 -16.31 1.00 35.03
CA ALA T 114 -16.37 1.02 36.49
C ALA T 114 -15.10 1.59 37.08
N VAL T 115 -13.97 1.34 36.44
CA VAL T 115 -12.71 1.92 36.88
C VAL T 115 -12.77 3.44 36.77
N SER T 116 -13.32 3.94 35.66
CA SER T 116 -13.50 5.38 35.50
C SER T 116 -14.44 5.92 36.58
N GLU T 117 -15.50 5.16 36.88
CA GLU T 117 -16.42 5.56 37.93
C GLU T 117 -15.70 5.73 39.25
N GLY T 118 -14.97 4.70 39.67
CA GLY T 118 -14.27 4.76 40.94
C GLY T 118 -13.23 5.86 40.96
N THR T 119 -12.49 6.01 39.85
CA THR T 119 -11.45 7.01 39.79
C THR T 119 -12.03 8.41 39.91
N LYS T 120 -13.07 8.73 39.14
CA LYS T 120 -13.66 10.06 39.19
C LYS T 120 -14.29 10.31 40.56
N ALA T 121 -14.96 9.31 41.12
CA ALA T 121 -15.55 9.49 42.44
C ALA T 121 -14.48 9.76 43.49
N VAL T 122 -13.38 9.01 43.45
CA VAL T 122 -12.31 9.20 44.42
C VAL T 122 -11.67 10.57 44.25
N THR T 123 -11.43 10.98 43.00
CA THR T 123 -10.84 12.29 42.77
C THR T 123 -11.76 13.40 43.27
N LYS T 124 -13.07 13.27 43.01
CA LYS T 124 -14.02 14.27 43.47
C LYS T 124 -14.05 14.33 44.99
N TYR T 125 -14.06 13.17 45.64
CA TYR T 125 -14.14 13.14 47.10
C TYR T 125 -12.86 13.68 47.73
N THR T 126 -11.70 13.33 47.17
CA THR T 126 -10.43 13.77 47.72
C THR T 126 -10.13 15.23 47.43
N SER T 127 -10.66 15.77 46.32
CA SER T 127 -10.53 17.19 46.05
C SER T 127 -11.34 18.04 47.02
N ALA T 128 -12.22 17.43 47.80
CA ALA T 128 -12.98 18.14 48.81
C ALA T 128 -12.62 17.63 50.21
N LYS U 41 -61.53 -33.30 6.60
CA LYS U 41 -62.62 -32.38 6.94
C LYS U 41 -62.48 -31.76 8.34
N PRO U 42 -62.28 -32.58 9.39
CA PRO U 42 -62.09 -32.00 10.72
C PRO U 42 -60.81 -31.16 10.77
N HIS U 43 -60.83 -30.12 11.58
CA HIS U 43 -59.69 -29.22 11.70
C HIS U 43 -58.64 -29.89 12.58
N ARG U 44 -57.69 -30.59 11.95
CA ARG U 44 -56.62 -31.28 12.67
C ARG U 44 -55.29 -30.84 12.08
N TYR U 45 -54.52 -30.08 12.86
CA TYR U 45 -53.21 -29.64 12.42
C TYR U 45 -52.23 -30.80 12.40
N ARG U 46 -51.14 -30.62 11.66
CA ARG U 46 -50.09 -31.62 11.64
C ARG U 46 -49.47 -31.75 13.04
N PRO U 47 -49.11 -32.96 13.47
CA PRO U 47 -48.59 -33.14 14.83
C PRO U 47 -47.26 -32.40 15.06
N GLY U 48 -47.25 -31.49 16.02
CA GLY U 48 -46.06 -30.73 16.33
C GLY U 48 -46.35 -29.25 16.51
N THR U 49 -47.31 -28.73 15.73
CA THR U 49 -47.73 -27.34 15.90
C THR U 49 -48.34 -27.13 17.27
N VAL U 50 -49.10 -28.11 17.76
CA VAL U 50 -49.62 -28.04 19.12
C VAL U 50 -48.49 -27.96 20.13
N ALA U 51 -47.46 -28.79 19.94
CA ALA U 51 -46.29 -28.72 20.81
C ALA U 51 -45.58 -27.38 20.67
N LEU U 52 -45.55 -26.82 19.47
CA LEU U 52 -44.95 -25.50 19.28
C LEU U 52 -45.70 -24.44 20.08
N ARG U 53 -47.03 -24.46 20.03
CA ARG U 53 -47.81 -23.51 20.80
C ARG U 53 -47.61 -23.72 22.30
N GLU U 54 -47.52 -24.98 22.71
CA GLU U 54 -47.24 -25.27 24.13
C GLU U 54 -45.90 -24.68 24.55
N ILE U 55 -44.88 -24.84 23.72
CA ILE U 55 -43.55 -24.32 24.04
C ILE U 55 -43.59 -22.80 24.10
N ARG U 56 -44.26 -22.17 23.13
CA ARG U 56 -44.32 -20.72 23.10
C ARG U 56 -45.05 -20.17 24.33
N ARG U 57 -46.17 -20.81 24.69
CA ARG U 57 -46.90 -20.40 25.88
C ARG U 57 -46.06 -20.60 27.13
N TYR U 58 -45.39 -21.75 27.25
CA TYR U 58 -44.62 -22.05 28.45
C TYR U 58 -43.46 -21.10 28.61
N GLN U 59 -42.72 -20.83 27.53
CA GLN U 59 -41.60 -19.90 27.62
C GLN U 59 -42.06 -18.46 27.79
N LYS U 60 -43.20 -18.10 27.22
CA LYS U 60 -43.80 -16.80 27.49
C LYS U 60 -44.35 -16.72 28.90
N SER U 61 -44.72 -17.85 29.49
CA SER U 61 -45.21 -17.91 30.86
C SER U 61 -44.06 -18.21 31.81
N THR U 62 -44.33 -18.06 33.11
CA THR U 62 -43.32 -18.31 34.12
C THR U 62 -43.86 -19.08 35.32
N GLU U 63 -45.14 -19.42 35.36
CA GLU U 63 -45.71 -20.10 36.51
C GLU U 63 -45.21 -21.54 36.60
N LEU U 64 -45.40 -22.13 37.77
CA LEU U 64 -45.01 -23.50 37.98
C LEU U 64 -45.89 -24.44 37.17
N LEU U 65 -45.27 -25.45 36.56
CA LEU U 65 -45.99 -26.47 35.83
C LEU U 65 -46.21 -27.74 36.64
N ILE U 66 -45.96 -27.69 37.94
CA ILE U 66 -46.13 -28.82 38.83
C ILE U 66 -47.24 -28.49 39.82
N ARG U 67 -48.16 -29.43 40.02
CA ARG U 67 -49.12 -29.28 41.09
C ARG U 67 -48.39 -29.25 42.43
N LYS U 68 -48.74 -28.27 43.27
CA LYS U 68 -47.92 -27.98 44.44
C LYS U 68 -48.03 -29.07 45.49
N LEU U 69 -49.23 -29.62 45.69
CA LEU U 69 -49.41 -30.61 46.75
C LEU U 69 -48.60 -31.88 46.55
N PRO U 70 -48.57 -32.51 45.38
CA PRO U 70 -47.69 -33.69 45.22
C PRO U 70 -46.23 -33.37 45.47
N PHE U 71 -45.78 -32.21 45.01
CA PHE U 71 -44.40 -31.80 45.24
C PHE U 71 -44.12 -31.65 46.73
N GLN U 72 -45.03 -30.99 47.44
CA GLN U 72 -44.85 -30.80 48.88
C GLN U 72 -44.85 -32.12 49.61
N ARG U 73 -45.73 -33.05 49.21
CA ARG U 73 -45.75 -34.35 49.85
C ARG U 73 -44.44 -35.11 49.62
N LEU U 74 -43.92 -35.05 48.39
CA LEU U 74 -42.64 -35.69 48.11
C LEU U 74 -41.53 -35.05 48.94
N VAL U 75 -41.54 -33.73 49.06
CA VAL U 75 -40.50 -33.04 49.81
C VAL U 75 -40.55 -33.44 51.28
N ARG U 76 -41.75 -33.48 51.85
CA ARG U 76 -41.88 -33.88 53.25
C ARG U 76 -41.46 -35.33 53.44
N GLU U 77 -41.78 -36.19 52.47
CA GLU U 77 -41.34 -37.58 52.54
C GLU U 77 -39.82 -37.68 52.56
N ILE U 78 -39.16 -36.95 51.66
CA ILE U 78 -37.70 -36.99 51.61
C ILE U 78 -37.11 -36.42 52.88
N ALA U 79 -37.72 -35.37 53.42
CA ALA U 79 -37.24 -34.80 54.68
C ALA U 79 -37.34 -35.79 55.82
N GLN U 80 -38.47 -36.50 55.90
CA GLN U 80 -38.61 -37.54 56.92
C GLN U 80 -37.62 -38.68 56.67
N ASP U 81 -37.19 -38.85 55.42
CA ASP U 81 -36.17 -39.85 55.13
C ASP U 81 -34.86 -39.55 55.84
N PHE U 82 -34.61 -38.29 56.19
CA PHE U 82 -33.42 -37.93 56.97
C PHE U 82 -33.73 -37.88 58.46
N LYS U 83 -34.67 -37.01 58.85
CA LYS U 83 -35.14 -36.96 60.22
C LYS U 83 -36.66 -36.84 60.21
N THR U 84 -37.31 -37.52 61.14
CA THR U 84 -38.75 -37.50 61.24
C THR U 84 -39.24 -36.22 61.90
N ASP U 85 -40.51 -35.89 61.69
CA ASP U 85 -41.22 -34.82 62.38
C ASP U 85 -40.52 -33.47 62.17
N LEU U 86 -40.56 -33.04 60.91
CA LEU U 86 -39.97 -31.77 60.51
C LEU U 86 -41.06 -30.79 60.08
N ARG U 87 -40.85 -29.52 60.38
CA ARG U 87 -41.76 -28.46 60.01
C ARG U 87 -41.26 -27.76 58.75
N PHE U 88 -42.19 -27.42 57.87
CA PHE U 88 -41.88 -26.89 56.55
C PHE U 88 -42.50 -25.51 56.36
N GLN U 89 -41.65 -24.48 56.32
CA GLN U 89 -42.13 -23.16 55.95
C GLN U 89 -42.68 -23.20 54.54
N SER U 90 -43.85 -22.55 54.36
CA SER U 90 -44.46 -22.49 53.04
C SER U 90 -43.53 -21.78 52.06
N SER U 91 -42.89 -20.70 52.51
CA SER U 91 -41.89 -20.03 51.69
C SER U 91 -40.75 -20.96 51.33
N ALA U 92 -40.33 -21.80 52.27
CA ALA U 92 -39.26 -22.76 51.98
C ALA U 92 -39.66 -23.70 50.84
N VAL U 93 -40.88 -24.23 50.91
CA VAL U 93 -41.34 -25.16 49.88
C VAL U 93 -41.50 -24.44 48.55
N MET U 94 -41.93 -23.18 48.58
CA MET U 94 -42.03 -22.41 47.35
C MET U 94 -40.65 -22.24 46.71
N ALA U 95 -39.65 -21.90 47.53
CA ALA U 95 -38.29 -21.80 47.03
C ALA U 95 -37.83 -23.13 46.46
N LEU U 96 -38.17 -24.22 47.14
CA LEU U 96 -37.79 -25.54 46.66
C LEU U 96 -38.39 -25.81 45.28
N GLN U 97 -39.67 -25.55 45.11
CA GLN U 97 -40.30 -25.82 43.82
C GLN U 97 -39.71 -24.93 42.74
N GLU U 98 -39.47 -23.66 43.05
CA GLU U 98 -38.86 -22.77 42.08
C GLU U 98 -37.50 -23.28 41.64
N ALA U 99 -36.65 -23.63 42.61
CA ALA U 99 -35.31 -24.09 42.29
C ALA U 99 -35.34 -25.38 41.49
N CYS U 100 -36.19 -26.32 41.91
CA CYS U 100 -36.26 -27.60 41.21
C CYS U 100 -36.75 -27.41 39.79
N GLU U 101 -37.80 -26.61 39.59
CA GLU U 101 -38.32 -26.40 38.25
C GLU U 101 -37.29 -25.71 37.37
N ALA U 102 -36.57 -24.72 37.92
CA ALA U 102 -35.54 -24.05 37.12
C ALA U 102 -34.43 -25.01 36.73
N TYR U 103 -33.96 -25.81 37.69
CA TYR U 103 -32.89 -26.77 37.41
C TYR U 103 -33.32 -27.78 36.37
N LEU U 104 -34.56 -28.28 36.49
CA LEU U 104 -35.04 -29.28 35.56
C LEU U 104 -35.29 -28.70 34.17
N VAL U 105 -35.74 -27.45 34.10
CA VAL U 105 -35.91 -26.81 32.81
C VAL U 105 -34.56 -26.62 32.12
N GLY U 106 -33.56 -26.20 32.89
CA GLY U 106 -32.21 -26.12 32.34
C GLY U 106 -31.70 -27.47 31.86
N LEU U 107 -31.95 -28.51 32.65
CA LEU U 107 -31.57 -29.85 32.24
C LEU U 107 -32.30 -30.27 30.97
N PHE U 108 -33.56 -29.88 30.84
CA PHE U 108 -34.32 -30.18 29.63
C PHE U 108 -33.74 -29.48 28.42
N GLU U 109 -33.36 -28.21 28.57
CA GLU U 109 -32.72 -27.50 27.47
C GLU U 109 -31.41 -28.18 27.07
N ASP U 110 -30.63 -28.59 28.07
CA ASP U 110 -29.38 -29.29 27.79
C ASP U 110 -29.62 -30.61 27.09
N THR U 111 -30.65 -31.34 27.52
CA THR U 111 -30.99 -32.60 26.87
C THR U 111 -31.45 -32.38 25.44
N ASN U 112 -32.18 -31.29 25.20
CA ASN U 112 -32.55 -30.93 23.83
C ASN U 112 -31.30 -30.67 23.01
N LEU U 113 -30.32 -29.97 23.58
CA LEU U 113 -29.06 -29.73 22.89
C LEU U 113 -28.36 -31.04 22.58
N CYS U 114 -28.35 -31.97 23.53
CA CYS U 114 -27.70 -33.26 23.31
C CYS U 114 -28.39 -34.05 22.21
N ALA U 115 -29.72 -34.07 22.21
CA ALA U 115 -30.46 -34.80 21.18
C ALA U 115 -30.24 -34.17 19.81
N ILE U 116 -30.24 -32.84 19.73
CA ILE U 116 -29.97 -32.15 18.48
C ILE U 116 -28.55 -32.40 18.01
N HIS U 117 -27.62 -32.58 18.96
CA HIS U 117 -26.25 -32.92 18.61
C HIS U 117 -26.19 -34.21 17.81
N ALA U 118 -27.09 -35.14 18.09
CA ALA U 118 -27.21 -36.37 17.32
C ALA U 118 -28.14 -36.24 16.12
N LYS U 119 -28.58 -35.02 15.82
CA LYS U 119 -29.50 -34.75 14.71
C LYS U 119 -30.79 -35.54 14.85
N ARG U 120 -31.41 -35.45 16.02
CA ARG U 120 -32.66 -36.11 16.33
C ARG U 120 -33.62 -35.11 16.96
N VAL U 121 -34.91 -35.43 16.92
CA VAL U 121 -35.93 -34.58 17.54
C VAL U 121 -36.50 -35.33 18.74
N THR U 122 -36.49 -36.66 18.68
CA THR U 122 -36.91 -37.47 19.81
C THR U 122 -35.75 -37.64 20.78
N ILE U 123 -36.03 -37.39 22.05
CA ILE U 123 -35.02 -37.44 23.10
C ILE U 123 -35.04 -38.81 23.73
N MET U 124 -33.92 -39.17 24.35
CA MET U 124 -33.71 -40.45 25.01
C MET U 124 -33.08 -40.22 26.36
N PRO U 125 -33.14 -41.20 27.27
CA PRO U 125 -32.41 -41.05 28.54
C PRO U 125 -30.91 -40.87 28.36
N LYS U 126 -30.37 -41.36 27.23
CA LYS U 126 -28.94 -41.25 26.98
C LYS U 126 -28.50 -39.79 26.92
N ASP U 127 -29.29 -38.92 26.31
CA ASP U 127 -28.93 -37.51 26.24
C ASP U 127 -28.94 -36.87 27.63
N ILE U 128 -29.90 -37.26 28.47
CA ILE U 128 -29.91 -36.81 29.85
C ILE U 128 -28.64 -37.23 30.55
N GLN U 129 -28.25 -38.49 30.39
CA GLN U 129 -27.04 -38.99 31.04
C GLN U 129 -25.81 -38.26 30.54
N LEU U 130 -25.71 -38.04 29.23
CA LEU U 130 -24.58 -37.32 28.67
C LEU U 130 -24.50 -35.89 29.21
N ALA U 131 -25.64 -35.20 29.26
CA ALA U 131 -25.67 -33.85 29.79
C ALA U 131 -25.24 -33.83 31.25
N ARG U 132 -25.74 -34.79 32.04
CA ARG U 132 -25.36 -34.85 33.44
C ARG U 132 -23.87 -35.11 33.60
N ARG U 133 -23.31 -35.97 32.75
CA ARG U 133 -21.90 -36.33 32.89
C ARG U 133 -21.00 -35.18 32.49
N ILE U 134 -21.28 -34.52 31.36
CA ILE U 134 -20.45 -33.39 30.95
C ILE U 134 -20.65 -32.23 31.92
N ARG U 135 -21.87 -32.06 32.44
CA ARG U 135 -22.11 -31.09 33.49
C ARG U 135 -21.28 -31.39 34.73
N GLY U 136 -20.85 -32.64 34.89
CA GLY U 136 -20.22 -33.08 36.10
C GLY U 136 -21.18 -33.60 37.15
N GLU U 137 -22.49 -33.53 36.89
CA GLU U 137 -23.46 -34.10 37.81
C GLU U 137 -23.31 -35.60 37.92
N ARG U 138 -22.86 -36.27 36.87
CA ARG U 138 -22.68 -37.71 36.89
C ARG U 138 -21.34 -38.10 36.28
N LYS V 24 -47.95 -38.55 60.55
CA LYS V 24 -47.99 -39.90 60.02
C LYS V 24 -46.77 -40.18 59.13
N VAL V 25 -46.32 -41.42 59.14
CA VAL V 25 -45.20 -41.83 58.29
C VAL V 25 -45.66 -41.86 56.84
N LEU V 26 -44.92 -41.16 55.98
CA LEU V 26 -45.23 -41.08 54.56
C LEU V 26 -44.34 -42.05 53.80
N ARG V 27 -44.87 -42.60 52.71
CA ARG V 27 -44.14 -43.56 51.90
C ARG V 27 -44.52 -43.42 50.44
N ASP V 28 -43.53 -43.59 49.57
CA ASP V 28 -43.72 -43.61 48.11
C ASP V 28 -44.44 -42.36 47.62
N ASN V 29 -43.97 -41.21 48.11
CA ASN V 29 -44.45 -39.95 47.57
C ASN V 29 -43.72 -39.55 46.30
N ILE V 30 -42.72 -40.33 45.89
CA ILE V 30 -42.02 -40.05 44.64
C ILE V 30 -42.96 -40.25 43.45
N GLN V 31 -43.85 -41.23 43.53
CA GLN V 31 -44.84 -41.42 42.47
C GLN V 31 -45.82 -40.26 42.41
N GLY V 32 -45.89 -39.44 43.46
CA GLY V 32 -46.67 -38.23 43.38
C GLY V 32 -46.16 -37.28 42.31
N ILE V 33 -44.92 -37.47 41.88
CA ILE V 33 -44.39 -36.74 40.73
C ILE V 33 -44.95 -37.41 39.49
N THR V 34 -46.09 -36.93 39.04
CA THR V 34 -46.80 -37.57 37.95
C THR V 34 -46.05 -37.39 36.64
N LYS V 35 -46.19 -38.40 35.78
CA LYS V 35 -45.63 -38.30 34.43
C LYS V 35 -46.14 -37.09 33.65
N PRO V 36 -47.43 -36.75 33.67
CA PRO V 36 -47.87 -35.54 32.95
C PRO V 36 -47.20 -34.28 33.42
N ALA V 37 -46.87 -34.16 34.71
CA ALA V 37 -46.09 -33.02 35.17
C ALA V 37 -44.72 -33.00 34.48
N ILE V 38 -44.09 -34.16 34.37
CA ILE V 38 -42.83 -34.27 33.66
C ILE V 38 -43.01 -33.84 32.21
N ARG V 39 -44.12 -34.24 31.59
CA ARG V 39 -44.36 -33.90 30.19
C ARG V 39 -44.54 -32.40 30.02
N ARG V 40 -45.29 -31.76 30.93
CA ARG V 40 -45.48 -30.32 30.83
C ARG V 40 -44.15 -29.59 31.01
N LEU V 41 -43.35 -30.01 31.98
CA LEU V 41 -42.05 -29.39 32.19
C LEU V 41 -41.16 -29.59 30.97
N ALA V 42 -41.24 -30.77 30.35
CA ALA V 42 -40.48 -31.04 29.14
C ALA V 42 -40.92 -30.14 28.00
N ARG V 43 -42.24 -29.95 27.86
CA ARG V 43 -42.74 -29.03 26.85
C ARG V 43 -42.21 -27.62 27.10
N ARG V 44 -42.17 -27.20 28.36
CA ARG V 44 -41.59 -25.91 28.68
C ARG V 44 -40.11 -25.86 28.30
N GLY V 45 -39.40 -26.95 28.52
CA GLY V 45 -37.99 -27.03 28.18
C GLY V 45 -37.72 -27.24 26.71
N GLY V 46 -38.76 -27.40 25.90
CA GLY V 46 -38.61 -27.59 24.47
C GLY V 46 -38.67 -29.02 24.00
N VAL V 47 -38.96 -29.97 24.89
CA VAL V 47 -38.98 -31.38 24.50
C VAL V 47 -40.22 -31.66 23.66
N LYS V 48 -40.06 -32.55 22.68
CA LYS V 48 -41.14 -32.91 21.78
C LYS V 48 -41.63 -34.35 21.99
N ARG V 49 -40.75 -35.34 21.87
CA ARG V 49 -41.10 -36.73 22.05
C ARG V 49 -40.35 -37.30 23.24
N ILE V 50 -41.09 -37.81 24.21
CA ILE V 50 -40.53 -38.24 25.49
C ILE V 50 -40.47 -39.76 25.51
N SER V 51 -39.28 -40.30 25.74
CA SER V 51 -39.14 -41.74 25.90
C SER V 51 -39.88 -42.20 27.15
N GLY V 52 -40.40 -43.43 27.13
CA GLY V 52 -41.13 -43.95 28.26
C GLY V 52 -40.24 -44.16 29.46
N LEU V 53 -38.94 -44.28 29.21
CA LEU V 53 -37.96 -44.44 30.27
C LEU V 53 -37.48 -43.11 30.83
N ILE V 54 -37.96 -41.99 30.27
CA ILE V 54 -37.56 -40.67 30.77
C ILE V 54 -38.13 -40.43 32.16
N TYR V 55 -39.35 -40.91 32.42
CA TYR V 55 -40.07 -40.51 33.63
C TYR V 55 -39.42 -41.09 34.88
N GLU V 56 -39.10 -42.38 34.90
CA GLU V 56 -38.49 -42.97 36.08
C GLU V 56 -37.04 -42.53 36.25
N GLU V 57 -36.32 -42.39 35.13
CA GLU V 57 -34.97 -41.83 35.19
C GLU V 57 -35.00 -40.44 35.80
N THR V 58 -35.97 -39.63 35.38
CA THR V 58 -36.12 -38.27 35.91
C THR V 58 -36.49 -38.31 37.39
N ARG V 59 -37.35 -39.26 37.78
CA ARG V 59 -37.70 -39.39 39.19
C ARG V 59 -36.47 -39.73 40.02
N GLY V 60 -35.63 -40.63 39.53
CA GLY V 60 -34.40 -40.93 40.25
C GLY V 60 -33.45 -39.74 40.34
N VAL V 61 -33.30 -39.02 39.22
CA VAL V 61 -32.44 -37.84 39.21
C VAL V 61 -32.94 -36.80 40.21
N LEU V 62 -34.26 -36.57 40.20
CA LEU V 62 -34.85 -35.62 41.13
C LEU V 62 -34.67 -36.07 42.57
N LYS V 63 -34.86 -37.36 42.84
CA LYS V 63 -34.69 -37.87 44.20
C LYS V 63 -33.26 -37.64 44.67
N VAL V 64 -32.29 -37.94 43.81
CA VAL V 64 -30.88 -37.76 44.18
C VAL V 64 -30.59 -36.29 44.45
N PHE V 65 -31.03 -35.42 43.54
CA PHE V 65 -30.78 -33.99 43.68
C PHE V 65 -31.43 -33.43 44.95
N LEU V 66 -32.66 -33.84 45.22
CA LEU V 66 -33.38 -33.39 46.41
C LEU V 66 -32.69 -33.87 47.67
N GLU V 67 -32.24 -35.12 47.71
CA GLU V 67 -31.53 -35.62 48.88
C GLU V 67 -30.26 -34.83 49.10
N ASN V 68 -29.52 -34.55 48.02
CA ASN V 68 -28.31 -33.75 48.13
C ASN V 68 -28.57 -32.38 48.72
N VAL V 69 -29.60 -31.69 48.23
CA VAL V 69 -29.88 -30.35 48.74
C VAL V 69 -30.39 -30.41 50.18
N ILE V 70 -31.32 -31.32 50.46
CA ILE V 70 -31.96 -31.38 51.76
C ILE V 70 -30.98 -31.78 52.85
N ARG V 71 -30.01 -32.64 52.56
CA ARG V 71 -28.99 -32.95 53.55
C ARG V 71 -28.32 -31.68 54.07
N ASP V 72 -27.86 -30.84 53.13
CA ASP V 72 -27.22 -29.59 53.53
C ASP V 72 -28.18 -28.67 54.24
N ALA V 73 -29.43 -28.59 53.75
CA ALA V 73 -30.41 -27.71 54.37
C ALA V 73 -30.65 -28.10 55.82
N VAL V 74 -30.80 -29.39 56.08
CA VAL V 74 -30.98 -29.87 57.43
C VAL V 74 -29.73 -29.59 58.27
N THR V 75 -28.55 -29.82 57.68
CA THR V 75 -27.30 -29.51 58.37
C THR V 75 -27.30 -28.06 58.83
N TYR V 76 -27.79 -27.17 57.97
CA TYR V 76 -27.98 -25.78 58.39
C TYR V 76 -28.95 -25.70 59.56
N THR V 77 -30.14 -26.32 59.41
CA THR V 77 -31.14 -26.26 60.46
C THR V 77 -30.65 -26.96 61.72
N GLU V 78 -29.97 -28.09 61.56
CA GLU V 78 -29.45 -28.80 62.72
C GLU V 78 -28.47 -27.94 63.52
N HIS V 79 -27.52 -27.32 62.82
CA HIS V 79 -26.57 -26.46 63.52
C HIS V 79 -27.24 -25.22 64.08
N ALA V 80 -28.45 -24.92 63.60
CA ALA V 80 -29.18 -23.72 64.02
C ALA V 80 -29.90 -23.92 65.35
N LYS V 81 -29.86 -25.12 65.93
CA LYS V 81 -30.55 -25.41 67.19
C LYS V 81 -32.04 -25.13 67.07
N ARG V 82 -32.61 -25.42 65.91
CA ARG V 82 -34.01 -25.18 65.63
C ARG V 82 -34.71 -26.49 65.25
N LYS V 83 -36.01 -26.39 65.02
CA LYS V 83 -36.79 -27.52 64.51
C LYS V 83 -37.73 -27.13 63.37
N THR V 84 -37.63 -25.91 62.87
CA THR V 84 -38.40 -25.46 61.71
C THR V 84 -37.43 -25.20 60.57
N VAL V 85 -37.86 -25.50 59.35
CA VAL V 85 -36.99 -25.39 58.18
C VAL V 85 -37.39 -24.11 57.45
N THR V 86 -36.49 -23.13 57.47
CA THR V 86 -36.71 -21.89 56.73
C THR V 86 -36.10 -21.96 55.34
N ALA V 87 -36.44 -20.99 54.50
CA ALA V 87 -35.94 -20.97 53.13
C ALA V 87 -34.48 -20.51 53.07
N MET V 88 -33.99 -19.90 54.15
CA MET V 88 -32.62 -19.41 54.14
C MET V 88 -31.61 -20.55 54.03
N ASP V 89 -31.88 -21.67 54.71
CA ASP V 89 -31.05 -22.85 54.54
C ASP V 89 -31.09 -23.32 53.09
N VAL V 90 -32.26 -23.22 52.45
CA VAL V 90 -32.39 -23.59 51.05
C VAL V 90 -31.48 -22.72 50.18
N VAL V 91 -31.50 -21.40 50.42
CA VAL V 91 -30.68 -20.50 49.63
C VAL V 91 -29.21 -20.79 49.85
N TYR V 92 -28.83 -21.04 51.11
CA TYR V 92 -27.43 -21.35 51.40
C TYR V 92 -26.98 -22.62 50.70
N ALA V 93 -27.82 -23.66 50.73
CA ALA V 93 -27.47 -24.91 50.07
C ALA V 93 -27.37 -24.74 48.56
N LEU V 94 -28.33 -24.02 47.97
CA LEU V 94 -28.28 -23.78 46.53
C LEU V 94 -27.06 -22.98 46.12
N LYS V 95 -26.69 -21.96 46.90
CA LYS V 95 -25.47 -21.23 46.64
C LYS V 95 -24.25 -22.13 46.76
N ARG V 96 -24.22 -23.00 47.78
CA ARG V 96 -23.10 -23.93 47.93
C ARG V 96 -22.99 -24.86 46.73
N GLN V 97 -24.13 -25.26 46.18
CA GLN V 97 -24.13 -26.14 45.01
C GLN V 97 -23.89 -25.37 43.71
N GLY V 98 -23.42 -24.13 43.79
CA GLY V 98 -23.15 -23.36 42.60
C GLY V 98 -24.36 -22.86 41.86
N ARG V 99 -25.54 -22.98 42.46
CA ARG V 99 -26.80 -22.58 41.83
C ARG V 99 -27.39 -21.46 42.67
N THR V 100 -27.02 -20.23 42.34
CA THR V 100 -27.55 -19.08 43.06
C THR V 100 -29.04 -18.92 42.81
N LEU V 101 -29.77 -18.59 43.87
CA LEU V 101 -31.23 -18.43 43.82
C LEU V 101 -31.58 -16.99 44.14
N TYR V 102 -32.43 -16.39 43.32
CA TYR V 102 -32.90 -15.03 43.53
C TYR V 102 -34.41 -15.00 43.70
N GLY V 103 -34.88 -14.01 44.47
CA GLY V 103 -36.28 -13.88 44.82
C GLY V 103 -36.58 -14.34 46.24
N PHE V 104 -35.94 -15.42 46.67
CA PHE V 104 -36.09 -15.92 48.03
C PHE V 104 -34.94 -15.51 48.93
N GLY V 105 -34.13 -14.53 48.52
CA GLY V 105 -32.97 -14.13 49.30
C GLY V 105 -33.28 -13.32 50.53
N GLY V 106 -34.55 -12.94 50.72
CA GLY V 106 -34.93 -12.17 51.89
C GLY V 106 -35.82 -10.98 51.56
N LYS W 19 5.84 -31.95 75.51
CA LYS W 19 4.74 -31.12 75.95
C LYS W 19 4.03 -30.48 74.75
N THR W 20 3.81 -31.28 73.71
CA THR W 20 3.17 -30.82 72.49
C THR W 20 1.68 -31.16 72.54
N ARG W 21 0.86 -30.24 72.02
CA ARG W 21 -0.59 -30.44 72.06
C ARG W 21 -1.00 -31.63 71.19
N SER W 22 -0.22 -31.95 70.17
CA SER W 22 -0.53 -33.10 69.31
C SER W 22 -0.54 -34.39 70.11
N SER W 23 0.47 -34.58 70.97
CA SER W 23 0.48 -35.75 71.85
C SER W 23 -0.68 -35.71 72.84
N ARG W 24 -0.99 -34.52 73.36
CA ARG W 24 -2.13 -34.39 74.26
C ARG W 24 -3.43 -34.74 73.55
N ALA W 25 -3.52 -34.40 72.27
CA ALA W 25 -4.63 -34.82 71.43
C ALA W 25 -4.43 -36.21 70.84
N GLY W 26 -3.29 -36.84 71.10
CA GLY W 26 -3.00 -38.14 70.50
C GLY W 26 -2.87 -38.08 69.00
N LEU W 27 -2.22 -37.04 68.49
CA LEU W 27 -2.13 -36.80 67.06
C LEU W 27 -0.68 -36.60 66.64
N GLN W 28 -0.42 -36.82 65.36
CA GLN W 28 0.87 -36.53 64.76
C GLN W 28 0.96 -35.13 64.17
N PHE W 29 -0.15 -34.57 63.73
CA PHE W 29 -0.16 -33.23 63.15
C PHE W 29 -0.04 -32.16 64.22
N PRO W 30 0.64 -31.06 63.90
CA PRO W 30 0.96 -30.05 64.93
C PRO W 30 -0.23 -29.17 65.22
N VAL W 31 -0.76 -29.28 66.45
CA VAL W 31 -1.83 -28.40 66.87
C VAL W 31 -1.34 -26.96 66.92
N GLY W 32 -0.11 -26.75 67.37
CA GLY W 32 0.43 -25.40 67.40
C GLY W 32 0.55 -24.78 66.03
N ARG W 33 1.10 -25.53 65.07
CA ARG W 33 1.27 -25.00 63.73
C ARG W 33 -0.07 -24.76 63.04
N VAL W 34 -1.02 -25.67 63.23
CA VAL W 34 -2.34 -25.50 62.63
C VAL W 34 -3.05 -24.28 63.23
N HIS W 35 -2.95 -24.12 64.56
CA HIS W 35 -3.53 -22.95 65.20
C HIS W 35 -2.87 -21.67 64.68
N ARG W 36 -1.55 -21.69 64.50
CA ARG W 36 -0.85 -20.53 63.98
C ARG W 36 -1.32 -20.20 62.56
N LEU W 37 -1.49 -21.23 61.71
CA LEU W 37 -1.94 -20.98 60.34
C LEU W 37 -3.37 -20.48 60.31
N LEU W 38 -4.21 -20.99 61.23
CA LEU W 38 -5.57 -20.48 61.33
C LEU W 38 -5.58 -19.01 61.71
N ARG W 39 -4.74 -18.62 62.67
CA ARG W 39 -4.68 -17.23 63.09
C ARG W 39 -4.11 -16.35 61.98
N LYS W 40 -3.11 -16.84 61.26
CA LYS W 40 -2.42 -16.02 60.27
C LYS W 40 -3.21 -15.84 58.98
N GLY W 41 -4.22 -16.68 58.73
CA GLY W 41 -4.97 -16.58 57.50
C GLY W 41 -6.07 -15.55 57.47
N ASN W 42 -6.24 -14.80 58.56
CA ASN W 42 -7.30 -13.78 58.66
C ASN W 42 -8.68 -14.41 58.47
N TYR W 43 -8.80 -15.69 58.84
CA TYR W 43 -10.05 -16.42 58.66
C TYR W 43 -11.11 -16.05 59.68
N SER W 44 -10.73 -15.71 60.90
CA SER W 44 -11.68 -15.37 61.94
C SER W 44 -11.00 -14.43 62.92
N GLU W 45 -11.81 -13.67 63.64
CA GLU W 45 -11.27 -12.71 64.61
C GLU W 45 -10.75 -13.40 65.86
N ARG W 46 -11.47 -14.40 66.36
CA ARG W 46 -11.08 -15.12 67.57
C ARG W 46 -10.96 -16.59 67.23
N VAL W 47 -9.89 -17.23 67.71
CA VAL W 47 -9.59 -18.61 67.40
C VAL W 47 -9.72 -19.44 68.67
N GLY W 48 -10.59 -20.45 68.63
CA GLY W 48 -10.80 -21.28 69.78
C GLY W 48 -9.68 -22.28 69.99
N ALA W 49 -9.69 -22.90 71.18
CA ALA W 49 -8.65 -23.86 71.53
C ALA W 49 -8.83 -25.20 70.82
N GLY W 50 -10.07 -25.70 70.76
CA GLY W 50 -10.31 -27.04 70.26
C GLY W 50 -10.42 -27.17 68.75
N ALA W 51 -10.63 -26.07 68.05
CA ALA W 51 -10.72 -26.13 66.60
C ALA W 51 -9.45 -26.65 65.94
N PRO W 52 -8.25 -26.18 66.29
CA PRO W 52 -7.05 -26.79 65.69
C PRO W 52 -6.91 -28.27 66.01
N VAL W 53 -7.34 -28.69 67.21
CA VAL W 53 -7.27 -30.10 67.56
C VAL W 53 -8.20 -30.92 66.67
N TYR W 54 -9.43 -30.46 66.51
CA TYR W 54 -10.39 -31.17 65.66
C TYR W 54 -9.88 -31.24 64.23
N LEU W 55 -9.35 -30.11 63.73
CA LEU W 55 -8.86 -30.08 62.36
C LEU W 55 -7.66 -31.00 62.19
N ALA W 56 -6.77 -31.04 63.19
CA ALA W 56 -5.62 -31.92 63.11
C ALA W 56 -6.05 -33.38 63.10
N ALA W 57 -7.03 -33.73 63.92
CA ALA W 57 -7.53 -35.11 63.93
C ALA W 57 -8.13 -35.47 62.57
N VAL W 58 -8.94 -34.57 62.01
CA VAL W 58 -9.57 -34.84 60.72
C VAL W 58 -8.52 -34.97 59.63
N LEU W 59 -7.53 -34.06 59.61
CA LEU W 59 -6.50 -34.11 58.59
C LEU W 59 -5.64 -35.36 58.73
N GLU W 60 -5.38 -35.78 59.97
CA GLU W 60 -4.66 -37.03 60.18
C GLU W 60 -5.45 -38.20 59.64
N TYR W 61 -6.78 -38.21 59.85
CA TYR W 61 -7.61 -39.25 59.28
C TYR W 61 -7.54 -39.26 57.76
N LEU W 62 -7.65 -38.08 57.14
CA LEU W 62 -7.61 -38.01 55.68
C LEU W 62 -6.26 -38.45 55.14
N THR W 63 -5.18 -37.99 55.76
CA THR W 63 -3.85 -38.37 55.34
C THR W 63 -3.63 -39.87 55.49
N ALA W 64 -4.10 -40.44 56.60
CA ALA W 64 -3.98 -41.87 56.79
C ALA W 64 -4.73 -42.63 55.70
N GLU W 65 -5.94 -42.17 55.38
CA GLU W 65 -6.71 -42.81 54.31
C GLU W 65 -5.96 -42.76 52.99
N ILE W 66 -5.50 -41.58 52.60
CA ILE W 66 -4.85 -41.41 51.29
C ILE W 66 -3.55 -42.20 51.24
N LEU W 67 -2.76 -42.14 52.31
CA LEU W 67 -1.47 -42.82 52.31
C LEU W 67 -1.63 -44.34 52.37
N GLU W 68 -2.62 -44.84 53.10
CA GLU W 68 -2.89 -46.28 53.09
C GLU W 68 -3.29 -46.73 51.69
N LEU W 69 -4.15 -45.95 51.03
CA LEU W 69 -4.54 -46.28 49.66
C LEU W 69 -3.34 -46.25 48.72
N ALA W 70 -2.47 -45.25 48.88
CA ALA W 70 -1.29 -45.15 48.03
C ALA W 70 -0.33 -46.31 48.26
N GLY W 71 -0.14 -46.70 49.52
CA GLY W 71 0.73 -47.83 49.83
C GLY W 71 0.17 -49.13 49.29
N ASN W 72 -1.15 -49.30 49.36
CA ASN W 72 -1.78 -50.47 48.75
C ASN W 72 -1.61 -50.44 47.24
N ALA W 73 -1.71 -49.27 46.63
CA ALA W 73 -1.46 -49.14 45.20
C ALA W 73 -0.02 -49.52 44.87
N ALA W 74 0.91 -49.19 45.76
CA ALA W 74 2.30 -49.55 45.54
C ALA W 74 2.47 -51.06 45.51
N ARG W 75 1.87 -51.76 46.47
CA ARG W 75 2.00 -53.21 46.49
C ARG W 75 1.16 -53.84 45.38
N ASP W 76 0.27 -53.06 44.76
CA ASP W 76 -0.50 -53.57 43.63
C ASP W 76 0.37 -53.81 42.41
N ASN W 77 1.32 -52.92 42.11
CA ASN W 77 2.22 -53.08 40.98
C ASN W 77 3.62 -53.50 41.42
N LYS W 78 3.71 -54.24 42.53
CA LYS W 78 4.97 -54.77 43.04
C LYS W 78 5.97 -53.65 43.35
N LYS W 79 5.52 -52.64 44.09
CA LYS W 79 6.35 -51.53 44.52
C LYS W 79 6.16 -51.32 46.01
N THR W 80 7.16 -50.68 46.64
CA THR W 80 7.08 -50.42 48.07
C THR W 80 7.27 -48.94 48.42
N ARG W 81 7.51 -48.08 47.42
CA ARG W 81 7.65 -46.65 47.65
C ARG W 81 6.51 -45.94 46.93
N ILE W 82 5.84 -45.04 47.65
CA ILE W 82 4.66 -44.36 47.10
C ILE W 82 5.10 -43.41 46.00
N ILE W 83 4.48 -43.52 44.84
CA ILE W 83 4.80 -42.66 43.70
C ILE W 83 3.53 -41.94 43.28
N PRO W 84 3.66 -40.82 42.55
CA PRO W 84 2.46 -40.10 42.11
C PRO W 84 1.50 -40.95 41.29
N ARG W 85 2.02 -41.93 40.56
CA ARG W 85 1.13 -42.89 39.89
C ARG W 85 0.30 -43.67 40.89
N HIS W 86 0.95 -44.10 41.99
CA HIS W 86 0.23 -44.83 43.03
C HIS W 86 -0.85 -43.97 43.66
N LEU W 87 -0.52 -42.71 43.96
CA LEU W 87 -1.50 -41.80 44.55
C LEU W 87 -2.65 -41.55 43.58
N GLN W 88 -2.33 -41.36 42.31
CA GLN W 88 -3.36 -41.14 41.30
C GLN W 88 -4.32 -42.31 41.23
N LEU W 89 -3.78 -43.53 41.13
CA LEU W 89 -4.63 -44.71 41.05
C LEU W 89 -5.44 -44.88 42.33
N ALA W 90 -4.82 -44.64 43.50
CA ALA W 90 -5.50 -44.84 44.77
C ALA W 90 -6.65 -43.87 44.93
N ILE W 91 -6.40 -42.58 44.70
CA ILE W 91 -7.43 -41.57 44.92
C ILE W 91 -8.52 -41.69 43.85
N ARG W 92 -8.13 -41.91 42.59
CA ARG W 92 -9.10 -42.03 41.51
C ARG W 92 -10.01 -43.24 41.67
N ASN W 93 -9.56 -44.29 42.34
CA ASN W 93 -10.37 -45.50 42.50
C ASN W 93 -11.17 -45.52 43.80
N ASP W 94 -11.09 -44.46 44.60
CA ASP W 94 -11.89 -44.34 45.81
C ASP W 94 -13.06 -43.43 45.53
N GLU W 95 -14.27 -43.87 45.89
CA GLU W 95 -15.47 -43.08 45.66
C GLU W 95 -15.38 -41.73 46.37
N GLU W 96 -15.10 -41.76 47.68
CA GLU W 96 -15.06 -40.53 48.45
C GLU W 96 -13.90 -39.64 48.03
N LEU W 97 -12.73 -40.22 47.81
CA LEU W 97 -11.57 -39.43 47.40
C LEU W 97 -11.80 -38.79 46.04
N ASN W 98 -12.26 -39.58 45.07
CA ASN W 98 -12.50 -39.04 43.73
C ASN W 98 -13.59 -37.98 43.75
N LYS W 99 -14.65 -38.21 44.53
CA LYS W 99 -15.73 -37.24 44.63
C LYS W 99 -15.27 -35.94 45.27
N LEU W 100 -14.50 -36.03 46.36
CA LEU W 100 -14.10 -34.83 47.09
C LEU W 100 -13.12 -33.98 46.30
N LEU W 101 -12.26 -34.62 45.51
CA LEU W 101 -11.21 -33.93 44.76
C LEU W 101 -11.31 -34.20 43.27
N GLY W 102 -12.52 -34.12 42.72
CA GLY W 102 -12.72 -34.43 41.31
C GLY W 102 -12.02 -33.48 40.35
N ARG W 103 -11.90 -32.22 40.73
CA ARG W 103 -11.41 -31.18 39.83
C ARG W 103 -9.96 -30.77 40.11
N VAL W 104 -9.14 -31.70 40.60
CA VAL W 104 -7.76 -31.40 40.94
C VAL W 104 -6.84 -32.14 39.97
N THR W 105 -5.68 -31.54 39.71
CA THR W 105 -4.68 -32.10 38.82
C THR W 105 -3.40 -32.39 39.59
N ILE W 106 -2.83 -33.58 39.40
CA ILE W 106 -1.65 -34.03 40.10
C ILE W 106 -0.60 -34.46 39.06
N ALA W 107 0.64 -34.01 39.26
CA ALA W 107 1.71 -34.35 38.33
C ALA W 107 2.15 -35.80 38.49
N GLN W 108 2.63 -36.39 37.39
CA GLN W 108 3.20 -37.74 37.37
C GLN W 108 2.21 -38.81 37.77
N GLY W 109 0.91 -38.59 37.52
CA GLY W 109 -0.07 -39.60 37.86
C GLY W 109 -0.60 -40.37 36.68
N GLY W 110 -0.53 -39.80 35.48
CA GLY W 110 -1.13 -40.48 34.36
C GLY W 110 -2.65 -40.47 34.52
N VAL W 111 -3.29 -41.40 33.81
CA VAL W 111 -4.74 -41.53 33.88
C VAL W 111 -5.08 -42.99 34.15
N LEU W 112 -6.31 -43.21 34.60
CA LEU W 112 -6.78 -44.58 34.80
C LEU W 112 -6.85 -45.29 33.45
N PRO W 113 -6.21 -46.45 33.30
CA PRO W 113 -6.35 -47.21 32.05
C PRO W 113 -7.77 -47.67 31.82
N ASN W 114 -8.40 -47.20 30.75
CA ASN W 114 -9.81 -47.49 30.51
C ASN W 114 -10.07 -47.61 29.02
N ILE W 115 -10.63 -48.75 28.62
CA ILE W 115 -11.07 -48.98 27.25
C ILE W 115 -12.53 -49.41 27.30
N GLN W 116 -13.38 -48.72 26.54
CA GLN W 116 -14.81 -48.98 26.60
C GLN W 116 -15.14 -50.35 26.02
N ALA W 117 -16.19 -50.97 26.56
CA ALA W 117 -16.61 -52.28 26.08
C ALA W 117 -17.06 -52.22 24.62
N VAL W 118 -17.54 -51.06 24.17
CA VAL W 118 -17.90 -50.89 22.77
C VAL W 118 -16.68 -51.00 21.88
N LEU W 119 -15.50 -50.63 22.39
CA LEU W 119 -14.26 -50.77 21.64
C LEU W 119 -13.78 -52.20 21.55
N LEU W 120 -14.31 -53.10 22.38
CA LEU W 120 -13.90 -54.50 22.36
C LEU W 120 -14.44 -55.18 21.10
N PRO W 121 -13.63 -55.97 20.41
CA PRO W 121 -14.15 -56.77 19.30
C PRO W 121 -15.17 -57.78 19.79
N LYS W 122 -16.15 -58.06 18.95
CA LYS W 122 -17.25 -58.97 19.26
C LYS W 122 -17.96 -58.60 20.57
N LYS X 38 8.29 -21.91 53.50
CA LYS X 38 9.08 -21.89 54.72
C LYS X 38 8.59 -22.95 55.70
N GLU X 39 7.30 -23.28 55.62
CA GLU X 39 6.69 -24.26 56.50
C GLU X 39 5.78 -25.17 55.69
N SER X 40 5.59 -26.38 56.20
CA SER X 40 4.71 -27.38 55.61
C SER X 40 4.39 -28.40 56.69
N TYR X 41 3.79 -29.52 56.28
CA TYR X 41 3.49 -30.62 57.17
C TYR X 41 4.35 -31.84 56.88
N SER X 42 5.54 -31.62 56.31
CA SER X 42 6.36 -32.71 55.82
C SER X 42 6.72 -33.68 56.94
N ILE X 43 7.24 -33.16 58.06
CA ILE X 43 7.63 -34.03 59.15
C ILE X 43 6.42 -34.71 59.76
N TYR X 44 5.31 -33.99 59.89
CA TYR X 44 4.11 -34.57 60.49
C TYR X 44 3.44 -35.57 59.56
N VAL X 45 3.47 -35.30 58.25
CA VAL X 45 2.98 -36.28 57.30
C VAL X 45 3.84 -37.54 57.34
N TYR X 46 5.15 -37.36 57.52
CA TYR X 46 6.03 -38.52 57.68
C TYR X 46 5.70 -39.29 58.95
N LYS X 47 5.38 -38.56 60.02
CA LYS X 47 4.94 -39.21 61.25
C LYS X 47 3.69 -40.04 61.00
N VAL X 48 2.71 -39.47 60.31
CA VAL X 48 1.47 -40.19 60.02
C VAL X 48 1.76 -41.42 59.16
N LEU X 49 2.61 -41.26 58.14
CA LEU X 49 2.95 -42.39 57.28
C LEU X 49 3.61 -43.51 58.07
N LYS X 50 4.59 -43.16 58.90
CA LYS X 50 5.26 -44.15 59.73
C LYS X 50 4.30 -44.77 60.72
N GLN X 51 3.25 -44.04 61.09
CA GLN X 51 2.22 -44.62 61.94
C GLN X 51 1.38 -45.64 61.17
N VAL X 52 1.12 -45.38 59.89
CA VAL X 52 0.29 -46.29 59.11
C VAL X 52 1.15 -47.25 58.29
N HIS X 53 2.21 -46.75 57.67
CA HIS X 53 3.11 -47.56 56.83
C HIS X 53 4.54 -47.30 57.29
N PRO X 54 4.98 -47.94 58.37
CA PRO X 54 6.36 -47.71 58.84
C PRO X 54 7.41 -48.13 57.83
N ASP X 55 7.11 -49.11 56.98
CA ASP X 55 8.07 -49.64 56.03
C ASP X 55 7.90 -49.08 54.63
N THR X 56 6.92 -48.22 54.42
CA THR X 56 6.71 -47.57 53.13
C THR X 56 7.10 -46.10 53.27
N GLY X 57 8.02 -45.66 52.40
CA GLY X 57 8.46 -44.29 52.41
C GLY X 57 7.58 -43.41 51.53
N ILE X 58 7.87 -42.11 51.56
CA ILE X 58 7.14 -41.13 50.78
C ILE X 58 8.16 -40.28 50.01
N SER X 59 7.92 -40.10 48.72
CA SER X 59 8.79 -39.24 47.94
C SER X 59 8.55 -37.77 48.27
N SER X 60 9.57 -36.95 48.03
CA SER X 60 9.47 -35.53 48.37
C SER X 60 8.40 -34.84 47.54
N LYS X 61 8.29 -35.18 46.25
CA LYS X 61 7.21 -34.63 45.44
C LYS X 61 5.86 -35.02 46.01
N ALA X 62 5.72 -36.28 46.40
CA ALA X 62 4.49 -36.71 47.07
C ALA X 62 4.29 -35.95 48.36
N MET X 63 5.38 -35.66 49.09
CA MET X 63 5.26 -34.90 50.32
C MET X 63 4.71 -33.50 50.06
N GLY X 64 5.24 -32.83 49.04
CA GLY X 64 4.74 -31.51 48.70
C GLY X 64 3.31 -31.53 48.22
N ILE X 65 2.94 -32.55 47.43
CA ILE X 65 1.56 -32.66 46.95
C ILE X 65 0.62 -32.91 48.11
N MET X 66 1.02 -33.75 49.06
CA MET X 66 0.20 -33.99 50.25
C MET X 66 0.06 -32.73 51.09
N ASN X 67 1.15 -31.95 51.20
CA ASN X 67 1.06 -30.68 51.89
C ASN X 67 0.07 -29.75 51.19
N SER X 68 0.10 -29.73 49.86
CA SER X 68 -0.84 -28.91 49.09
C SER X 68 -2.28 -29.35 49.36
N PHE X 69 -2.52 -30.67 49.37
CA PHE X 69 -3.86 -31.18 49.66
C PHE X 69 -4.30 -30.80 51.07
N VAL X 70 -3.40 -30.91 52.04
CA VAL X 70 -3.72 -30.55 53.41
C VAL X 70 -4.08 -29.08 53.50
N ASN X 71 -3.32 -28.23 52.82
CA ASN X 71 -3.62 -26.80 52.82
C ASN X 71 -4.97 -26.52 52.17
N ASP X 72 -5.26 -27.20 51.06
CA ASP X 72 -6.53 -26.99 50.37
C ASP X 72 -7.70 -27.37 51.27
N ILE X 73 -7.61 -28.52 51.92
CA ILE X 73 -8.68 -28.97 52.80
C ILE X 73 -8.80 -28.04 54.00
N PHE X 74 -7.67 -27.59 54.54
CA PHE X 74 -7.67 -26.63 55.63
C PHE X 74 -8.43 -25.37 55.23
N GLU X 75 -8.14 -24.86 54.03
CA GLU X 75 -8.83 -23.66 53.55
C GLU X 75 -10.32 -23.90 53.39
N ARG X 76 -10.70 -25.03 52.81
CA ARG X 76 -12.12 -25.31 52.59
C ARG X 76 -12.87 -25.40 53.93
N ILE X 77 -12.30 -26.11 54.89
CA ILE X 77 -12.95 -26.26 56.18
C ILE X 77 -13.04 -24.93 56.91
N ALA X 78 -11.96 -24.15 56.89
CA ALA X 78 -11.98 -22.86 57.57
C ALA X 78 -13.02 -21.93 56.94
N GLY X 79 -13.07 -21.90 55.61
CA GLY X 79 -14.05 -21.06 54.95
C GLY X 79 -15.48 -21.48 55.25
N GLU X 80 -15.72 -22.79 55.25
CA GLU X 80 -17.07 -23.28 55.58
C GLU X 80 -17.44 -22.91 57.01
N ALA X 81 -16.49 -23.07 57.95
CA ALA X 81 -16.77 -22.72 59.34
C ALA X 81 -17.06 -21.24 59.49
N SER X 82 -16.30 -20.39 58.80
CA SER X 82 -16.53 -18.96 58.88
C SER X 82 -17.89 -18.59 58.29
N ARG X 83 -18.26 -19.22 57.18
CA ARG X 83 -19.58 -18.97 56.59
C ARG X 83 -20.68 -19.41 57.54
N LEU X 84 -20.48 -20.53 58.23
CA LEU X 84 -21.46 -20.96 59.22
C LEU X 84 -21.57 -19.96 60.36
N ALA X 85 -20.43 -19.46 60.85
CA ALA X 85 -20.46 -18.47 61.93
C ALA X 85 -21.18 -17.21 61.49
N HIS X 86 -20.94 -16.77 60.26
CA HIS X 86 -21.63 -15.58 59.76
C HIS X 86 -23.12 -15.82 59.61
N TYR X 87 -23.51 -16.93 58.98
CA TYR X 87 -24.93 -17.20 58.74
C TYR X 87 -25.70 -17.27 60.05
N ASN X 88 -25.03 -17.67 61.12
CA ASN X 88 -25.63 -17.68 62.45
C ASN X 88 -25.38 -16.39 63.21
N LYS X 89 -24.83 -15.38 62.53
CA LYS X 89 -24.50 -14.09 63.16
C LYS X 89 -23.58 -14.28 64.34
N ARG X 90 -22.70 -15.27 64.26
CA ARG X 90 -21.76 -15.55 65.32
C ARG X 90 -20.40 -14.91 65.02
N SER X 91 -19.62 -14.69 66.07
CA SER X 91 -18.31 -14.05 65.93
C SER X 91 -17.17 -14.98 66.32
N THR X 92 -17.46 -16.17 66.82
CA THR X 92 -16.45 -17.15 67.17
C THR X 92 -16.86 -18.50 66.59
N ILE X 93 -15.85 -19.29 66.23
CA ILE X 93 -16.11 -20.59 65.59
C ILE X 93 -15.79 -21.71 66.56
N THR X 94 -16.82 -22.47 66.95
CA THR X 94 -16.67 -23.59 67.86
C THR X 94 -16.52 -24.89 67.07
N SER X 95 -16.25 -25.97 67.79
CA SER X 95 -16.11 -27.28 67.15
C SER X 95 -17.41 -27.73 66.51
N ARG X 96 -18.55 -27.20 66.96
CA ARG X 96 -19.82 -27.53 66.34
C ARG X 96 -19.85 -27.06 64.88
N GLU X 97 -19.34 -25.86 64.61
CA GLU X 97 -19.24 -25.38 63.25
C GLU X 97 -18.30 -26.25 62.44
N ILE X 98 -17.20 -26.69 63.05
CA ILE X 98 -16.27 -27.59 62.35
C ILE X 98 -16.98 -28.88 61.96
N GLN X 99 -17.75 -29.44 62.88
CA GLN X 99 -18.48 -30.67 62.60
C GLN X 99 -19.49 -30.47 61.49
N THR X 100 -20.21 -29.34 61.52
CA THR X 100 -21.16 -29.05 60.46
C THR X 100 -20.48 -28.91 59.11
N ALA X 101 -19.33 -28.22 59.08
CA ALA X 101 -18.58 -28.07 57.85
C ALA X 101 -18.11 -29.42 57.33
N VAL X 102 -17.61 -30.28 58.21
CA VAL X 102 -17.15 -31.60 57.81
C VAL X 102 -18.31 -32.40 57.23
N ARG X 103 -19.48 -32.34 57.88
CA ARG X 103 -20.64 -33.05 57.36
C ARG X 103 -21.02 -32.54 55.97
N LEU X 104 -20.95 -31.22 55.79
CA LEU X 104 -21.28 -30.65 54.48
C LEU X 104 -20.29 -31.10 53.42
N LEU X 105 -19.00 -31.17 53.77
CA LEU X 105 -17.97 -31.39 52.76
C LEU X 105 -17.72 -32.87 52.52
N LEU X 106 -17.34 -33.61 53.56
CA LEU X 106 -16.89 -34.98 53.38
C LEU X 106 -18.05 -35.87 52.93
N PRO X 107 -17.83 -36.70 51.92
CA PRO X 107 -18.90 -37.57 51.44
C PRO X 107 -18.97 -38.90 52.18
N GLY X 108 -20.17 -39.27 52.61
CA GLY X 108 -20.42 -40.64 53.06
C GLY X 108 -19.56 -41.04 54.24
N GLU X 109 -18.82 -42.14 54.05
CA GLU X 109 -18.10 -42.76 55.14
C GLU X 109 -17.05 -41.85 55.74
N LEU X 110 -16.40 -41.03 54.91
CA LEU X 110 -15.35 -40.15 55.43
C LEU X 110 -15.88 -39.21 56.49
N ALA X 111 -17.10 -38.70 56.29
CA ALA X 111 -17.68 -37.75 57.24
C ALA X 111 -17.83 -38.38 58.61
N LYS X 112 -18.37 -39.60 58.67
CA LYS X 112 -18.58 -40.26 59.96
C LYS X 112 -17.26 -40.50 60.68
N HIS X 113 -16.26 -41.01 59.96
CA HIS X 113 -14.98 -41.31 60.59
C HIS X 113 -14.26 -40.04 61.02
N ALA X 114 -14.30 -39.00 60.18
CA ALA X 114 -13.65 -37.74 60.55
C ALA X 114 -14.34 -37.12 61.77
N VAL X 115 -15.67 -37.19 61.81
CA VAL X 115 -16.40 -36.73 62.98
C VAL X 115 -15.98 -37.51 64.22
N SER X 116 -15.83 -38.83 64.07
CA SER X 116 -15.39 -39.65 65.18
C SER X 116 -14.00 -39.23 65.66
N GLU X 117 -13.08 -39.00 64.71
CA GLU X 117 -11.74 -38.57 65.07
C GLU X 117 -11.76 -37.25 65.82
N GLY X 118 -12.49 -36.27 65.29
CA GLY X 118 -12.54 -34.97 65.94
C GLY X 118 -13.17 -35.04 67.31
N THR X 119 -14.27 -35.79 67.44
CA THR X 119 -14.93 -35.92 68.73
C THR X 119 -14.03 -36.59 69.75
N LYS X 120 -13.34 -37.66 69.34
CA LYS X 120 -12.43 -38.33 70.26
C LYS X 120 -11.30 -37.41 70.69
N ALA X 121 -10.71 -36.68 69.74
CA ALA X 121 -9.63 -35.77 70.09
C ALA X 121 -10.12 -34.67 71.02
N VAL X 122 -11.31 -34.13 70.77
CA VAL X 122 -11.87 -33.10 71.62
C VAL X 122 -12.10 -33.63 73.02
N THR X 123 -12.68 -34.82 73.13
CA THR X 123 -12.95 -35.41 74.43
C THR X 123 -11.65 -35.68 75.19
N LYS X 124 -10.63 -36.20 74.49
CA LYS X 124 -9.36 -36.48 75.13
C LYS X 124 -8.69 -35.20 75.63
N TYR X 125 -8.71 -34.14 74.81
CA TYR X 125 -8.10 -32.89 75.23
C TYR X 125 -8.87 -32.26 76.39
N THR X 126 -10.20 -32.31 76.34
CA THR X 126 -11.01 -31.71 77.40
C THR X 126 -10.83 -32.45 78.72
N SER X 127 -10.82 -33.78 78.69
CA SER X 127 -10.72 -34.57 79.89
C SER X 127 -9.32 -34.53 80.51
N ALA X 128 -8.31 -34.09 79.76
CA ALA X 128 -6.95 -34.02 80.28
C ALA X 128 -6.24 -32.79 79.75
N THR AA 6 -41.56 -59.15 -50.52
CA THR AA 6 -41.19 -60.15 -49.52
C THR AA 6 -42.37 -60.43 -48.59
N THR AA 7 -42.74 -59.43 -47.80
CA THR AA 7 -43.84 -59.52 -46.86
C THR AA 7 -44.93 -58.54 -47.25
N SER AA 8 -46.17 -59.03 -47.29
CA SER AA 8 -47.30 -58.17 -47.64
C SER AA 8 -47.66 -57.27 -46.46
N GLN AA 9 -48.22 -56.09 -46.78
CA GLN AA 9 -48.55 -55.12 -45.74
C GLN AA 9 -49.62 -55.66 -44.79
N LYS AA 10 -50.61 -56.37 -45.33
CA LYS AA 10 -51.62 -57.00 -44.48
C LYS AA 10 -50.96 -58.00 -43.53
N HIS AA 11 -50.00 -58.77 -44.04
CA HIS AA 11 -49.25 -59.69 -43.20
C HIS AA 11 -48.47 -58.96 -42.11
N ARG AA 12 -47.84 -57.83 -42.46
CA ARG AA 12 -47.10 -57.06 -41.47
C ARG AA 12 -48.03 -56.53 -40.38
N ASP AA 13 -49.20 -56.02 -40.78
CA ASP AA 13 -50.17 -55.53 -39.82
C ASP AA 13 -50.65 -56.64 -38.89
N PHE AA 14 -50.89 -57.83 -39.46
CA PHE AA 14 -51.35 -58.96 -38.65
C PHE AA 14 -50.29 -59.41 -37.66
N VAL AA 15 -49.02 -59.45 -38.10
CA VAL AA 15 -47.96 -59.96 -37.24
C VAL AA 15 -47.47 -58.93 -36.23
N ALA AA 16 -47.66 -57.63 -36.51
CA ALA AA 16 -47.15 -56.59 -35.62
C ALA AA 16 -47.77 -56.70 -34.23
N GLU AA 17 -49.03 -57.09 -34.15
CA GLU AA 17 -49.77 -57.20 -32.89
C GLU AA 17 -50.38 -58.58 -32.77
N PRO AA 18 -50.68 -59.02 -31.55
CA PRO AA 18 -51.38 -60.30 -31.39
C PRO AA 18 -52.72 -60.28 -32.10
N MET AA 19 -53.09 -61.44 -32.66
CA MET AA 19 -54.29 -61.51 -33.48
C MET AA 19 -55.54 -61.15 -32.68
N GLY AA 20 -55.56 -61.51 -31.40
CA GLY AA 20 -56.69 -61.20 -30.54
C GLY AA 20 -57.99 -61.77 -31.04
N GLU AA 21 -58.89 -60.91 -31.52
CA GLU AA 21 -60.19 -61.32 -32.02
C GLU AA 21 -60.43 -60.79 -33.44
N LYS AA 22 -59.36 -60.67 -34.23
CA LYS AA 22 -59.50 -60.23 -35.61
C LYS AA 22 -60.28 -61.26 -36.42
N PRO AA 23 -61.09 -60.81 -37.38
CA PRO AA 23 -61.83 -61.76 -38.22
C PRO AA 23 -60.90 -62.51 -39.15
N VAL AA 24 -61.46 -63.53 -39.81
CA VAL AA 24 -60.68 -64.32 -40.75
C VAL AA 24 -60.25 -63.47 -41.93
N GLY AA 25 -61.03 -62.46 -42.29
CA GLY AA 25 -60.66 -61.57 -43.38
C GLY AA 25 -59.41 -60.76 -43.10
N SER AA 26 -59.09 -60.52 -41.84
CA SER AA 26 -57.86 -59.81 -41.48
C SER AA 26 -56.62 -60.65 -41.69
N LEU AA 27 -56.77 -61.97 -41.87
CA LEU AA 27 -55.62 -62.82 -42.15
C LEU AA 27 -55.02 -62.47 -43.51
N ALA AA 28 -53.69 -62.55 -43.59
CA ALA AA 28 -53.02 -62.31 -44.86
C ALA AA 28 -53.30 -63.46 -45.82
N GLY AA 29 -53.55 -63.13 -47.09
CA GLY AA 29 -53.92 -64.13 -48.07
C GLY AA 29 -55.37 -64.55 -48.01
N ILE AA 30 -56.21 -63.85 -47.26
CA ILE AA 30 -57.62 -64.17 -47.16
C ILE AA 30 -58.41 -62.98 -47.71
N GLY AA 31 -59.03 -63.19 -48.88
CA GLY AA 31 -59.88 -62.18 -49.46
C GLY AA 31 -61.29 -62.23 -48.92
N GLU AA 32 -62.16 -61.43 -49.52
CA GLU AA 32 -63.56 -61.41 -49.11
C GLU AA 32 -64.23 -62.76 -49.37
N VAL AA 33 -63.99 -63.33 -50.54
CA VAL AA 33 -64.58 -64.62 -50.88
C VAL AA 33 -64.02 -65.71 -49.97
N LEU AA 34 -62.70 -65.71 -49.78
CA LEU AA 34 -62.07 -66.70 -48.90
C LEU AA 34 -62.53 -66.51 -47.45
N GLY AA 35 -62.62 -65.27 -46.99
CA GLY AA 35 -63.08 -65.03 -45.63
C GLY AA 35 -64.52 -65.49 -45.42
N LYS AA 36 -65.39 -65.18 -46.37
CA LYS AA 36 -66.79 -65.63 -46.27
C LYS AA 36 -66.88 -67.15 -46.30
N LYS AA 37 -66.10 -67.80 -47.17
CA LYS AA 37 -66.11 -69.26 -47.22
C LYS AA 37 -65.65 -69.87 -45.90
N LEU AA 38 -64.57 -69.32 -45.34
CA LEU AA 38 -64.07 -69.86 -44.07
C LEU AA 38 -65.04 -69.60 -42.93
N GLU AA 39 -65.72 -68.45 -42.94
CA GLU AA 39 -66.74 -68.19 -41.94
C GLU AA 39 -67.90 -69.17 -42.06
N GLU AA 40 -68.33 -69.46 -43.29
CA GLU AA 40 -69.42 -70.42 -43.48
C GLU AA 40 -69.00 -71.83 -43.05
N ARG AA 41 -67.75 -72.21 -43.34
CA ARG AA 41 -67.27 -73.53 -42.99
C ARG AA 41 -67.21 -73.77 -41.48
N GLY AA 42 -67.15 -72.69 -40.69
CA GLY AA 42 -66.99 -72.79 -39.26
C GLY AA 42 -65.75 -72.10 -38.74
N PHE AA 43 -64.74 -71.91 -39.58
CA PHE AA 43 -63.53 -71.17 -39.20
C PHE AA 43 -63.78 -69.70 -39.47
N ASP AA 44 -64.66 -69.12 -38.66
CA ASP AA 44 -65.12 -67.75 -38.84
C ASP AA 44 -64.20 -66.72 -38.20
N LYS AA 45 -63.15 -67.17 -37.52
CA LYS AA 45 -62.23 -66.26 -36.86
C LYS AA 45 -60.81 -66.68 -37.14
N ALA AA 46 -59.89 -65.72 -37.01
CA ALA AA 46 -58.48 -65.98 -37.32
C ALA AA 46 -57.87 -67.01 -36.37
N TYR AA 47 -58.20 -66.93 -35.08
CA TYR AA 47 -57.56 -67.83 -34.12
C TYR AA 47 -58.04 -69.27 -34.27
N VAL AA 48 -59.29 -69.48 -34.69
CA VAL AA 48 -59.74 -70.84 -34.98
C VAL AA 48 -58.97 -71.42 -36.17
N VAL AA 49 -58.75 -70.60 -37.20
CA VAL AA 49 -57.96 -71.03 -38.35
C VAL AA 49 -56.54 -71.35 -37.91
N LEU AA 50 -55.96 -70.52 -37.05
CA LEU AA 50 -54.60 -70.80 -36.55
C LEU AA 50 -54.57 -72.10 -35.75
N GLY AA 51 -55.57 -72.32 -34.89
CA GLY AA 51 -55.63 -73.57 -34.15
C GLY AA 51 -55.73 -74.77 -35.05
N GLN AA 52 -56.53 -74.66 -36.12
CA GLN AA 52 -56.56 -75.72 -37.13
C GLN AA 52 -55.20 -75.91 -37.76
N PHE AA 53 -54.49 -74.80 -38.02
CA PHE AA 53 -53.10 -74.88 -38.48
C PHE AA 53 -52.22 -75.54 -37.42
N LEU AA 54 -52.44 -75.22 -36.16
CA LEU AA 54 -51.70 -75.87 -35.08
C LEU AA 54 -52.10 -77.33 -34.92
N VAL AA 55 -53.38 -77.63 -35.17
CA VAL AA 55 -53.83 -79.02 -35.14
C VAL AA 55 -53.10 -79.85 -36.20
N LEU AA 56 -52.82 -79.27 -37.36
CA LEU AA 56 -52.04 -79.92 -38.40
C LEU AA 56 -50.54 -79.90 -38.12
N LYS AA 57 -50.15 -79.61 -36.87
CA LYS AA 57 -48.75 -79.62 -36.44
C LYS AA 57 -47.89 -78.66 -37.27
N LYS AA 58 -48.46 -77.50 -37.61
CA LYS AA 58 -47.80 -76.42 -38.31
C LYS AA 58 -47.24 -76.83 -39.67
N ASP AA 59 -47.67 -77.97 -40.22
CA ASP AA 59 -47.14 -78.41 -41.49
C ASP AA 59 -47.55 -77.48 -42.61
N GLU AA 60 -46.59 -77.11 -43.47
CA GLU AA 60 -46.89 -76.22 -44.59
C GLU AA 60 -47.81 -76.92 -45.59
N ASP AA 61 -47.44 -78.13 -46.02
CA ASP AA 61 -48.21 -78.81 -47.04
C ASP AA 61 -49.61 -79.15 -46.55
N LEU AA 62 -49.72 -79.66 -45.31
CA LEU AA 62 -51.01 -80.03 -44.77
C LEU AA 62 -51.92 -78.83 -44.64
N PHE AA 63 -51.41 -77.73 -44.08
CA PHE AA 63 -52.24 -76.54 -43.89
C PHE AA 63 -52.65 -75.94 -45.23
N ARG AA 64 -51.73 -75.88 -46.18
CA ARG AA 64 -52.05 -75.32 -47.49
C ARG AA 64 -53.08 -76.18 -48.22
N GLU AA 65 -52.95 -77.51 -48.13
CA GLU AA 65 -53.94 -78.40 -48.73
C GLU AA 65 -55.30 -78.24 -48.06
N TRP AA 66 -55.31 -78.10 -46.73
CA TRP AA 66 -56.56 -77.89 -46.03
C TRP AA 66 -57.22 -76.58 -46.45
N LEU AA 67 -56.44 -75.51 -46.57
CA LEU AA 67 -56.98 -74.23 -47.01
C LEU AA 67 -57.53 -74.32 -48.44
N LYS AA 68 -56.80 -75.02 -49.31
CA LYS AA 68 -57.27 -75.19 -50.68
C LYS AA 68 -58.58 -75.98 -50.74
N ASP AA 69 -58.68 -77.05 -49.94
CA ASP AA 69 -59.91 -77.83 -49.94
C ASP AA 69 -61.04 -77.15 -49.20
N THR AA 70 -60.74 -76.16 -48.36
CA THR AA 70 -61.78 -75.48 -47.61
C THR AA 70 -62.34 -74.28 -48.37
N CYS AA 71 -61.46 -73.44 -48.93
CA CYS AA 71 -61.89 -72.24 -49.63
C CYS AA 71 -61.49 -72.19 -51.09
N GLY AA 72 -60.48 -72.94 -51.51
CA GLY AA 72 -60.06 -72.95 -52.90
C GLY AA 72 -58.82 -72.16 -53.21
N ALA AA 73 -57.91 -72.01 -52.25
CA ALA AA 73 -56.70 -71.23 -52.49
C ALA AA 73 -55.73 -71.99 -53.37
N ASN AA 74 -55.02 -71.25 -54.22
CA ASN AA 74 -53.98 -71.83 -55.07
C ASN AA 74 -52.65 -71.72 -54.35
N ALA AA 75 -51.55 -71.86 -55.08
CA ALA AA 75 -50.23 -71.87 -54.48
C ALA AA 75 -49.93 -70.56 -53.75
N LYS AA 76 -50.16 -69.43 -54.41
CA LYS AA 76 -49.79 -68.13 -53.83
C LYS AA 76 -50.60 -67.84 -52.57
N GLN AA 77 -51.92 -68.03 -52.63
CA GLN AA 77 -52.76 -67.71 -51.48
C GLN AA 77 -52.45 -68.60 -50.29
N SER AA 78 -52.31 -69.91 -50.52
CA SER AA 78 -51.97 -70.84 -49.46
C SER AA 78 -50.60 -70.52 -48.86
N ARG AA 79 -49.62 -70.21 -49.72
CA ARG AA 79 -48.29 -69.87 -49.24
C ARG AA 79 -48.32 -68.61 -48.38
N ASP AA 80 -49.06 -67.59 -48.82
CA ASP AA 80 -49.15 -66.35 -48.06
C ASP AA 80 -49.81 -66.58 -46.70
N CYS AA 81 -50.91 -67.34 -46.67
CA CYS AA 81 -51.59 -67.59 -45.41
C CYS AA 81 -50.71 -68.41 -44.46
N PHE AA 82 -50.04 -69.44 -44.99
CA PHE AA 82 -49.15 -70.24 -44.14
C PHE AA 82 -47.99 -69.40 -43.61
N GLY AA 83 -47.41 -68.54 -44.45
CA GLY AA 83 -46.34 -67.68 -43.99
C GLY AA 83 -46.80 -66.72 -42.92
N CYS AA 84 -48.01 -66.16 -43.09
CA CYS AA 84 -48.55 -65.26 -42.07
C CYS AA 84 -48.73 -65.99 -40.74
N LEU AA 85 -49.32 -67.18 -40.77
CA LEU AA 85 -49.53 -67.92 -39.53
C LEU AA 85 -48.20 -68.36 -38.92
N ARG AA 86 -47.23 -68.75 -39.75
CA ARG AA 86 -45.93 -69.16 -39.24
C ARG AA 86 -45.21 -67.99 -38.57
N GLU AA 87 -45.26 -66.81 -39.17
CA GLU AA 87 -44.60 -65.67 -38.57
C GLU AA 87 -45.33 -65.20 -37.32
N TRP AA 88 -46.66 -65.33 -37.29
CA TRP AA 88 -47.39 -65.02 -36.06
C TRP AA 88 -47.00 -65.99 -34.94
N CYS AA 89 -46.88 -67.28 -35.28
CA CYS AA 89 -46.46 -68.26 -34.28
C CYS AA 89 -45.05 -67.99 -33.79
N ASP AA 90 -44.15 -67.61 -34.70
CA ASP AA 90 -42.78 -67.30 -34.29
C ASP AA 90 -42.74 -66.07 -33.40
N ALA AA 91 -43.54 -65.05 -33.72
CA ALA AA 91 -43.48 -63.79 -32.98
C ALA AA 91 -44.11 -63.90 -31.60
N PHE AA 92 -45.26 -64.57 -31.49
CA PHE AA 92 -46.00 -64.62 -30.23
C PHE AA 92 -46.14 -66.02 -29.65
N LEU AA 93 -46.45 -67.02 -30.46
CA LEU AA 93 -46.66 -68.37 -29.96
C LEU AA 93 -45.34 -69.05 -29.59
N THR BA 6 -53.63 -77.01 -3.26
CA THR BA 6 -54.53 -76.62 -4.34
C THR BA 6 -54.05 -77.16 -5.68
N THR BA 7 -52.84 -76.78 -6.05
CA THR BA 7 -52.23 -77.21 -7.31
C THR BA 7 -50.93 -77.94 -7.04
N SER BA 8 -50.63 -78.92 -7.87
CA SER BA 8 -49.40 -79.69 -7.73
C SER BA 8 -48.20 -78.84 -8.18
N GLN BA 9 -47.00 -79.31 -7.83
CA GLN BA 9 -45.79 -78.62 -8.23
C GLN BA 9 -45.64 -78.58 -9.74
N LYS BA 10 -46.06 -79.66 -10.41
CA LYS BA 10 -46.00 -79.70 -11.87
C LYS BA 10 -46.88 -78.63 -12.49
N HIS BA 11 -48.05 -78.36 -11.90
CA HIS BA 11 -48.90 -77.28 -12.37
C HIS BA 11 -48.17 -75.94 -12.28
N ARG BA 12 -47.53 -75.68 -11.15
CA ARG BA 12 -46.79 -74.42 -10.98
C ARG BA 12 -45.67 -74.32 -12.00
N ASP BA 13 -44.95 -75.42 -12.22
CA ASP BA 13 -43.86 -75.40 -13.20
C ASP BA 13 -44.38 -75.12 -14.61
N PHE BA 14 -45.49 -75.73 -14.98
CA PHE BA 14 -46.05 -75.51 -16.31
C PHE BA 14 -46.53 -74.08 -16.47
N VAL BA 15 -47.23 -73.55 -15.45
CA VAL BA 15 -47.82 -72.22 -15.56
C VAL BA 15 -46.75 -71.13 -15.57
N ALA BA 16 -45.69 -71.30 -14.77
CA ALA BA 16 -44.72 -70.23 -14.56
C ALA BA 16 -43.94 -69.88 -15.82
N GLU BA 17 -43.95 -70.74 -16.83
CA GLU BA 17 -43.20 -70.50 -18.06
C GLU BA 17 -44.07 -70.81 -19.25
N PRO BA 18 -43.79 -70.23 -20.42
CA PRO BA 18 -44.51 -70.60 -21.64
C PRO BA 18 -44.31 -72.08 -21.96
N MET BA 19 -45.37 -72.70 -22.50
CA MET BA 19 -45.35 -74.14 -22.72
C MET BA 19 -44.31 -74.53 -23.77
N GLY BA 20 -44.19 -73.73 -24.84
CA GLY BA 20 -43.22 -74.02 -25.88
C GLY BA 20 -43.45 -75.37 -26.55
N GLU BA 21 -42.55 -76.32 -26.28
CA GLU BA 21 -42.62 -77.65 -26.87
C GLU BA 21 -42.64 -78.73 -25.79
N LYS BA 22 -43.32 -78.46 -24.67
CA LYS BA 22 -43.43 -79.46 -23.62
C LYS BA 22 -44.26 -80.65 -24.11
N PRO BA 23 -43.90 -81.87 -23.71
CA PRO BA 23 -44.69 -83.04 -24.09
C PRO BA 23 -46.03 -83.05 -23.38
N VAL BA 24 -46.91 -83.92 -23.88
CA VAL BA 24 -48.25 -84.04 -23.30
C VAL BA 24 -48.18 -84.51 -21.85
N GLY BA 25 -47.16 -85.28 -21.51
CA GLY BA 25 -46.98 -85.72 -20.13
C GLY BA 25 -46.61 -84.60 -19.19
N SER BA 26 -46.05 -83.50 -19.71
CA SER BA 26 -45.69 -82.37 -18.85
C SER BA 26 -46.91 -81.63 -18.32
N LEU BA 27 -48.09 -81.92 -18.85
CA LEU BA 27 -49.30 -81.28 -18.34
C LEU BA 27 -49.59 -81.73 -16.92
N ALA BA 28 -50.12 -80.82 -16.12
CA ALA BA 28 -50.47 -81.13 -14.74
C ALA BA 28 -51.60 -82.16 -14.70
N GLY BA 29 -51.43 -83.16 -13.84
CA GLY BA 29 -52.40 -84.22 -13.72
C GLY BA 29 -52.38 -85.26 -14.81
N ILE BA 30 -51.40 -85.23 -15.70
CA ILE BA 30 -51.27 -86.19 -16.79
C ILE BA 30 -50.09 -87.11 -16.48
N GLY BA 31 -50.37 -88.40 -16.34
CA GLY BA 31 -49.34 -89.37 -16.03
C GLY BA 31 -48.69 -89.94 -17.28
N GLU BA 32 -47.81 -90.91 -17.07
CA GLU BA 32 -47.14 -91.57 -18.19
C GLU BA 32 -48.14 -92.32 -19.04
N VAL BA 33 -49.07 -93.05 -18.42
CA VAL BA 33 -50.09 -93.78 -19.17
C VAL BA 33 -51.04 -92.82 -19.86
N LEU BA 34 -51.48 -91.77 -19.16
CA LEU BA 34 -52.37 -90.79 -19.78
C LEU BA 34 -51.68 -90.08 -20.93
N GLY BA 35 -50.42 -89.70 -20.73
CA GLY BA 35 -49.69 -89.05 -21.80
C GLY BA 35 -49.48 -89.96 -23.01
N LYS BA 36 -49.17 -91.23 -22.76
CA LYS BA 36 -48.99 -92.18 -23.86
C LYS BA 36 -50.29 -92.39 -24.61
N LYS BA 37 -51.42 -92.50 -23.88
CA LYS BA 37 -52.71 -92.64 -24.54
C LYS BA 37 -53.03 -91.41 -25.38
N LEU BA 38 -52.77 -90.22 -24.84
CA LEU BA 38 -53.04 -89.00 -25.59
C LEU BA 38 -52.17 -88.91 -26.84
N GLU BA 39 -50.91 -89.35 -26.74
CA GLU BA 39 -50.05 -89.42 -27.92
C GLU BA 39 -50.60 -90.40 -28.95
N GLU BA 40 -51.09 -91.54 -28.48
CA GLU BA 40 -51.68 -92.53 -29.39
C GLU BA 40 -52.90 -91.97 -30.11
N ARG BA 41 -53.74 -91.23 -29.38
CA ARG BA 41 -54.94 -90.66 -29.98
C ARG BA 41 -54.61 -89.57 -30.99
N GLY BA 42 -53.46 -88.92 -30.86
CA GLY BA 42 -53.06 -87.83 -31.74
C GLY BA 42 -52.59 -86.58 -31.02
N PHE BA 43 -52.97 -86.40 -29.76
CA PHE BA 43 -52.51 -85.27 -28.96
C PHE BA 43 -51.17 -85.64 -28.35
N ASP BA 44 -50.12 -85.55 -29.17
CA ASP BA 44 -48.78 -85.99 -28.79
C ASP BA 44 -47.98 -84.88 -28.10
N LYS BA 45 -48.58 -83.69 -27.93
CA LYS BA 45 -47.87 -82.59 -27.32
C LYS BA 45 -48.84 -81.78 -26.46
N ALA BA 46 -48.27 -81.04 -25.50
CA ALA BA 46 -49.09 -80.23 -24.60
C ALA BA 46 -49.82 -79.12 -25.36
N TYR BA 47 -49.15 -78.52 -26.34
CA TYR BA 47 -49.79 -77.43 -27.09
C TYR BA 47 -50.91 -77.96 -27.97
N VAL BA 48 -50.84 -79.23 -28.36
CA VAL BA 48 -51.98 -79.84 -29.05
C VAL BA 48 -53.19 -79.92 -28.13
N VAL BA 49 -52.96 -80.30 -26.87
CA VAL BA 49 -54.04 -80.35 -25.90
C VAL BA 49 -54.59 -78.95 -25.64
N LEU BA 50 -53.70 -77.96 -25.57
CA LEU BA 50 -54.15 -76.58 -25.40
C LEU BA 50 -54.97 -76.10 -26.59
N GLY BA 51 -54.56 -76.47 -27.81
CA GLY BA 51 -55.35 -76.10 -28.98
C GLY BA 51 -56.72 -76.78 -28.98
N GLN BA 52 -56.77 -78.04 -28.55
CA GLN BA 52 -58.05 -78.71 -28.38
C GLN BA 52 -58.92 -77.99 -27.34
N PHE BA 53 -58.30 -77.56 -26.25
CA PHE BA 53 -59.01 -76.82 -25.21
C PHE BA 53 -59.55 -75.50 -25.74
N LEU BA 54 -58.76 -74.82 -26.58
CA LEU BA 54 -59.21 -73.56 -27.19
C LEU BA 54 -60.35 -73.81 -28.17
N VAL BA 55 -60.28 -74.91 -28.93
CA VAL BA 55 -61.37 -75.25 -29.85
C VAL BA 55 -62.68 -75.44 -29.09
N LEU BA 56 -62.60 -76.07 -27.91
CA LEU BA 56 -63.77 -76.24 -27.06
C LEU BA 56 -64.21 -74.94 -26.40
N LYS BA 57 -63.61 -73.80 -26.77
CA LYS BA 57 -63.96 -72.49 -26.22
C LYS BA 57 -63.81 -72.46 -24.70
N LYS BA 58 -62.78 -73.13 -24.18
CA LYS BA 58 -62.40 -73.08 -22.78
C LYS BA 58 -63.48 -73.61 -21.84
N ASP BA 59 -64.33 -74.51 -22.31
CA ASP BA 59 -65.35 -75.08 -21.46
C ASP BA 59 -64.75 -76.13 -20.54
N GLU BA 60 -65.05 -76.03 -19.24
CA GLU BA 60 -64.50 -76.99 -18.27
C GLU BA 60 -65.09 -78.38 -18.48
N ASP BA 61 -66.42 -78.48 -18.57
CA ASP BA 61 -67.06 -79.78 -18.69
C ASP BA 61 -66.65 -80.46 -19.99
N LEU BA 62 -66.62 -79.71 -21.09
CA LEU BA 62 -66.24 -80.27 -22.38
C LEU BA 62 -64.81 -80.78 -22.35
N PHE BA 63 -63.88 -80.00 -21.80
CA PHE BA 63 -62.49 -80.41 -21.76
C PHE BA 63 -62.30 -81.64 -20.88
N ARG BA 64 -62.95 -81.65 -19.71
CA ARG BA 64 -62.82 -82.80 -18.82
C ARG BA 64 -63.41 -84.07 -19.44
N GLU BA 65 -64.58 -83.95 -20.08
CA GLU BA 65 -65.16 -85.10 -20.75
C GLU BA 65 -64.27 -85.58 -21.89
N TRP BA 66 -63.70 -84.64 -22.65
CA TRP BA 66 -62.80 -85.02 -23.74
C TRP BA 66 -61.59 -85.77 -23.21
N LEU BA 67 -60.98 -85.26 -22.14
CA LEU BA 67 -59.80 -85.92 -21.58
C LEU BA 67 -60.16 -87.31 -21.05
N LYS BA 68 -61.30 -87.42 -20.38
CA LYS BA 68 -61.72 -88.72 -19.86
C LYS BA 68 -61.96 -89.72 -20.97
N ASP BA 69 -62.60 -89.29 -22.06
CA ASP BA 69 -62.88 -90.19 -23.17
C ASP BA 69 -61.65 -90.44 -24.04
N THR BA 70 -60.63 -89.60 -23.93
CA THR BA 70 -59.44 -89.74 -24.83
C THR BA 70 -58.37 -90.58 -24.12
N CYS BA 71 -58.01 -90.26 -22.88
CA CYS BA 71 -56.96 -90.99 -22.19
C CYS BA 71 -57.43 -91.70 -20.94
N GLY BA 72 -58.73 -91.70 -20.65
CA GLY BA 72 -59.20 -92.31 -19.43
C GLY BA 72 -58.91 -91.54 -18.16
N ALA BA 73 -58.64 -90.25 -18.27
CA ALA BA 73 -58.38 -89.44 -17.10
C ALA BA 73 -59.64 -89.30 -16.25
N ASN BA 74 -59.46 -89.34 -14.94
CA ASN BA 74 -60.58 -89.26 -14.02
C ASN BA 74 -60.96 -87.81 -13.76
N ALA BA 75 -61.87 -87.60 -12.81
CA ALA BA 75 -62.32 -86.25 -12.50
C ALA BA 75 -61.18 -85.38 -11.96
N LYS BA 76 -60.35 -85.95 -11.09
CA LYS BA 76 -59.25 -85.19 -10.51
C LYS BA 76 -58.22 -84.80 -11.56
N GLN BA 77 -57.80 -85.78 -12.39
CA GLN BA 77 -56.82 -85.49 -13.42
C GLN BA 77 -57.37 -84.51 -14.45
N SER BA 78 -58.62 -84.70 -14.86
CA SER BA 78 -59.24 -83.79 -15.81
C SER BA 78 -59.34 -82.37 -15.26
N ARG BA 79 -59.73 -82.26 -13.99
CA ARG BA 79 -59.82 -80.94 -13.36
C ARG BA 79 -58.45 -80.27 -13.28
N ASP BA 80 -57.42 -81.05 -12.92
CA ASP BA 80 -56.07 -80.48 -12.83
C ASP BA 80 -55.59 -80.01 -14.19
N CYS BA 81 -55.81 -80.82 -15.23
CA CYS BA 81 -55.38 -80.43 -16.57
C CYS BA 81 -56.13 -79.20 -17.06
N PHE BA 82 -57.45 -79.15 -16.82
CA PHE BA 82 -58.23 -77.99 -17.22
C PHE BA 82 -57.75 -76.74 -16.50
N GLY BA 83 -57.50 -76.84 -15.19
CA GLY BA 83 -57.01 -75.69 -14.46
C GLY BA 83 -55.66 -75.22 -14.96
N CYS BA 84 -54.76 -76.18 -15.25
CA CYS BA 84 -53.45 -75.81 -15.78
C CYS BA 84 -53.57 -75.08 -17.10
N LEU BA 85 -54.38 -75.61 -18.03
CA LEU BA 85 -54.53 -74.96 -19.33
C LEU BA 85 -55.21 -73.60 -19.20
N ARG BA 86 -56.22 -73.49 -18.33
CA ARG BA 86 -56.91 -72.22 -18.13
C ARG BA 86 -55.97 -71.17 -17.56
N GLU BA 87 -55.16 -71.54 -16.56
CA GLU BA 87 -54.22 -70.58 -15.99
C GLU BA 87 -53.15 -70.19 -17.00
N TRP BA 88 -52.68 -71.14 -17.81
CA TRP BA 88 -51.72 -70.81 -18.85
C TRP BA 88 -52.30 -69.83 -19.84
N CYS BA 89 -53.56 -70.05 -20.25
CA CYS BA 89 -54.21 -69.12 -21.17
C CYS BA 89 -54.39 -67.74 -20.55
N ASP BA 90 -54.78 -67.70 -19.27
CA ASP BA 90 -54.95 -66.41 -18.60
C ASP BA 90 -53.62 -65.69 -18.42
N ALA BA 91 -52.52 -66.43 -18.33
CA ALA BA 91 -51.21 -65.82 -18.11
C ALA BA 91 -50.53 -65.38 -19.41
N PHE BA 92 -50.70 -66.12 -20.50
CA PHE BA 92 -49.99 -65.84 -21.74
C PHE BA 92 -50.89 -65.46 -22.89
N LEU BA 93 -51.99 -66.19 -23.13
CA LEU BA 93 -52.88 -65.90 -24.25
C LEU BA 93 -53.57 -64.56 -24.08
N SER CA 20 -48.04 -61.83 -3.49
CA SER CA 20 -47.69 -61.50 -4.87
C SER CA 20 -46.78 -62.56 -5.47
N SER CA 21 -46.28 -63.46 -4.62
CA SER CA 21 -45.40 -64.57 -4.96
C SER CA 21 -44.05 -64.11 -5.51
N PHE CA 22 -43.76 -62.81 -5.50
CA PHE CA 22 -42.49 -62.27 -5.99
C PHE CA 22 -41.93 -61.33 -4.92
N SER CA 23 -41.00 -61.83 -4.12
CA SER CA 23 -40.36 -60.99 -3.12
C SER CA 23 -39.46 -59.95 -3.78
N GLN CA 24 -39.50 -58.74 -3.27
CA GLN CA 24 -38.73 -57.63 -3.81
C GLN CA 24 -37.67 -57.20 -2.80
N HIS CA 25 -36.43 -57.12 -3.26
CA HIS CA 25 -35.30 -56.74 -2.41
C HIS CA 25 -34.80 -55.38 -2.88
N ALA CA 26 -34.96 -54.36 -2.04
CA ALA CA 26 -34.59 -53.00 -2.40
C ALA CA 26 -33.32 -52.60 -1.66
N ARG CA 27 -32.35 -52.11 -2.43
CA ARG CA 27 -31.09 -51.64 -1.87
C ARG CA 27 -30.64 -50.42 -2.68
N THR CA 28 -30.17 -49.41 -1.95
CA THR CA 28 -29.79 -48.16 -2.59
C THR CA 28 -28.67 -47.51 -1.81
N SER CA 29 -27.58 -47.17 -2.51
CA SER CA 29 -26.49 -46.39 -1.95
C SER CA 29 -26.32 -45.03 -2.61
N GLY CA 30 -27.08 -44.75 -3.66
CA GLY CA 30 -27.03 -43.47 -4.33
C GLY CA 30 -28.32 -42.69 -4.19
N ARG CA 31 -28.73 -42.00 -5.26
CA ARG CA 31 -29.94 -41.19 -5.24
C ARG CA 31 -31.11 -41.82 -5.99
N VAL CA 32 -30.86 -42.82 -6.83
CA VAL CA 32 -31.89 -43.42 -7.65
C VAL CA 32 -32.16 -44.84 -7.15
N ALA CA 33 -33.44 -45.14 -6.93
CA ALA CA 33 -33.87 -46.46 -6.49
C ALA CA 33 -34.81 -47.06 -7.52
N VAL CA 34 -34.76 -48.38 -7.64
CA VAL CA 34 -35.62 -49.10 -8.57
C VAL CA 34 -37.03 -49.13 -8.01
N GLU CA 35 -37.89 -48.25 -8.53
CA GLU CA 35 -39.23 -48.11 -7.95
C GLU CA 35 -40.11 -49.32 -8.22
N GLU CA 36 -40.17 -49.78 -9.47
CA GLU CA 36 -41.12 -50.80 -9.86
C GLU CA 36 -40.55 -51.63 -10.98
N VAL CA 37 -40.78 -52.94 -10.91
CA VAL CA 37 -40.39 -53.88 -11.96
C VAL CA 37 -41.62 -54.68 -12.37
N ASP CA 38 -41.85 -54.78 -13.67
CA ASP CA 38 -43.00 -55.52 -14.20
C ASP CA 38 -42.66 -57.00 -14.24
N GLU CA 39 -43.58 -57.83 -13.73
CA GLU CA 39 -43.35 -59.26 -13.69
C GLU CA 39 -43.36 -59.91 -15.06
N GLU CA 40 -44.09 -59.34 -16.02
CA GLU CA 40 -44.13 -59.85 -17.38
C GLU CA 40 -43.03 -59.26 -18.25
N GLY CA 41 -42.19 -58.39 -17.69
CA GLY CA 41 -41.14 -57.75 -18.46
C GLY CA 41 -41.59 -56.67 -19.40
N LYS CA 42 -42.75 -56.04 -19.13
CA LYS CA 42 -43.24 -55.00 -20.03
C LYS CA 42 -42.49 -53.69 -19.84
N PHE CA 43 -42.10 -53.38 -18.60
CA PHE CA 43 -41.44 -52.11 -18.34
C PHE CA 43 -40.51 -52.23 -17.15
N VAL CA 44 -39.61 -51.25 -17.05
CA VAL CA 44 -38.72 -51.08 -15.89
C VAL CA 44 -38.89 -49.66 -15.39
N ARG CA 45 -39.21 -49.52 -14.11
CA ARG CA 45 -39.48 -48.22 -13.51
C ARG CA 45 -38.47 -47.94 -12.39
N LEU CA 46 -37.85 -46.77 -12.44
CA LEU CA 46 -36.90 -46.33 -11.45
C LEU CA 46 -37.34 -44.99 -10.88
N ARG CA 47 -36.94 -44.70 -9.65
CA ARG CA 47 -37.33 -43.47 -8.97
C ARG CA 47 -36.12 -42.80 -8.36
N ASN CA 48 -36.06 -41.47 -8.49
CA ASN CA 48 -35.03 -40.65 -7.85
C ASN CA 48 -35.64 -40.09 -6.57
N LYS CA 49 -35.40 -40.78 -5.46
CA LYS CA 49 -36.06 -40.47 -4.20
C LYS CA 49 -35.34 -39.38 -3.40
N SER CA 50 -34.23 -38.85 -3.91
CA SER CA 50 -33.54 -37.76 -3.26
C SER CA 50 -34.20 -36.44 -3.64
N ASN CA 51 -33.65 -35.35 -3.14
CA ASN CA 51 -34.18 -34.02 -3.42
C ASN CA 51 -33.40 -33.29 -4.50
N GLU CA 52 -32.49 -33.97 -5.18
CA GLU CA 52 -31.67 -33.36 -6.22
C GLU CA 52 -31.72 -34.21 -7.48
N ASP CA 53 -31.65 -33.54 -8.64
CA ASP CA 53 -31.70 -34.25 -9.91
C ASP CA 53 -30.45 -35.12 -10.09
N GLN CA 54 -30.66 -36.32 -10.62
CA GLN CA 54 -29.57 -37.26 -10.88
C GLN CA 54 -29.32 -37.32 -12.38
N SER CA 55 -28.07 -37.09 -12.77
CA SER CA 55 -27.66 -37.22 -14.17
C SER CA 55 -27.29 -38.68 -14.42
N MET CA 56 -28.05 -39.33 -15.31
CA MET CA 56 -27.85 -40.73 -15.62
C MET CA 56 -27.38 -40.93 -17.06
N GLY CA 57 -26.56 -40.00 -17.55
CA GLY CA 57 -26.04 -40.10 -18.91
C GLY CA 57 -25.23 -41.36 -19.13
N ASN CA 58 -25.59 -42.12 -20.17
CA ASN CA 58 -24.95 -43.38 -20.56
C ASN CA 58 -24.96 -44.42 -19.46
N TRP CA 59 -25.83 -44.30 -18.45
CA TRP CA 59 -25.95 -45.36 -17.46
C TRP CA 59 -26.50 -46.62 -18.10
N GLN CA 60 -26.13 -47.77 -17.55
CA GLN CA 60 -26.50 -49.06 -18.11
C GLN CA 60 -27.52 -49.74 -17.22
N ILE CA 61 -28.51 -50.36 -17.86
CA ILE CA 61 -29.51 -51.17 -17.18
C ILE CA 61 -29.34 -52.60 -17.64
N LYS CA 62 -29.03 -53.49 -16.71
CA LYS CA 62 -28.81 -54.90 -17.00
C LYS CA 62 -29.92 -55.71 -16.35
N ARG CA 63 -30.61 -56.50 -17.17
CA ARG CA 63 -31.75 -57.29 -16.72
C ARG CA 63 -31.39 -58.77 -16.78
N GLN CA 64 -31.50 -59.46 -15.64
CA GLN CA 64 -31.23 -60.89 -15.55
C GLN CA 64 -32.52 -61.61 -15.23
N ASN CA 65 -32.86 -62.60 -16.06
CA ASN CA 65 -34.06 -63.41 -15.89
C ASN CA 65 -33.62 -64.83 -15.58
N GLY CA 66 -33.35 -65.10 -14.31
CA GLY CA 66 -32.87 -66.43 -13.93
C GLY CA 66 -31.56 -66.73 -14.61
N ASP CA 67 -31.58 -67.73 -15.49
CA ASP CA 67 -30.41 -68.12 -16.27
C ASP CA 67 -30.42 -67.56 -17.68
N ASP CA 68 -31.43 -66.74 -18.02
CA ASP CA 68 -31.51 -66.20 -19.37
C ASP CA 68 -30.33 -65.26 -19.64
N PRO CA 69 -29.89 -65.16 -20.89
CA PRO CA 69 -28.77 -64.27 -21.22
C PRO CA 69 -29.12 -62.82 -20.88
N LEU CA 70 -28.09 -62.08 -20.47
CA LEU CA 70 -28.28 -60.70 -20.05
C LEU CA 70 -28.73 -59.83 -21.21
N LEU CA 71 -29.71 -58.98 -20.95
CA LEU CA 71 -30.16 -57.97 -21.90
C LEU CA 71 -29.65 -56.62 -21.43
N THR CA 72 -28.86 -55.95 -22.28
CA THR CA 72 -28.19 -54.72 -21.91
C THR CA 72 -28.85 -53.54 -22.60
N TYR CA 73 -29.28 -52.56 -21.81
CA TYR CA 73 -29.88 -51.33 -22.32
C TYR CA 73 -29.01 -50.15 -21.94
N ARG CA 74 -28.72 -49.29 -22.91
CA ARG CA 74 -27.84 -48.15 -22.72
C ARG CA 74 -28.59 -46.86 -23.00
N PHE CA 75 -28.48 -45.90 -22.07
CA PHE CA 75 -29.13 -44.61 -22.22
C PHE CA 75 -28.34 -43.72 -23.18
N PRO CA 76 -28.98 -42.70 -23.73
CA PRO CA 76 -28.26 -41.74 -24.60
C PRO CA 76 -27.11 -41.08 -23.88
N PRO CA 77 -26.17 -40.46 -24.60
CA PRO CA 77 -24.97 -39.92 -23.94
C PRO CA 77 -25.26 -38.89 -22.86
N LYS CA 78 -26.29 -38.06 -23.02
CA LYS CA 78 -26.63 -37.04 -22.03
C LYS CA 78 -28.09 -37.23 -21.61
N PHE CA 79 -28.29 -37.69 -20.37
CA PHE CA 79 -29.63 -37.90 -19.83
C PHE CA 79 -29.59 -37.64 -18.33
N THR CA 80 -30.55 -36.85 -17.85
CA THR CA 80 -30.64 -36.51 -16.43
C THR CA 80 -32.09 -36.63 -15.99
N LEU CA 81 -32.30 -37.29 -14.85
CA LEU CA 81 -33.64 -37.44 -14.28
C LEU CA 81 -33.82 -36.40 -13.18
N LYS CA 82 -34.87 -35.59 -13.30
CA LYS CA 82 -35.14 -34.57 -12.31
C LYS CA 82 -35.57 -35.21 -11.00
N ALA CA 83 -35.32 -34.49 -9.90
CA ALA CA 83 -35.64 -35.01 -8.58
C ALA CA 83 -37.15 -35.24 -8.44
N GLY CA 84 -37.51 -36.42 -7.93
CA GLY CA 84 -38.90 -36.75 -7.73
C GLY CA 84 -39.65 -37.20 -8.97
N GLN CA 85 -39.00 -37.23 -10.12
CA GLN CA 85 -39.67 -37.64 -11.35
C GLN CA 85 -39.50 -39.14 -11.58
N VAL CA 86 -40.35 -39.69 -12.45
CA VAL CA 86 -40.38 -41.11 -12.73
C VAL CA 86 -40.11 -41.31 -14.22
N VAL CA 87 -39.14 -42.14 -14.54
CA VAL CA 87 -38.85 -42.55 -15.91
C VAL CA 87 -39.04 -44.06 -15.99
N THR CA 88 -39.85 -44.51 -16.94
CA THR CA 88 -40.22 -45.92 -17.07
C THR CA 88 -39.72 -46.42 -18.43
N ILE CA 89 -38.91 -47.46 -18.41
CA ILE CA 89 -38.36 -48.01 -19.64
C ILE CA 89 -39.24 -49.15 -20.12
N TRP CA 90 -39.95 -48.93 -21.22
CA TRP CA 90 -40.91 -49.88 -21.76
C TRP CA 90 -40.27 -50.72 -22.85
N ALA CA 91 -40.82 -51.92 -23.07
CA ALA CA 91 -40.30 -52.83 -24.07
C ALA CA 91 -41.04 -52.65 -25.41
N ALA CA 92 -40.51 -53.32 -26.44
CA ALA CA 92 -41.13 -53.24 -27.76
C ALA CA 92 -42.51 -53.88 -27.78
N GLY CA 93 -42.67 -55.01 -27.10
CA GLY CA 93 -43.96 -55.67 -27.06
C GLY CA 93 -44.99 -54.98 -26.19
N ALA CA 94 -44.57 -54.02 -25.37
CA ALA CA 94 -45.52 -53.28 -24.55
C ALA CA 94 -46.39 -52.37 -25.40
N GLY CA 95 -45.81 -51.75 -26.43
CA GLY CA 95 -46.55 -50.83 -27.27
C GLY CA 95 -46.63 -49.40 -26.75
N ALA CA 96 -45.83 -49.05 -25.74
CA ALA CA 96 -45.87 -47.71 -25.18
C ALA CA 96 -45.15 -46.72 -26.10
N THR CA 97 -45.33 -45.43 -25.81
CA THR CA 97 -44.75 -44.35 -26.59
C THR CA 97 -43.73 -43.61 -25.74
N HIS CA 98 -42.55 -43.35 -26.32
CA HIS CA 98 -41.50 -42.63 -25.59
C HIS CA 98 -41.89 -41.16 -25.43
N SER CA 99 -41.55 -40.60 -24.27
CA SER CA 99 -41.80 -39.19 -23.98
C SER CA 99 -40.82 -38.73 -22.91
N PRO CA 100 -39.63 -38.29 -23.30
CA PRO CA 100 -38.63 -37.86 -22.33
C PRO CA 100 -39.07 -36.61 -21.60
N PRO CA 101 -38.62 -36.40 -20.36
CA PRO CA 101 -37.71 -37.24 -19.59
C PRO CA 101 -38.45 -38.26 -18.73
N THR CA 102 -39.71 -38.55 -19.06
CA THR CA 102 -40.54 -39.39 -18.23
C THR CA 102 -40.85 -40.76 -18.82
N ASP CA 103 -40.91 -40.89 -20.14
CA ASP CA 103 -41.26 -42.15 -20.79
C ASP CA 103 -40.26 -42.48 -21.89
N LEU CA 104 -39.76 -43.71 -21.88
CA LEU CA 104 -38.83 -44.21 -22.89
C LEU CA 104 -39.20 -45.65 -23.24
N VAL CA 105 -39.04 -46.01 -24.50
CA VAL CA 105 -39.40 -47.34 -25.00
C VAL CA 105 -38.17 -47.96 -25.65
N TRP CA 106 -37.86 -49.21 -25.28
CA TRP CA 106 -36.73 -49.94 -25.84
C TRP CA 106 -37.25 -50.87 -26.94
N LYS CA 107 -37.25 -50.35 -28.17
CA LYS CA 107 -37.76 -51.12 -29.30
C LYS CA 107 -36.84 -52.27 -29.67
N ALA CA 108 -35.54 -52.15 -29.36
CA ALA CA 108 -34.59 -53.20 -29.73
C ALA CA 108 -34.83 -54.51 -28.98
N GLN CA 109 -35.61 -54.49 -27.91
CA GLN CA 109 -35.92 -55.69 -27.13
C GLN CA 109 -37.44 -55.83 -27.06
N ASN CA 110 -37.95 -57.00 -27.49
CA ASN CA 110 -39.39 -57.21 -27.49
C ASN CA 110 -39.96 -57.17 -26.08
N THR CA 111 -39.28 -57.80 -25.12
CA THR CA 111 -39.74 -57.80 -23.74
C THR CA 111 -38.54 -58.00 -22.82
N TRP CA 112 -38.65 -57.43 -21.62
CA TRP CA 112 -37.59 -57.57 -20.62
C TRP CA 112 -37.41 -59.00 -20.14
N GLY CA 113 -38.35 -59.89 -20.43
CA GLY CA 113 -38.27 -61.27 -20.05
C GLY CA 113 -39.08 -61.58 -18.80
N CYS CA 114 -39.25 -62.88 -18.56
CA CYS CA 114 -40.02 -63.37 -17.42
C CYS CA 114 -39.21 -64.45 -16.72
N GLY CA 115 -39.66 -64.82 -15.54
CA GLY CA 115 -39.00 -65.85 -14.76
C GLY CA 115 -39.19 -65.60 -13.27
N ASN CA 116 -38.88 -66.63 -12.49
CA ASN CA 116 -39.04 -66.54 -11.04
C ASN CA 116 -37.94 -65.70 -10.39
N SER CA 117 -36.81 -65.51 -11.06
CA SER CA 117 -35.69 -64.73 -10.52
C SER CA 117 -35.38 -63.62 -11.50
N LEU CA 118 -36.08 -62.50 -11.35
CA LEU CA 118 -35.88 -61.32 -12.19
C LEU CA 118 -35.06 -60.30 -11.41
N ARG CA 119 -33.88 -59.95 -11.94
CA ARG CA 119 -32.99 -59.01 -11.29
C ARG CA 119 -32.73 -57.83 -12.23
N THR CA 120 -33.09 -56.64 -11.76
CA THR CA 120 -32.88 -55.39 -12.50
C THR CA 120 -31.83 -54.58 -11.76
N ALA CA 121 -30.65 -54.42 -12.35
CA ALA CA 121 -29.55 -53.69 -11.75
C ALA CA 121 -29.29 -52.44 -12.57
N LEU CA 122 -29.18 -51.30 -11.88
CA LEU CA 122 -28.86 -50.03 -12.51
C LEU CA 122 -27.37 -49.79 -12.41
N ILE CA 123 -26.71 -49.66 -13.57
CA ILE CA 123 -25.26 -49.49 -13.66
C ILE CA 123 -24.97 -48.12 -14.21
N ASN CA 124 -24.13 -47.36 -13.51
CA ASN CA 124 -23.79 -46.02 -13.95
C ASN CA 124 -22.81 -46.07 -15.12
N SER CA 125 -22.37 -44.88 -15.54
CA SER CA 125 -21.44 -44.79 -16.67
C SER CA 125 -20.08 -45.37 -16.31
N THR CA 126 -19.76 -45.48 -15.02
CA THR CA 126 -18.49 -46.01 -14.55
C THR CA 126 -18.51 -47.52 -14.34
N GLY CA 127 -19.59 -48.18 -14.74
CA GLY CA 127 -19.70 -49.62 -14.53
C GLY CA 127 -19.82 -50.01 -13.07
N GLU CA 128 -20.53 -49.21 -12.28
CA GLU CA 128 -20.72 -49.46 -10.86
C GLU CA 128 -22.20 -49.68 -10.57
N GLU CA 129 -22.49 -50.68 -9.75
CA GLU CA 129 -23.86 -50.95 -9.34
C GLU CA 129 -24.23 -50.06 -8.18
N VAL CA 130 -25.21 -49.18 -8.38
CA VAL CA 130 -25.70 -48.28 -7.34
C VAL CA 130 -27.11 -48.61 -6.89
N ALA CA 131 -27.88 -49.34 -7.68
CA ALA CA 131 -29.22 -49.75 -7.30
C ALA CA 131 -29.50 -51.12 -7.88
N MET CA 132 -30.35 -51.88 -7.19
CA MET CA 132 -30.71 -53.22 -7.64
C MET CA 132 -32.00 -53.64 -6.95
N ARG CA 133 -32.88 -54.27 -7.73
CA ARG CA 133 -34.10 -54.84 -7.21
C ARG CA 133 -34.30 -56.21 -7.84
N LYS CA 134 -34.50 -57.22 -7.01
CA LYS CA 134 -34.60 -58.60 -7.46
C LYS CA 134 -35.98 -59.16 -7.13
N LEU CA 135 -36.62 -59.76 -8.13
CA LEU CA 135 -37.91 -60.41 -7.97
C LEU CA 135 -37.67 -61.91 -7.85
N VAL CA 136 -38.02 -62.48 -6.70
CA VAL CA 136 -37.77 -63.89 -6.42
C VAL CA 136 -39.11 -64.58 -6.15
N ARG CA 137 -39.35 -65.67 -6.87
CA ARG CA 137 -40.56 -66.46 -6.71
C ARG CA 137 -40.19 -67.89 -6.28
N SER CA 138 -40.90 -68.39 -5.28
CA SER CA 138 -40.65 -69.72 -4.75
C SER CA 138 -40.96 -70.79 -5.79
N THR DA 6 -25.81 -8.37 -57.29
CA THR DA 6 -26.85 -9.30 -56.86
C THR DA 6 -27.05 -9.22 -55.35
N THR DA 7 -26.36 -10.09 -54.63
CA THR DA 7 -26.42 -10.15 -53.18
C THR DA 7 -25.04 -9.88 -52.61
N SER DA 8 -25.00 -9.20 -51.47
CA SER DA 8 -23.73 -9.04 -50.77
C SER DA 8 -23.27 -10.40 -50.25
N GLN DA 9 -21.96 -10.61 -50.25
CA GLN DA 9 -21.44 -11.88 -49.77
C GLN DA 9 -21.76 -12.08 -48.30
N LYS DA 10 -21.65 -11.03 -47.49
CA LYS DA 10 -22.01 -11.13 -46.08
C LYS DA 10 -23.46 -11.56 -45.93
N HIS DA 11 -24.34 -11.07 -46.80
CA HIS DA 11 -25.72 -11.53 -46.80
C HIS DA 11 -25.79 -13.03 -47.06
N ARG DA 12 -25.03 -13.51 -48.03
CA ARG DA 12 -25.04 -14.94 -48.32
C ARG DA 12 -24.54 -15.75 -47.13
N ASP DA 13 -23.49 -15.25 -46.46
CA ASP DA 13 -22.97 -15.95 -45.29
C ASP DA 13 -24.01 -16.01 -44.19
N PHE DA 14 -24.71 -14.90 -43.94
CA PHE DA 14 -25.69 -14.88 -42.87
C PHE DA 14 -26.88 -15.77 -43.19
N VAL DA 15 -27.35 -15.73 -44.43
CA VAL DA 15 -28.52 -16.52 -44.81
C VAL DA 15 -28.18 -18.00 -44.99
N ALA DA 16 -26.90 -18.33 -45.14
CA ALA DA 16 -26.51 -19.72 -45.29
C ALA DA 16 -26.85 -20.54 -44.05
N GLU DA 17 -26.67 -19.95 -42.87
CA GLU DA 17 -26.83 -20.65 -41.60
C GLU DA 17 -27.80 -19.89 -40.71
N PRO DA 18 -28.37 -20.57 -39.72
CA PRO DA 18 -29.22 -19.85 -38.76
C PRO DA 18 -28.45 -18.76 -38.05
N MET DA 19 -29.17 -17.70 -37.69
CA MET DA 19 -28.53 -16.52 -37.11
C MET DA 19 -27.81 -16.86 -35.80
N GLY DA 20 -28.37 -17.79 -35.02
CA GLY DA 20 -27.74 -18.18 -33.78
C GLY DA 20 -27.62 -17.06 -32.78
N GLU DA 21 -26.39 -16.66 -32.47
CA GLU DA 21 -26.13 -15.57 -31.53
C GLU DA 21 -25.17 -14.54 -32.13
N LYS DA 22 -25.21 -14.38 -33.45
CA LYS DA 22 -24.37 -13.39 -34.09
C LYS DA 22 -24.78 -11.98 -33.65
N PRO DA 23 -23.82 -11.07 -33.53
CA PRO DA 23 -24.17 -9.68 -33.24
C PRO DA 23 -24.95 -9.06 -34.38
N VAL DA 24 -25.66 -7.98 -34.05
CA VAL DA 24 -26.44 -7.26 -35.06
C VAL DA 24 -25.54 -6.80 -36.19
N GLY DA 25 -24.28 -6.51 -35.91
CA GLY DA 25 -23.35 -6.15 -36.96
C GLY DA 25 -23.17 -7.24 -38.01
N SER DA 26 -23.34 -8.50 -37.63
CA SER DA 26 -23.28 -9.59 -38.58
C SER DA 26 -24.39 -9.52 -39.63
N LEU DA 27 -25.44 -8.76 -39.37
CA LEU DA 27 -26.50 -8.60 -40.36
C LEU DA 27 -25.97 -7.86 -41.58
N ALA DA 28 -26.43 -8.28 -42.76
CA ALA DA 28 -26.00 -7.65 -44.00
C ALA DA 28 -26.41 -6.19 -44.04
N GLY DA 29 -25.52 -5.35 -44.55
CA GLY DA 29 -25.77 -3.93 -44.59
C GLY DA 29 -25.63 -3.23 -43.25
N ILE DA 30 -25.12 -3.93 -42.24
CA ILE DA 30 -24.97 -3.36 -40.90
C ILE DA 30 -23.48 -3.22 -40.62
N GLY DA 31 -22.98 -2.00 -40.77
CA GLY DA 31 -21.59 -1.73 -40.44
C GLY DA 31 -21.44 -1.28 -39.00
N GLU DA 32 -20.21 -0.89 -38.67
CA GLU DA 32 -19.89 -0.56 -37.29
C GLU DA 32 -20.70 0.62 -36.80
N VAL DA 33 -20.91 1.63 -37.66
CA VAL DA 33 -21.64 2.82 -37.23
C VAL DA 33 -23.06 2.46 -36.85
N LEU DA 34 -23.82 1.92 -37.80
CA LEU DA 34 -25.22 1.58 -37.53
C LEU DA 34 -25.33 0.49 -36.49
N GLY DA 35 -24.42 -0.48 -36.52
CA GLY DA 35 -24.46 -1.54 -35.53
C GLY DA 35 -24.28 -1.01 -34.11
N LYS DA 36 -23.29 -0.13 -33.91
CA LYS DA 36 -23.09 0.48 -32.61
C LYS DA 36 -24.29 1.33 -32.22
N LYS DA 37 -24.85 2.07 -33.18
CA LYS DA 37 -26.04 2.85 -32.91
C LYS DA 37 -27.15 1.98 -32.35
N LEU DA 38 -27.45 0.88 -33.04
CA LEU DA 38 -28.56 0.03 -32.63
C LEU DA 38 -28.27 -0.68 -31.32
N GLU DA 39 -27.02 -1.09 -31.11
CA GLU DA 39 -26.66 -1.70 -29.84
C GLU DA 39 -26.88 -0.73 -28.69
N GLU DA 40 -26.51 0.53 -28.89
CA GLU DA 40 -26.80 1.55 -27.87
C GLU DA 40 -28.29 1.79 -27.75
N ARG DA 41 -29.03 1.64 -28.85
CA ARG DA 41 -30.48 1.74 -28.81
C ARG DA 41 -31.11 0.64 -27.97
N GLY DA 42 -30.39 -0.46 -27.75
CA GLY DA 42 -30.91 -1.63 -27.10
C GLY DA 42 -30.93 -2.87 -27.97
N PHE DA 43 -31.05 -2.70 -29.28
CA PHE DA 43 -30.96 -3.82 -30.22
C PHE DA 43 -29.48 -4.21 -30.34
N ASP DA 44 -29.00 -4.88 -29.31
CA ASP DA 44 -27.61 -5.30 -29.22
C ASP DA 44 -27.35 -6.65 -29.88
N LYS DA 45 -28.38 -7.29 -30.40
CA LYS DA 45 -28.23 -8.60 -31.01
C LYS DA 45 -29.15 -8.72 -32.20
N ALA DA 46 -28.78 -9.61 -33.13
CA ALA DA 46 -29.52 -9.73 -34.38
C ALA DA 46 -30.93 -10.29 -34.16
N TYR DA 47 -31.08 -11.24 -33.23
CA TYR DA 47 -32.37 -11.90 -33.07
C TYR DA 47 -33.43 -10.95 -32.53
N VAL DA 48 -33.05 -10.01 -31.66
CA VAL DA 48 -34.02 -9.01 -31.20
C VAL DA 48 -34.48 -8.17 -32.39
N VAL DA 49 -33.55 -7.79 -33.26
CA VAL DA 49 -33.90 -7.01 -34.44
C VAL DA 49 -34.84 -7.80 -35.33
N LEU DA 50 -34.57 -9.08 -35.53
CA LEU DA 50 -35.47 -9.90 -36.34
C LEU DA 50 -36.83 -10.02 -35.69
N GLY DA 51 -36.87 -10.17 -34.37
CA GLY DA 51 -38.15 -10.18 -33.67
C GLY DA 51 -38.93 -8.91 -33.92
N GLN DA 52 -38.23 -7.78 -33.93
CA GLN DA 52 -38.86 -6.53 -34.35
C GLN DA 52 -39.39 -6.65 -35.78
N PHE DA 53 -38.59 -7.25 -36.67
CA PHE DA 53 -39.02 -7.49 -38.04
C PHE DA 53 -40.24 -8.40 -38.07
N LEU DA 54 -40.24 -9.45 -37.25
CA LEU DA 54 -41.43 -10.29 -37.12
C LEU DA 54 -42.56 -9.50 -36.49
N VAL DA 55 -42.27 -8.70 -35.46
CA VAL DA 55 -43.28 -7.85 -34.85
C VAL DA 55 -43.86 -6.88 -35.88
N LEU DA 56 -43.01 -6.29 -36.71
CA LEU DA 56 -43.47 -5.47 -37.82
C LEU DA 56 -44.06 -6.32 -38.94
N LYS DA 57 -44.24 -7.62 -38.72
CA LYS DA 57 -44.88 -8.52 -39.68
C LYS DA 57 -44.18 -8.47 -41.04
N LYS DA 58 -42.85 -8.34 -41.00
CA LYS DA 58 -41.98 -8.42 -42.18
C LYS DA 58 -42.29 -7.36 -43.22
N ASP DA 59 -43.02 -6.30 -42.88
CA ASP DA 59 -43.29 -5.26 -43.86
C ASP DA 59 -42.00 -4.53 -44.22
N GLU DA 60 -41.76 -4.36 -45.52
CA GLU DA 60 -40.55 -3.70 -45.96
C GLU DA 60 -40.53 -2.23 -45.55
N ASP DA 61 -41.62 -1.51 -45.84
CA ASP DA 61 -41.64 -0.07 -45.62
C ASP DA 61 -41.53 0.26 -44.14
N LEU DA 62 -42.35 -0.38 -43.31
CA LEU DA 62 -42.35 -0.08 -41.88
C LEU DA 62 -41.00 -0.45 -41.26
N PHE DA 63 -40.48 -1.62 -41.61
CA PHE DA 63 -39.22 -2.07 -41.03
C PHE DA 63 -38.08 -1.13 -41.43
N ARG DA 64 -38.01 -0.78 -42.71
CA ARG DA 64 -36.93 0.09 -43.18
C ARG DA 64 -37.04 1.48 -42.57
N GLU DA 65 -38.25 2.03 -42.50
CA GLU DA 65 -38.43 3.35 -41.90
C GLU DA 65 -38.06 3.33 -40.42
N TRP DA 66 -38.51 2.31 -39.69
CA TRP DA 66 -38.17 2.21 -38.28
C TRP DA 66 -36.68 2.04 -38.09
N LEU DA 67 -36.04 1.25 -38.96
CA LEU DA 67 -34.60 1.06 -38.86
C LEU DA 67 -33.87 2.38 -39.05
N LYS DA 68 -34.27 3.15 -40.05
CA LYS DA 68 -33.66 4.46 -40.26
C LYS DA 68 -33.88 5.36 -39.06
N ASP DA 69 -35.10 5.37 -38.52
CA ASP DA 69 -35.38 6.24 -37.38
C ASP DA 69 -34.68 5.78 -36.12
N THR DA 70 -34.30 4.49 -36.04
CA THR DA 70 -33.68 3.94 -34.80
C THR DA 70 -32.15 4.03 -34.91
N CYS DA 71 -31.60 4.09 -36.12
CA CYS DA 71 -30.17 4.30 -36.29
C CYS DA 71 -29.81 5.30 -37.36
N GLY DA 72 -30.52 5.34 -38.48
CA GLY DA 72 -30.17 6.20 -39.59
C GLY DA 72 -29.84 5.49 -40.87
N ALA DA 73 -30.25 4.23 -41.03
CA ALA DA 73 -29.96 3.52 -42.26
C ALA DA 73 -30.63 4.20 -43.44
N ASN DA 74 -29.88 4.37 -44.52
CA ASN DA 74 -30.41 4.99 -45.72
C ASN DA 74 -31.34 3.99 -46.41
N ALA DA 75 -31.87 4.39 -47.56
CA ALA DA 75 -32.76 3.49 -48.29
C ALA DA 75 -32.00 2.24 -48.75
N LYS DA 76 -30.75 2.41 -49.20
CA LYS DA 76 -29.97 1.26 -49.64
C LYS DA 76 -29.69 0.31 -48.48
N GLN DA 77 -29.17 0.83 -47.37
CA GLN DA 77 -28.82 -0.02 -46.24
C GLN DA 77 -30.06 -0.69 -45.64
N SER DA 78 -31.14 0.06 -45.49
CA SER DA 78 -32.38 -0.51 -44.98
C SER DA 78 -32.91 -1.58 -45.92
N ARG DA 79 -32.85 -1.33 -47.23
CA ARG DA 79 -33.30 -2.32 -48.19
C ARG DA 79 -32.49 -3.61 -48.07
N ASP DA 80 -31.16 -3.48 -47.97
CA ASP DA 80 -30.33 -4.67 -47.88
C ASP DA 80 -30.60 -5.45 -46.60
N CYS DA 81 -30.73 -4.74 -45.48
CA CYS DA 81 -31.00 -5.42 -44.22
C CYS DA 81 -32.35 -6.14 -44.26
N PHE DA 82 -33.37 -5.47 -44.80
CA PHE DA 82 -34.67 -6.11 -44.92
C PHE DA 82 -34.61 -7.33 -45.82
N GLY DA 83 -33.90 -7.23 -46.94
CA GLY DA 83 -33.77 -8.38 -47.82
C GLY DA 83 -33.09 -9.56 -47.14
N CYS DA 84 -32.02 -9.28 -46.40
CA CYS DA 84 -31.32 -10.35 -45.69
C CYS DA 84 -32.22 -11.00 -44.66
N LEU DA 85 -32.94 -10.19 -43.87
CA LEU DA 85 -33.82 -10.76 -42.87
C LEU DA 85 -34.94 -11.58 -43.50
N ARG DA 86 -35.56 -11.05 -44.55
CA ARG DA 86 -36.65 -11.77 -45.21
C ARG DA 86 -36.16 -13.08 -45.81
N GLU DA 87 -34.99 -13.07 -46.44
CA GLU DA 87 -34.46 -14.30 -47.01
C GLU DA 87 -34.13 -15.31 -45.92
N TRP DA 88 -33.56 -14.86 -44.80
CA TRP DA 88 -33.29 -15.79 -43.71
C TRP DA 88 -34.58 -16.39 -43.17
N CYS DA 89 -35.62 -15.57 -43.03
CA CYS DA 89 -36.91 -16.08 -42.58
C CYS DA 89 -37.47 -17.10 -43.56
N ASP DA 90 -37.38 -16.81 -44.86
CA ASP DA 90 -37.83 -17.77 -45.87
C ASP DA 90 -37.00 -19.05 -45.81
N ALA DA 91 -35.76 -18.94 -45.34
CA ALA DA 91 -34.87 -20.09 -45.31
C ALA DA 91 -35.04 -20.90 -44.03
N PHE DA 92 -35.09 -20.24 -42.87
CA PHE DA 92 -35.06 -20.95 -41.60
C PHE DA 92 -36.34 -20.81 -40.79
N LEU DA 93 -37.00 -19.65 -40.85
CA LEU DA 93 -38.26 -19.49 -40.12
C LEU DA 93 -39.33 -20.38 -40.72
N THR EA 6 -44.61 -32.20 -16.21
CA THR EA 6 -43.88 -30.94 -16.36
C THR EA 6 -44.28 -30.23 -17.65
N THR EA 7 -44.27 -30.96 -18.77
CA THR EA 7 -44.57 -30.41 -20.08
C THR EA 7 -45.66 -31.23 -20.75
N SER EA 8 -46.46 -30.56 -21.58
CA SER EA 8 -47.51 -31.23 -22.33
C SER EA 8 -46.95 -31.78 -23.64
N GLN EA 9 -47.68 -32.73 -24.23
CA GLN EA 9 -47.25 -33.31 -25.48
C GLN EA 9 -47.36 -32.31 -26.62
N LYS EA 10 -48.37 -31.43 -26.58
CA LYS EA 10 -48.46 -30.36 -27.58
C LYS EA 10 -47.24 -29.45 -27.50
N HIS EA 11 -46.81 -29.14 -26.27
CA HIS EA 11 -45.58 -28.36 -26.09
C HIS EA 11 -44.39 -29.06 -26.73
N ARG EA 12 -44.25 -30.36 -26.49
CA ARG EA 12 -43.12 -31.10 -27.05
C ARG EA 12 -43.20 -31.12 -28.58
N ASP EA 13 -44.40 -31.33 -29.13
CA ASP EA 13 -44.57 -31.35 -30.58
C ASP EA 13 -44.18 -30.02 -31.19
N PHE EA 14 -44.59 -28.91 -30.57
CA PHE EA 14 -44.15 -27.61 -31.05
C PHE EA 14 -42.63 -27.48 -30.94
N VAL EA 15 -42.06 -27.91 -29.82
CA VAL EA 15 -40.62 -27.79 -29.62
C VAL EA 15 -39.86 -28.78 -30.50
N ALA EA 16 -40.38 -29.99 -30.68
CA ALA EA 16 -39.64 -31.04 -31.38
C ALA EA 16 -39.37 -30.69 -32.85
N GLU EA 17 -40.07 -29.72 -33.40
CA GLU EA 17 -39.94 -29.38 -34.80
C GLU EA 17 -39.81 -27.83 -34.92
N PRO EA 18 -39.22 -27.38 -36.01
CA PRO EA 18 -39.21 -25.91 -36.23
C PRO EA 18 -40.62 -25.37 -36.31
N MET EA 19 -40.79 -24.16 -35.79
CA MET EA 19 -42.13 -23.59 -35.67
C MET EA 19 -42.78 -23.39 -37.02
N GLY EA 20 -41.98 -23.15 -38.06
CA GLY EA 20 -42.52 -22.94 -39.39
C GLY EA 20 -43.51 -21.80 -39.45
N GLU EA 21 -44.77 -22.13 -39.70
CA GLU EA 21 -45.86 -21.15 -39.70
C GLU EA 21 -47.02 -21.64 -38.85
N LYS EA 22 -46.74 -22.25 -37.71
CA LYS EA 22 -47.79 -22.68 -36.82
C LYS EA 22 -48.59 -21.49 -36.30
N PRO EA 23 -49.90 -21.63 -36.16
CA PRO EA 23 -50.70 -20.55 -35.61
C PRO EA 23 -50.36 -20.30 -34.16
N VAL EA 24 -50.76 -19.11 -33.68
CA VAL EA 24 -50.51 -18.76 -32.29
C VAL EA 24 -51.16 -19.76 -31.35
N GLY EA 25 -52.26 -20.37 -31.77
CA GLY EA 25 -52.89 -21.40 -30.96
C GLY EA 25 -52.03 -22.62 -30.75
N SER EA 26 -51.10 -22.88 -31.65
CA SER EA 26 -50.22 -24.04 -31.52
C SER EA 26 -49.28 -23.92 -30.32
N LEU EA 27 -49.12 -22.71 -29.77
CA LEU EA 27 -48.22 -22.52 -28.65
C LEU EA 27 -48.73 -23.24 -27.41
N ALA EA 28 -47.81 -23.68 -26.57
CA ALA EA 28 -48.17 -24.44 -25.39
C ALA EA 28 -49.00 -23.58 -24.42
N GLY EA 29 -50.06 -24.18 -23.90
CA GLY EA 29 -50.93 -23.47 -22.98
C GLY EA 29 -51.85 -22.48 -23.64
N ILE EA 30 -51.92 -22.46 -24.97
CA ILE EA 30 -52.76 -21.51 -25.70
C ILE EA 30 -53.93 -22.28 -26.28
N GLY EA 31 -55.13 -21.97 -25.79
CA GLY EA 31 -56.34 -22.54 -26.34
C GLY EA 31 -56.98 -21.62 -27.35
N GLU EA 32 -58.24 -21.94 -27.68
CA GLU EA 32 -58.94 -21.19 -28.71
C GLU EA 32 -59.17 -19.74 -28.29
N VAL EA 33 -59.57 -19.51 -27.04
CA VAL EA 33 -59.94 -18.17 -26.61
C VAL EA 33 -58.73 -17.25 -26.65
N LEU EA 34 -57.64 -17.66 -26.00
CA LEU EA 34 -56.46 -16.79 -25.92
C LEU EA 34 -55.80 -16.63 -27.27
N GLY EA 35 -55.73 -17.70 -28.05
CA GLY EA 35 -55.17 -17.60 -29.39
C GLY EA 35 -55.97 -16.66 -30.27
N LYS EA 36 -57.30 -16.74 -30.19
CA LYS EA 36 -58.14 -15.82 -30.94
C LYS EA 36 -57.91 -14.39 -30.48
N LYS EA 37 -57.80 -14.17 -29.17
CA LYS EA 37 -57.53 -12.83 -28.66
C LYS EA 37 -56.22 -12.30 -29.21
N LEU EA 38 -55.17 -13.12 -29.19
CA LEU EA 38 -53.87 -12.68 -29.68
C LEU EA 38 -53.90 -12.39 -31.17
N GLU EA 39 -54.65 -13.19 -31.93
CA GLU EA 39 -54.82 -12.90 -33.35
C GLU EA 39 -55.52 -11.56 -33.54
N GLU EA 40 -56.50 -11.26 -32.68
CA GLU EA 40 -57.13 -9.94 -32.71
C GLU EA 40 -56.09 -8.86 -32.43
N ARG EA 41 -55.21 -9.09 -31.47
CA ARG EA 41 -54.14 -8.14 -31.18
C ARG EA 41 -53.16 -8.00 -32.32
N GLY EA 42 -53.14 -8.96 -33.25
CA GLY EA 42 -52.20 -9.00 -34.34
C GLY EA 42 -51.28 -10.19 -34.33
N PHE EA 43 -51.10 -10.84 -33.17
CA PHE EA 43 -50.26 -12.03 -33.07
C PHE EA 43 -51.07 -13.20 -33.59
N ASP EA 44 -51.18 -13.28 -34.92
CA ASP EA 44 -51.97 -14.30 -35.60
C ASP EA 44 -51.18 -15.58 -35.82
N LYS EA 45 -49.90 -15.59 -35.47
CA LYS EA 45 -49.04 -16.73 -35.73
C LYS EA 45 -48.05 -16.87 -34.60
N ALA EA 46 -47.50 -18.08 -34.47
CA ALA EA 46 -46.51 -18.34 -33.43
C ALA EA 46 -45.24 -17.54 -33.67
N TYR EA 47 -44.91 -17.28 -34.93
CA TYR EA 47 -43.67 -16.55 -35.22
C TYR EA 47 -43.75 -15.12 -34.74
N VAL EA 48 -44.93 -14.50 -34.82
CA VAL EA 48 -45.08 -13.13 -34.31
C VAL EA 48 -44.84 -13.10 -32.81
N VAL EA 49 -45.39 -14.08 -32.09
CA VAL EA 49 -45.21 -14.15 -30.66
C VAL EA 49 -43.75 -14.38 -30.31
N LEU EA 50 -43.08 -15.25 -31.06
CA LEU EA 50 -41.66 -15.49 -30.80
C LEU EA 50 -40.82 -14.26 -31.10
N GLY EA 51 -41.18 -13.50 -32.15
CA GLY EA 51 -40.49 -12.26 -32.40
C GLY EA 51 -40.67 -11.25 -31.28
N GLN EA 52 -41.89 -11.17 -30.75
CA GLN EA 52 -42.14 -10.35 -29.55
C GLN EA 52 -41.26 -10.82 -28.39
N PHE EA 53 -41.16 -12.14 -28.21
CA PHE EA 53 -40.33 -12.71 -27.15
C PHE EA 53 -38.88 -12.31 -27.32
N LEU EA 54 -38.38 -12.34 -28.56
CA LEU EA 54 -37.03 -11.89 -28.85
C LEU EA 54 -36.86 -10.42 -28.50
N VAL EA 55 -37.82 -9.60 -28.91
CA VAL EA 55 -37.80 -8.18 -28.53
C VAL EA 55 -37.86 -8.06 -27.00
N LEU EA 56 -38.65 -8.91 -26.36
CA LEU EA 56 -38.67 -8.97 -24.90
C LEU EA 56 -37.36 -9.51 -24.33
N LYS EA 57 -36.50 -10.06 -25.17
CA LYS EA 57 -35.19 -10.56 -24.75
C LYS EA 57 -35.31 -11.61 -23.65
N LYS EA 58 -36.32 -12.48 -23.78
CA LYS EA 58 -36.45 -13.70 -23.01
C LYS EA 58 -36.71 -13.48 -21.52
N ASP EA 59 -37.29 -12.33 -21.14
CA ASP EA 59 -37.66 -12.15 -19.74
C ASP EA 59 -38.97 -12.89 -19.45
N GLU EA 60 -38.94 -13.74 -18.42
CA GLU EA 60 -40.12 -14.52 -18.08
C GLU EA 60 -41.26 -13.62 -17.60
N ASP EA 61 -40.98 -12.76 -16.62
CA ASP EA 61 -42.04 -11.97 -16.01
C ASP EA 61 -42.64 -10.99 -17.00
N LEU EA 62 -41.80 -10.31 -17.77
CA LEU EA 62 -42.31 -9.36 -18.76
C LEU EA 62 -43.13 -10.07 -19.82
N PHE EA 63 -42.64 -11.21 -20.30
CA PHE EA 63 -43.37 -11.95 -21.33
C PHE EA 63 -44.73 -12.41 -20.82
N ARG EA 64 -44.77 -12.95 -19.60
CA ARG EA 64 -46.02 -13.45 -19.04
C ARG EA 64 -46.99 -12.31 -18.76
N GLU EA 65 -46.48 -11.19 -18.22
CA GLU EA 65 -47.34 -10.03 -18.01
C GLU EA 65 -47.90 -9.54 -19.33
N TRP EA 66 -47.07 -9.45 -20.36
CA TRP EA 66 -47.54 -9.01 -21.66
C TRP EA 66 -48.61 -9.96 -22.19
N LEU EA 67 -48.40 -11.26 -22.04
CA LEU EA 67 -49.38 -12.22 -22.52
C LEU EA 67 -50.71 -12.06 -21.79
N LYS EA 68 -50.65 -11.84 -20.47
CA LYS EA 68 -51.87 -11.64 -19.70
C LYS EA 68 -52.58 -10.37 -20.14
N ASP EA 69 -51.83 -9.31 -20.38
CA ASP EA 69 -52.45 -8.06 -20.82
C ASP EA 69 -52.93 -8.12 -22.26
N THR EA 70 -52.45 -9.11 -23.04
CA THR EA 70 -52.76 -9.18 -24.51
C THR EA 70 -53.81 -10.25 -24.81
N CYS EA 71 -54.04 -11.21 -23.92
CA CYS EA 71 -55.11 -12.19 -24.10
C CYS EA 71 -55.75 -12.66 -22.80
N GLY EA 72 -55.37 -12.10 -21.65
CA GLY EA 72 -55.96 -12.55 -20.41
C GLY EA 72 -55.46 -13.89 -19.92
N ALA EA 73 -54.28 -14.32 -20.36
CA ALA EA 73 -53.75 -15.60 -19.94
C ALA EA 73 -53.42 -15.59 -18.45
N ASN EA 74 -53.60 -16.74 -17.81
CA ASN EA 74 -53.26 -16.89 -16.41
C ASN EA 74 -51.78 -17.21 -16.26
N ALA EA 75 -51.35 -17.52 -15.03
CA ALA EA 75 -49.98 -17.93 -14.81
C ALA EA 75 -49.72 -19.27 -15.50
N LYS EA 76 -50.71 -20.15 -15.53
CA LYS EA 76 -50.56 -21.44 -16.19
C LYS EA 76 -50.23 -21.27 -17.65
N GLN EA 77 -51.12 -20.61 -18.40
CA GLN EA 77 -50.96 -20.49 -19.84
C GLN EA 77 -49.73 -19.67 -20.19
N SER EA 78 -49.50 -18.58 -19.46
CA SER EA 78 -48.32 -17.75 -19.71
C SER EA 78 -47.05 -18.54 -19.48
N ARG EA 79 -46.99 -19.32 -18.39
CA ARG EA 79 -45.83 -20.14 -18.10
C ARG EA 79 -45.62 -21.18 -19.19
N ASP EA 80 -46.69 -21.82 -19.65
CA ASP EA 80 -46.58 -22.83 -20.68
C ASP EA 80 -46.03 -22.23 -21.98
N CYS EA 81 -46.59 -21.09 -22.39
CA CYS EA 81 -46.14 -20.46 -23.62
C CYS EA 81 -44.70 -19.99 -23.50
N PHE EA 82 -44.34 -19.39 -22.36
CA PHE EA 82 -42.97 -18.94 -22.17
C PHE EA 82 -41.99 -20.10 -22.21
N GLY EA 83 -42.34 -21.21 -21.55
CA GLY EA 83 -41.48 -22.38 -21.59
C GLY EA 83 -41.32 -22.92 -23.00
N CYS EA 84 -42.43 -23.00 -23.75
CA CYS EA 84 -42.35 -23.53 -25.11
C CYS EA 84 -41.47 -22.65 -25.98
N LEU EA 85 -41.67 -21.33 -25.92
CA LEU EA 85 -40.87 -20.43 -26.74
C LEU EA 85 -39.41 -20.46 -26.34
N ARG EA 86 -39.13 -20.49 -25.04
CA ARG EA 86 -37.75 -20.53 -24.59
C ARG EA 86 -37.06 -21.82 -25.03
N GLU EA 87 -37.75 -22.94 -24.93
CA GLU EA 87 -37.17 -24.21 -25.38
C GLU EA 87 -36.95 -24.21 -26.87
N TRP EA 88 -37.91 -23.68 -27.64
CA TRP EA 88 -37.72 -23.60 -29.09
C TRP EA 88 -36.52 -22.74 -29.43
N CYS EA 89 -36.35 -21.63 -28.72
CA CYS EA 89 -35.18 -20.78 -28.94
C CYS EA 89 -33.89 -21.53 -28.59
N ASP EA 90 -33.89 -22.23 -27.47
CA ASP EA 90 -32.70 -22.99 -27.07
C ASP EA 90 -32.36 -24.07 -28.09
N ALA EA 91 -33.37 -24.61 -28.77
CA ALA EA 91 -33.15 -25.68 -29.72
C ALA EA 91 -32.76 -25.18 -31.10
N PHE EA 92 -33.48 -24.20 -31.63
CA PHE EA 92 -33.32 -23.77 -33.02
C PHE EA 92 -32.61 -22.44 -33.16
N LEU EA 93 -32.76 -21.55 -32.18
CA LEU EA 93 -32.05 -20.27 -32.21
C LEU EA 93 -30.69 -20.44 -31.55
N SER FA 20 -24.74 -21.91 -59.39
CA SER FA 20 -25.33 -23.24 -59.47
C SER FA 20 -26.84 -23.15 -59.55
N SER FA 21 -27.37 -21.96 -59.29
CA SER FA 21 -28.80 -21.62 -59.31
C SER FA 21 -29.57 -22.32 -58.21
N PHE FA 22 -28.94 -23.18 -57.41
CA PHE FA 22 -29.59 -23.88 -56.31
C PHE FA 22 -28.93 -23.42 -55.02
N SER FA 23 -29.49 -22.39 -54.40
CA SER FA 23 -28.94 -21.89 -53.15
C SER FA 23 -29.00 -22.98 -52.08
N GLN FA 24 -27.87 -23.19 -51.42
CA GLN FA 24 -27.72 -24.27 -50.45
C GLN FA 24 -27.86 -23.70 -49.05
N HIS FA 25 -28.81 -24.25 -48.29
CA HIS FA 25 -29.10 -23.81 -46.94
C HIS FA 25 -29.06 -25.02 -46.02
N ALA FA 26 -28.10 -25.05 -45.11
CA ALA FA 26 -27.87 -26.20 -44.27
C ALA FA 26 -28.04 -25.82 -42.80
N ARG FA 27 -28.57 -26.76 -42.03
CA ARG FA 27 -28.68 -26.63 -40.59
C ARG FA 27 -28.35 -27.97 -39.96
N THR FA 28 -27.50 -27.94 -38.94
CA THR FA 28 -27.08 -29.16 -38.26
C THR FA 28 -26.74 -28.84 -36.81
N SER FA 29 -27.33 -29.60 -35.89
CA SER FA 29 -27.09 -29.42 -34.47
C SER FA 29 -26.41 -30.61 -33.80
N GLY FA 30 -26.13 -31.68 -34.53
CA GLY FA 30 -25.50 -32.84 -33.95
C GLY FA 30 -24.12 -33.13 -34.50
N ARG FA 31 -23.68 -34.38 -34.39
CA ARG FA 31 -22.37 -34.78 -34.88
C ARG FA 31 -22.36 -35.23 -36.33
N VAL FA 32 -23.53 -35.36 -36.96
CA VAL FA 32 -23.64 -35.76 -38.35
C VAL FA 32 -24.37 -34.68 -39.11
N ALA FA 33 -23.80 -34.27 -40.24
CA ALA FA 33 -24.37 -33.22 -41.08
C ALA FA 33 -24.60 -33.77 -42.48
N VAL FA 34 -25.45 -33.07 -43.23
CA VAL FA 34 -25.75 -33.46 -44.60
C VAL FA 34 -24.56 -33.11 -45.48
N GLU FA 35 -23.74 -34.10 -45.80
CA GLU FA 35 -22.52 -33.83 -46.56
C GLU FA 35 -22.85 -33.41 -47.99
N GLU FA 36 -23.76 -34.13 -48.66
CA GLU FA 36 -24.05 -33.85 -50.05
C GLU FA 36 -25.45 -34.33 -50.39
N VAL FA 37 -26.10 -33.62 -51.31
CA VAL FA 37 -27.41 -33.98 -51.84
C VAL FA 37 -27.30 -34.07 -53.35
N ASP FA 38 -27.77 -35.17 -53.93
CA ASP FA 38 -27.77 -35.33 -55.38
C ASP FA 38 -28.95 -34.59 -55.96
N GLU FA 39 -28.68 -33.71 -56.92
CA GLU FA 39 -29.75 -32.94 -57.56
C GLU FA 39 -30.68 -33.81 -58.38
N GLU FA 40 -30.18 -34.89 -58.96
CA GLU FA 40 -30.99 -35.82 -59.72
C GLU FA 40 -31.65 -36.87 -58.83
N GLY FA 41 -31.42 -36.80 -57.52
CA GLY FA 41 -32.01 -37.75 -56.61
C GLY FA 41 -31.40 -39.14 -56.65
N LYS FA 42 -30.14 -39.27 -57.07
CA LYS FA 42 -29.50 -40.58 -57.07
C LYS FA 42 -29.08 -40.99 -55.67
N PHE FA 43 -28.66 -40.03 -54.85
CA PHE FA 43 -28.14 -40.36 -53.53
C PHE FA 43 -28.31 -39.19 -52.59
N VAL FA 44 -28.14 -39.48 -51.30
CA VAL FA 44 -28.01 -38.47 -50.26
C VAL FA 44 -26.79 -38.83 -49.43
N ARG FA 45 -25.89 -37.86 -49.24
CA ARG FA 45 -24.60 -38.10 -48.61
C ARG FA 45 -24.48 -37.31 -47.32
N LEU FA 46 -24.06 -37.99 -46.25
CA LEU FA 46 -23.90 -37.39 -44.94
C LEU FA 46 -22.50 -37.67 -44.43
N ARG FA 47 -22.10 -36.93 -43.40
CA ARG FA 47 -20.81 -37.14 -42.75
C ARG FA 47 -20.95 -36.96 -41.25
N ASN FA 48 -20.30 -37.85 -40.49
CA ASN FA 48 -20.15 -37.68 -39.05
C ASN FA 48 -19.00 -36.71 -38.84
N LYS FA 49 -19.29 -35.42 -38.97
CA LYS FA 49 -18.28 -34.38 -38.97
C LYS FA 49 -17.62 -34.18 -37.62
N SER FA 50 -17.96 -35.00 -36.63
CA SER FA 50 -17.34 -34.93 -35.32
C SER FA 50 -16.14 -35.87 -35.27
N ASN FA 51 -15.48 -35.92 -34.12
CA ASN FA 51 -14.35 -36.80 -33.89
C ASN FA 51 -14.75 -38.07 -33.15
N GLU FA 52 -16.05 -38.31 -32.97
CA GLU FA 52 -16.55 -39.48 -32.28
C GLU FA 52 -17.44 -40.28 -33.23
N ASP FA 53 -17.32 -41.60 -33.18
CA ASP FA 53 -18.19 -42.45 -33.98
C ASP FA 53 -19.64 -42.27 -33.55
N GLN FA 54 -20.50 -42.04 -34.52
CA GLN FA 54 -21.91 -41.73 -34.27
C GLN FA 54 -22.76 -42.95 -34.58
N SER FA 55 -23.56 -43.38 -33.61
CA SER FA 55 -24.50 -44.47 -33.79
C SER FA 55 -25.81 -43.91 -34.33
N MET FA 56 -26.20 -44.36 -35.52
CA MET FA 56 -27.39 -43.86 -36.20
C MET FA 56 -28.50 -44.91 -36.23
N GLY FA 57 -28.54 -45.78 -35.22
CA GLY FA 57 -29.51 -46.86 -35.19
C GLY FA 57 -30.95 -46.39 -35.23
N ASN FA 58 -31.72 -46.92 -36.19
CA ASN FA 58 -33.13 -46.62 -36.42
C ASN FA 58 -33.37 -45.17 -36.85
N TRP FA 59 -32.33 -44.42 -37.21
CA TRP FA 59 -32.53 -43.04 -37.60
C TRP FA 59 -33.26 -42.96 -38.93
N GLN FA 60 -34.09 -41.92 -39.08
CA GLN FA 60 -34.93 -41.75 -40.24
C GLN FA 60 -34.48 -40.55 -41.06
N ILE FA 61 -34.59 -40.68 -42.37
CA ILE FA 61 -34.23 -39.63 -43.31
C ILE FA 61 -35.48 -39.19 -44.04
N LYS FA 62 -35.83 -37.91 -43.91
CA LYS FA 62 -37.02 -37.36 -44.53
C LYS FA 62 -36.61 -36.39 -45.62
N ARG FA 63 -36.97 -36.69 -46.86
CA ARG FA 63 -36.58 -35.91 -48.02
C ARG FA 63 -37.83 -35.27 -48.63
N GLN FA 64 -37.80 -33.95 -48.78
CA GLN FA 64 -38.89 -33.20 -49.38
C GLN FA 64 -38.42 -32.59 -50.69
N ASN FA 65 -39.18 -32.83 -51.75
CA ASN FA 65 -38.86 -32.37 -53.10
C ASN FA 65 -39.96 -31.39 -53.54
N GLY FA 66 -39.81 -30.13 -53.15
CA GLY FA 66 -40.85 -29.16 -53.47
C GLY FA 66 -42.15 -29.58 -52.83
N ASP FA 67 -43.18 -29.74 -53.66
CA ASP FA 67 -44.48 -30.18 -53.20
C ASP FA 67 -44.66 -31.70 -53.25
N ASP FA 68 -43.62 -32.43 -53.63
CA ASP FA 68 -43.74 -33.88 -53.73
C ASP FA 68 -43.90 -34.50 -52.34
N PRO FA 69 -44.55 -35.66 -52.24
CA PRO FA 69 -44.73 -36.30 -50.94
C PRO FA 69 -43.38 -36.66 -50.32
N LEU FA 70 -43.35 -36.62 -48.99
CA LEU FA 70 -42.12 -36.90 -48.26
C LEU FA 70 -41.72 -38.36 -48.41
N LEU FA 71 -40.43 -38.58 -48.62
CA LEU FA 71 -39.86 -39.92 -48.67
C LEU FA 71 -39.01 -40.15 -47.42
N THR FA 72 -39.33 -41.21 -46.68
CA THR FA 72 -38.67 -41.49 -45.41
C THR FA 72 -37.87 -42.78 -45.51
N TYR FA 73 -36.58 -42.68 -45.24
CA TYR FA 73 -35.68 -43.82 -45.18
C TYR FA 73 -35.18 -43.97 -43.76
N ARG FA 74 -35.19 -45.21 -43.25
CA ARG FA 74 -34.84 -45.48 -41.87
C ARG FA 74 -33.56 -46.29 -41.80
N PHE FA 75 -32.68 -45.91 -40.88
CA PHE FA 75 -31.43 -46.63 -40.66
C PHE FA 75 -31.69 -47.94 -39.92
N PRO FA 76 -30.75 -48.88 -39.98
CA PRO FA 76 -30.89 -50.15 -39.24
C PRO FA 76 -31.06 -49.89 -37.75
N PRO FA 77 -31.59 -50.87 -37.00
CA PRO FA 77 -31.76 -50.66 -35.56
C PRO FA 77 -30.46 -50.35 -34.84
N LYS FA 78 -29.35 -50.94 -35.30
CA LYS FA 78 -28.03 -50.63 -34.78
C LYS FA 78 -27.11 -50.33 -35.96
N PHE FA 79 -26.97 -49.05 -36.28
CA PHE FA 79 -26.06 -48.62 -37.33
C PHE FA 79 -25.20 -47.50 -36.79
N THR FA 80 -23.91 -47.55 -37.10
CA THR FA 80 -22.97 -46.56 -36.59
C THR FA 80 -22.18 -45.96 -37.74
N LEU FA 81 -22.13 -44.64 -37.78
CA LEU FA 81 -21.27 -43.90 -38.71
C LEU FA 81 -20.09 -43.34 -37.92
N LYS FA 82 -18.89 -43.81 -38.24
CA LYS FA 82 -17.73 -43.40 -37.49
C LYS FA 82 -17.34 -41.96 -37.83
N ALA FA 83 -16.45 -41.41 -37.01
CA ALA FA 83 -16.07 -40.01 -37.13
C ALA FA 83 -15.53 -39.69 -38.51
N GLY FA 84 -15.96 -38.56 -39.07
CA GLY FA 84 -15.50 -38.12 -40.37
C GLY FA 84 -15.88 -39.02 -41.52
N GLN FA 85 -16.56 -40.13 -41.27
CA GLN FA 85 -16.87 -41.08 -42.33
C GLN FA 85 -18.01 -40.54 -43.20
N VAL FA 86 -18.11 -41.11 -44.40
CA VAL FA 86 -19.09 -40.70 -45.39
C VAL FA 86 -20.10 -41.81 -45.56
N VAL FA 87 -21.38 -41.49 -45.34
CA VAL FA 87 -22.47 -42.42 -45.61
C VAL FA 87 -23.27 -41.86 -46.78
N THR FA 88 -23.43 -42.67 -47.82
CA THR FA 88 -24.09 -42.24 -49.06
C THR FA 88 -25.23 -43.20 -49.34
N ILE FA 89 -26.45 -42.76 -49.08
CA ILE FA 89 -27.63 -43.59 -49.33
C ILE FA 89 -28.06 -43.40 -50.78
N TRP FA 90 -27.84 -44.42 -51.59
CA TRP FA 90 -28.16 -44.39 -53.00
C TRP FA 90 -29.61 -44.82 -53.22
N ALA FA 91 -30.24 -44.27 -54.24
CA ALA FA 91 -31.59 -44.69 -54.58
C ALA FA 91 -31.54 -45.98 -55.40
N ALA FA 92 -32.72 -46.52 -55.69
CA ALA FA 92 -32.79 -47.73 -56.51
C ALA FA 92 -32.25 -47.46 -57.91
N GLY FA 93 -32.59 -46.30 -58.48
CA GLY FA 93 -32.11 -45.95 -59.80
C GLY FA 93 -30.69 -45.44 -59.84
N ALA FA 94 -30.04 -45.31 -58.67
CA ALA FA 94 -28.65 -44.87 -58.65
C ALA FA 94 -27.73 -45.89 -59.31
N GLY FA 95 -28.03 -47.18 -59.14
CA GLY FA 95 -27.21 -48.22 -59.72
C GLY FA 95 -25.97 -48.57 -58.94
N ALA FA 96 -25.74 -47.93 -57.80
CA ALA FA 96 -24.59 -48.25 -56.98
C ALA FA 96 -24.86 -49.50 -56.14
N THR FA 97 -23.80 -50.01 -55.54
CA THR FA 97 -23.88 -51.19 -54.68
C THR FA 97 -23.63 -50.75 -53.23
N HIS FA 98 -24.50 -51.18 -52.33
CA HIS FA 98 -24.36 -50.82 -50.93
C HIS FA 98 -23.12 -51.46 -50.33
N SER FA 99 -22.39 -50.70 -49.53
CA SER FA 99 -21.21 -51.20 -48.83
C SER FA 99 -21.24 -50.69 -47.41
N PRO FA 100 -21.99 -51.35 -46.53
CA PRO FA 100 -22.14 -50.87 -45.15
C PRO FA 100 -20.82 -50.95 -44.41
N PRO FA 101 -20.56 -50.01 -43.50
CA PRO FA 101 -21.41 -48.88 -43.10
C PRO FA 101 -21.12 -47.61 -43.92
N THR FA 102 -20.45 -47.74 -45.07
CA THR FA 102 -20.09 -46.58 -45.88
C THR FA 102 -21.09 -46.27 -46.97
N ASP FA 103 -21.57 -47.28 -47.70
CA ASP FA 103 -22.49 -47.07 -48.80
C ASP FA 103 -23.74 -47.91 -48.57
N LEU FA 104 -24.90 -47.27 -48.69
CA LEU FA 104 -26.18 -47.97 -48.64
C LEU FA 104 -26.96 -47.56 -49.88
N VAL FA 105 -27.71 -48.50 -50.44
CA VAL FA 105 -28.55 -48.22 -51.60
C VAL FA 105 -29.99 -48.45 -51.20
N TRP FA 106 -30.79 -47.37 -51.25
CA TRP FA 106 -32.21 -47.44 -50.94
C TRP FA 106 -32.94 -47.97 -52.17
N LYS FA 107 -32.89 -49.29 -52.33
CA LYS FA 107 -33.57 -49.94 -53.45
C LYS FA 107 -35.08 -49.73 -53.38
N ALA FA 108 -35.61 -49.43 -52.20
CA ALA FA 108 -37.03 -49.16 -52.05
C ALA FA 108 -37.45 -47.86 -52.71
N GLN FA 109 -36.52 -46.95 -52.99
CA GLN FA 109 -36.82 -45.68 -53.63
C GLN FA 109 -36.03 -45.58 -54.92
N ASN FA 110 -36.75 -45.43 -56.04
CA ASN FA 110 -36.11 -45.35 -57.34
C ASN FA 110 -35.23 -44.11 -57.45
N THR FA 111 -35.72 -42.97 -56.97
CA THR FA 111 -34.95 -41.73 -57.01
C THR FA 111 -35.35 -40.86 -55.82
N TRP FA 112 -34.37 -40.14 -55.28
CA TRP FA 112 -34.63 -39.24 -54.17
C TRP FA 112 -35.46 -38.03 -54.60
N GLY FA 113 -35.64 -37.81 -55.89
CA GLY FA 113 -36.49 -36.77 -56.40
C GLY FA 113 -35.73 -35.50 -56.76
N CYS FA 114 -36.44 -34.63 -57.48
CA CYS FA 114 -35.90 -33.35 -57.91
C CYS FA 114 -36.96 -32.28 -57.69
N GLY FA 115 -36.53 -31.03 -57.77
CA GLY FA 115 -37.44 -29.90 -57.61
C GLY FA 115 -36.69 -28.68 -57.15
N ASN FA 116 -37.35 -27.53 -57.26
CA ASN FA 116 -36.75 -26.25 -56.88
C ASN FA 116 -36.59 -26.11 -55.37
N SER FA 117 -37.28 -26.93 -54.58
CA SER FA 117 -37.20 -26.89 -53.12
C SER FA 117 -36.87 -28.29 -52.63
N LEU FA 118 -35.58 -28.61 -52.58
CA LEU FA 118 -35.12 -29.91 -52.08
C LEU FA 118 -34.58 -29.73 -50.68
N ARG FA 119 -35.41 -30.06 -49.69
CA ARG FA 119 -35.02 -29.99 -48.29
C ARG FA 119 -35.08 -31.39 -47.69
N THR FA 120 -34.01 -31.77 -47.00
CA THR FA 120 -33.91 -33.09 -46.37
C THR FA 120 -33.67 -32.89 -44.89
N ALA FA 121 -34.50 -33.51 -44.07
CA ALA FA 121 -34.37 -33.46 -42.62
C ALA FA 121 -34.05 -34.85 -42.09
N LEU FA 122 -32.97 -34.95 -41.31
CA LEU FA 122 -32.55 -36.21 -40.71
C LEU FA 122 -33.24 -36.36 -39.36
N ILE FA 123 -33.92 -37.48 -39.18
CA ILE FA 123 -34.69 -37.76 -37.97
C ILE FA 123 -34.01 -38.89 -37.21
N ASN FA 124 -33.71 -38.65 -35.94
CA ASN FA 124 -32.95 -39.59 -35.15
C ASN FA 124 -33.84 -40.74 -34.68
N SER FA 125 -33.29 -41.56 -33.77
CA SER FA 125 -34.06 -42.64 -33.18
C SER FA 125 -35.19 -42.12 -32.31
N THR FA 126 -35.07 -40.89 -31.82
CA THR FA 126 -36.10 -40.27 -31.00
C THR FA 126 -37.07 -39.42 -31.81
N GLY FA 127 -37.04 -39.54 -33.14
CA GLY FA 127 -37.95 -38.78 -33.98
C GLY FA 127 -37.73 -37.29 -33.93
N GLU FA 128 -36.48 -36.85 -33.94
CA GLU FA 128 -36.13 -35.44 -33.83
C GLU FA 128 -35.18 -35.05 -34.95
N GLU FA 129 -35.40 -33.86 -35.52
CA GLU FA 129 -34.53 -33.35 -36.57
C GLU FA 129 -33.32 -32.65 -35.97
N VAL FA 130 -32.14 -33.09 -36.37
CA VAL FA 130 -30.89 -32.49 -35.91
C VAL FA 130 -30.03 -31.96 -37.05
N ALA FA 131 -30.23 -32.43 -38.27
CA ALA FA 131 -29.47 -31.95 -39.42
C ALA FA 131 -30.42 -31.74 -40.58
N MET FA 132 -30.09 -30.78 -41.43
CA MET FA 132 -30.96 -30.44 -42.55
C MET FA 132 -30.15 -29.71 -43.61
N ARG FA 133 -30.48 -29.98 -44.87
CA ARG FA 133 -29.98 -29.19 -45.99
C ARG FA 133 -31.12 -28.94 -46.95
N LYS FA 134 -31.27 -27.69 -47.37
CA LYS FA 134 -32.29 -27.32 -48.33
C LYS FA 134 -31.63 -26.63 -49.52
N LEU FA 135 -31.96 -27.09 -50.73
CA LEU FA 135 -31.47 -26.48 -51.96
C LEU FA 135 -32.63 -25.75 -52.61
N VAL FA 136 -32.47 -24.45 -52.83
CA VAL FA 136 -33.53 -23.60 -53.35
C VAL FA 136 -33.08 -23.01 -54.67
N ARG FA 137 -33.91 -23.17 -55.70
CA ARG FA 137 -33.65 -22.64 -57.02
C ARG FA 137 -34.68 -21.57 -57.37
N SER FA 138 -34.22 -20.53 -58.05
CA SER FA 138 -35.08 -19.44 -58.49
C SER FA 138 -36.22 -19.93 -59.38
#